data_2MU0
#
_entry.id   2MU0
#
_entity_poly.entity_id   1
_entity_poly.type   'polypeptide(L)'
_entity_poly.pdbx_seq_one_letter_code
;MAHHHHHHMGTLEAQTQGPGSMDVTIYHNPVCGTSRKVLGMIREAGIEPHVIEYMKTPLPRDMLVELLRQMAISPRALLR
AKEARYAELGLDDPALSDEVLIDAMISNPVLMNRPVVVTPKGVRLCRPAETVQELL
;
_entity_poly.pdbx_strand_id   A
#
# COMPACT_ATOMS: atom_id res chain seq x y z
N MET A 1 -17.21 -31.80 -15.91
CA MET A 1 -17.61 -30.64 -15.13
C MET A 1 -16.51 -30.23 -14.15
N ALA A 2 -15.64 -29.34 -14.58
CA ALA A 2 -14.54 -28.87 -13.74
C ALA A 2 -14.72 -27.40 -13.37
N HIS A 3 -15.21 -26.61 -14.32
CA HIS A 3 -15.43 -25.18 -14.09
C HIS A 3 -16.86 -24.93 -13.59
N HIS A 4 -16.99 -23.97 -12.68
CA HIS A 4 -18.30 -23.63 -12.12
C HIS A 4 -18.82 -22.32 -12.73
N HIS A 5 -20.09 -22.33 -13.12
CA HIS A 5 -20.71 -21.15 -13.71
C HIS A 5 -20.98 -20.09 -12.65
N HIS A 6 -20.21 -19.01 -12.69
CA HIS A 6 -20.36 -17.92 -11.73
C HIS A 6 -19.84 -16.61 -12.32
N HIS A 7 -20.69 -15.58 -12.32
CA HIS A 7 -20.30 -14.28 -12.84
C HIS A 7 -20.04 -13.29 -11.70
N HIS A 8 -18.95 -12.54 -11.83
CA HIS A 8 -18.58 -11.56 -10.81
C HIS A 8 -18.28 -10.20 -11.45
N MET A 9 -17.26 -10.18 -12.30
CA MET A 9 -16.85 -8.95 -12.98
C MET A 9 -17.92 -8.50 -13.97
N GLY A 10 -18.44 -7.29 -13.78
CA GLY A 10 -19.47 -6.78 -14.67
C GLY A 10 -20.42 -5.82 -13.97
N THR A 11 -20.56 -5.99 -12.66
CA THR A 11 -21.44 -5.14 -11.88
C THR A 11 -20.66 -4.02 -11.18
N LEU A 12 -19.52 -3.65 -11.76
CA LEU A 12 -18.69 -2.61 -11.20
C LEU A 12 -18.33 -1.57 -12.26
N GLU A 13 -17.82 -0.42 -11.81
CA GLU A 13 -17.44 0.65 -12.72
C GLU A 13 -16.07 1.23 -12.35
N ALA A 14 -15.22 1.41 -13.36
CA ALA A 14 -13.89 1.94 -13.14
C ALA A 14 -13.70 3.26 -13.89
N GLN A 15 -12.98 4.20 -13.26
CA GLN A 15 -12.73 5.50 -13.86
C GLN A 15 -11.31 5.95 -13.59
N THR A 16 -10.54 6.16 -14.67
CA THR A 16 -9.16 6.59 -14.54
C THR A 16 -8.54 6.84 -15.92
N GLN A 17 -7.91 8.01 -16.08
CA GLN A 17 -7.28 8.37 -17.34
C GLN A 17 -6.49 9.66 -17.21
N GLY A 18 -5.58 9.90 -18.15
CA GLY A 18 -4.77 11.10 -18.12
C GLY A 18 -3.57 11.01 -19.03
N PRO A 19 -2.94 12.17 -19.30
CA PRO A 19 -1.76 12.24 -20.17
C PRO A 19 -0.53 11.60 -19.52
N GLY A 20 0.57 11.56 -20.28
CA GLY A 20 1.79 10.98 -19.76
C GLY A 20 2.40 11.78 -18.64
N SER A 21 3.73 11.84 -18.59
CA SER A 21 4.43 12.58 -17.55
C SER A 21 4.16 11.98 -16.18
N MET A 22 3.79 10.70 -16.16
CA MET A 22 3.50 10.01 -14.91
C MET A 22 4.64 10.19 -13.91
N ASP A 23 4.32 10.06 -12.63
CA ASP A 23 5.31 10.22 -11.57
C ASP A 23 5.05 9.24 -10.43
N VAL A 24 5.20 7.95 -10.72
CA VAL A 24 4.99 6.91 -9.71
C VAL A 24 6.25 6.08 -9.49
N THR A 25 6.69 6.01 -8.24
CA THR A 25 7.89 5.25 -7.89
C THR A 25 7.57 4.14 -6.91
N ILE A 26 8.03 2.93 -7.21
CA ILE A 26 7.79 1.78 -6.35
C ILE A 26 9.10 1.22 -5.81
N TYR A 27 9.06 0.72 -4.58
CA TYR A 27 10.25 0.15 -3.95
C TYR A 27 9.96 -1.25 -3.43
N HIS A 28 10.51 -2.25 -4.11
CA HIS A 28 10.32 -3.64 -3.73
C HIS A 28 11.18 -4.57 -4.58
N ASN A 29 10.95 -5.87 -4.46
CA ASN A 29 11.70 -6.86 -5.22
C ASN A 29 10.79 -7.66 -6.13
N PRO A 30 11.38 -8.31 -7.15
CA PRO A 30 10.64 -9.13 -8.11
C PRO A 30 10.08 -10.41 -7.50
N VAL A 31 8.77 -10.58 -7.58
CA VAL A 31 8.12 -11.76 -7.04
C VAL A 31 6.91 -12.16 -7.87
N CYS A 32 6.97 -13.36 -8.45
CA CYS A 32 5.87 -13.85 -9.27
C CYS A 32 4.54 -13.75 -8.53
N GLY A 33 3.45 -13.73 -9.28
CA GLY A 33 2.14 -13.64 -8.68
C GLY A 33 1.81 -12.24 -8.21
N THR A 34 2.36 -11.86 -7.06
CA THR A 34 2.13 -10.54 -6.50
C THR A 34 2.53 -9.44 -7.47
N SER A 35 3.79 -9.47 -7.90
CA SER A 35 4.29 -8.48 -8.85
C SER A 35 3.42 -8.41 -10.10
N ARG A 36 2.92 -9.56 -10.53
CA ARG A 36 2.07 -9.62 -11.71
C ARG A 36 0.75 -8.91 -11.46
N LYS A 37 0.18 -9.11 -10.28
CA LYS A 37 -1.09 -8.48 -9.93
C LYS A 37 -0.95 -6.97 -9.90
N VAL A 38 0.00 -6.47 -9.10
CA VAL A 38 0.23 -5.04 -8.99
C VAL A 38 0.53 -4.43 -10.35
N LEU A 39 1.38 -5.09 -11.13
CA LEU A 39 1.75 -4.61 -12.45
C LEU A 39 0.53 -4.58 -13.37
N GLY A 40 -0.36 -5.55 -13.19
CA GLY A 40 -1.56 -5.61 -14.02
C GLY A 40 -2.50 -4.46 -13.77
N MET A 41 -2.78 -4.19 -12.50
CA MET A 41 -3.68 -3.10 -12.13
C MET A 41 -3.10 -1.75 -12.55
N ILE A 42 -1.81 -1.57 -12.30
CA ILE A 42 -1.13 -0.33 -12.66
C ILE A 42 -1.07 -0.14 -14.17
N ARG A 43 -0.52 -1.14 -14.86
CA ARG A 43 -0.40 -1.10 -16.31
C ARG A 43 -1.77 -0.91 -16.96
N GLU A 44 -2.79 -1.48 -16.34
CA GLU A 44 -4.15 -1.38 -16.86
C GLU A 44 -4.73 0.01 -16.61
N ALA A 45 -4.39 0.59 -15.47
CA ALA A 45 -4.87 1.92 -15.11
C ALA A 45 -4.25 2.99 -15.99
N GLY A 46 -3.05 2.70 -16.52
CA GLY A 46 -2.37 3.65 -17.37
C GLY A 46 -1.29 4.42 -16.63
N ILE A 47 -0.51 3.72 -15.82
CA ILE A 47 0.56 4.35 -15.06
C ILE A 47 1.87 3.61 -15.25
N GLU A 48 2.96 4.37 -15.37
CA GLU A 48 4.28 3.79 -15.56
C GLU A 48 5.14 3.97 -14.30
N PRO A 49 5.04 2.99 -13.39
CA PRO A 49 5.80 3.01 -12.14
C PRO A 49 7.29 2.80 -12.35
N HIS A 50 8.10 3.28 -11.41
CA HIS A 50 9.55 3.14 -11.50
C HIS A 50 10.05 2.08 -10.52
N VAL A 51 10.71 1.05 -11.05
CA VAL A 51 11.24 -0.03 -10.23
C VAL A 51 12.53 0.41 -9.53
N ILE A 52 12.42 0.69 -8.24
CA ILE A 52 13.57 1.12 -7.45
C ILE A 52 14.10 -0.03 -6.60
N GLU A 53 15.42 -0.16 -6.56
CA GLU A 53 16.07 -1.22 -5.78
C GLU A 53 16.86 -0.63 -4.62
N TYR A 54 16.31 -0.75 -3.41
CA TYR A 54 16.96 -0.24 -2.22
C TYR A 54 17.32 -1.36 -1.26
N MET A 55 18.48 -1.25 -0.63
CA MET A 55 18.95 -2.26 0.31
C MET A 55 17.97 -2.40 1.48
N LYS A 56 18.00 -3.55 2.13
CA LYS A 56 17.13 -3.81 3.27
C LYS A 56 17.24 -2.70 4.31
N THR A 57 16.13 -2.39 4.97
CA THR A 57 16.12 -1.36 6.00
C THR A 57 14.91 -1.49 6.90
N PRO A 58 14.93 -2.53 7.76
CA PRO A 58 13.84 -2.80 8.70
C PRO A 58 13.76 -1.76 9.82
N LEU A 59 12.62 -1.08 9.91
CA LEU A 59 12.42 -0.06 10.93
C LEU A 59 11.85 -0.67 12.20
N PRO A 60 12.02 0.05 13.33
CA PRO A 60 11.54 -0.40 14.63
C PRO A 60 10.02 -0.38 14.73
N ARG A 61 9.47 -1.14 15.67
CA ARG A 61 8.03 -1.21 15.86
C ARG A 61 7.43 0.19 16.01
N ASP A 62 8.09 1.02 16.82
CA ASP A 62 7.63 2.39 17.04
C ASP A 62 7.48 3.14 15.72
N MET A 63 8.45 2.94 14.83
CA MET A 63 8.42 3.61 13.53
C MET A 63 7.29 3.05 12.66
N LEU A 64 7.07 1.75 12.74
CA LEU A 64 6.02 1.10 11.97
C LEU A 64 4.64 1.57 12.42
N VAL A 65 4.41 1.55 13.72
CA VAL A 65 3.13 1.97 14.28
C VAL A 65 2.89 3.45 14.05
N GLU A 66 3.97 4.24 14.12
CA GLU A 66 3.87 5.68 13.90
C GLU A 66 3.56 5.99 12.44
N LEU A 67 4.13 5.21 11.54
CA LEU A 67 3.90 5.40 10.12
C LEU A 67 2.53 4.88 9.70
N LEU A 68 2.14 3.75 10.27
CA LEU A 68 0.85 3.14 9.95
C LEU A 68 -0.30 3.93 10.58
N ARG A 69 -0.04 4.49 11.76
CA ARG A 69 -1.05 5.28 12.46
C ARG A 69 -1.20 6.66 11.82
N GLN A 70 -0.09 7.24 11.42
CA GLN A 70 -0.09 8.56 10.79
C GLN A 70 -0.53 8.46 9.33
N MET A 71 -0.29 7.31 8.72
CA MET A 71 -0.65 7.09 7.33
C MET A 71 -2.16 7.28 7.12
N ALA A 72 -2.95 6.47 7.80
CA ALA A 72 -4.40 6.56 7.70
C ALA A 72 -5.05 6.67 9.07
N ILE A 73 -4.99 5.57 9.83
CA ILE A 73 -5.57 5.54 11.17
C ILE A 73 -4.77 4.63 12.09
N SER A 74 -5.07 4.70 13.39
CA SER A 74 -4.38 3.87 14.37
C SER A 74 -4.31 2.42 13.93
N PRO A 75 -3.43 1.64 14.56
CA PRO A 75 -3.25 0.22 14.25
C PRO A 75 -4.44 -0.62 14.67
N ARG A 76 -5.37 -0.01 15.41
CA ARG A 76 -6.55 -0.70 15.89
C ARG A 76 -7.52 -0.98 14.73
N ALA A 77 -7.62 -0.03 13.82
CA ALA A 77 -8.51 -0.16 12.67
C ALA A 77 -7.72 -0.23 11.36
N LEU A 78 -6.62 -0.98 11.38
CA LEU A 78 -5.77 -1.11 10.21
C LEU A 78 -5.84 -2.54 9.65
N LEU A 79 -5.75 -3.52 10.54
CA LEU A 79 -5.81 -4.92 10.15
C LEU A 79 -7.07 -5.21 9.36
N ARG A 80 -6.92 -5.38 8.05
CA ARG A 80 -8.06 -5.67 7.18
C ARG A 80 -8.77 -6.94 7.62
N ALA A 81 -9.90 -7.23 6.98
CA ALA A 81 -10.67 -8.42 7.30
C ALA A 81 -10.00 -9.67 6.77
N LYS A 82 -9.48 -9.60 5.55
CA LYS A 82 -8.81 -10.73 4.93
C LYS A 82 -7.80 -11.35 5.89
N GLU A 83 -7.28 -10.55 6.80
CA GLU A 83 -6.31 -11.02 7.78
C GLU A 83 -7.01 -11.76 8.93
N ALA A 84 -7.81 -12.75 8.57
CA ALA A 84 -8.52 -13.55 9.57
C ALA A 84 -7.71 -13.71 10.84
N ARG A 85 -6.40 -13.93 10.67
CA ARG A 85 -5.50 -14.12 11.80
C ARG A 85 -5.68 -13.00 12.82
N TYR A 86 -5.72 -11.76 12.34
CA TYR A 86 -5.88 -10.61 13.21
C TYR A 86 -7.05 -10.80 14.17
N ALA A 87 -8.22 -11.12 13.62
CA ALA A 87 -9.41 -11.35 14.42
C ALA A 87 -9.29 -12.64 15.23
N GLU A 88 -8.59 -13.61 14.67
CA GLU A 88 -8.41 -14.89 15.33
C GLU A 88 -7.69 -14.73 16.67
N LEU A 89 -6.72 -13.83 16.71
CA LEU A 89 -5.96 -13.57 17.91
C LEU A 89 -6.78 -12.75 18.91
N GLY A 90 -7.94 -12.30 18.47
CA GLY A 90 -8.81 -11.51 19.33
C GLY A 90 -8.41 -10.06 19.39
N LEU A 91 -7.63 -9.62 18.40
CA LEU A 91 -7.17 -8.23 18.35
C LEU A 91 -8.35 -7.27 18.27
N ASP A 92 -9.44 -7.72 17.65
CA ASP A 92 -10.63 -6.91 17.51
C ASP A 92 -11.16 -6.49 18.88
N ASP A 93 -10.76 -7.21 19.92
CA ASP A 93 -11.20 -6.91 21.27
C ASP A 93 -11.00 -5.44 21.60
N PRO A 94 -12.10 -4.75 21.93
CA PRO A 94 -12.06 -3.32 22.27
C PRO A 94 -11.38 -3.06 23.60
N ALA A 95 -11.07 -4.13 24.33
CA ALA A 95 -10.41 -4.01 25.62
C ALA A 95 -8.89 -4.15 25.47
N LEU A 96 -8.38 -3.80 24.30
CA LEU A 96 -6.95 -3.89 24.04
C LEU A 96 -6.33 -2.50 23.89
N SER A 97 -5.05 -2.46 23.57
CA SER A 97 -4.35 -1.19 23.40
C SER A 97 -3.29 -1.30 22.29
N ASP A 98 -2.75 -0.16 21.89
CA ASP A 98 -1.74 -0.12 20.84
C ASP A 98 -0.58 -1.06 21.18
N GLU A 99 -0.34 -1.26 22.47
CA GLU A 99 0.74 -2.13 22.92
C GLU A 99 0.62 -3.52 22.30
N VAL A 100 -0.47 -4.20 22.63
CA VAL A 100 -0.72 -5.54 22.10
C VAL A 100 -0.93 -5.52 20.60
N LEU A 101 -1.61 -4.48 20.12
CA LEU A 101 -1.89 -4.34 18.69
C LEU A 101 -0.59 -4.32 17.89
N ILE A 102 0.34 -3.45 18.30
CA ILE A 102 1.63 -3.33 17.61
C ILE A 102 2.43 -4.61 17.74
N ASP A 103 2.61 -5.07 18.98
CA ASP A 103 3.37 -6.29 19.25
C ASP A 103 2.88 -7.43 18.37
N ALA A 104 1.57 -7.47 18.13
CA ALA A 104 0.99 -8.52 17.30
C ALA A 104 1.32 -8.31 15.83
N MET A 105 1.17 -7.08 15.36
CA MET A 105 1.47 -6.74 13.97
C MET A 105 2.94 -7.00 13.65
N ILE A 106 3.82 -6.54 14.52
CA ILE A 106 5.25 -6.73 14.33
C ILE A 106 5.62 -8.21 14.25
N SER A 107 4.76 -9.04 14.84
CA SER A 107 4.98 -10.48 14.83
C SER A 107 4.40 -11.13 13.58
N ASN A 108 3.28 -10.58 13.11
CA ASN A 108 2.63 -11.10 11.92
C ASN A 108 3.35 -10.66 10.66
N PRO A 109 3.11 -11.38 9.54
CA PRO A 109 3.73 -11.09 8.26
C PRO A 109 3.21 -9.79 7.64
N VAL A 110 2.09 -9.30 8.17
CA VAL A 110 1.50 -8.06 7.68
C VAL A 110 2.43 -6.87 7.90
N LEU A 111 3.42 -7.06 8.75
CA LEU A 111 4.39 -6.00 9.06
C LEU A 111 5.28 -5.72 7.85
N MET A 112 5.21 -6.59 6.86
CA MET A 112 6.02 -6.43 5.65
C MET A 112 5.80 -5.06 5.02
N ASN A 113 6.72 -4.14 5.29
CA ASN A 113 6.63 -2.78 4.75
C ASN A 113 7.61 -2.59 3.60
N ARG A 114 8.35 -3.65 3.27
CA ARG A 114 9.32 -3.59 2.18
C ARG A 114 8.72 -2.95 0.94
N PRO A 115 7.66 -3.58 0.41
CA PRO A 115 6.97 -3.09 -0.79
C PRO A 115 6.19 -1.80 -0.53
N VAL A 116 6.75 -0.68 -1.00
CA VAL A 116 6.10 0.61 -0.82
C VAL A 116 5.91 1.32 -2.15
N VAL A 117 4.68 1.75 -2.42
CA VAL A 117 4.37 2.44 -3.66
C VAL A 117 4.12 3.92 -3.42
N VAL A 118 4.84 4.76 -4.17
CA VAL A 118 4.70 6.21 -4.03
C VAL A 118 4.02 6.81 -5.26
N THR A 119 2.89 7.46 -5.05
CA THR A 119 2.15 8.09 -6.14
C THR A 119 2.01 9.59 -5.92
N PRO A 120 1.73 10.33 -7.01
CA PRO A 120 1.57 11.78 -6.95
C PRO A 120 0.29 12.19 -6.23
N LYS A 121 -0.53 11.21 -5.87
CA LYS A 121 -1.78 11.47 -5.17
C LYS A 121 -1.72 10.93 -3.74
N GLY A 122 -0.59 10.36 -3.38
CA GLY A 122 -0.43 9.81 -2.04
C GLY A 122 0.53 8.64 -2.00
N VAL A 123 0.90 8.22 -0.80
CA VAL A 123 1.82 7.09 -0.63
C VAL A 123 1.16 5.97 0.16
N ARG A 124 1.54 4.73 -0.16
CA ARG A 124 0.99 3.57 0.52
C ARG A 124 1.81 2.31 0.20
N LEU A 125 1.51 1.22 0.91
CA LEU A 125 2.22 -0.03 0.70
C LEU A 125 1.93 -0.60 -0.69
N CYS A 126 2.98 -0.98 -1.41
CA CYS A 126 2.84 -1.54 -2.74
C CYS A 126 2.12 -2.88 -2.69
N ARG A 127 2.18 -3.53 -1.54
CA ARG A 127 1.54 -4.84 -1.36
C ARG A 127 0.87 -4.93 0.01
N PRO A 128 -0.07 -5.87 0.15
CA PRO A 128 -0.45 -6.77 -0.94
C PRO A 128 -1.20 -6.04 -2.05
N ALA A 129 -1.61 -6.78 -3.08
CA ALA A 129 -2.33 -6.22 -4.20
C ALA A 129 -3.57 -5.45 -3.73
N GLU A 130 -4.09 -5.84 -2.57
CA GLU A 130 -5.27 -5.19 -2.01
C GLU A 130 -4.95 -3.75 -1.61
N THR A 131 -3.87 -3.58 -0.85
CA THR A 131 -3.46 -2.25 -0.39
C THR A 131 -3.21 -1.32 -1.58
N VAL A 132 -2.40 -1.78 -2.52
CA VAL A 132 -2.08 -0.99 -3.71
C VAL A 132 -3.33 -0.69 -4.52
N GLN A 133 -4.25 -1.64 -4.56
CA GLN A 133 -5.49 -1.48 -5.31
C GLN A 133 -6.37 -0.40 -4.67
N GLU A 134 -6.28 -0.27 -3.35
CA GLU A 134 -7.07 0.72 -2.62
C GLU A 134 -6.47 2.11 -2.79
N LEU A 135 -5.14 2.19 -2.81
CA LEU A 135 -4.45 3.46 -2.97
C LEU A 135 -4.61 4.00 -4.38
N LEU A 136 -4.57 3.10 -5.35
CA LEU A 136 -4.72 3.49 -6.75
C LEU A 136 -6.20 3.55 -7.15
N MET A 1 -23.38 27.18 8.50
CA MET A 1 -24.72 26.94 7.98
C MET A 1 -24.67 26.09 6.71
N ALA A 2 -25.68 25.26 6.51
CA ALA A 2 -25.75 24.42 5.33
C ALA A 2 -27.21 24.16 4.92
N HIS A 3 -27.48 24.25 3.63
CA HIS A 3 -28.82 24.03 3.11
C HIS A 3 -29.10 22.54 2.92
N HIS A 4 -28.04 21.78 2.66
CA HIS A 4 -28.17 20.35 2.45
C HIS A 4 -26.85 19.63 2.76
N HIS A 5 -26.95 18.36 3.13
CA HIS A 5 -25.76 17.57 3.45
C HIS A 5 -24.74 17.65 2.33
N HIS A 6 -23.49 17.30 2.65
CA HIS A 6 -22.41 17.33 1.67
C HIS A 6 -22.48 16.12 0.75
N HIS A 7 -22.24 16.35 -0.55
CA HIS A 7 -22.28 15.27 -1.53
C HIS A 7 -20.99 15.22 -2.32
N HIS A 8 -20.63 14.03 -2.79
CA HIS A 8 -19.41 13.85 -3.57
C HIS A 8 -19.68 13.01 -4.83
N MET A 9 -19.68 13.66 -5.98
CA MET A 9 -19.92 12.97 -7.24
C MET A 9 -18.75 12.07 -7.61
N GLY A 10 -18.98 11.15 -8.54
CA GLY A 10 -17.92 10.24 -8.96
C GLY A 10 -17.82 10.15 -10.47
N THR A 11 -17.69 11.30 -11.13
CA THR A 11 -17.58 11.33 -12.58
C THR A 11 -16.12 11.31 -13.02
N LEU A 12 -15.72 10.23 -13.69
CA LEU A 12 -14.36 10.09 -14.16
C LEU A 12 -14.26 10.41 -15.66
N GLU A 13 -14.55 11.65 -16.01
CA GLU A 13 -14.50 12.08 -17.41
C GLU A 13 -13.09 12.48 -17.80
N ALA A 14 -12.27 11.50 -18.14
CA ALA A 14 -10.89 11.74 -18.54
C ALA A 14 -10.55 11.02 -19.84
N GLN A 15 -10.06 11.78 -20.83
CA GLN A 15 -9.71 11.21 -22.12
C GLN A 15 -8.19 11.18 -22.29
N THR A 16 -7.64 9.97 -22.44
CA THR A 16 -6.21 9.80 -22.62
C THR A 16 -5.75 10.34 -23.96
N GLN A 17 -4.85 11.32 -23.93
CA GLN A 17 -4.33 11.93 -25.15
C GLN A 17 -2.90 12.42 -24.95
N GLY A 18 -1.96 11.85 -25.70
CA GLY A 18 -0.57 12.24 -25.59
C GLY A 18 0.24 11.29 -24.74
N PRO A 19 1.44 11.72 -24.33
CA PRO A 19 2.34 10.90 -23.51
C PRO A 19 1.82 10.73 -22.10
N GLY A 20 2.14 9.59 -21.49
CA GLY A 20 1.70 9.32 -20.14
C GLY A 20 2.29 10.28 -19.12
N SER A 21 1.45 10.81 -18.25
CA SER A 21 1.89 11.76 -17.23
C SER A 21 1.90 11.10 -15.84
N MET A 22 1.38 9.88 -15.77
CA MET A 22 1.31 9.15 -14.51
C MET A 22 2.72 8.91 -13.96
N ASP A 23 3.09 9.70 -12.96
CA ASP A 23 4.40 9.56 -12.33
C ASP A 23 4.33 8.69 -11.08
N VAL A 24 4.12 7.40 -11.27
CA VAL A 24 4.02 6.46 -10.16
C VAL A 24 5.25 5.55 -10.12
N THR A 25 5.96 5.58 -8.99
CA THR A 25 7.15 4.76 -8.82
C THR A 25 6.97 3.76 -7.67
N ILE A 26 7.41 2.53 -7.88
CA ILE A 26 7.29 1.49 -6.87
C ILE A 26 8.67 1.01 -6.43
N TYR A 27 8.76 0.56 -5.18
CA TYR A 27 10.02 0.07 -4.63
C TYR A 27 9.86 -1.33 -4.05
N HIS A 28 10.43 -2.32 -4.74
CA HIS A 28 10.34 -3.70 -4.29
C HIS A 28 11.20 -4.61 -5.17
N ASN A 29 11.46 -5.82 -4.69
CA ASN A 29 12.27 -6.78 -5.44
C ASN A 29 11.41 -7.58 -6.41
N PRO A 30 12.05 -8.19 -7.41
CA PRO A 30 11.37 -9.00 -8.42
C PRO A 30 10.82 -10.30 -7.85
N VAL A 31 9.72 -10.20 -7.10
CA VAL A 31 9.10 -11.37 -6.50
C VAL A 31 7.76 -11.68 -7.15
N CYS A 32 7.68 -12.82 -7.82
CA CYS A 32 6.44 -13.23 -8.50
C CYS A 32 5.26 -13.15 -7.53
N GLY A 33 4.06 -13.32 -8.09
CA GLY A 33 2.86 -13.27 -7.27
C GLY A 33 2.52 -11.86 -6.82
N THR A 34 3.24 -11.38 -5.80
CA THR A 34 3.01 -10.05 -5.28
C THR A 34 3.31 -8.97 -6.32
N SER A 35 4.52 -9.04 -6.88
CA SER A 35 4.93 -8.08 -7.90
C SER A 35 4.04 -8.17 -9.14
N ARG A 36 3.79 -9.40 -9.57
CA ARG A 36 2.94 -9.64 -10.74
C ARG A 36 1.51 -9.19 -10.49
N LYS A 37 1.09 -9.26 -9.23
CA LYS A 37 -0.26 -8.86 -8.85
C LYS A 37 -0.42 -7.35 -8.92
N VAL A 38 0.44 -6.63 -8.22
CA VAL A 38 0.40 -5.16 -8.21
C VAL A 38 0.56 -4.60 -9.62
N LEU A 39 1.52 -5.16 -10.35
CA LEU A 39 1.78 -4.71 -11.72
C LEU A 39 0.56 -4.91 -12.61
N GLY A 40 -0.14 -6.02 -12.40
CA GLY A 40 -1.32 -6.31 -13.19
C GLY A 40 -2.47 -5.37 -12.88
N MET A 41 -2.66 -5.06 -11.60
CA MET A 41 -3.73 -4.17 -11.16
C MET A 41 -3.53 -2.78 -11.75
N ILE A 42 -2.33 -2.22 -11.56
CA ILE A 42 -2.02 -0.89 -12.06
C ILE A 42 -2.07 -0.86 -13.59
N ARG A 43 -1.29 -1.74 -14.21
CA ARG A 43 -1.24 -1.81 -15.67
C ARG A 43 -2.65 -1.92 -16.26
N GLU A 44 -3.49 -2.73 -15.62
CA GLU A 44 -4.86 -2.92 -16.08
C GLU A 44 -5.72 -1.71 -15.74
N ALA A 45 -5.35 -1.01 -14.67
CA ALA A 45 -6.09 0.17 -14.24
C ALA A 45 -5.92 1.33 -15.21
N GLY A 46 -4.80 1.33 -15.93
CA GLY A 46 -4.52 2.38 -16.89
C GLY A 46 -3.31 3.21 -16.51
N ILE A 47 -2.31 2.56 -15.93
CA ILE A 47 -1.09 3.25 -15.52
C ILE A 47 0.12 2.32 -15.63
N GLU A 48 1.25 2.89 -16.03
CA GLU A 48 2.48 2.12 -16.16
C GLU A 48 3.60 2.71 -15.30
N PRO A 49 3.60 2.36 -14.01
CA PRO A 49 4.59 2.85 -13.05
C PRO A 49 5.98 2.25 -13.30
N HIS A 50 6.98 2.80 -12.64
CA HIS A 50 8.35 2.33 -12.80
C HIS A 50 8.81 1.58 -11.55
N VAL A 51 9.34 0.38 -11.74
CA VAL A 51 9.82 -0.43 -10.63
C VAL A 51 11.30 -0.18 -10.37
N ILE A 52 11.62 0.21 -9.14
CA ILE A 52 13.00 0.48 -8.75
C ILE A 52 13.40 -0.36 -7.54
N GLU A 53 14.34 -1.26 -7.76
CA GLU A 53 14.83 -2.13 -6.68
C GLU A 53 16.00 -1.48 -5.94
N TYR A 54 15.72 -0.98 -4.75
CA TYR A 54 16.74 -0.33 -3.94
C TYR A 54 16.50 -0.58 -2.45
N MET A 55 17.53 -0.36 -1.65
CA MET A 55 17.44 -0.56 -0.20
C MET A 55 18.09 0.59 0.55
N LYS A 56 17.43 1.06 1.60
CA LYS A 56 17.95 2.16 2.40
C LYS A 56 18.25 1.70 3.82
N THR A 57 17.19 1.51 4.62
CA THR A 57 17.35 1.06 5.99
C THR A 57 15.99 0.85 6.66
N PRO A 58 15.84 -0.28 7.36
CA PRO A 58 14.60 -0.63 8.05
C PRO A 58 14.34 0.28 9.27
N LEU A 59 13.16 0.13 9.85
CA LEU A 59 12.79 0.93 11.02
C LEU A 59 12.18 0.05 12.10
N PRO A 60 12.28 0.52 13.37
CA PRO A 60 11.74 -0.21 14.52
C PRO A 60 10.22 -0.22 14.55
N ARG A 61 9.65 -1.06 15.40
CA ARG A 61 8.20 -1.16 15.52
C ARG A 61 7.57 0.22 15.72
N ASP A 62 8.12 0.98 16.66
CA ASP A 62 7.62 2.32 16.95
C ASP A 62 7.52 3.15 15.67
N MET A 63 8.52 3.01 14.80
CA MET A 63 8.53 3.76 13.54
C MET A 63 7.46 3.23 12.59
N LEU A 64 7.28 1.92 12.57
CA LEU A 64 6.29 1.30 11.71
C LEU A 64 4.88 1.70 12.11
N VAL A 65 4.61 1.69 13.41
CA VAL A 65 3.30 2.07 13.93
C VAL A 65 3.05 3.56 13.77
N GLU A 66 4.11 4.35 13.94
CA GLU A 66 4.01 5.80 13.83
C GLU A 66 3.73 6.20 12.38
N LEU A 67 4.32 5.48 11.45
CA LEU A 67 4.15 5.76 10.02
C LEU A 67 2.79 5.26 9.54
N LEU A 68 2.40 4.09 10.01
CA LEU A 68 1.10 3.49 9.63
C LEU A 68 -0.05 4.24 10.28
N ARG A 69 0.16 4.71 11.50
CA ARG A 69 -0.86 5.45 12.23
C ARG A 69 -1.00 6.87 11.69
N GLN A 70 0.12 7.48 11.35
CA GLN A 70 0.13 8.84 10.81
C GLN A 70 -0.27 8.85 9.34
N MET A 71 -0.01 7.74 8.66
CA MET A 71 -0.35 7.62 7.24
C MET A 71 -1.84 7.81 7.02
N ALA A 72 -2.64 6.94 7.62
CA ALA A 72 -4.10 7.02 7.48
C ALA A 72 -4.77 7.01 8.85
N ILE A 73 -4.73 5.86 9.52
CA ILE A 73 -5.34 5.72 10.83
C ILE A 73 -4.55 4.74 11.71
N SER A 74 -4.90 4.69 12.99
CA SER A 74 -4.22 3.80 13.92
C SER A 74 -4.14 2.38 13.35
N PRO A 75 -3.26 1.56 13.95
CA PRO A 75 -3.05 0.17 13.52
C PRO A 75 -4.25 -0.72 13.83
N ARG A 76 -5.21 -0.16 14.58
CA ARG A 76 -6.41 -0.91 14.96
C ARG A 76 -7.32 -1.10 13.75
N ALA A 77 -7.36 -0.10 12.89
CA ALA A 77 -8.21 -0.16 11.69
C ALA A 77 -7.35 -0.16 10.43
N LEU A 78 -6.25 -0.90 10.46
CA LEU A 78 -5.35 -0.99 9.32
C LEU A 78 -5.33 -2.41 8.75
N LEU A 79 -5.38 -3.39 9.64
CA LEU A 79 -5.37 -4.80 9.23
C LEU A 79 -6.50 -5.09 8.25
N ARG A 80 -6.15 -5.24 6.98
CA ARG A 80 -7.15 -5.52 5.95
C ARG A 80 -7.96 -6.77 6.29
N ALA A 81 -9.12 -6.90 5.65
CA ALA A 81 -9.98 -8.05 5.89
C ALA A 81 -9.31 -9.34 5.43
N LYS A 82 -8.68 -9.30 4.27
CA LYS A 82 -8.01 -10.47 3.71
C LYS A 82 -7.14 -11.14 4.77
N GLU A 83 -6.67 -10.36 5.73
CA GLU A 83 -5.83 -10.88 6.80
C GLU A 83 -6.67 -11.58 7.87
N ALA A 84 -7.48 -12.53 7.44
CA ALA A 84 -8.35 -13.28 8.36
C ALA A 84 -7.66 -13.49 9.70
N ARG A 85 -6.36 -13.78 9.67
CA ARG A 85 -5.59 -14.01 10.88
C ARG A 85 -5.81 -12.87 11.87
N TYR A 86 -5.74 -11.64 11.40
CA TYR A 86 -5.94 -10.47 12.25
C TYR A 86 -7.19 -10.61 13.08
N ALA A 87 -8.31 -10.91 12.42
CA ALA A 87 -9.59 -11.07 13.11
C ALA A 87 -9.60 -12.34 13.96
N GLU A 88 -8.92 -13.36 13.47
CA GLU A 88 -8.85 -14.63 14.19
C GLU A 88 -8.28 -14.44 15.59
N LEU A 89 -7.26 -13.61 15.69
CA LEU A 89 -6.62 -13.33 16.98
C LEU A 89 -7.51 -12.47 17.86
N GLY A 90 -8.60 -11.97 17.27
CA GLY A 90 -9.52 -11.13 18.02
C GLY A 90 -9.06 -9.69 18.11
N LEU A 91 -8.14 -9.31 17.23
CA LEU A 91 -7.62 -7.94 17.21
C LEU A 91 -8.73 -6.93 17.02
N ASP A 92 -9.78 -7.33 16.31
CA ASP A 92 -10.92 -6.46 16.05
C ASP A 92 -11.46 -5.87 17.36
N ASP A 93 -11.25 -6.60 18.45
CA ASP A 93 -11.71 -6.15 19.76
C ASP A 93 -11.28 -4.72 20.02
N PRO A 94 -12.27 -3.81 20.13
CA PRO A 94 -12.02 -2.39 20.38
C PRO A 94 -11.51 -2.13 21.79
N ALA A 95 -11.53 -3.17 22.62
CA ALA A 95 -11.06 -3.06 24.00
C ALA A 95 -9.54 -3.14 24.06
N LEU A 96 -8.93 -3.69 23.02
CA LEU A 96 -7.48 -3.82 22.96
C LEU A 96 -6.81 -2.45 22.90
N SER A 97 -5.48 -2.46 22.78
CA SER A 97 -4.72 -1.21 22.71
C SER A 97 -3.64 -1.30 21.63
N ASP A 98 -3.04 -0.15 21.32
CA ASP A 98 -2.00 -0.09 20.30
C ASP A 98 -0.86 -1.04 20.64
N GLU A 99 -0.64 -1.27 21.93
CA GLU A 99 0.42 -2.16 22.38
C GLU A 99 0.28 -3.55 21.75
N VAL A 100 -0.83 -4.22 22.06
CA VAL A 100 -1.08 -5.54 21.52
C VAL A 100 -1.22 -5.51 20.00
N LEU A 101 -1.87 -4.47 19.49
CA LEU A 101 -2.07 -4.31 18.06
C LEU A 101 -0.74 -4.30 17.33
N ILE A 102 0.18 -3.45 17.76
CA ILE A 102 1.49 -3.34 17.15
C ILE A 102 2.26 -4.66 17.27
N ASP A 103 2.38 -5.16 18.49
CA ASP A 103 3.08 -6.41 18.74
C ASP A 103 2.59 -7.51 17.81
N ALA A 104 1.29 -7.51 17.54
CA ALA A 104 0.69 -8.51 16.66
C ALA A 104 1.11 -8.29 15.22
N MET A 105 1.08 -7.03 14.78
CA MET A 105 1.46 -6.68 13.42
C MET A 105 2.93 -6.99 13.17
N ILE A 106 3.80 -6.53 14.07
CA ILE A 106 5.22 -6.75 13.95
C ILE A 106 5.55 -8.24 13.92
N SER A 107 4.62 -9.05 14.43
CA SER A 107 4.80 -10.50 14.46
C SER A 107 4.23 -11.14 13.21
N ASN A 108 3.17 -10.55 12.67
CA ASN A 108 2.52 -11.08 11.48
C ASN A 108 3.30 -10.69 10.23
N PRO A 109 3.04 -11.42 9.13
CA PRO A 109 3.71 -11.17 7.85
C PRO A 109 3.28 -9.86 7.21
N VAL A 110 2.16 -9.31 7.68
CA VAL A 110 1.63 -8.07 7.15
C VAL A 110 2.61 -6.91 7.40
N LEU A 111 3.56 -7.14 8.30
CA LEU A 111 4.55 -6.12 8.62
C LEU A 111 5.45 -5.84 7.43
N MET A 112 5.41 -6.72 6.43
CA MET A 112 6.21 -6.56 5.22
C MET A 112 6.06 -5.16 4.65
N ASN A 113 7.06 -4.32 4.86
CA ASN A 113 7.04 -2.95 4.36
C ASN A 113 7.93 -2.80 3.14
N ARG A 114 8.55 -3.90 2.72
CA ARG A 114 9.44 -3.89 1.57
C ARG A 114 8.76 -3.23 0.37
N PRO A 115 7.63 -3.80 -0.06
CA PRO A 115 6.87 -3.28 -1.20
C PRO A 115 6.19 -1.95 -0.89
N VAL A 116 6.74 -0.86 -1.41
CA VAL A 116 6.19 0.46 -1.18
C VAL A 116 5.89 1.16 -2.50
N VAL A 117 4.67 1.67 -2.63
CA VAL A 117 4.24 2.37 -3.84
C VAL A 117 4.18 3.87 -3.61
N VAL A 118 4.83 4.63 -4.48
CA VAL A 118 4.84 6.09 -4.37
C VAL A 118 4.09 6.73 -5.54
N THR A 119 3.12 7.58 -5.22
CA THR A 119 2.33 8.26 -6.23
C THR A 119 2.32 9.77 -6.01
N PRO A 120 1.98 10.53 -7.06
CA PRO A 120 1.92 11.99 -7.00
C PRO A 120 0.76 12.49 -6.13
N LYS A 121 -0.07 11.56 -5.67
CA LYS A 121 -1.21 11.90 -4.84
C LYS A 121 -1.02 11.39 -3.41
N GLY A 122 0.11 10.74 -3.17
CA GLY A 122 0.40 10.21 -1.85
C GLY A 122 1.25 8.96 -1.89
N VAL A 123 1.68 8.50 -0.72
CA VAL A 123 2.51 7.29 -0.63
C VAL A 123 1.84 6.25 0.24
N ARG A 124 2.09 4.98 -0.08
CA ARG A 124 1.51 3.87 0.67
C ARG A 124 2.18 2.55 0.30
N LEU A 125 1.86 1.50 1.05
CA LEU A 125 2.43 0.18 0.80
C LEU A 125 1.94 -0.38 -0.53
N CYS A 126 2.89 -0.86 -1.34
CA CYS A 126 2.55 -1.42 -2.64
C CYS A 126 1.75 -2.71 -2.48
N ARG A 127 1.89 -3.35 -1.33
CA ARG A 127 1.19 -4.60 -1.05
C ARG A 127 0.62 -4.60 0.37
N PRO A 128 -0.38 -5.45 0.60
CA PRO A 128 -0.94 -6.33 -0.44
C PRO A 128 -1.70 -5.56 -1.51
N ALA A 129 -2.20 -6.29 -2.50
CA ALA A 129 -2.96 -5.68 -3.59
C ALA A 129 -4.11 -4.83 -3.05
N GLU A 130 -4.58 -5.18 -1.86
CA GLU A 130 -5.69 -4.45 -1.23
C GLU A 130 -5.26 -3.03 -0.87
N THR A 131 -4.13 -2.90 -0.20
CA THR A 131 -3.61 -1.60 0.20
C THR A 131 -3.38 -0.70 -1.01
N VAL A 132 -2.65 -1.22 -1.99
CA VAL A 132 -2.35 -0.48 -3.20
C VAL A 132 -3.62 -0.14 -3.96
N GLN A 133 -4.59 -1.05 -3.93
CA GLN A 133 -5.86 -0.84 -4.62
C GLN A 133 -6.63 0.32 -4.00
N GLU A 134 -6.42 0.53 -2.70
CA GLU A 134 -7.11 1.60 -1.98
C GLU A 134 -6.41 2.94 -2.22
N LEU A 135 -5.09 2.90 -2.28
CA LEU A 135 -4.30 4.11 -2.50
C LEU A 135 -4.50 4.65 -3.91
N LEU A 136 -4.59 3.73 -4.88
CA LEU A 136 -4.78 4.11 -6.27
C LEU A 136 -6.24 3.96 -6.68
N MET A 1 -12.59 54.57 -3.62
CA MET A 1 -11.21 55.03 -3.66
C MET A 1 -10.28 53.91 -4.12
N ALA A 2 -9.08 54.28 -4.57
CA ALA A 2 -8.10 53.32 -5.03
C ALA A 2 -6.99 53.12 -4.00
N HIS A 3 -6.46 51.91 -3.95
CA HIS A 3 -5.39 51.59 -3.00
C HIS A 3 -4.11 51.20 -3.74
N HIS A 4 -4.27 50.65 -4.94
CA HIS A 4 -3.13 50.23 -5.75
C HIS A 4 -3.05 51.05 -7.03
N HIS A 5 -1.92 50.95 -7.72
CA HIS A 5 -1.70 51.68 -8.96
C HIS A 5 -1.16 50.76 -10.05
N HIS A 6 -0.11 50.01 -9.71
CA HIS A 6 0.51 49.09 -10.65
C HIS A 6 -0.34 47.84 -10.83
N HIS A 7 0.12 46.94 -11.69
CA HIS A 7 -0.60 45.69 -11.95
C HIS A 7 0.26 44.72 -12.75
N HIS A 8 -0.10 43.44 -12.70
CA HIS A 8 0.65 42.41 -13.41
C HIS A 8 -0.30 41.41 -14.06
N MET A 9 0.15 40.79 -15.15
CA MET A 9 -0.66 39.81 -15.87
C MET A 9 0.18 39.06 -16.89
N GLY A 10 -0.38 37.98 -17.43
CA GLY A 10 0.33 37.19 -18.42
C GLY A 10 0.04 35.71 -18.31
N THR A 11 -0.47 35.29 -17.14
CA THR A 11 -0.80 33.89 -16.91
C THR A 11 -1.69 33.34 -18.01
N LEU A 12 -1.37 32.14 -18.48
CA LEU A 12 -2.13 31.51 -19.54
C LEU A 12 -1.66 30.08 -19.78
N GLU A 13 -2.57 29.20 -20.16
CA GLU A 13 -2.25 27.81 -20.43
C GLU A 13 -3.38 27.10 -21.18
N ALA A 14 -3.16 25.84 -21.53
CA ALA A 14 -4.16 25.06 -22.25
C ALA A 14 -3.99 23.57 -21.98
N GLN A 15 -4.97 22.78 -22.41
CA GLN A 15 -4.92 21.34 -22.21
C GLN A 15 -5.25 20.61 -23.51
N THR A 16 -4.44 19.62 -23.85
CA THR A 16 -4.63 18.84 -25.07
C THR A 16 -3.98 17.46 -24.95
N GLN A 17 -4.39 16.56 -25.83
CA GLN A 17 -3.85 15.20 -25.83
C GLN A 17 -2.32 15.23 -25.89
N GLY A 18 -1.69 14.77 -24.82
CA GLY A 18 -0.24 14.75 -24.76
C GLY A 18 0.31 13.38 -24.41
N PRO A 19 1.60 13.32 -24.05
CA PRO A 19 2.28 12.07 -23.70
C PRO A 19 1.79 11.51 -22.36
N GLY A 20 2.34 10.38 -21.97
CA GLY A 20 1.95 9.76 -20.71
C GLY A 20 2.05 10.72 -19.54
N SER A 21 1.07 10.65 -18.63
CA SER A 21 1.06 11.52 -17.46
C SER A 21 1.50 10.76 -16.22
N MET A 22 2.01 9.54 -16.41
CA MET A 22 2.48 8.71 -15.31
C MET A 22 3.45 9.49 -14.44
N ASP A 23 3.21 9.48 -13.12
CA ASP A 23 4.07 10.18 -12.18
C ASP A 23 4.08 9.47 -10.83
N VAL A 24 4.21 8.14 -10.86
CA VAL A 24 4.23 7.35 -9.64
C VAL A 24 5.45 6.44 -9.60
N THR A 25 6.01 6.27 -8.40
CA THR A 25 7.19 5.43 -8.23
C THR A 25 6.94 4.36 -7.17
N ILE A 26 7.43 3.15 -7.44
CA ILE A 26 7.27 2.04 -6.50
C ILE A 26 8.61 1.54 -5.99
N TYR A 27 8.62 1.02 -4.77
CA TYR A 27 9.85 0.50 -4.18
C TYR A 27 9.63 -0.89 -3.60
N HIS A 28 10.17 -1.90 -4.28
CA HIS A 28 10.05 -3.29 -3.84
C HIS A 28 10.98 -4.20 -4.63
N ASN A 29 10.80 -5.51 -4.46
CA ASN A 29 11.63 -6.49 -5.15
C ASN A 29 10.78 -7.37 -6.06
N PRO A 30 11.43 -7.95 -7.08
CA PRO A 30 10.76 -8.83 -8.05
C PRO A 30 10.35 -10.16 -7.42
N VAL A 31 9.05 -10.46 -7.48
CA VAL A 31 8.53 -11.70 -6.93
C VAL A 31 7.30 -12.17 -7.69
N CYS A 32 7.38 -13.37 -8.26
CA CYS A 32 6.27 -13.94 -9.01
C CYS A 32 4.97 -13.87 -8.20
N GLY A 33 3.85 -13.85 -8.90
CA GLY A 33 2.55 -13.79 -8.24
C GLY A 33 2.27 -12.42 -7.68
N THR A 34 2.94 -12.08 -6.58
CA THR A 34 2.74 -10.78 -5.94
C THR A 34 3.07 -9.63 -6.89
N SER A 35 4.34 -9.53 -7.27
CA SER A 35 4.78 -8.47 -8.17
C SER A 35 3.96 -8.49 -9.46
N ARG A 36 3.71 -9.67 -9.98
CA ARG A 36 2.94 -9.84 -11.21
C ARG A 36 1.50 -9.35 -11.01
N LYS A 37 1.00 -9.48 -9.78
CA LYS A 37 -0.35 -9.06 -9.47
C LYS A 37 -0.46 -7.55 -9.43
N VAL A 38 0.37 -6.90 -8.62
CA VAL A 38 0.36 -5.46 -8.49
C VAL A 38 0.63 -4.79 -9.84
N LEU A 39 1.59 -5.34 -10.58
CA LEU A 39 1.94 -4.79 -11.89
C LEU A 39 0.75 -4.86 -12.84
N GLY A 40 0.09 -6.00 -12.88
CA GLY A 40 -1.06 -6.17 -13.75
C GLY A 40 -2.17 -5.18 -13.43
N MET A 41 -2.48 -5.03 -12.15
CA MET A 41 -3.53 -4.12 -11.71
C MET A 41 -3.23 -2.70 -12.16
N ILE A 42 -2.02 -2.23 -11.86
CA ILE A 42 -1.61 -0.88 -12.23
C ILE A 42 -1.56 -0.72 -13.75
N ARG A 43 -0.80 -1.60 -14.40
CA ARG A 43 -0.67 -1.56 -15.86
C ARG A 43 -2.04 -1.58 -16.53
N GLU A 44 -2.94 -2.41 -16.00
CA GLU A 44 -4.28 -2.52 -16.54
C GLU A 44 -5.14 -1.30 -16.18
N ALA A 45 -4.81 -0.68 -15.05
CA ALA A 45 -5.54 0.49 -14.58
C ALA A 45 -5.26 1.69 -15.47
N GLY A 46 -4.09 1.70 -16.11
CA GLY A 46 -3.73 2.80 -16.99
C GLY A 46 -2.68 3.71 -16.38
N ILE A 47 -1.77 3.11 -15.61
CA ILE A 47 -0.70 3.88 -14.97
C ILE A 47 0.65 3.22 -15.19
N GLU A 48 1.66 4.06 -15.45
CA GLU A 48 3.01 3.56 -15.69
C GLU A 48 3.93 3.91 -14.52
N PRO A 49 3.93 3.07 -13.49
CA PRO A 49 4.75 3.26 -12.29
C PRO A 49 6.23 3.05 -12.57
N HIS A 50 7.08 3.60 -11.71
CA HIS A 50 8.53 3.48 -11.87
C HIS A 50 9.10 2.57 -10.78
N VAL A 51 9.53 1.37 -11.18
CA VAL A 51 10.11 0.41 -10.25
C VAL A 51 11.54 0.78 -9.91
N ILE A 52 11.79 1.06 -8.63
CA ILE A 52 13.12 1.41 -8.16
C ILE A 52 13.57 0.53 -7.02
N GLU A 53 14.62 -0.26 -7.25
CA GLU A 53 15.14 -1.16 -6.23
C GLU A 53 15.83 -0.38 -5.11
N TYR A 54 15.25 -0.42 -3.92
CA TYR A 54 15.80 0.29 -2.77
C TYR A 54 16.11 -0.68 -1.63
N MET A 55 17.14 -0.36 -0.86
CA MET A 55 17.55 -1.21 0.26
C MET A 55 16.37 -1.45 1.20
N LYS A 56 16.45 -2.55 1.95
CA LYS A 56 15.39 -2.91 2.88
C LYS A 56 15.26 -1.87 3.98
N THR A 57 16.39 -1.52 4.61
CA THR A 57 16.40 -0.53 5.67
C THR A 57 15.28 -0.79 6.67
N PRO A 58 15.45 -1.82 7.52
CA PRO A 58 14.47 -2.19 8.54
C PRO A 58 14.38 -1.17 9.66
N LEU A 59 13.18 -0.97 10.19
CA LEU A 59 12.96 -0.02 11.28
C LEU A 59 12.33 -0.70 12.47
N PRO A 60 12.46 -0.06 13.65
CA PRO A 60 11.90 -0.59 14.90
C PRO A 60 10.37 -0.54 14.93
N ARG A 61 9.77 -1.30 15.83
CA ARG A 61 8.32 -1.35 15.96
C ARG A 61 7.75 0.06 16.08
N ASP A 62 8.33 0.86 16.98
CA ASP A 62 7.87 2.23 17.19
C ASP A 62 7.80 2.99 15.88
N MET A 63 8.79 2.77 15.02
CA MET A 63 8.85 3.43 13.72
C MET A 63 7.77 2.89 12.78
N LEU A 64 7.51 1.58 12.87
CA LEU A 64 6.51 0.94 12.03
C LEU A 64 5.11 1.42 12.40
N VAL A 65 4.83 1.48 13.70
CA VAL A 65 3.53 1.92 14.19
C VAL A 65 3.31 3.40 13.91
N GLU A 66 4.37 4.19 14.08
CA GLU A 66 4.28 5.63 13.84
C GLU A 66 4.12 5.93 12.35
N LEU A 67 4.75 5.11 11.52
CA LEU A 67 4.67 5.28 10.07
C LEU A 67 3.33 4.79 9.54
N LEU A 68 2.92 3.61 9.98
CA LEU A 68 1.65 3.03 9.54
C LEU A 68 0.48 3.86 10.03
N ARG A 69 0.61 4.40 11.23
CA ARG A 69 -0.44 5.22 11.82
C ARG A 69 -0.49 6.60 11.17
N GLN A 70 0.68 7.13 10.83
CA GLN A 70 0.77 8.44 10.19
C GLN A 70 0.38 8.36 8.73
N MET A 71 0.55 7.18 8.13
CA MET A 71 0.21 6.98 6.72
C MET A 71 -1.27 7.23 6.47
N ALA A 72 -2.12 6.45 7.13
CA ALA A 72 -3.56 6.59 6.99
C ALA A 72 -4.25 6.71 8.35
N ILE A 73 -4.25 5.61 9.10
CA ILE A 73 -4.87 5.59 10.42
C ILE A 73 -4.14 4.63 11.35
N SER A 74 -4.48 4.70 12.64
CA SER A 74 -3.85 3.85 13.63
C SER A 74 -3.82 2.39 13.17
N PRO A 75 -3.00 1.57 13.83
CA PRO A 75 -2.86 0.15 13.51
C PRO A 75 -4.10 -0.65 13.85
N ARG A 76 -5.04 -0.01 14.54
CA ARG A 76 -6.27 -0.67 14.95
C ARG A 76 -7.18 -0.92 13.74
N ALA A 77 -7.17 0.03 12.80
CA ALA A 77 -7.99 -0.10 11.60
C ALA A 77 -7.11 -0.20 10.35
N LEU A 78 -5.98 -0.87 10.49
CA LEU A 78 -5.05 -1.05 9.38
C LEU A 78 -5.09 -2.48 8.86
N LEU A 79 -5.14 -3.44 9.77
CA LEU A 79 -5.19 -4.85 9.41
C LEU A 79 -6.36 -5.13 8.47
N ARG A 80 -6.05 -5.33 7.19
CA ARG A 80 -7.08 -5.61 6.19
C ARG A 80 -7.87 -6.86 6.55
N ALA A 81 -8.92 -7.15 5.78
CA ALA A 81 -9.74 -8.32 6.03
C ALA A 81 -9.02 -9.60 5.62
N LYS A 82 -8.36 -9.56 4.46
CA LYS A 82 -7.63 -10.72 3.97
C LYS A 82 -6.77 -11.34 5.06
N GLU A 83 -6.35 -10.52 6.02
CA GLU A 83 -5.53 -10.99 7.12
C GLU A 83 -6.39 -11.68 8.19
N ALA A 84 -7.16 -12.67 7.76
CA ALA A 84 -8.03 -13.41 8.66
C ALA A 84 -7.38 -13.57 10.04
N ARG A 85 -6.08 -13.84 10.04
CA ARG A 85 -5.34 -14.01 11.29
C ARG A 85 -5.61 -12.86 12.25
N TYR A 86 -5.56 -11.63 11.73
CA TYR A 86 -5.80 -10.44 12.55
C TYR A 86 -7.09 -10.60 13.36
N ALA A 87 -8.18 -10.92 12.67
CA ALA A 87 -9.47 -11.09 13.32
C ALA A 87 -9.48 -12.35 14.19
N GLU A 88 -8.78 -13.38 13.73
CA GLU A 88 -8.71 -14.64 14.47
C GLU A 88 -8.19 -14.41 15.89
N LEU A 89 -7.18 -13.56 16.00
CA LEU A 89 -6.59 -13.26 17.30
C LEU A 89 -7.52 -12.39 18.14
N GLY A 90 -8.59 -11.90 17.51
CA GLY A 90 -9.55 -11.06 18.21
C GLY A 90 -9.10 -9.62 18.29
N LEU A 91 -8.16 -9.24 17.43
CA LEU A 91 -7.65 -7.87 17.41
C LEU A 91 -8.76 -6.87 17.17
N ASP A 92 -9.79 -7.31 16.45
CA ASP A 92 -10.94 -6.44 16.16
C ASP A 92 -11.49 -5.82 17.44
N ASP A 93 -11.31 -6.50 18.55
CA ASP A 93 -11.78 -6.02 19.84
C ASP A 93 -11.36 -4.57 20.07
N PRO A 94 -12.36 -3.68 20.12
CA PRO A 94 -12.11 -2.25 20.33
C PRO A 94 -11.61 -1.94 21.75
N ALA A 95 -11.69 -2.94 22.62
CA ALA A 95 -11.25 -2.78 24.00
C ALA A 95 -9.74 -2.86 24.11
N LEU A 96 -9.10 -3.39 23.07
CA LEU A 96 -7.65 -3.53 23.04
C LEU A 96 -6.97 -2.17 22.96
N SER A 97 -5.65 -2.18 22.86
CA SER A 97 -4.88 -0.95 22.77
C SER A 97 -3.78 -1.06 21.71
N ASP A 98 -3.17 0.07 21.38
CA ASP A 98 -2.11 0.10 20.39
C ASP A 98 -0.97 -0.83 20.77
N GLU A 99 -0.77 -1.01 22.08
CA GLU A 99 0.28 -1.87 22.58
C GLU A 99 0.16 -3.28 22.00
N VAL A 100 -0.95 -3.95 22.31
CA VAL A 100 -1.20 -5.29 21.81
C VAL A 100 -1.30 -5.32 20.30
N LEU A 101 -1.95 -4.29 19.74
CA LEU A 101 -2.12 -4.18 18.30
C LEU A 101 -0.77 -4.22 17.59
N ILE A 102 0.14 -3.35 18.01
CA ILE A 102 1.47 -3.28 17.42
C ILE A 102 2.23 -4.58 17.61
N ASP A 103 2.32 -5.03 18.86
CA ASP A 103 3.01 -6.27 19.17
C ASP A 103 2.54 -7.40 18.28
N ALA A 104 1.25 -7.42 17.98
CA ALA A 104 0.67 -8.46 17.12
C ALA A 104 1.12 -8.27 15.67
N MET A 105 1.08 -7.03 15.20
CA MET A 105 1.47 -6.72 13.83
C MET A 105 2.95 -7.04 13.61
N ILE A 106 3.80 -6.53 14.49
CA ILE A 106 5.24 -6.77 14.38
C ILE A 106 5.55 -8.26 14.34
N SER A 107 4.65 -9.06 14.89
CA SER A 107 4.84 -10.51 14.91
C SER A 107 4.18 -11.16 13.71
N ASN A 108 3.13 -10.51 13.19
CA ASN A 108 2.42 -11.03 12.03
C ASN A 108 3.16 -10.68 10.73
N PRO A 109 2.84 -11.43 9.66
CA PRO A 109 3.46 -11.22 8.35
C PRO A 109 3.02 -9.91 7.70
N VAL A 110 1.92 -9.35 8.19
CA VAL A 110 1.41 -8.09 7.66
C VAL A 110 2.39 -6.95 7.86
N LEU A 111 3.37 -7.18 8.73
CA LEU A 111 4.39 -6.17 9.02
C LEU A 111 5.24 -5.89 7.78
N MET A 112 5.15 -6.78 6.79
CA MET A 112 5.90 -6.63 5.56
C MET A 112 5.65 -5.26 4.94
N ASN A 113 6.59 -4.33 5.15
CA ASN A 113 6.47 -2.99 4.61
C ASN A 113 7.40 -2.79 3.42
N ARG A 114 8.10 -3.86 3.04
CA ARG A 114 9.03 -3.81 1.92
C ARG A 114 8.38 -3.13 0.71
N PRO A 115 7.29 -3.72 0.22
CA PRO A 115 6.56 -3.19 -0.93
C PRO A 115 5.83 -1.88 -0.61
N VAL A 116 6.39 -0.78 -1.08
CA VAL A 116 5.79 0.54 -0.84
C VAL A 116 5.58 1.30 -2.14
N VAL A 117 4.38 1.81 -2.34
CA VAL A 117 4.07 2.56 -3.55
C VAL A 117 3.93 4.05 -3.25
N VAL A 118 4.64 4.87 -4.03
CA VAL A 118 4.60 6.32 -3.85
C VAL A 118 3.84 6.98 -4.99
N THR A 119 2.78 7.71 -4.64
CA THR A 119 1.95 8.40 -5.63
C THR A 119 1.90 9.89 -5.34
N PRO A 120 1.55 10.69 -6.37
CA PRO A 120 1.45 12.14 -6.25
C PRO A 120 0.26 12.57 -5.40
N LYS A 121 -0.55 11.60 -5.00
CA LYS A 121 -1.72 11.88 -4.18
C LYS A 121 -1.57 11.28 -2.78
N GLY A 122 -0.41 10.65 -2.54
CA GLY A 122 -0.16 10.05 -1.24
C GLY A 122 0.72 8.82 -1.34
N VAL A 123 1.12 8.29 -0.19
CA VAL A 123 1.97 7.10 -0.15
C VAL A 123 1.33 5.99 0.65
N ARG A 124 1.59 4.75 0.25
CA ARG A 124 1.02 3.59 0.93
C ARG A 124 1.72 2.30 0.49
N LEU A 125 1.41 1.20 1.16
CA LEU A 125 2.01 -0.09 0.84
C LEU A 125 1.64 -0.51 -0.59
N CYS A 126 2.65 -0.92 -1.35
CA CYS A 126 2.44 -1.36 -2.73
C CYS A 126 1.59 -2.62 -2.77
N ARG A 127 1.61 -3.37 -1.68
CA ARG A 127 0.85 -4.62 -1.60
C ARG A 127 0.18 -4.77 -0.23
N PRO A 128 -0.83 -5.63 -0.15
CA PRO A 128 -1.31 -6.40 -1.30
C PRO A 128 -2.00 -5.53 -2.34
N ALA A 129 -2.45 -6.15 -3.42
CA ALA A 129 -3.14 -5.44 -4.49
C ALA A 129 -4.36 -4.69 -3.95
N GLU A 130 -4.85 -5.12 -2.80
CA GLU A 130 -6.01 -4.50 -2.18
C GLU A 130 -5.66 -3.12 -1.63
N THR A 131 -4.45 -2.99 -1.11
CA THR A 131 -3.98 -1.73 -0.54
C THR A 131 -3.64 -0.73 -1.65
N VAL A 132 -2.89 -1.19 -2.64
CA VAL A 132 -2.49 -0.35 -3.75
C VAL A 132 -3.70 0.10 -4.56
N GLN A 133 -4.65 -0.81 -4.75
CA GLN A 133 -5.85 -0.50 -5.51
C GLN A 133 -6.76 0.45 -4.74
N GLU A 134 -6.61 0.46 -3.42
CA GLU A 134 -7.42 1.32 -2.56
C GLU A 134 -6.88 2.75 -2.56
N LEU A 135 -5.55 2.87 -2.50
CA LEU A 135 -4.91 4.18 -2.50
C LEU A 135 -4.98 4.84 -3.87
N LEU A 136 -4.83 4.03 -4.92
CA LEU A 136 -4.90 4.53 -6.28
C LEU A 136 -6.25 4.21 -6.92
N MET A 1 10.58 2.24 -21.77
CA MET A 1 11.89 1.72 -21.42
C MET A 1 11.91 1.18 -20.00
N ALA A 2 11.85 -0.14 -19.87
CA ALA A 2 11.86 -0.78 -18.56
C ALA A 2 13.17 -1.54 -18.33
N HIS A 3 13.63 -1.54 -17.09
CA HIS A 3 14.87 -2.23 -16.74
C HIS A 3 14.58 -3.45 -15.87
N HIS A 4 13.89 -3.23 -14.75
CA HIS A 4 13.55 -4.32 -13.84
C HIS A 4 12.05 -4.59 -13.85
N HIS A 5 11.55 -5.10 -14.96
CA HIS A 5 10.13 -5.40 -15.09
C HIS A 5 9.91 -6.89 -15.28
N HIS A 6 8.73 -7.37 -14.89
CA HIS A 6 8.39 -8.78 -15.02
C HIS A 6 7.36 -9.00 -16.12
N HIS A 7 7.80 -9.57 -17.24
CA HIS A 7 6.91 -9.83 -18.36
C HIS A 7 6.76 -11.32 -18.60
N HIS A 8 5.67 -11.89 -18.08
CA HIS A 8 5.40 -13.31 -18.23
C HIS A 8 4.87 -13.62 -19.63
N MET A 9 4.15 -12.67 -20.21
CA MET A 9 3.58 -12.84 -21.54
C MET A 9 4.52 -12.27 -22.60
N GLY A 10 4.85 -13.09 -23.59
CA GLY A 10 5.74 -12.65 -24.65
C GLY A 10 5.27 -11.35 -25.30
N THR A 11 4.02 -11.34 -25.75
CA THR A 11 3.45 -10.16 -26.39
C THR A 11 2.02 -9.92 -25.94
N LEU A 12 1.60 -8.65 -25.95
CA LEU A 12 0.25 -8.30 -25.53
C LEU A 12 -0.56 -7.79 -26.72
N GLU A 13 -1.85 -8.10 -26.72
CA GLU A 13 -2.74 -7.68 -27.80
C GLU A 13 -3.67 -6.57 -27.33
N ALA A 14 -3.09 -5.51 -26.77
CA ALA A 14 -3.86 -4.38 -26.29
C ALA A 14 -3.31 -3.06 -26.83
N GLN A 15 -4.04 -2.46 -27.77
CA GLN A 15 -3.63 -1.20 -28.36
C GLN A 15 -3.37 -0.14 -27.30
N THR A 16 -2.55 0.85 -27.63
CA THR A 16 -2.22 1.91 -26.70
C THR A 16 -3.39 2.86 -26.51
N GLN A 17 -3.98 2.82 -25.32
CA GLN A 17 -5.13 3.68 -25.01
C GLN A 17 -5.12 4.08 -23.54
N GLY A 18 -5.48 5.33 -23.27
CA GLY A 18 -5.51 5.82 -21.91
C GLY A 18 -4.90 7.21 -21.77
N PRO A 19 -5.09 7.83 -20.60
CA PRO A 19 -4.56 9.17 -20.32
C PRO A 19 -3.04 9.18 -20.20
N GLY A 20 -2.50 10.32 -19.76
CA GLY A 20 -1.06 10.44 -19.60
C GLY A 20 -0.68 10.93 -18.22
N SER A 21 0.38 11.72 -18.15
CA SER A 21 0.87 12.24 -16.88
C SER A 21 1.33 11.12 -15.96
N MET A 22 1.68 9.99 -16.56
CA MET A 22 2.14 8.83 -15.79
C MET A 22 3.37 9.19 -14.96
N ASP A 23 3.15 9.47 -13.69
CA ASP A 23 4.24 9.82 -12.78
C ASP A 23 4.17 8.99 -11.50
N VAL A 24 4.31 7.67 -11.65
CA VAL A 24 4.27 6.77 -10.51
C VAL A 24 5.57 5.96 -10.39
N THR A 25 6.04 5.80 -9.16
CA THR A 25 7.27 5.05 -8.92
C THR A 25 7.10 4.05 -7.79
N ILE A 26 7.58 2.83 -7.99
CA ILE A 26 7.47 1.78 -6.99
C ILE A 26 8.85 1.33 -6.52
N TYR A 27 8.94 0.93 -5.25
CA TYR A 27 10.20 0.48 -4.68
C TYR A 27 10.04 -0.90 -4.05
N HIS A 28 10.58 -1.92 -4.73
CA HIS A 28 10.50 -3.29 -4.23
C HIS A 28 11.31 -4.23 -5.12
N ASN A 29 11.57 -5.44 -4.63
CA ASN A 29 12.32 -6.43 -5.38
C ASN A 29 11.41 -7.25 -6.27
N PRO A 30 12.00 -7.91 -7.28
CA PRO A 30 11.25 -8.74 -8.23
C PRO A 30 10.72 -10.01 -7.58
N VAL A 31 9.67 -9.88 -6.79
CA VAL A 31 9.07 -11.02 -6.11
C VAL A 31 7.78 -11.46 -6.81
N CYS A 32 7.79 -12.68 -7.32
CA CYS A 32 6.63 -13.22 -8.01
C CYS A 32 5.38 -13.11 -7.15
N GLY A 33 4.21 -13.22 -7.78
CA GLY A 33 2.96 -13.14 -7.05
C GLY A 33 2.60 -11.70 -6.67
N THR A 34 3.44 -11.10 -5.83
CA THR A 34 3.21 -9.73 -5.39
C THR A 34 3.43 -8.74 -6.52
N SER A 35 4.63 -8.74 -7.08
CA SER A 35 4.97 -7.84 -8.17
C SER A 35 4.05 -8.07 -9.37
N ARG A 36 3.68 -9.33 -9.58
CA ARG A 36 2.80 -9.69 -10.69
C ARG A 36 1.40 -9.11 -10.49
N LYS A 37 0.82 -9.37 -9.32
CA LYS A 37 -0.52 -8.88 -9.00
C LYS A 37 -0.57 -7.36 -9.11
N VAL A 38 0.32 -6.67 -8.40
CA VAL A 38 0.36 -5.22 -8.42
C VAL A 38 0.52 -4.69 -9.84
N LEU A 39 1.55 -5.19 -10.53
CA LEU A 39 1.81 -4.77 -11.90
C LEU A 39 0.62 -5.06 -12.81
N GLY A 40 -0.10 -6.14 -12.49
CA GLY A 40 -1.26 -6.51 -13.28
C GLY A 40 -2.38 -5.49 -13.18
N MET A 41 -2.73 -5.12 -11.96
CA MET A 41 -3.80 -4.14 -11.73
C MET A 41 -3.41 -2.78 -12.29
N ILE A 42 -2.12 -2.46 -12.21
CA ILE A 42 -1.63 -1.18 -12.71
C ILE A 42 -1.59 -1.16 -14.23
N ARG A 43 -0.88 -2.12 -14.81
CA ARG A 43 -0.77 -2.21 -16.27
C ARG A 43 -2.15 -2.27 -16.91
N GLU A 44 -3.07 -2.98 -16.27
CA GLU A 44 -4.42 -3.12 -16.78
C GLU A 44 -5.24 -1.85 -16.53
N ALA A 45 -4.90 -1.15 -15.45
CA ALA A 45 -5.59 0.08 -15.10
C ALA A 45 -5.28 1.19 -16.08
N GLY A 46 -4.11 1.12 -16.70
CA GLY A 46 -3.71 2.13 -17.66
C GLY A 46 -2.63 3.03 -17.13
N ILE A 47 -1.71 2.48 -16.35
CA ILE A 47 -0.63 3.24 -15.77
C ILE A 47 0.71 2.53 -15.97
N GLU A 48 1.77 3.32 -16.14
CA GLU A 48 3.11 2.76 -16.34
C GLU A 48 4.09 3.34 -15.31
N PRO A 49 4.13 2.73 -14.12
CA PRO A 49 5.02 3.16 -13.04
C PRO A 49 6.49 2.87 -13.34
N HIS A 50 7.36 3.30 -12.45
CA HIS A 50 8.80 3.09 -12.62
C HIS A 50 9.35 2.22 -11.50
N VAL A 51 9.80 1.02 -11.86
CA VAL A 51 10.36 0.09 -10.89
C VAL A 51 11.79 0.48 -10.52
N ILE A 52 11.98 0.81 -9.24
CA ILE A 52 13.30 1.21 -8.74
C ILE A 52 13.70 0.36 -7.54
N GLU A 53 14.93 -0.15 -7.57
CA GLU A 53 15.44 -0.97 -6.48
C GLU A 53 16.23 -0.12 -5.47
N TYR A 54 15.56 0.24 -4.37
CA TYR A 54 16.19 1.05 -3.34
C TYR A 54 15.49 0.87 -2.00
N MET A 55 16.15 0.19 -1.08
CA MET A 55 15.58 -0.05 0.24
C MET A 55 16.59 -0.75 1.15
N LYS A 56 16.76 -0.23 2.35
CA LYS A 56 17.69 -0.80 3.31
C LYS A 56 17.61 -0.08 4.66
N THR A 57 17.98 -0.78 5.73
CA THR A 57 17.94 -0.21 7.07
C THR A 57 16.52 0.12 7.49
N PRO A 58 15.75 -0.92 7.85
CA PRO A 58 14.36 -0.76 8.29
C PRO A 58 14.24 -0.06 9.65
N LEU A 59 13.04 0.39 9.97
CA LEU A 59 12.80 1.07 11.24
C LEU A 59 12.24 0.10 12.28
N PRO A 60 12.39 0.45 13.56
CA PRO A 60 11.91 -0.37 14.68
C PRO A 60 10.39 -0.39 14.77
N ARG A 61 9.86 -1.32 15.55
CA ARG A 61 8.41 -1.44 15.72
C ARG A 61 7.80 -0.09 16.07
N ASP A 62 8.38 0.58 17.06
CA ASP A 62 7.88 1.88 17.50
C ASP A 62 7.68 2.81 16.30
N MET A 63 8.76 3.07 15.57
CA MET A 63 8.70 3.94 14.40
C MET A 63 7.59 3.51 13.46
N LEU A 64 7.41 2.21 13.31
CA LEU A 64 6.38 1.67 12.43
C LEU A 64 4.99 1.99 12.96
N VAL A 65 4.86 2.01 14.28
CA VAL A 65 3.58 2.32 14.93
C VAL A 65 3.17 3.76 14.68
N GLU A 66 4.10 4.68 14.92
CA GLU A 66 3.83 6.10 14.73
C GLU A 66 3.70 6.43 13.24
N LEU A 67 4.41 5.68 12.40
CA LEU A 67 4.38 5.89 10.97
C LEU A 67 3.08 5.34 10.37
N LEU A 68 2.70 4.14 10.78
CA LEU A 68 1.48 3.51 10.30
C LEU A 68 0.24 4.24 10.82
N ARG A 69 0.33 4.73 12.06
CA ARG A 69 -0.78 5.44 12.67
C ARG A 69 -0.93 6.84 12.07
N GLN A 70 0.20 7.47 11.79
CA GLN A 70 0.21 8.81 11.22
C GLN A 70 -0.11 8.77 9.72
N MET A 71 0.22 7.65 9.09
CA MET A 71 -0.03 7.48 7.66
C MET A 71 -1.50 7.66 7.33
N ALA A 72 -2.34 6.82 7.92
CA ALA A 72 -3.78 6.90 7.69
C ALA A 72 -4.54 6.94 9.02
N ILE A 73 -4.52 5.82 9.74
CA ILE A 73 -5.21 5.73 11.02
C ILE A 73 -4.47 4.79 11.98
N SER A 74 -4.87 4.83 13.25
CA SER A 74 -4.24 3.98 14.26
C SER A 74 -4.11 2.54 13.77
N PRO A 75 -3.25 1.77 14.45
CA PRO A 75 -3.02 0.36 14.10
C PRO A 75 -4.23 -0.52 14.42
N ARG A 76 -5.21 0.05 15.10
CA ARG A 76 -6.41 -0.69 15.48
C ARG A 76 -7.30 -0.91 14.26
N ALA A 77 -7.36 0.08 13.38
CA ALA A 77 -8.17 -0.02 12.18
C ALA A 77 -7.30 -0.01 10.92
N LEU A 78 -6.16 -0.69 10.99
CA LEU A 78 -5.23 -0.76 9.87
C LEU A 78 -5.30 -2.13 9.19
N LEU A 79 -5.36 -3.18 10.00
CA LEU A 79 -5.43 -4.54 9.49
C LEU A 79 -6.62 -4.71 8.54
N ARG A 80 -6.35 -4.77 7.25
CA ARG A 80 -7.39 -4.93 6.25
C ARG A 80 -8.21 -6.20 6.51
N ALA A 81 -9.28 -6.38 5.75
CA ALA A 81 -10.14 -7.56 5.89
C ALA A 81 -9.46 -8.80 5.33
N LYS A 82 -8.84 -8.65 4.17
CA LYS A 82 -8.16 -9.76 3.51
C LYS A 82 -7.27 -10.51 4.50
N GLU A 83 -6.80 -9.80 5.52
CA GLU A 83 -5.94 -10.40 6.53
C GLU A 83 -6.77 -11.19 7.54
N ALA A 84 -7.57 -12.12 7.05
CA ALA A 84 -8.42 -12.94 7.90
C ALA A 84 -7.71 -13.26 9.22
N ARG A 85 -6.41 -13.53 9.14
CA ARG A 85 -5.63 -13.85 10.33
C ARG A 85 -5.85 -12.81 11.43
N TYR A 86 -5.80 -11.54 11.05
CA TYR A 86 -5.99 -10.45 11.99
C TYR A 86 -7.25 -10.67 12.83
N ALA A 87 -8.37 -10.91 12.16
CA ALA A 87 -9.64 -11.15 12.84
C ALA A 87 -9.63 -12.49 13.56
N GLU A 88 -8.93 -13.46 12.99
CA GLU A 88 -8.85 -14.79 13.58
C GLU A 88 -8.26 -14.72 14.99
N LEU A 89 -7.24 -13.89 15.16
CA LEU A 89 -6.60 -13.73 16.46
C LEU A 89 -7.49 -12.95 17.42
N GLY A 90 -8.59 -12.41 16.91
CA GLY A 90 -9.51 -11.65 17.73
C GLY A 90 -9.07 -10.22 17.94
N LEU A 91 -8.17 -9.76 17.09
CA LEU A 91 -7.65 -8.39 17.18
C LEU A 91 -8.79 -7.38 17.09
N ASP A 92 -9.83 -7.73 16.33
CA ASP A 92 -10.98 -6.85 16.17
C ASP A 92 -11.52 -6.40 17.52
N ASP A 93 -11.29 -7.21 18.55
CA ASP A 93 -11.76 -6.89 19.89
C ASP A 93 -11.36 -5.47 20.28
N PRO A 94 -12.37 -4.61 20.47
CA PRO A 94 -12.15 -3.20 20.84
C PRO A 94 -11.63 -3.07 22.27
N ALA A 95 -11.61 -4.16 23.01
CA ALA A 95 -11.13 -4.16 24.38
C ALA A 95 -9.61 -4.24 24.43
N LEU A 96 -9.00 -4.49 23.28
CA LEU A 96 -7.54 -4.59 23.19
C LEU A 96 -6.90 -3.22 23.23
N SER A 97 -5.58 -3.18 23.09
CA SER A 97 -4.84 -1.92 23.11
C SER A 97 -3.76 -1.91 22.03
N ASP A 98 -3.19 -0.74 21.79
CA ASP A 98 -2.14 -0.58 20.78
C ASP A 98 -0.99 -1.56 21.05
N GLU A 99 -0.76 -1.85 22.33
CA GLU A 99 0.31 -2.76 22.71
C GLU A 99 0.20 -4.09 21.97
N VAL A 100 -0.90 -4.80 22.23
CA VAL A 100 -1.13 -6.09 21.59
C VAL A 100 -1.25 -5.95 20.08
N LEU A 101 -1.90 -4.86 19.64
CA LEU A 101 -2.08 -4.60 18.22
C LEU A 101 -0.74 -4.54 17.50
N ILE A 102 0.16 -3.72 18.02
CA ILE A 102 1.49 -3.56 17.42
C ILE A 102 2.25 -4.88 17.46
N ASP A 103 2.35 -5.47 18.64
CA ASP A 103 3.06 -6.74 18.80
C ASP A 103 2.56 -7.77 17.80
N ALA A 104 1.26 -7.74 17.51
CA ALA A 104 0.67 -8.67 16.56
C ALA A 104 1.12 -8.37 15.14
N MET A 105 1.10 -7.09 14.77
CA MET A 105 1.51 -6.68 13.43
C MET A 105 2.97 -7.01 13.18
N ILE A 106 3.84 -6.61 14.11
CA ILE A 106 5.27 -6.87 13.99
C ILE A 106 5.54 -8.36 13.88
N SER A 107 4.60 -9.17 14.33
CA SER A 107 4.74 -10.62 14.29
C SER A 107 4.14 -11.19 13.00
N ASN A 108 3.12 -10.50 12.48
CA ASN A 108 2.46 -10.94 11.26
C ASN A 108 3.21 -10.46 10.03
N PRO A 109 2.95 -11.10 8.88
CA PRO A 109 3.59 -10.75 7.61
C PRO A 109 3.12 -9.40 7.07
N VAL A 110 2.04 -8.89 7.64
CA VAL A 110 1.49 -7.61 7.23
C VAL A 110 2.46 -6.47 7.50
N LEU A 111 3.47 -6.75 8.33
CA LEU A 111 4.47 -5.75 8.68
C LEU A 111 5.40 -5.47 7.50
N MET A 112 5.30 -6.32 6.48
CA MET A 112 6.13 -6.16 5.28
C MET A 112 6.04 -4.75 4.73
N ASN A 113 7.08 -3.94 5.00
CA ASN A 113 7.11 -2.56 4.53
C ASN A 113 8.06 -2.42 3.35
N ARG A 114 8.69 -3.52 2.96
CA ARG A 114 9.62 -3.51 1.84
C ARG A 114 8.99 -2.87 0.61
N PRO A 115 7.88 -3.45 0.14
CA PRO A 115 7.16 -2.96 -1.04
C PRO A 115 6.45 -1.64 -0.77
N VAL A 116 6.99 -0.55 -1.32
CA VAL A 116 6.40 0.77 -1.14
C VAL A 116 6.11 1.44 -2.48
N VAL A 117 4.86 1.88 -2.65
CA VAL A 117 4.45 2.53 -3.88
C VAL A 117 4.30 4.04 -3.69
N VAL A 118 4.89 4.81 -4.60
CA VAL A 118 4.82 6.26 -4.53
C VAL A 118 4.00 6.83 -5.69
N THR A 119 2.95 7.57 -5.35
CA THR A 119 2.09 8.17 -6.35
C THR A 119 2.04 9.69 -6.20
N PRO A 120 1.65 10.38 -7.28
CA PRO A 120 1.56 11.84 -7.29
C PRO A 120 0.41 12.36 -6.43
N LYS A 121 -0.39 11.43 -5.91
CA LYS A 121 -1.53 11.80 -5.07
C LYS A 121 -1.30 11.33 -3.63
N GLY A 122 -0.15 10.71 -3.39
CA GLY A 122 0.16 10.23 -2.05
C GLY A 122 1.07 9.01 -2.07
N VAL A 123 1.56 8.61 -0.90
CA VAL A 123 2.44 7.46 -0.79
C VAL A 123 1.83 6.38 0.11
N ARG A 124 2.12 5.13 -0.20
CA ARG A 124 1.60 4.01 0.57
C ARG A 124 2.32 2.71 0.21
N LEU A 125 2.07 1.67 0.99
CA LEU A 125 2.69 0.37 0.75
C LEU A 125 2.23 -0.23 -0.57
N CYS A 126 3.18 -0.67 -1.39
CA CYS A 126 2.87 -1.26 -2.69
C CYS A 126 2.11 -2.57 -2.51
N ARG A 127 2.26 -3.19 -1.35
CA ARG A 127 1.59 -4.46 -1.05
C ARG A 127 0.99 -4.44 0.35
N PRO A 128 0.00 -5.32 0.58
CA PRO A 128 -0.50 -6.24 -0.45
C PRO A 128 -1.26 -5.51 -1.56
N ALA A 129 -1.74 -6.27 -2.54
CA ALA A 129 -2.49 -5.70 -3.65
C ALA A 129 -3.71 -4.94 -3.16
N GLU A 130 -4.15 -5.25 -1.94
CA GLU A 130 -5.31 -4.59 -1.36
C GLU A 130 -4.98 -3.15 -0.99
N THR A 131 -3.76 -2.91 -0.54
CA THR A 131 -3.32 -1.58 -0.16
C THR A 131 -3.07 -0.71 -1.38
N VAL A 132 -2.35 -1.25 -2.36
CA VAL A 132 -2.04 -0.53 -3.58
C VAL A 132 -3.30 -0.24 -4.38
N GLN A 133 -4.19 -1.20 -4.44
CA GLN A 133 -5.45 -1.05 -5.17
C GLN A 133 -6.35 -0.01 -4.51
N GLU A 134 -6.14 0.20 -3.21
CA GLU A 134 -6.93 1.16 -2.45
C GLU A 134 -6.40 2.57 -2.66
N LEU A 135 -5.08 2.72 -2.67
CA LEU A 135 -4.45 4.02 -2.85
C LEU A 135 -4.65 4.52 -4.28
N LEU A 136 -4.57 3.60 -5.23
CA LEU A 136 -4.74 3.94 -6.64
C LEU A 136 -6.10 3.49 -7.16
N MET A 1 24.00 22.49 17.13
CA MET A 1 23.98 21.93 15.78
C MET A 1 22.70 21.13 15.54
N ALA A 2 22.27 20.39 16.56
CA ALA A 2 21.07 19.58 16.46
C ALA A 2 19.83 20.47 16.31
N HIS A 3 18.69 19.84 16.04
CA HIS A 3 17.43 20.56 15.87
C HIS A 3 16.27 19.77 16.45
N HIS A 4 15.28 20.48 16.99
CA HIS A 4 14.10 19.84 17.56
C HIS A 4 12.84 20.21 16.79
N HIS A 5 12.87 21.38 16.15
CA HIS A 5 11.73 21.85 15.37
C HIS A 5 11.27 20.78 14.38
N HIS A 6 9.96 20.57 14.32
CA HIS A 6 9.38 19.59 13.41
C HIS A 6 8.59 20.26 12.30
N HIS A 7 8.68 19.70 11.09
CA HIS A 7 7.98 20.25 9.94
C HIS A 7 7.10 19.19 9.28
N HIS A 8 6.29 19.61 8.31
CA HIS A 8 5.40 18.70 7.61
C HIS A 8 4.92 19.31 6.30
N MET A 9 4.49 18.46 5.38
CA MET A 9 4.01 18.92 4.07
C MET A 9 3.14 17.85 3.42
N GLY A 10 2.51 18.21 2.30
CA GLY A 10 1.67 17.27 1.59
C GLY A 10 1.01 17.89 0.37
N THR A 11 0.63 17.05 -0.59
CA THR A 11 0.00 17.52 -1.81
C THR A 11 -1.15 16.60 -2.23
N LEU A 12 -2.09 17.14 -2.99
CA LEU A 12 -3.23 16.37 -3.46
C LEU A 12 -3.99 17.12 -4.55
N GLU A 13 -4.43 16.39 -5.57
CA GLU A 13 -5.18 16.99 -6.67
C GLU A 13 -5.65 15.93 -7.65
N ALA A 14 -6.81 16.16 -8.26
CA ALA A 14 -7.38 15.21 -9.21
C ALA A 14 -7.14 15.68 -10.65
N GLN A 15 -7.38 14.78 -11.60
CA GLN A 15 -7.19 15.11 -13.01
C GLN A 15 -8.10 14.26 -13.89
N THR A 16 -8.83 14.92 -14.78
CA THR A 16 -9.75 14.23 -15.68
C THR A 16 -9.01 13.23 -16.56
N GLN A 17 -9.72 12.67 -17.54
CA GLN A 17 -9.13 11.70 -18.45
C GLN A 17 -7.83 12.24 -19.06
N GLY A 18 -7.97 13.17 -20.00
CA GLY A 18 -6.80 13.75 -20.64
C GLY A 18 -5.85 12.70 -21.16
N PRO A 19 -4.62 13.12 -21.49
CA PRO A 19 -3.58 12.23 -22.02
C PRO A 19 -3.06 11.25 -20.96
N GLY A 20 -2.01 10.53 -21.29
CA GLY A 20 -1.44 9.57 -20.36
C GLY A 20 -1.15 10.19 -19.00
N SER A 21 -1.61 9.51 -17.94
CA SER A 21 -1.41 10.00 -16.58
C SER A 21 -0.52 9.05 -15.79
N MET A 22 0.63 8.71 -16.36
CA MET A 22 1.57 7.80 -15.71
C MET A 22 2.61 8.59 -14.91
N ASP A 23 2.35 8.76 -13.63
CA ASP A 23 3.28 9.50 -12.76
C ASP A 23 3.31 8.88 -11.37
N VAL A 24 3.52 7.57 -11.32
CA VAL A 24 3.58 6.86 -10.04
C VAL A 24 4.84 6.02 -9.94
N THR A 25 5.42 5.97 -8.75
CA THR A 25 6.65 5.21 -8.51
C THR A 25 6.45 4.20 -7.38
N ILE A 26 7.03 3.01 -7.55
CA ILE A 26 6.93 1.97 -6.55
C ILE A 26 8.30 1.61 -5.99
N TYR A 27 8.32 1.15 -4.74
CA TYR A 27 9.56 0.78 -4.08
C TYR A 27 9.45 -0.62 -3.46
N HIS A 28 10.19 -1.57 -4.03
CA HIS A 28 10.18 -2.94 -3.54
C HIS A 28 11.21 -3.78 -4.28
N ASN A 29 11.15 -5.09 -4.06
CA ASN A 29 12.08 -6.02 -4.72
C ASN A 29 11.38 -6.85 -5.77
N PRO A 30 12.16 -7.44 -6.69
CA PRO A 30 11.62 -8.27 -7.76
C PRO A 30 11.07 -9.60 -7.26
N VAL A 31 9.89 -9.54 -6.63
CA VAL A 31 9.25 -10.74 -6.10
C VAL A 31 8.05 -11.14 -6.95
N CYS A 32 8.17 -12.28 -7.63
CA CYS A 32 7.08 -12.78 -8.48
C CYS A 32 5.77 -12.81 -7.71
N GLY A 33 4.67 -12.97 -8.45
CA GLY A 33 3.36 -13.02 -7.83
C GLY A 33 2.90 -11.66 -7.35
N THR A 34 3.47 -11.19 -6.24
CA THR A 34 3.11 -9.90 -5.68
C THR A 34 3.45 -8.77 -6.63
N SER A 35 4.74 -8.67 -6.98
CA SER A 35 5.21 -7.63 -7.89
C SER A 35 4.49 -7.71 -9.23
N ARG A 36 4.35 -8.92 -9.75
CA ARG A 36 3.68 -9.13 -11.03
C ARG A 36 2.19 -8.79 -10.93
N LYS A 37 1.63 -8.97 -9.74
CA LYS A 37 0.22 -8.68 -9.51
C LYS A 37 -0.04 -7.17 -9.56
N VAL A 38 0.68 -6.42 -8.74
CA VAL A 38 0.54 -4.97 -8.70
C VAL A 38 0.86 -4.35 -10.05
N LEU A 39 1.93 -4.82 -10.67
CA LEU A 39 2.36 -4.30 -11.97
C LEU A 39 1.26 -4.50 -13.02
N GLY A 40 0.65 -5.68 -13.01
CA GLY A 40 -0.41 -5.98 -13.96
C GLY A 40 -1.64 -5.11 -13.74
N MET A 41 -2.03 -4.95 -12.48
CA MET A 41 -3.19 -4.15 -12.14
C MET A 41 -3.03 -2.72 -12.64
N ILE A 42 -1.91 -2.10 -12.28
CA ILE A 42 -1.62 -0.73 -12.70
C ILE A 42 -1.45 -0.63 -14.21
N ARG A 43 -0.52 -1.45 -14.74
CA ARG A 43 -0.24 -1.45 -16.17
C ARG A 43 -1.54 -1.63 -16.97
N GLU A 44 -2.39 -2.54 -16.52
CA GLU A 44 -3.66 -2.80 -17.19
C GLU A 44 -4.67 -1.70 -16.90
N ALA A 45 -4.51 -1.04 -15.77
CA ALA A 45 -5.41 0.04 -15.38
C ALA A 45 -5.21 1.26 -16.27
N GLY A 46 -4.00 1.40 -16.82
CA GLY A 46 -3.70 2.53 -17.68
C GLY A 46 -2.63 3.43 -17.11
N ILE A 47 -1.64 2.83 -16.45
CA ILE A 47 -0.55 3.59 -15.85
C ILE A 47 0.75 2.80 -15.88
N GLU A 48 1.85 3.49 -16.15
CA GLU A 48 3.16 2.85 -16.22
C GLU A 48 4.02 3.26 -15.02
N PRO A 49 3.88 2.53 -13.91
CA PRO A 49 4.64 2.80 -12.68
C PRO A 49 6.11 2.46 -12.83
N HIS A 50 6.96 3.30 -12.23
CA HIS A 50 8.40 3.10 -12.30
C HIS A 50 8.91 2.39 -11.03
N VAL A 51 9.47 1.20 -11.21
CA VAL A 51 10.00 0.43 -10.09
C VAL A 51 11.42 0.86 -9.74
N ILE A 52 11.61 1.29 -8.50
CA ILE A 52 12.91 1.73 -8.04
C ILE A 52 13.38 0.90 -6.84
N GLU A 53 14.40 0.07 -7.07
CA GLU A 53 14.95 -0.77 -6.01
C GLU A 53 16.14 -0.10 -5.34
N TYR A 54 15.88 0.51 -4.18
CA TYR A 54 16.93 1.20 -3.44
C TYR A 54 17.43 0.33 -2.28
N MET A 55 18.24 0.93 -1.41
CA MET A 55 18.79 0.22 -0.27
C MET A 55 17.67 -0.45 0.53
N LYS A 56 17.66 -1.78 0.52
CA LYS A 56 16.65 -2.54 1.25
C LYS A 56 17.09 -2.79 2.69
N THR A 57 16.15 -2.62 3.62
CA THR A 57 16.43 -2.82 5.04
C THR A 57 15.17 -2.64 5.88
N PRO A 58 14.94 -3.57 6.81
CA PRO A 58 13.78 -3.55 7.70
C PRO A 58 13.86 -2.42 8.72
N LEU A 59 12.73 -2.13 9.36
CA LEU A 59 12.67 -1.07 10.36
C LEU A 59 12.15 -1.60 11.69
N PRO A 60 12.44 -0.87 12.78
CA PRO A 60 12.01 -1.25 14.13
C PRO A 60 10.51 -1.11 14.32
N ARG A 61 9.95 -1.89 15.23
CA ARG A 61 8.51 -1.84 15.52
C ARG A 61 8.05 -0.42 15.75
N ASP A 62 8.78 0.30 16.61
CA ASP A 62 8.44 1.68 16.93
C ASP A 62 8.23 2.49 15.66
N MET A 63 9.28 2.57 14.84
CA MET A 63 9.22 3.32 13.59
C MET A 63 7.99 2.91 12.77
N LEU A 64 7.72 1.61 12.73
CA LEU A 64 6.59 1.09 11.98
C LEU A 64 5.27 1.59 12.57
N VAL A 65 5.24 1.73 13.90
CA VAL A 65 4.05 2.22 14.58
C VAL A 65 3.73 3.66 14.21
N GLU A 66 4.74 4.53 14.35
CA GLU A 66 4.57 5.94 14.02
C GLU A 66 4.33 6.13 12.53
N LEU A 67 4.90 5.24 11.71
CA LEU A 67 4.75 5.32 10.27
C LEU A 67 3.36 4.83 9.84
N LEU A 68 2.94 3.71 10.41
CA LEU A 68 1.62 3.14 10.09
C LEU A 68 0.50 4.00 10.65
N ARG A 69 0.75 4.59 11.82
CA ARG A 69 -0.24 5.45 12.46
C ARG A 69 -0.35 6.79 11.76
N GLN A 70 0.80 7.32 11.32
CA GLN A 70 0.83 8.60 10.62
C GLN A 70 0.39 8.44 9.17
N MET A 71 0.60 7.24 8.62
CA MET A 71 0.23 6.96 7.25
C MET A 71 -1.26 7.21 7.02
N ALA A 72 -2.09 6.46 7.73
CA ALA A 72 -3.54 6.59 7.62
C ALA A 72 -4.19 6.79 8.98
N ILE A 73 -4.17 5.74 9.80
CA ILE A 73 -4.77 5.79 11.13
C ILE A 73 -4.01 4.90 12.10
N SER A 74 -4.32 5.03 13.39
CA SER A 74 -3.68 4.23 14.42
C SER A 74 -3.63 2.76 14.03
N PRO A 75 -2.79 1.98 14.71
CA PRO A 75 -2.64 0.55 14.45
C PRO A 75 -3.86 -0.25 14.88
N ARG A 76 -4.79 0.41 15.58
CA ARG A 76 -6.00 -0.24 16.04
C ARG A 76 -6.96 -0.51 14.88
N ALA A 77 -7.04 0.44 13.96
CA ALA A 77 -7.91 0.30 12.80
C ALA A 77 -7.10 0.23 11.51
N LEU A 78 -5.93 -0.39 11.59
CA LEU A 78 -5.06 -0.53 10.43
C LEU A 78 -5.15 -1.94 9.83
N LEU A 79 -5.21 -2.93 10.72
CA LEU A 79 -5.30 -4.32 10.29
C LEU A 79 -6.49 -4.54 9.36
N ARG A 80 -6.22 -4.69 8.07
CA ARG A 80 -7.27 -4.90 7.08
C ARG A 80 -8.13 -6.10 7.46
N ALA A 81 -9.24 -6.27 6.74
CA ALA A 81 -10.15 -7.38 6.99
C ALA A 81 -9.56 -8.69 6.50
N LYS A 82 -8.98 -8.67 5.30
CA LYS A 82 -8.37 -9.86 4.72
C LYS A 82 -7.49 -10.58 5.74
N GLU A 83 -6.94 -9.82 6.67
CA GLU A 83 -6.08 -10.38 7.70
C GLU A 83 -6.91 -11.07 8.79
N ALA A 84 -7.76 -12.00 8.38
CA ALA A 84 -8.60 -12.73 9.32
C ALA A 84 -7.87 -12.99 10.64
N ARG A 85 -6.59 -13.30 10.54
CA ARG A 85 -5.78 -13.57 11.73
C ARG A 85 -5.94 -12.46 12.75
N TYR A 86 -5.85 -11.22 12.28
CA TYR A 86 -5.97 -10.06 13.17
C TYR A 86 -7.22 -10.18 14.05
N ALA A 87 -8.36 -10.40 13.42
CA ALA A 87 -9.62 -10.53 14.15
C ALA A 87 -9.64 -11.84 14.95
N GLU A 88 -9.02 -12.88 14.40
CA GLU A 88 -8.98 -14.18 15.06
C GLU A 88 -8.37 -14.06 16.44
N LEU A 89 -7.30 -13.27 16.56
CA LEU A 89 -6.62 -13.08 17.83
C LEU A 89 -7.46 -12.22 18.77
N GLY A 90 -8.54 -11.64 18.24
CA GLY A 90 -9.40 -10.80 19.04
C GLY A 90 -8.88 -9.38 19.16
N LEU A 91 -7.98 -9.01 18.25
CA LEU A 91 -7.39 -7.67 18.27
C LEU A 91 -8.49 -6.60 18.16
N ASP A 92 -9.56 -6.93 17.44
CA ASP A 92 -10.67 -6.00 17.26
C ASP A 92 -11.15 -5.47 18.60
N ASP A 93 -10.96 -6.25 19.66
CA ASP A 93 -11.37 -5.86 20.99
C ASP A 93 -10.87 -4.45 21.33
N PRO A 94 -11.81 -3.51 21.49
CA PRO A 94 -11.48 -2.12 21.81
C PRO A 94 -10.94 -1.96 23.23
N ALA A 95 -10.99 -3.04 24.01
CA ALA A 95 -10.50 -3.02 25.38
C ALA A 95 -9.00 -3.31 25.42
N LEU A 96 -8.39 -3.42 24.25
CA LEU A 96 -6.96 -3.70 24.17
C LEU A 96 -6.15 -2.40 24.16
N SER A 97 -4.84 -2.53 24.01
CA SER A 97 -3.95 -1.39 23.97
C SER A 97 -3.00 -1.46 22.78
N ASP A 98 -2.30 -0.36 22.53
CA ASP A 98 -1.35 -0.31 21.42
C ASP A 98 -0.23 -1.32 21.62
N GLU A 99 0.08 -1.62 22.87
CA GLU A 99 1.14 -2.58 23.18
C GLU A 99 0.87 -3.93 22.53
N VAL A 100 -0.34 -4.44 22.72
CA VAL A 100 -0.73 -5.72 22.14
C VAL A 100 -0.99 -5.60 20.64
N LEU A 101 -1.55 -4.46 20.24
CA LEU A 101 -1.85 -4.22 18.84
C LEU A 101 -0.58 -4.24 18.00
N ILE A 102 0.41 -3.46 18.42
CA ILE A 102 1.68 -3.39 17.71
C ILE A 102 2.45 -4.71 17.82
N ASP A 103 2.62 -5.19 19.04
CA ASP A 103 3.32 -6.44 19.29
C ASP A 103 2.78 -7.56 18.40
N ALA A 104 1.46 -7.57 18.21
CA ALA A 104 0.81 -8.57 17.38
C ALA A 104 1.09 -8.33 15.90
N MET A 105 0.98 -7.08 15.48
CA MET A 105 1.23 -6.72 14.10
C MET A 105 2.64 -7.10 13.66
N ILE A 106 3.62 -6.73 14.47
CA ILE A 106 5.01 -7.05 14.18
C ILE A 106 5.22 -8.54 14.01
N SER A 107 4.32 -9.33 14.61
CA SER A 107 4.41 -10.78 14.52
C SER A 107 3.70 -11.29 13.27
N ASN A 108 2.61 -10.64 12.91
CA ASN A 108 1.84 -11.02 11.74
C ASN A 108 2.56 -10.62 10.45
N PRO A 109 2.19 -11.24 9.33
CA PRO A 109 2.78 -10.96 8.02
C PRO A 109 2.40 -9.59 7.49
N VAL A 110 1.37 -8.99 8.09
CA VAL A 110 0.91 -7.68 7.68
C VAL A 110 1.97 -6.62 7.92
N LEU A 111 2.98 -6.97 8.72
CA LEU A 111 4.06 -6.04 9.03
C LEU A 111 4.91 -5.77 7.78
N MET A 112 4.71 -6.58 6.75
CA MET A 112 5.45 -6.42 5.50
C MET A 112 5.21 -5.04 4.89
N ASN A 113 6.11 -4.10 5.19
CA ASN A 113 6.00 -2.74 4.66
C ASN A 113 6.98 -2.51 3.53
N ARG A 114 7.72 -3.55 3.17
CA ARG A 114 8.70 -3.46 2.09
C ARG A 114 8.09 -2.82 0.85
N PRO A 115 7.04 -3.46 0.32
CA PRO A 115 6.33 -2.97 -0.88
C PRO A 115 5.54 -1.70 -0.60
N VAL A 116 6.06 -0.57 -1.07
CA VAL A 116 5.40 0.71 -0.87
C VAL A 116 5.19 1.43 -2.20
N VAL A 117 3.94 1.81 -2.47
CA VAL A 117 3.61 2.50 -3.71
C VAL A 117 3.44 4.00 -3.47
N VAL A 118 4.05 4.80 -4.32
CA VAL A 118 3.97 6.25 -4.21
C VAL A 118 3.19 6.85 -5.39
N THR A 119 2.05 7.45 -5.08
CA THR A 119 1.21 8.06 -6.11
C THR A 119 1.12 9.57 -5.92
N PRO A 120 0.76 10.28 -7.00
CA PRO A 120 0.63 11.75 -6.97
C PRO A 120 -0.57 12.19 -6.14
N LYS A 121 -1.38 11.25 -5.70
CA LYS A 121 -2.55 11.54 -4.90
C LYS A 121 -2.40 11.02 -3.48
N GLY A 122 -1.24 10.45 -3.19
CA GLY A 122 -0.98 9.92 -1.86
C GLY A 122 -0.06 8.72 -1.88
N VAL A 123 0.42 8.33 -0.71
CA VAL A 123 1.32 7.18 -0.59
C VAL A 123 0.70 6.08 0.27
N ARG A 124 1.00 4.84 -0.07
CA ARG A 124 0.48 3.70 0.67
C ARG A 124 1.22 2.41 0.29
N LEU A 125 0.95 1.34 1.03
CA LEU A 125 1.59 0.06 0.77
C LEU A 125 1.26 -0.44 -0.63
N CYS A 126 2.29 -0.85 -1.36
CA CYS A 126 2.12 -1.36 -2.72
C CYS A 126 1.33 -2.67 -2.71
N ARG A 127 1.37 -3.36 -1.58
CA ARG A 127 0.67 -4.64 -1.44
C ARG A 127 -0.06 -4.72 -0.11
N PRO A 128 -1.07 -5.60 -0.04
CA PRO A 128 -1.46 -6.45 -1.17
C PRO A 128 -2.12 -5.65 -2.29
N ALA A 129 -2.49 -6.33 -3.37
CA ALA A 129 -3.13 -5.69 -4.51
C ALA A 129 -4.39 -4.96 -4.08
N GLU A 130 -4.96 -5.36 -2.94
CA GLU A 130 -6.17 -4.73 -2.44
C GLU A 130 -5.90 -3.31 -1.94
N THR A 131 -4.72 -3.12 -1.36
CA THR A 131 -4.34 -1.81 -0.83
C THR A 131 -3.97 -0.86 -1.97
N VAL A 132 -3.14 -1.34 -2.89
CA VAL A 132 -2.71 -0.54 -4.02
C VAL A 132 -3.89 -0.18 -4.92
N GLN A 133 -4.79 -1.14 -5.10
CA GLN A 133 -5.97 -0.93 -5.94
C GLN A 133 -6.97 -0.01 -5.25
N GLU A 134 -6.91 0.04 -3.92
CA GLU A 134 -7.81 0.87 -3.14
C GLU A 134 -7.39 2.34 -3.20
N LEU A 135 -6.09 2.58 -3.09
CA LEU A 135 -5.56 3.94 -3.13
C LEU A 135 -5.53 4.46 -4.56
N LEU A 136 -5.20 3.60 -5.51
CA LEU A 136 -5.15 3.97 -6.91
C LEU A 136 -6.37 3.48 -7.66
N MET A 1 27.57 33.35 8.62
CA MET A 1 27.40 32.38 9.70
C MET A 1 26.24 32.76 10.61
N ALA A 2 25.23 31.92 10.66
CA ALA A 2 24.05 32.17 11.49
C ALA A 2 23.35 30.87 11.86
N HIS A 3 22.56 30.91 12.92
CA HIS A 3 21.83 29.74 13.38
C HIS A 3 20.33 29.88 13.09
N HIS A 4 19.75 28.85 12.48
CA HIS A 4 18.33 28.87 12.15
C HIS A 4 17.78 27.44 12.09
N HIS A 5 16.48 27.33 11.78
CA HIS A 5 15.84 26.02 11.68
C HIS A 5 14.53 26.12 10.90
N HIS A 6 14.19 25.05 10.20
CA HIS A 6 12.96 25.01 9.41
C HIS A 6 12.48 23.58 9.20
N HIS A 7 11.37 23.43 8.50
CA HIS A 7 10.80 22.11 8.23
C HIS A 7 9.60 22.20 7.30
N HIS A 8 9.09 21.05 6.88
CA HIS A 8 7.94 21.01 5.99
C HIS A 8 7.39 19.60 5.87
N MET A 9 6.22 19.46 5.26
CA MET A 9 5.59 18.16 5.09
C MET A 9 4.33 18.28 4.23
N GLY A 10 3.76 17.13 3.87
CA GLY A 10 2.56 17.13 3.06
C GLY A 10 2.14 15.73 2.65
N THR A 11 0.83 15.51 2.55
CA THR A 11 0.30 14.21 2.18
C THR A 11 -1.13 14.32 1.66
N LEU A 12 -1.55 13.33 0.86
CA LEU A 12 -2.89 13.32 0.30
C LEU A 12 -3.36 11.90 0.04
N GLU A 13 -4.61 11.77 -0.39
CA GLU A 13 -5.18 10.46 -0.68
C GLU A 13 -6.48 10.59 -1.47
N ALA A 14 -6.45 10.17 -2.73
CA ALA A 14 -7.62 10.24 -3.59
C ALA A 14 -7.39 9.52 -4.91
N GLN A 15 -8.36 9.61 -5.81
CA GLN A 15 -8.25 8.96 -7.11
C GLN A 15 -8.79 9.87 -8.22
N THR A 16 -8.07 9.90 -9.34
CA THR A 16 -8.47 10.73 -10.47
C THR A 16 -7.89 10.19 -11.78
N GLN A 17 -8.34 10.77 -12.89
CA GLN A 17 -7.86 10.34 -14.20
C GLN A 17 -7.30 11.53 -14.98
N GLY A 18 -6.97 11.28 -16.25
CA GLY A 18 -6.42 12.34 -17.08
C GLY A 18 -5.42 11.82 -18.09
N PRO A 19 -4.64 12.73 -18.69
CA PRO A 19 -3.63 12.38 -19.69
C PRO A 19 -2.44 11.62 -19.08
N GLY A 20 -1.40 11.44 -19.88
CA GLY A 20 -0.22 10.75 -19.40
C GLY A 20 0.33 11.35 -18.12
N SER A 21 0.05 10.71 -16.99
CA SER A 21 0.53 11.20 -15.71
C SER A 21 1.34 10.13 -14.99
N MET A 22 2.06 9.32 -15.77
CA MET A 22 2.88 8.25 -15.21
C MET A 22 4.01 8.84 -14.35
N ASP A 23 3.75 8.96 -13.05
CA ASP A 23 4.74 9.49 -12.13
C ASP A 23 4.61 8.86 -10.75
N VAL A 24 4.74 7.54 -10.69
CA VAL A 24 4.63 6.81 -9.44
C VAL A 24 5.84 5.91 -9.21
N THR A 25 6.42 5.98 -8.02
CA THR A 25 7.58 5.17 -7.68
C THR A 25 7.21 4.06 -6.72
N ILE A 26 7.57 2.83 -7.07
CA ILE A 26 7.28 1.67 -6.23
C ILE A 26 8.56 1.02 -5.72
N TYR A 27 8.61 0.75 -4.42
CA TYR A 27 9.77 0.13 -3.81
C TYR A 27 9.46 -1.29 -3.36
N HIS A 28 10.04 -2.27 -4.06
CA HIS A 28 9.82 -3.68 -3.73
C HIS A 28 10.80 -4.56 -4.49
N ASN A 29 10.63 -5.87 -4.34
CA ASN A 29 11.50 -6.83 -5.02
C ASN A 29 10.73 -7.61 -6.07
N PRO A 30 11.47 -8.13 -7.07
CA PRO A 30 10.86 -8.92 -8.16
C PRO A 30 10.35 -10.27 -7.69
N VAL A 31 9.22 -10.26 -7.00
CA VAL A 31 8.61 -11.49 -6.50
C VAL A 31 7.41 -11.90 -7.33
N CYS A 32 7.46 -13.11 -7.89
CA CYS A 32 6.38 -13.61 -8.72
C CYS A 32 5.04 -13.49 -8.00
N GLY A 33 3.97 -13.24 -8.75
CA GLY A 33 2.66 -13.11 -8.16
C GLY A 33 2.31 -11.66 -7.85
N THR A 34 2.89 -11.14 -6.77
CA THR A 34 2.64 -9.76 -6.35
C THR A 34 3.23 -8.78 -7.35
N SER A 35 4.38 -9.12 -7.92
CA SER A 35 5.06 -8.26 -8.88
C SER A 35 4.19 -8.06 -10.12
N ARG A 36 3.79 -9.16 -10.74
CA ARG A 36 2.96 -9.11 -11.93
C ARG A 36 1.57 -8.60 -11.61
N LYS A 37 1.09 -8.91 -10.41
CA LYS A 37 -0.23 -8.48 -9.98
C LYS A 37 -0.32 -6.94 -9.94
N VAL A 38 0.59 -6.33 -9.19
CA VAL A 38 0.62 -4.87 -9.07
C VAL A 38 1.01 -4.23 -10.38
N LEU A 39 2.15 -4.65 -10.93
CA LEU A 39 2.64 -4.11 -12.19
C LEU A 39 1.58 -4.21 -13.28
N GLY A 40 0.84 -5.30 -13.28
CA GLY A 40 -0.21 -5.50 -14.27
C GLY A 40 -1.39 -4.58 -14.06
N MET A 41 -1.81 -4.44 -12.80
CA MET A 41 -2.94 -3.58 -12.46
C MET A 41 -2.69 -2.15 -12.92
N ILE A 42 -1.53 -1.61 -12.54
CA ILE A 42 -1.16 -0.25 -12.91
C ILE A 42 -0.95 -0.12 -14.42
N ARG A 43 -0.07 -0.95 -14.95
CA ARG A 43 0.23 -0.93 -16.38
C ARG A 43 -1.06 -1.03 -17.21
N GLU A 44 -1.95 -1.91 -16.78
CA GLU A 44 -3.22 -2.11 -17.48
C GLU A 44 -4.18 -0.96 -17.19
N ALA A 45 -4.01 -0.34 -16.02
CA ALA A 45 -4.87 0.76 -15.60
C ALA A 45 -4.59 2.00 -16.44
N GLY A 46 -3.38 2.10 -16.97
CA GLY A 46 -3.01 3.24 -17.80
C GLY A 46 -1.93 4.10 -17.15
N ILE A 47 -0.97 3.44 -16.50
CA ILE A 47 0.12 4.14 -15.85
C ILE A 47 1.40 3.31 -15.87
N GLU A 48 2.54 3.99 -16.06
CA GLU A 48 3.83 3.32 -16.10
C GLU A 48 4.64 3.61 -14.84
N PRO A 49 4.46 2.77 -13.80
CA PRO A 49 5.17 2.92 -12.53
C PRO A 49 6.65 2.62 -12.65
N HIS A 50 7.45 3.21 -11.77
CA HIS A 50 8.89 3.00 -11.78
C HIS A 50 9.30 1.99 -10.69
N VAL A 51 9.78 0.83 -11.12
CA VAL A 51 10.20 -0.20 -10.18
C VAL A 51 11.57 0.11 -9.59
N ILE A 52 11.61 0.23 -8.26
CA ILE A 52 12.86 0.53 -7.57
C ILE A 52 13.33 -0.66 -6.73
N GLU A 53 14.62 -0.94 -6.78
CA GLU A 53 15.19 -2.05 -6.03
C GLU A 53 16.12 -1.54 -4.94
N TYR A 54 15.62 -1.46 -3.71
CA TYR A 54 16.40 -0.99 -2.57
C TYR A 54 15.83 -1.50 -1.26
N MET A 55 16.70 -1.80 -0.31
CA MET A 55 16.28 -2.29 0.99
C MET A 55 17.46 -2.38 1.95
N LYS A 56 17.33 -1.77 3.12
CA LYS A 56 18.38 -1.78 4.13
C LYS A 56 17.96 -1.02 5.38
N THR A 57 18.61 -1.32 6.49
CA THR A 57 18.29 -0.65 7.76
C THR A 57 16.79 -0.62 8.00
N PRO A 58 16.23 -1.75 8.44
CA PRO A 58 14.80 -1.88 8.72
C PRO A 58 14.38 -1.09 9.95
N LEU A 59 13.51 -0.09 9.75
CA LEU A 59 13.03 0.74 10.85
C LEU A 59 12.49 -0.12 11.98
N PRO A 60 12.62 0.39 13.22
CA PRO A 60 12.16 -0.32 14.42
C PRO A 60 10.64 -0.37 14.49
N ARG A 61 10.12 -1.21 15.38
CA ARG A 61 8.68 -1.36 15.56
C ARG A 61 8.02 0.01 15.74
N ASP A 62 8.56 0.80 16.67
CA ASP A 62 8.02 2.12 16.95
C ASP A 62 7.83 2.92 15.65
N MET A 63 8.92 3.10 14.91
CA MET A 63 8.87 3.84 13.65
C MET A 63 7.77 3.31 12.75
N LEU A 64 7.63 1.99 12.70
CA LEU A 64 6.61 1.36 11.88
C LEU A 64 5.21 1.72 12.36
N VAL A 65 5.07 1.89 13.68
CA VAL A 65 3.79 2.25 14.27
C VAL A 65 3.36 3.64 13.85
N GLU A 66 4.22 4.62 14.08
CA GLU A 66 3.93 6.00 13.72
C GLU A 66 3.77 6.15 12.20
N LEU A 67 4.49 5.32 11.46
CA LEU A 67 4.43 5.35 10.00
C LEU A 67 3.14 4.73 9.49
N LEU A 68 2.78 3.59 10.05
CA LEU A 68 1.56 2.88 9.66
C LEU A 68 0.32 3.63 10.15
N ARG A 69 0.44 4.25 11.31
CA ARG A 69 -0.67 5.00 11.89
C ARG A 69 -0.88 6.32 11.16
N GLN A 70 0.22 6.94 10.74
CA GLN A 70 0.15 8.21 10.03
C GLN A 70 -0.24 7.99 8.57
N MET A 71 0.09 6.83 8.04
CA MET A 71 -0.22 6.50 6.65
C MET A 71 -1.71 6.65 6.39
N ALA A 72 -2.53 5.88 7.10
CA ALA A 72 -3.97 5.94 6.94
C ALA A 72 -4.67 6.13 8.29
N ILE A 73 -4.60 5.11 9.14
CA ILE A 73 -5.22 5.17 10.45
C ILE A 73 -4.43 4.36 11.47
N SER A 74 -4.76 4.53 12.74
CA SER A 74 -4.07 3.82 13.82
C SER A 74 -3.95 2.34 13.50
N PRO A 75 -3.06 1.65 14.22
CA PRO A 75 -2.83 0.21 14.03
C PRO A 75 -4.01 -0.63 14.51
N ARG A 76 -4.96 0.01 15.16
CA ARG A 76 -6.15 -0.67 15.66
C ARG A 76 -7.07 -1.08 14.52
N ALA A 77 -7.17 -0.23 13.51
CA ALA A 77 -8.03 -0.50 12.36
C ALA A 77 -7.18 -0.66 11.08
N LEU A 78 -6.01 -1.25 11.23
CA LEU A 78 -5.11 -1.46 10.10
C LEU A 78 -5.20 -2.90 9.60
N LEU A 79 -5.20 -3.85 10.52
CA LEU A 79 -5.28 -5.26 10.18
C LEU A 79 -6.52 -5.54 9.33
N ARG A 80 -6.31 -5.77 8.04
CA ARG A 80 -7.40 -6.05 7.12
C ARG A 80 -8.15 -7.32 7.55
N ALA A 81 -9.24 -7.62 6.84
CA ALA A 81 -10.03 -8.80 7.14
C ALA A 81 -9.33 -10.06 6.69
N LYS A 82 -8.74 -10.02 5.49
CA LYS A 82 -8.02 -11.17 4.96
C LYS A 82 -7.08 -11.77 6.00
N GLU A 83 -6.63 -10.94 6.92
CA GLU A 83 -5.72 -11.40 7.97
C GLU A 83 -6.49 -12.09 9.09
N ALA A 84 -7.27 -13.11 8.71
CA ALA A 84 -8.06 -13.85 9.68
C ALA A 84 -7.33 -13.99 11.01
N ARG A 85 -6.01 -14.23 10.93
CA ARG A 85 -5.19 -14.38 12.12
C ARG A 85 -5.43 -13.23 13.10
N TYR A 86 -5.42 -12.00 12.57
CA TYR A 86 -5.63 -10.82 13.40
C TYR A 86 -6.87 -10.99 14.29
N ALA A 87 -7.99 -11.34 13.67
CA ALA A 87 -9.24 -11.53 14.41
C ALA A 87 -9.17 -12.79 15.29
N GLU A 88 -8.47 -13.80 14.80
CA GLU A 88 -8.32 -15.05 15.54
C GLU A 88 -7.73 -14.80 16.92
N LEU A 89 -6.72 -13.92 16.98
CA LEU A 89 -6.06 -13.59 18.23
C LEU A 89 -6.96 -12.73 19.12
N GLY A 90 -8.08 -12.28 18.55
CA GLY A 90 -9.00 -11.47 19.30
C GLY A 90 -8.60 -10.00 19.34
N LEU A 91 -7.72 -9.61 18.42
CA LEU A 91 -7.24 -8.24 18.35
C LEU A 91 -8.41 -7.27 18.18
N ASP A 92 -9.46 -7.73 17.52
CA ASP A 92 -10.64 -6.90 17.29
C ASP A 92 -11.14 -6.28 18.60
N ASP A 93 -10.86 -6.96 19.70
CA ASP A 93 -11.27 -6.47 21.02
C ASP A 93 -10.88 -5.01 21.20
N PRO A 94 -11.89 -4.13 21.32
CA PRO A 94 -11.67 -2.70 21.51
C PRO A 94 -11.10 -2.37 22.88
N ALA A 95 -11.05 -3.37 23.76
CA ALA A 95 -10.52 -3.19 25.10
C ALA A 95 -9.00 -3.24 25.10
N LEU A 96 -8.42 -3.66 23.99
CA LEU A 96 -6.97 -3.75 23.86
C LEU A 96 -6.35 -2.37 23.70
N SER A 97 -5.03 -2.33 23.51
CA SER A 97 -4.33 -1.07 23.35
C SER A 97 -3.30 -1.16 22.23
N ASP A 98 -2.75 -0.03 21.83
CA ASP A 98 -1.76 0.02 20.77
C ASP A 98 -0.57 -0.89 21.09
N GLU A 99 -0.28 -1.02 22.38
CA GLU A 99 0.83 -1.85 22.82
C GLU A 99 0.71 -3.27 22.25
N VAL A 100 -0.35 -3.96 22.64
CA VAL A 100 -0.59 -5.32 22.18
C VAL A 100 -0.80 -5.36 20.67
N LEU A 101 -1.48 -4.35 20.15
CA LEU A 101 -1.74 -4.25 18.71
C LEU A 101 -0.44 -4.27 17.91
N ILE A 102 0.48 -3.38 18.28
CA ILE A 102 1.76 -3.30 17.60
C ILE A 102 2.56 -4.59 17.77
N ASP A 103 2.73 -5.01 19.01
CA ASP A 103 3.47 -6.24 19.31
C ASP A 103 2.97 -7.40 18.45
N ALA A 104 1.66 -7.45 18.25
CA ALA A 104 1.05 -8.51 17.45
C ALA A 104 1.37 -8.33 15.97
N MET A 105 1.30 -7.09 15.50
CA MET A 105 1.58 -6.79 14.10
C MET A 105 3.03 -7.11 13.76
N ILE A 106 3.96 -6.64 14.58
CA ILE A 106 5.37 -6.88 14.36
C ILE A 106 5.68 -8.37 14.32
N SER A 107 4.79 -9.17 14.91
CA SER A 107 4.97 -10.61 14.94
C SER A 107 4.23 -11.27 13.77
N ASN A 108 3.16 -10.64 13.32
CA ASN A 108 2.38 -11.16 12.20
C ASN A 108 3.04 -10.83 10.87
N PRO A 109 2.64 -11.57 9.82
CA PRO A 109 3.19 -11.37 8.47
C PRO A 109 2.74 -10.06 7.85
N VAL A 110 1.69 -9.47 8.41
CA VAL A 110 1.16 -8.21 7.91
C VAL A 110 2.18 -7.09 8.05
N LEU A 111 3.21 -7.33 8.85
CA LEU A 111 4.26 -6.34 9.07
C LEU A 111 5.07 -6.12 7.79
N MET A 112 4.88 -6.99 6.82
CA MET A 112 5.60 -6.89 5.55
C MET A 112 5.21 -5.59 4.82
N ASN A 113 5.97 -4.54 5.08
CA ASN A 113 5.71 -3.25 4.45
C ASN A 113 6.74 -2.96 3.37
N ARG A 114 7.62 -3.92 3.12
CA ARG A 114 8.66 -3.78 2.10
C ARG A 114 8.08 -3.12 0.84
N PRO A 115 7.10 -3.79 0.23
CA PRO A 115 6.44 -3.30 -0.99
C PRO A 115 5.59 -2.07 -0.73
N VAL A 116 6.12 -0.90 -1.07
CA VAL A 116 5.40 0.36 -0.88
C VAL A 116 5.28 1.12 -2.20
N VAL A 117 4.08 1.66 -2.44
CA VAL A 117 3.82 2.42 -3.66
C VAL A 117 3.67 3.90 -3.36
N VAL A 118 4.52 4.73 -3.97
CA VAL A 118 4.47 6.16 -3.77
C VAL A 118 3.90 6.87 -4.99
N THR A 119 2.66 7.35 -4.86
CA THR A 119 1.98 8.04 -5.95
C THR A 119 1.91 9.54 -5.69
N PRO A 120 1.68 10.31 -6.75
CA PRO A 120 1.58 11.78 -6.66
C PRO A 120 0.32 12.23 -5.93
N LYS A 121 -0.54 11.27 -5.61
CA LYS A 121 -1.79 11.57 -4.90
C LYS A 121 -1.78 10.98 -3.50
N GLY A 122 -0.67 10.32 -3.14
CA GLY A 122 -0.56 9.72 -1.83
C GLY A 122 0.34 8.49 -1.83
N VAL A 123 0.71 8.04 -0.64
CA VAL A 123 1.56 6.86 -0.50
C VAL A 123 0.88 5.78 0.32
N ARG A 124 1.13 4.52 -0.04
CA ARG A 124 0.54 3.39 0.66
C ARG A 124 1.23 2.09 0.28
N LEU A 125 0.88 1.01 0.97
CA LEU A 125 1.46 -0.30 0.70
C LEU A 125 1.19 -0.73 -0.74
N CYS A 126 2.24 -1.16 -1.43
CA CYS A 126 2.11 -1.60 -2.82
C CYS A 126 1.29 -2.87 -2.91
N ARG A 127 1.24 -3.62 -1.82
CA ARG A 127 0.49 -4.87 -1.78
C ARG A 127 -0.25 -5.01 -0.45
N PRO A 128 -1.26 -5.90 -0.42
CA PRO A 128 -1.65 -6.69 -1.60
C PRO A 128 -2.29 -5.84 -2.68
N ALA A 129 -2.65 -6.48 -3.80
CA ALA A 129 -3.28 -5.76 -4.91
C ALA A 129 -4.51 -4.99 -4.45
N GLU A 130 -5.12 -5.44 -3.35
CA GLU A 130 -6.29 -4.79 -2.81
C GLU A 130 -5.96 -3.40 -2.28
N THR A 131 -4.89 -3.32 -1.48
CA THR A 131 -4.47 -2.05 -0.91
C THR A 131 -4.09 -1.06 -2.00
N VAL A 132 -3.24 -1.49 -2.92
CA VAL A 132 -2.79 -0.65 -4.01
C VAL A 132 -3.96 -0.24 -4.90
N GLN A 133 -4.92 -1.14 -5.04
CA GLN A 133 -6.10 -0.88 -5.87
C GLN A 133 -6.96 0.21 -5.26
N GLU A 134 -7.03 0.23 -3.93
CA GLU A 134 -7.82 1.22 -3.21
C GLU A 134 -7.15 2.58 -3.25
N LEU A 135 -5.83 2.59 -3.12
CA LEU A 135 -5.05 3.83 -3.13
C LEU A 135 -5.06 4.46 -4.52
N LEU A 136 -4.97 3.61 -5.54
CA LEU A 136 -4.97 4.07 -6.93
C LEU A 136 -6.31 3.80 -7.60
N MET A 1 14.26 10.70 19.98
CA MET A 1 12.95 10.09 19.81
C MET A 1 11.88 10.86 20.57
N ALA A 2 10.62 10.55 20.30
CA ALA A 2 9.50 11.21 20.97
C ALA A 2 8.22 10.41 20.81
N HIS A 3 7.42 10.36 21.87
CA HIS A 3 6.16 9.63 21.85
C HIS A 3 4.99 10.57 21.59
N HIS A 4 4.84 10.99 20.34
CA HIS A 4 3.76 11.89 19.96
C HIS A 4 2.60 11.12 19.32
N HIS A 5 2.45 9.86 19.72
CA HIS A 5 1.38 9.02 19.19
C HIS A 5 0.06 9.30 19.89
N HIS A 6 -1.04 9.19 19.15
CA HIS A 6 -2.36 9.44 19.70
C HIS A 6 -3.45 8.82 18.83
N HIS A 7 -4.70 9.01 19.21
CA HIS A 7 -5.82 8.47 18.46
C HIS A 7 -5.87 9.06 17.05
N HIS A 8 -6.86 8.64 16.27
CA HIS A 8 -7.02 9.12 14.90
C HIS A 8 -8.49 9.37 14.57
N MET A 9 -8.74 9.88 13.39
CA MET A 9 -10.11 10.16 12.95
C MET A 9 -10.13 10.65 11.51
N GLY A 10 -10.48 9.76 10.58
CA GLY A 10 -10.54 10.13 9.19
C GLY A 10 -9.80 9.15 8.30
N THR A 11 -10.07 9.20 6.99
CA THR A 11 -9.42 8.31 6.05
C THR A 11 -9.23 8.99 4.70
N LEU A 12 -8.40 8.39 3.85
CA LEU A 12 -8.13 8.94 2.52
C LEU A 12 -8.28 7.87 1.45
N GLU A 13 -8.23 8.29 0.18
CA GLU A 13 -8.36 7.36 -0.93
C GLU A 13 -8.11 8.08 -2.26
N ALA A 14 -7.71 7.32 -3.27
CA ALA A 14 -7.45 7.87 -4.59
C ALA A 14 -7.70 6.84 -5.69
N GLN A 15 -8.23 7.30 -6.82
CA GLN A 15 -8.52 6.41 -7.93
C GLN A 15 -8.65 7.20 -9.23
N THR A 16 -7.84 6.85 -10.22
CA THR A 16 -7.86 7.53 -11.52
C THR A 16 -7.50 6.57 -12.64
N GLN A 17 -7.93 6.91 -13.86
CA GLN A 17 -7.66 6.07 -15.02
C GLN A 17 -7.27 6.93 -16.22
N GLY A 18 -6.64 6.30 -17.20
CA GLY A 18 -6.23 7.03 -18.40
C GLY A 18 -4.91 6.53 -18.95
N PRO A 19 -4.32 7.30 -19.87
CA PRO A 19 -3.03 6.94 -20.50
C PRO A 19 -1.87 7.06 -19.52
N GLY A 20 -0.66 6.88 -20.03
CA GLY A 20 0.53 6.97 -19.20
C GLY A 20 0.77 8.37 -18.70
N SER A 21 2.03 8.81 -18.78
CA SER A 21 2.40 10.16 -18.33
C SER A 21 2.14 10.30 -16.82
N MET A 22 2.45 9.26 -16.07
CA MET A 22 2.26 9.27 -14.63
C MET A 22 3.54 9.71 -13.92
N ASP A 23 3.47 9.77 -12.59
CA ASP A 23 4.63 10.17 -11.79
C ASP A 23 4.61 9.48 -10.42
N VAL A 24 4.65 8.15 -10.43
CA VAL A 24 4.64 7.38 -9.20
C VAL A 24 5.81 6.41 -9.14
N THR A 25 6.47 6.35 -8.00
CA THR A 25 7.61 5.47 -7.81
C THR A 25 7.31 4.37 -6.80
N ILE A 26 7.75 3.15 -7.09
CA ILE A 26 7.52 2.01 -6.21
C ILE A 26 8.84 1.39 -5.76
N TYR A 27 8.84 0.84 -4.55
CA TYR A 27 10.04 0.22 -3.99
C TYR A 27 9.74 -1.20 -3.51
N HIS A 28 10.27 -2.19 -4.22
CA HIS A 28 10.06 -3.58 -3.86
C HIS A 28 10.88 -4.50 -4.76
N ASN A 29 11.05 -5.74 -4.33
CA ASN A 29 11.83 -6.72 -5.09
C ASN A 29 10.90 -7.57 -5.96
N PRO A 30 11.47 -8.15 -7.03
CA PRO A 30 10.73 -8.99 -7.97
C PRO A 30 10.32 -10.32 -7.36
N VAL A 31 9.09 -10.75 -7.64
CA VAL A 31 8.58 -12.01 -7.10
C VAL A 31 7.25 -12.38 -7.76
N CYS A 32 7.23 -13.53 -8.42
CA CYS A 32 6.02 -14.00 -9.10
C CYS A 32 4.82 -13.94 -8.16
N GLY A 33 3.62 -13.88 -8.73
CA GLY A 33 2.41 -13.82 -7.94
C GLY A 33 2.09 -12.40 -7.49
N THR A 34 2.81 -11.92 -6.49
CA THR A 34 2.59 -10.57 -5.98
C THR A 34 2.97 -9.51 -7.00
N SER A 35 4.07 -9.75 -7.70
CA SER A 35 4.55 -8.81 -8.72
C SER A 35 3.55 -8.69 -9.86
N ARG A 36 3.10 -9.84 -10.37
CA ARG A 36 2.15 -9.87 -11.46
C ARG A 36 0.81 -9.26 -11.04
N LYS A 37 0.41 -9.53 -9.80
CA LYS A 37 -0.84 -9.00 -9.27
C LYS A 37 -0.82 -7.48 -9.23
N VAL A 38 0.17 -6.92 -8.55
CA VAL A 38 0.30 -5.47 -8.44
C VAL A 38 0.46 -4.82 -9.82
N LEU A 39 1.43 -5.31 -10.59
CA LEU A 39 1.67 -4.78 -11.92
C LEU A 39 0.43 -4.89 -12.79
N GLY A 40 -0.32 -5.97 -12.62
CA GLY A 40 -1.53 -6.17 -13.39
C GLY A 40 -2.56 -5.09 -13.14
N MET A 41 -2.89 -4.87 -11.87
CA MET A 41 -3.86 -3.85 -11.50
C MET A 41 -3.42 -2.47 -11.96
N ILE A 42 -2.11 -2.21 -11.87
CA ILE A 42 -1.56 -0.93 -12.28
C ILE A 42 -1.66 -0.74 -13.79
N ARG A 43 -1.19 -1.74 -14.54
CA ARG A 43 -1.22 -1.69 -16.00
C ARG A 43 -2.64 -1.43 -16.50
N GLU A 44 -3.61 -2.10 -15.89
CA GLU A 44 -5.01 -1.93 -16.27
C GLU A 44 -5.57 -0.61 -15.75
N ALA A 45 -5.03 -0.15 -14.63
CA ALA A 45 -5.47 1.11 -14.03
C ALA A 45 -5.02 2.29 -14.87
N GLY A 46 -3.95 2.12 -15.62
CA GLY A 46 -3.43 3.19 -16.45
C GLY A 46 -2.36 4.00 -15.75
N ILE A 47 -1.46 3.32 -15.06
CA ILE A 47 -0.37 3.98 -14.34
C ILE A 47 0.98 3.38 -14.70
N GLU A 48 1.99 4.24 -14.86
CA GLU A 48 3.33 3.78 -15.20
C GLU A 48 4.29 3.99 -14.04
N PRO A 49 4.22 3.10 -13.04
CA PRO A 49 5.07 3.16 -11.85
C PRO A 49 6.53 2.84 -12.16
N HIS A 50 7.44 3.45 -11.41
CA HIS A 50 8.86 3.22 -11.62
C HIS A 50 9.43 2.33 -10.51
N VAL A 51 9.86 1.13 -10.90
CA VAL A 51 10.42 0.17 -9.95
C VAL A 51 11.85 0.55 -9.58
N ILE A 52 12.08 0.82 -8.30
CA ILE A 52 13.40 1.18 -7.82
C ILE A 52 13.84 0.29 -6.67
N GLU A 53 14.86 -0.53 -6.91
CA GLU A 53 15.36 -1.44 -5.89
C GLU A 53 16.38 -0.72 -4.99
N TYR A 54 16.03 -0.57 -3.72
CA TYR A 54 16.91 0.09 -2.76
C TYR A 54 17.22 -0.83 -1.58
N MET A 55 18.28 -0.52 -0.86
CA MET A 55 18.69 -1.32 0.29
C MET A 55 17.53 -1.50 1.26
N LYS A 56 17.57 -2.59 2.02
CA LYS A 56 16.52 -2.89 2.98
C LYS A 56 16.27 -1.70 3.90
N THR A 57 15.01 -1.54 4.31
CA THR A 57 14.64 -0.43 5.19
C THR A 57 14.08 -0.95 6.51
N PRO A 58 14.94 -1.61 7.30
CA PRO A 58 14.55 -2.16 8.60
C PRO A 58 14.28 -1.07 9.63
N LEU A 59 13.02 -0.95 10.03
CA LEU A 59 12.63 0.05 11.02
C LEU A 59 12.07 -0.61 12.27
N PRO A 60 12.17 0.09 13.41
CA PRO A 60 11.67 -0.42 14.70
C PRO A 60 10.15 -0.45 14.75
N ARG A 61 9.61 -1.12 15.77
CA ARG A 61 8.17 -1.24 15.93
C ARG A 61 7.51 0.14 15.97
N ASP A 62 8.07 1.02 16.80
CA ASP A 62 7.53 2.38 16.92
C ASP A 62 7.52 3.09 15.57
N MET A 63 8.68 3.16 14.94
CA MET A 63 8.80 3.82 13.64
C MET A 63 7.75 3.29 12.67
N LEU A 64 7.54 1.98 12.67
CA LEU A 64 6.56 1.35 11.80
C LEU A 64 5.15 1.79 12.15
N VAL A 65 4.91 2.00 13.45
CA VAL A 65 3.60 2.42 13.93
C VAL A 65 3.25 3.81 13.41
N GLU A 66 4.19 4.74 13.55
CA GLU A 66 3.98 6.11 13.09
C GLU A 66 3.91 6.18 11.58
N LEU A 67 4.65 5.29 10.92
CA LEU A 67 4.67 5.24 9.46
C LEU A 67 3.39 4.62 8.91
N LEU A 68 2.96 3.52 9.53
CA LEU A 68 1.74 2.84 9.10
C LEU A 68 0.51 3.65 9.44
N ARG A 69 0.55 4.35 10.57
CA ARG A 69 -0.57 5.16 11.01
C ARG A 69 -0.66 6.44 10.18
N GLN A 70 0.49 7.01 9.84
CA GLN A 70 0.53 8.23 9.04
C GLN A 70 0.30 7.93 7.56
N MET A 71 0.64 6.71 7.16
CA MET A 71 0.47 6.30 5.76
C MET A 71 -1.00 6.40 5.35
N ALA A 72 -1.86 5.65 6.04
CA ALA A 72 -3.28 5.66 5.74
C ALA A 72 -4.11 5.91 6.99
N ILE A 73 -4.11 4.93 7.90
CA ILE A 73 -4.87 5.04 9.14
C ILE A 73 -4.17 4.28 10.27
N SER A 74 -4.64 4.50 11.49
CA SER A 74 -4.08 3.83 12.66
C SER A 74 -3.92 2.34 12.41
N PRO A 75 -3.11 1.68 13.25
CA PRO A 75 -2.87 0.23 13.14
C PRO A 75 -4.09 -0.59 13.52
N ARG A 76 -5.11 0.07 14.04
CA ARG A 76 -6.34 -0.60 14.43
C ARG A 76 -7.14 -1.05 13.20
N ALA A 77 -7.14 -0.22 12.17
CA ALA A 77 -7.87 -0.53 10.94
C ALA A 77 -6.90 -0.69 9.77
N LEU A 78 -5.72 -1.23 10.06
CA LEU A 78 -4.70 -1.45 9.03
C LEU A 78 -4.78 -2.88 8.50
N LEU A 79 -4.86 -3.85 9.40
CA LEU A 79 -4.93 -5.25 9.02
C LEU A 79 -6.12 -5.50 8.09
N ARG A 80 -5.82 -5.70 6.82
CA ARG A 80 -6.86 -5.94 5.82
C ARG A 80 -7.64 -7.21 6.15
N ALA A 81 -8.74 -7.42 5.44
CA ALA A 81 -9.59 -8.59 5.67
C ALA A 81 -8.88 -9.87 5.22
N LYS A 82 -8.24 -9.80 4.06
CA LYS A 82 -7.52 -10.95 3.51
C LYS A 82 -6.65 -11.61 4.59
N GLU A 83 -6.21 -10.80 5.55
CA GLU A 83 -5.37 -11.30 6.63
C GLU A 83 -6.21 -12.02 7.69
N ALA A 84 -6.99 -13.00 7.25
CA ALA A 84 -7.83 -13.77 8.15
C ALA A 84 -7.17 -13.96 9.51
N ARG A 85 -5.85 -14.21 9.49
CA ARG A 85 -5.10 -14.41 10.72
C ARG A 85 -5.36 -13.28 11.71
N TYR A 86 -5.32 -12.04 11.23
CA TYR A 86 -5.56 -10.88 12.07
C TYR A 86 -6.83 -11.06 12.89
N ALA A 87 -7.94 -11.35 12.21
CA ALA A 87 -9.22 -11.54 12.87
C ALA A 87 -9.23 -12.83 13.67
N GLU A 88 -8.48 -13.82 13.21
CA GLU A 88 -8.41 -15.11 13.91
C GLU A 88 -7.82 -14.94 15.30
N LEU A 89 -6.83 -14.07 15.43
CA LEU A 89 -6.19 -13.81 16.71
C LEU A 89 -7.10 -13.00 17.62
N GLY A 90 -8.21 -12.52 17.08
CA GLY A 90 -9.14 -11.73 17.85
C GLY A 90 -8.73 -10.27 17.94
N LEU A 91 -7.86 -9.85 17.04
CA LEU A 91 -7.38 -8.47 17.03
C LEU A 91 -8.54 -7.50 16.81
N ASP A 92 -9.55 -7.94 16.06
CA ASP A 92 -10.71 -7.11 15.78
C ASP A 92 -11.44 -6.73 17.07
N ASP A 93 -11.16 -7.46 18.14
CA ASP A 93 -11.77 -7.20 19.43
C ASP A 93 -11.66 -5.72 19.81
N PRO A 94 -12.81 -5.08 20.02
CA PRO A 94 -12.86 -3.66 20.38
C PRO A 94 -12.35 -3.39 21.79
N ALA A 95 -12.08 -4.47 22.52
CA ALA A 95 -11.58 -4.36 23.88
C ALA A 95 -10.05 -4.41 23.91
N LEU A 96 -9.43 -4.10 22.77
CA LEU A 96 -7.98 -4.12 22.67
C LEU A 96 -7.43 -2.70 22.54
N SER A 97 -6.11 -2.60 22.37
CA SER A 97 -5.46 -1.30 22.25
C SER A 97 -4.31 -1.36 21.25
N ASP A 98 -3.79 -0.20 20.88
CA ASP A 98 -2.69 -0.11 19.93
C ASP A 98 -1.50 -0.97 20.39
N GLU A 99 -1.38 -1.13 21.71
CA GLU A 99 -0.30 -1.93 22.28
C GLU A 99 -0.29 -3.34 21.69
N VAL A 100 -1.37 -4.08 21.94
CA VAL A 100 -1.49 -5.44 21.44
C VAL A 100 -1.55 -5.46 19.92
N LEU A 101 -2.20 -4.47 19.34
CA LEU A 101 -2.34 -4.37 17.89
C LEU A 101 -0.97 -4.30 17.22
N ILE A 102 -0.14 -3.38 17.68
CA ILE A 102 1.21 -3.22 17.13
C ILE A 102 2.06 -4.46 17.39
N ASP A 103 2.13 -4.87 18.65
CA ASP A 103 2.91 -6.04 19.02
C ASP A 103 2.55 -7.23 18.14
N ALA A 104 1.27 -7.36 17.82
CA ALA A 104 0.80 -8.45 16.98
C ALA A 104 1.25 -8.28 15.53
N MET A 105 1.14 -7.04 15.04
CA MET A 105 1.52 -6.73 13.67
C MET A 105 3.01 -6.99 13.46
N ILE A 106 3.83 -6.45 14.35
CA ILE A 106 5.28 -6.62 14.26
C ILE A 106 5.66 -8.09 14.21
N SER A 107 4.81 -8.94 14.79
CA SER A 107 5.06 -10.38 14.83
C SER A 107 4.52 -11.04 13.57
N ASN A 108 3.43 -10.50 13.04
CA ASN A 108 2.81 -11.04 11.83
C ASN A 108 3.59 -10.61 10.59
N PRO A 109 3.36 -11.34 9.48
CA PRO A 109 4.03 -11.05 8.21
C PRO A 109 3.53 -9.77 7.57
N VAL A 110 2.38 -9.29 8.03
CA VAL A 110 1.79 -8.06 7.51
C VAL A 110 2.71 -6.86 7.78
N LEU A 111 3.66 -7.03 8.68
CA LEU A 111 4.60 -5.97 9.03
C LEU A 111 5.49 -5.64 7.85
N MET A 112 5.50 -6.50 6.84
CA MET A 112 6.32 -6.30 5.66
C MET A 112 6.11 -4.90 5.09
N ASN A 113 7.09 -4.03 5.31
CA ASN A 113 7.01 -2.66 4.83
C ASN A 113 7.91 -2.46 3.60
N ARG A 114 8.56 -3.55 3.18
CA ARG A 114 9.44 -3.49 2.02
C ARG A 114 8.74 -2.82 0.83
N PRO A 115 7.62 -3.42 0.39
CA PRO A 115 6.84 -2.89 -0.73
C PRO A 115 6.14 -1.58 -0.39
N VAL A 116 6.66 -0.48 -0.93
CA VAL A 116 6.08 0.83 -0.69
C VAL A 116 5.75 1.54 -1.99
N VAL A 117 4.59 2.20 -2.03
CA VAL A 117 4.15 2.91 -3.23
C VAL A 117 4.13 4.41 -2.98
N VAL A 118 4.80 5.16 -3.85
CA VAL A 118 4.85 6.61 -3.74
C VAL A 118 4.13 7.28 -4.90
N THR A 119 2.99 7.90 -4.60
CA THR A 119 2.20 8.59 -5.61
C THR A 119 2.11 10.08 -5.34
N PRO A 120 1.86 10.87 -6.40
CA PRO A 120 1.75 12.32 -6.28
C PRO A 120 0.49 12.75 -5.55
N LYS A 121 -0.37 11.79 -5.24
CA LYS A 121 -1.61 12.06 -4.53
C LYS A 121 -1.59 11.44 -3.14
N GLY A 122 -0.47 10.82 -2.79
CA GLY A 122 -0.34 10.19 -1.49
C GLY A 122 0.65 9.05 -1.48
N VAL A 123 0.88 8.47 -0.32
CA VAL A 123 1.83 7.36 -0.19
C VAL A 123 1.23 6.23 0.64
N ARG A 124 1.53 4.99 0.26
CA ARG A 124 1.01 3.82 0.96
C ARG A 124 1.76 2.57 0.53
N LEU A 125 1.77 1.55 1.41
CA LEU A 125 2.45 0.30 1.11
C LEU A 125 2.00 -0.26 -0.23
N CYS A 126 2.96 -0.66 -1.05
CA CYS A 126 2.67 -1.22 -2.37
C CYS A 126 1.90 -2.53 -2.25
N ARG A 127 2.01 -3.17 -1.08
CA ARG A 127 1.34 -4.43 -0.84
C ARG A 127 0.63 -4.42 0.51
N PRO A 128 -0.37 -5.31 0.67
CA PRO A 128 -0.77 -6.24 -0.39
C PRO A 128 -1.44 -5.55 -1.57
N ALA A 129 -1.82 -6.33 -2.58
CA ALA A 129 -2.47 -5.78 -3.75
C ALA A 129 -3.71 -4.97 -3.37
N GLU A 130 -4.27 -5.27 -2.21
CA GLU A 130 -5.46 -4.57 -1.72
C GLU A 130 -5.13 -3.12 -1.37
N THR A 131 -4.06 -2.93 -0.60
CA THR A 131 -3.63 -1.61 -0.18
C THR A 131 -3.32 -0.72 -1.39
N VAL A 132 -2.56 -1.27 -2.33
CA VAL A 132 -2.19 -0.53 -3.53
C VAL A 132 -3.42 -0.24 -4.40
N GLN A 133 -4.34 -1.20 -4.44
CA GLN A 133 -5.55 -1.05 -5.23
C GLN A 133 -6.49 -0.02 -4.59
N GLU A 134 -6.33 0.20 -3.29
CA GLU A 134 -7.16 1.15 -2.56
C GLU A 134 -6.63 2.58 -2.75
N LEU A 135 -5.32 2.74 -2.59
CA LEU A 135 -4.70 4.05 -2.73
C LEU A 135 -4.70 4.50 -4.19
N LEU A 136 -4.48 3.56 -5.09
CA LEU A 136 -4.48 3.85 -6.52
C LEU A 136 -5.71 3.29 -7.20
N MET A 1 -10.37 18.40 21.66
CA MET A 1 -9.42 19.19 20.90
C MET A 1 -9.30 18.68 19.47
N ALA A 2 -9.05 17.38 19.34
CA ALA A 2 -8.91 16.75 18.02
C ALA A 2 -10.17 16.99 17.17
N HIS A 3 -10.04 16.77 15.87
CA HIS A 3 -11.16 16.96 14.95
C HIS A 3 -10.90 16.25 13.63
N HIS A 4 -11.97 15.91 12.93
CA HIS A 4 -11.86 15.23 11.65
C HIS A 4 -13.11 15.42 10.81
N HIS A 5 -13.08 14.96 9.56
CA HIS A 5 -14.22 15.08 8.67
C HIS A 5 -14.18 14.00 7.58
N HIS A 6 -15.31 13.32 7.38
CA HIS A 6 -15.40 12.27 6.38
C HIS A 6 -16.47 12.61 5.34
N HIS A 7 -16.50 11.83 4.26
CA HIS A 7 -17.47 12.05 3.19
C HIS A 7 -18.38 10.82 3.03
N HIS A 8 -19.69 11.04 3.09
CA HIS A 8 -20.64 9.96 2.95
C HIS A 8 -20.75 9.51 1.50
N MET A 9 -21.00 10.46 0.60
CA MET A 9 -21.12 10.16 -0.81
C MET A 9 -20.35 11.17 -1.65
N GLY A 10 -20.27 10.92 -2.96
CA GLY A 10 -19.56 11.82 -3.85
C GLY A 10 -18.88 11.09 -4.98
N THR A 11 -19.44 11.20 -6.19
CA THR A 11 -18.87 10.54 -7.35
C THR A 11 -19.43 11.14 -8.64
N LEU A 12 -18.56 11.28 -9.64
CA LEU A 12 -18.97 11.84 -10.93
C LEU A 12 -17.85 11.70 -11.96
N GLU A 13 -18.12 12.17 -13.17
CA GLU A 13 -17.12 12.10 -14.24
C GLU A 13 -15.81 12.73 -13.81
N ALA A 14 -14.72 12.28 -14.42
CA ALA A 14 -13.39 12.80 -14.09
C ALA A 14 -12.81 13.60 -15.25
N GLN A 15 -12.34 12.90 -16.28
CA GLN A 15 -11.77 13.54 -17.46
C GLN A 15 -11.59 12.55 -18.59
N THR A 16 -11.72 13.04 -19.82
CA THR A 16 -11.58 12.20 -21.00
C THR A 16 -10.24 11.45 -20.98
N GLN A 17 -10.06 10.56 -21.95
CA GLN A 17 -8.83 9.78 -22.05
C GLN A 17 -7.60 10.70 -22.02
N GLY A 18 -7.43 11.47 -23.08
CA GLY A 18 -6.29 12.38 -23.15
C GLY A 18 -4.97 11.68 -22.87
N PRO A 19 -3.92 12.47 -22.62
CA PRO A 19 -2.58 11.94 -22.34
C PRO A 19 -2.51 11.25 -20.99
N GLY A 20 -1.87 10.08 -20.96
CA GLY A 20 -1.74 9.33 -19.73
C GLY A 20 -1.18 10.17 -18.59
N SER A 21 -1.42 9.73 -17.36
CA SER A 21 -0.95 10.45 -16.18
C SER A 21 0.09 9.64 -15.41
N MET A 22 0.70 8.68 -16.11
CA MET A 22 1.71 7.83 -15.49
C MET A 22 2.76 8.66 -14.77
N ASP A 23 2.69 8.68 -13.44
CA ASP A 23 3.64 9.43 -12.63
C ASP A 23 3.67 8.90 -11.20
N VAL A 24 3.93 7.61 -11.06
CA VAL A 24 3.99 6.97 -9.75
C VAL A 24 5.29 6.19 -9.58
N THR A 25 5.91 6.33 -8.42
CA THR A 25 7.17 5.63 -8.13
C THR A 25 6.96 4.55 -7.07
N ILE A 26 7.48 3.36 -7.34
CA ILE A 26 7.36 2.25 -6.41
C ILE A 26 8.73 1.80 -5.90
N TYR A 27 8.75 1.24 -4.70
CA TYR A 27 10.00 0.76 -4.10
C TYR A 27 9.83 -0.64 -3.53
N HIS A 28 10.40 -1.63 -4.22
CA HIS A 28 10.32 -3.02 -3.78
C HIS A 28 11.30 -3.88 -4.56
N ASN A 29 11.17 -5.21 -4.40
CA ASN A 29 12.04 -6.14 -5.09
C ASN A 29 11.24 -7.08 -5.99
N PRO A 30 11.93 -7.69 -6.96
CA PRO A 30 11.30 -8.62 -7.91
C PRO A 30 10.88 -9.94 -7.24
N VAL A 31 9.62 -10.30 -7.41
CA VAL A 31 9.10 -11.53 -6.83
C VAL A 31 7.87 -12.03 -7.59
N CYS A 32 7.98 -13.21 -8.18
CA CYS A 32 6.89 -13.80 -8.93
C CYS A 32 5.60 -13.80 -8.11
N GLY A 33 4.47 -13.76 -8.81
CA GLY A 33 3.18 -13.74 -8.14
C GLY A 33 2.83 -12.38 -7.58
N THR A 34 3.45 -12.01 -6.46
CA THR A 34 3.20 -10.73 -5.83
C THR A 34 3.50 -9.58 -6.78
N SER A 35 4.75 -9.48 -7.21
CA SER A 35 5.17 -8.43 -8.12
C SER A 35 4.30 -8.41 -9.38
N ARG A 36 4.06 -9.60 -9.92
CA ARG A 36 3.24 -9.74 -11.13
C ARG A 36 1.81 -9.29 -10.87
N LYS A 37 1.36 -9.45 -9.64
CA LYS A 37 0.01 -9.05 -9.26
C LYS A 37 -0.13 -7.54 -9.23
N VAL A 38 0.74 -6.87 -8.47
CA VAL A 38 0.70 -5.42 -8.37
C VAL A 38 1.02 -4.77 -9.71
N LEU A 39 2.14 -5.15 -10.30
CA LEU A 39 2.55 -4.61 -11.59
C LEU A 39 1.45 -4.75 -12.63
N GLY A 40 0.74 -5.88 -12.58
CA GLY A 40 -0.34 -6.12 -13.52
C GLY A 40 -1.54 -5.22 -13.28
N MET A 41 -1.93 -5.09 -12.01
CA MET A 41 -3.06 -4.24 -11.66
C MET A 41 -2.85 -2.82 -12.14
N ILE A 42 -1.70 -2.25 -11.81
CA ILE A 42 -1.38 -0.88 -12.22
C ILE A 42 -1.24 -0.78 -13.73
N ARG A 43 -0.41 -1.63 -14.30
CA ARG A 43 -0.19 -1.64 -15.75
C ARG A 43 -1.51 -1.73 -16.50
N GLU A 44 -2.38 -2.61 -16.04
CA GLU A 44 -3.69 -2.79 -16.67
C GLU A 44 -4.63 -1.65 -16.31
N ALA A 45 -4.38 -1.02 -15.17
CA ALA A 45 -5.21 0.09 -14.70
C ALA A 45 -5.00 1.32 -15.57
N GLY A 46 -3.83 1.42 -16.19
CA GLY A 46 -3.53 2.55 -17.05
C GLY A 46 -2.46 3.46 -16.48
N ILE A 47 -1.46 2.85 -15.84
CA ILE A 47 -0.37 3.60 -15.23
C ILE A 47 0.95 2.85 -15.35
N GLU A 48 2.03 3.59 -15.60
CA GLU A 48 3.35 2.98 -15.73
C GLU A 48 4.23 3.33 -14.53
N PRO A 49 4.10 2.54 -13.45
CA PRO A 49 4.87 2.73 -12.22
C PRO A 49 6.35 2.41 -12.40
N HIS A 50 7.20 3.24 -11.82
CA HIS A 50 8.65 3.04 -11.92
C HIS A 50 9.18 2.29 -10.70
N VAL A 51 9.83 1.16 -10.95
CA VAL A 51 10.38 0.35 -9.87
C VAL A 51 11.80 0.80 -9.51
N ILE A 52 11.98 1.21 -8.27
CA ILE A 52 13.29 1.66 -7.80
C ILE A 52 13.73 0.89 -6.56
N GLU A 53 15.00 0.49 -6.53
CA GLU A 53 15.55 -0.25 -5.41
C GLU A 53 16.34 0.67 -4.49
N TYR A 54 15.91 0.75 -3.23
CA TYR A 54 16.58 1.60 -2.25
C TYR A 54 16.87 0.82 -0.98
N MET A 55 18.10 0.96 -0.48
CA MET A 55 18.52 0.27 0.74
C MET A 55 19.08 1.26 1.76
N LYS A 56 18.21 1.77 2.62
CA LYS A 56 18.62 2.72 3.65
C LYS A 56 17.44 3.15 4.51
N THR A 57 17.69 4.04 5.46
CA THR A 57 16.64 4.52 6.35
C THR A 57 15.81 3.37 6.90
N PRO A 58 16.35 2.69 7.92
CA PRO A 58 15.67 1.55 8.56
C PRO A 58 14.45 1.99 9.36
N LEU A 59 13.41 1.17 9.33
CA LEU A 59 12.17 1.46 10.06
C LEU A 59 11.68 0.24 10.83
N PRO A 60 12.09 0.14 12.10
CA PRO A 60 11.70 -0.97 12.98
C PRO A 60 10.22 -0.93 13.34
N ARG A 61 9.82 -1.81 14.25
CA ARG A 61 8.43 -1.89 14.69
C ARG A 61 7.93 -0.51 15.11
N ASP A 62 8.73 0.20 15.90
CA ASP A 62 8.36 1.52 16.37
C ASP A 62 8.13 2.48 15.20
N MET A 63 8.99 2.37 14.19
CA MET A 63 8.88 3.22 13.01
C MET A 63 7.62 2.89 12.21
N LEU A 64 7.28 1.60 12.17
CA LEU A 64 6.09 1.15 11.44
C LEU A 64 4.82 1.64 12.11
N VAL A 65 4.73 1.44 13.42
CA VAL A 65 3.56 1.87 14.19
C VAL A 65 3.42 3.38 14.16
N GLU A 66 4.55 4.08 14.23
CA GLU A 66 4.55 5.54 14.21
C GLU A 66 4.15 6.07 12.84
N LEU A 67 4.56 5.37 11.79
CA LEU A 67 4.24 5.77 10.43
C LEU A 67 2.81 5.42 10.07
N LEU A 68 2.37 4.24 10.52
CA LEU A 68 1.02 3.78 10.26
C LEU A 68 0.00 4.57 11.08
N ARG A 69 0.39 4.93 12.29
CA ARG A 69 -0.49 5.69 13.19
C ARG A 69 -0.59 7.15 12.74
N GLN A 70 0.54 7.70 12.31
CA GLN A 70 0.58 9.09 11.86
C GLN A 70 0.02 9.22 10.44
N MET A 71 0.12 8.14 9.68
CA MET A 71 -0.38 8.13 8.30
C MET A 71 -1.87 8.43 8.27
N ALA A 72 -2.66 7.58 8.90
CA ALA A 72 -4.11 7.76 8.94
C ALA A 72 -4.63 7.70 10.37
N ILE A 73 -4.59 6.51 10.96
CA ILE A 73 -5.05 6.32 12.34
C ILE A 73 -4.24 5.25 13.05
N SER A 74 -4.44 5.14 14.36
CA SER A 74 -3.72 4.15 15.16
C SER A 74 -3.79 2.76 14.50
N PRO A 75 -2.92 1.86 14.96
CA PRO A 75 -2.85 0.49 14.43
C PRO A 75 -4.07 -0.34 14.81
N ARG A 76 -4.92 0.22 15.68
CA ARG A 76 -6.12 -0.47 16.13
C ARG A 76 -7.15 -0.54 15.01
N ALA A 77 -7.23 0.52 14.22
CA ALA A 77 -8.17 0.57 13.10
C ALA A 77 -7.45 0.61 11.77
N LEU A 78 -6.37 -0.14 11.66
CA LEU A 78 -5.58 -0.19 10.44
C LEU A 78 -5.74 -1.54 9.74
N LEU A 79 -5.71 -2.62 10.52
CA LEU A 79 -5.86 -3.96 9.98
C LEU A 79 -7.14 -4.08 9.16
N ARG A 80 -6.99 -4.12 7.84
CA ARG A 80 -8.15 -4.24 6.95
C ARG A 80 -8.96 -5.48 7.28
N ALA A 81 -10.11 -5.62 6.64
CA ALA A 81 -10.99 -6.76 6.87
C ALA A 81 -10.42 -8.02 6.22
N LYS A 82 -9.90 -7.87 5.00
CA LYS A 82 -9.33 -9.00 4.27
C LYS A 82 -8.39 -9.80 5.17
N GLU A 83 -7.79 -9.13 6.14
CA GLU A 83 -6.88 -9.79 7.07
C GLU A 83 -7.64 -10.55 8.15
N ALA A 84 -8.54 -11.43 7.73
CA ALA A 84 -9.34 -12.22 8.66
C ALA A 84 -8.53 -12.59 9.90
N ARG A 85 -7.26 -12.92 9.70
CA ARG A 85 -6.38 -13.29 10.80
C ARG A 85 -6.44 -12.25 11.92
N TYR A 86 -6.36 -10.98 11.54
CA TYR A 86 -6.41 -9.89 12.51
C TYR A 86 -7.59 -10.06 13.46
N ALA A 87 -8.78 -10.22 12.90
CA ALA A 87 -9.99 -10.40 13.69
C ALA A 87 -10.00 -11.75 14.38
N GLU A 88 -9.41 -12.74 13.73
CA GLU A 88 -9.34 -14.09 14.29
C GLU A 88 -8.62 -14.09 15.63
N LEU A 89 -7.55 -13.31 15.73
CA LEU A 89 -6.78 -13.23 16.96
C LEU A 89 -7.52 -12.43 18.02
N GLY A 90 -8.63 -11.81 17.62
CA GLY A 90 -9.42 -11.03 18.55
C GLY A 90 -8.87 -9.63 18.73
N LEU A 91 -8.05 -9.18 17.78
CA LEU A 91 -7.46 -7.86 17.84
C LEU A 91 -8.53 -6.77 17.85
N ASP A 92 -9.66 -7.07 17.21
CA ASP A 92 -10.77 -6.12 17.15
C ASP A 92 -11.27 -5.76 18.56
N ASP A 93 -10.93 -6.61 19.53
CA ASP A 93 -11.33 -6.38 20.91
C ASP A 93 -10.98 -4.97 21.35
N PRO A 94 -12.01 -4.20 21.75
CA PRO A 94 -11.85 -2.82 22.21
C PRO A 94 -11.13 -2.72 23.55
N ALA A 95 -10.92 -3.88 24.17
CA ALA A 95 -10.24 -3.92 25.46
C ALA A 95 -8.75 -4.19 25.28
N LEU A 96 -8.21 -3.79 24.15
CA LEU A 96 -6.80 -3.98 23.85
C LEU A 96 -6.06 -2.64 23.81
N SER A 97 -4.77 -2.69 23.48
CA SER A 97 -3.96 -1.49 23.41
C SER A 97 -2.94 -1.58 22.28
N ASP A 98 -2.30 -0.46 21.97
CA ASP A 98 -1.29 -0.42 20.91
C ASP A 98 -0.22 -1.49 21.13
N GLU A 99 0.01 -1.83 22.40
CA GLU A 99 1.01 -2.83 22.75
C GLU A 99 0.76 -4.14 22.01
N VAL A 100 -0.38 -4.75 22.28
CA VAL A 100 -0.75 -6.01 21.64
C VAL A 100 -0.98 -5.82 20.14
N LEU A 101 -1.56 -4.69 19.78
CA LEU A 101 -1.83 -4.38 18.37
C LEU A 101 -0.55 -4.40 17.56
N ILE A 102 0.46 -3.67 18.02
CA ILE A 102 1.75 -3.61 17.33
C ILE A 102 2.44 -4.97 17.34
N ASP A 103 2.59 -5.54 18.53
CA ASP A 103 3.22 -6.84 18.68
C ASP A 103 2.62 -7.86 17.72
N ALA A 104 1.32 -7.75 17.48
CA ALA A 104 0.63 -8.65 16.58
C ALA A 104 0.97 -8.36 15.12
N MET A 105 0.92 -7.09 14.75
CA MET A 105 1.24 -6.69 13.39
C MET A 105 2.68 -7.04 13.04
N ILE A 106 3.60 -6.70 13.93
CA ILE A 106 5.02 -6.99 13.71
C ILE A 106 5.25 -8.47 13.47
N SER A 107 4.32 -9.29 13.95
CA SER A 107 4.42 -10.74 13.80
C SER A 107 3.76 -11.19 12.49
N ASN A 108 2.67 -10.53 12.14
CA ASN A 108 1.94 -10.87 10.91
C ASN A 108 2.72 -10.41 9.68
N PRO A 109 2.36 -10.97 8.51
CA PRO A 109 3.00 -10.63 7.24
C PRO A 109 2.66 -9.21 6.78
N VAL A 110 1.61 -8.64 7.35
CA VAL A 110 1.19 -7.29 7.00
C VAL A 110 2.26 -6.26 7.35
N LEU A 111 3.21 -6.67 8.18
CA LEU A 111 4.30 -5.80 8.59
C LEU A 111 5.19 -5.44 7.41
N MET A 112 5.04 -6.17 6.31
CA MET A 112 5.82 -5.92 5.11
C MET A 112 5.72 -4.46 4.68
N ASN A 113 6.74 -3.68 5.02
CA ASN A 113 6.76 -2.26 4.68
C ASN A 113 7.71 -2.00 3.51
N ARG A 114 8.47 -3.02 3.14
CA ARG A 114 9.43 -2.89 2.04
C ARG A 114 8.76 -2.29 0.81
N PRO A 115 7.72 -2.97 0.30
CA PRO A 115 6.98 -2.51 -0.88
C PRO A 115 6.15 -1.25 -0.59
N VAL A 116 6.63 -0.12 -1.10
CA VAL A 116 5.93 1.15 -0.90
C VAL A 116 5.63 1.82 -2.24
N VAL A 117 4.37 2.17 -2.45
CA VAL A 117 3.95 2.83 -3.68
C VAL A 117 3.68 4.31 -3.45
N VAL A 118 4.32 5.15 -4.26
CA VAL A 118 4.15 6.60 -4.15
C VAL A 118 3.41 7.16 -5.35
N THR A 119 2.17 7.61 -5.13
CA THR A 119 1.36 8.17 -6.21
C THR A 119 1.19 9.67 -6.03
N PRO A 120 0.85 10.36 -7.14
CA PRO A 120 0.65 11.82 -7.14
C PRO A 120 -0.60 12.23 -6.37
N LYS A 121 -1.38 11.24 -5.93
CA LYS A 121 -2.60 11.49 -5.20
C LYS A 121 -2.48 11.01 -3.75
N GLY A 122 -1.31 10.47 -3.41
CA GLY A 122 -1.09 9.98 -2.07
C GLY A 122 -0.05 8.87 -2.02
N VAL A 123 0.39 8.53 -0.81
CA VAL A 123 1.39 7.48 -0.63
C VAL A 123 0.85 6.35 0.24
N ARG A 124 1.25 5.12 -0.07
CA ARG A 124 0.81 3.95 0.68
C ARG A 124 1.65 2.73 0.33
N LEU A 125 1.45 1.65 1.08
CA LEU A 125 2.19 0.41 0.86
C LEU A 125 1.82 -0.20 -0.49
N CYS A 126 2.83 -0.55 -1.27
CA CYS A 126 2.62 -1.15 -2.58
C CYS A 126 1.98 -2.53 -2.45
N ARG A 127 2.15 -3.15 -1.28
CA ARG A 127 1.60 -4.47 -1.04
C ARG A 127 0.95 -4.53 0.34
N PRO A 128 0.00 -5.47 0.51
CA PRO A 128 -0.40 -6.39 -0.56
C PRO A 128 -1.16 -5.68 -1.68
N ALA A 129 -1.54 -6.44 -2.69
CA ALA A 129 -2.28 -5.89 -3.82
C ALA A 129 -3.58 -5.24 -3.36
N GLU A 130 -4.05 -5.61 -2.19
CA GLU A 130 -5.28 -5.06 -1.64
C GLU A 130 -5.08 -3.61 -1.21
N THR A 131 -3.89 -3.30 -0.70
CA THR A 131 -3.57 -1.95 -0.26
C THR A 131 -3.32 -1.03 -1.44
N VAL A 132 -2.52 -1.49 -2.39
CA VAL A 132 -2.20 -0.71 -3.58
C VAL A 132 -3.44 -0.47 -4.43
N GLN A 133 -4.28 -1.50 -4.55
CA GLN A 133 -5.51 -1.41 -5.33
C GLN A 133 -6.52 -0.49 -4.65
N GLU A 134 -6.42 -0.39 -3.33
CA GLU A 134 -7.32 0.45 -2.57
C GLU A 134 -6.96 1.94 -2.71
N LEU A 135 -5.67 2.21 -2.64
CA LEU A 135 -5.18 3.59 -2.76
C LEU A 135 -5.33 4.09 -4.20
N LEU A 136 -5.08 3.22 -5.16
CA LEU A 136 -5.20 3.58 -6.57
C LEU A 136 -6.44 2.94 -7.19
N MET A 1 -60.56 -8.81 -1.66
CA MET A 1 -59.19 -8.69 -2.17
C MET A 1 -58.47 -7.53 -1.48
N ALA A 2 -57.15 -7.52 -1.62
CA ALA A 2 -56.33 -6.47 -1.01
C ALA A 2 -56.17 -5.28 -1.97
N HIS A 3 -56.28 -4.08 -1.44
CA HIS A 3 -56.14 -2.87 -2.25
C HIS A 3 -54.83 -2.16 -1.95
N HIS A 4 -54.30 -2.37 -0.75
CA HIS A 4 -53.04 -1.76 -0.33
C HIS A 4 -51.89 -2.25 -1.21
N HIS A 5 -50.73 -1.61 -1.08
CA HIS A 5 -49.55 -1.98 -1.86
C HIS A 5 -48.33 -1.19 -1.40
N HIS A 6 -47.17 -1.59 -1.90
CA HIS A 6 -45.92 -0.92 -1.53
C HIS A 6 -44.95 -0.90 -2.71
N HIS A 7 -43.84 -0.19 -2.55
CA HIS A 7 -42.83 -0.09 -3.61
C HIS A 7 -41.45 0.15 -3.01
N HIS A 8 -40.45 0.31 -3.88
CA HIS A 8 -39.09 0.54 -3.44
C HIS A 8 -38.20 0.95 -4.61
N MET A 9 -36.97 1.34 -4.31
CA MET A 9 -36.03 1.76 -5.34
C MET A 9 -34.61 1.86 -4.78
N GLY A 10 -33.62 1.82 -5.66
CA GLY A 10 -32.24 1.91 -5.23
C GLY A 10 -31.41 2.84 -6.11
N THR A 11 -30.11 2.82 -5.90
CA THR A 11 -29.20 3.67 -6.68
C THR A 11 -27.78 3.12 -6.65
N LEU A 12 -26.93 3.63 -7.54
CA LEU A 12 -25.54 3.20 -7.60
C LEU A 12 -24.73 4.10 -8.54
N GLU A 13 -23.41 4.01 -8.46
CA GLU A 13 -22.53 4.81 -9.29
C GLU A 13 -21.22 4.08 -9.56
N ALA A 14 -20.30 4.76 -10.26
CA ALA A 14 -19.02 4.17 -10.59
C ALA A 14 -17.99 5.26 -10.94
N GLN A 15 -16.79 4.83 -11.31
CA GLN A 15 -15.74 5.77 -11.67
C GLN A 15 -15.17 5.44 -13.05
N THR A 16 -14.15 6.20 -13.46
CA THR A 16 -13.52 5.98 -14.75
C THR A 16 -12.03 6.30 -14.70
N GLN A 17 -11.36 6.22 -15.84
CA GLN A 17 -9.94 6.49 -15.93
C GLN A 17 -9.69 7.96 -16.26
N GLY A 18 -8.42 8.30 -16.48
CA GLY A 18 -8.07 9.67 -16.81
C GLY A 18 -6.95 9.75 -17.82
N PRO A 19 -6.45 10.98 -18.06
CA PRO A 19 -5.36 11.23 -19.01
C PRO A 19 -4.03 10.68 -18.52
N GLY A 20 -3.01 10.76 -19.37
CA GLY A 20 -1.69 10.27 -18.99
C GLY A 20 -1.11 11.04 -17.83
N SER A 21 -1.29 10.51 -16.62
CA SER A 21 -0.78 11.15 -15.41
C SER A 21 0.14 10.21 -14.64
N MET A 22 0.74 9.26 -15.36
CA MET A 22 1.64 8.30 -14.74
C MET A 22 2.71 9.01 -13.92
N ASP A 23 2.59 8.90 -12.59
CA ASP A 23 3.55 9.53 -11.70
C ASP A 23 3.54 8.85 -10.33
N VAL A 24 3.79 7.54 -10.32
CA VAL A 24 3.82 6.78 -9.09
C VAL A 24 5.16 6.07 -8.90
N THR A 25 5.74 6.23 -7.72
CA THR A 25 7.02 5.61 -7.41
C THR A 25 6.87 4.52 -6.35
N ILE A 26 7.56 3.40 -6.56
CA ILE A 26 7.50 2.29 -5.61
C ILE A 26 8.87 2.02 -4.99
N TYR A 27 8.86 1.58 -3.74
CA TYR A 27 10.09 1.29 -3.03
C TYR A 27 10.08 -0.13 -2.47
N HIS A 28 11.16 -0.88 -2.73
CA HIS A 28 11.27 -2.25 -2.26
C HIS A 28 10.20 -3.13 -2.88
N ASN A 29 10.30 -3.36 -4.18
CA ASN A 29 9.33 -4.19 -4.90
C ASN A 29 9.21 -5.57 -4.25
N PRO A 30 8.03 -6.19 -4.40
CA PRO A 30 7.76 -7.51 -3.84
C PRO A 30 8.55 -8.62 -4.54
N VAL A 31 8.16 -9.85 -4.28
CA VAL A 31 8.83 -11.01 -4.89
C VAL A 31 8.11 -11.46 -6.14
N CYS A 32 8.68 -12.46 -6.82
CA CYS A 32 8.09 -12.98 -8.04
C CYS A 32 6.60 -13.24 -7.86
N GLY A 33 5.88 -13.34 -8.98
CA GLY A 33 4.44 -13.58 -8.92
C GLY A 33 3.66 -12.35 -8.49
N THR A 34 3.75 -12.03 -7.20
CA THR A 34 3.05 -10.87 -6.66
C THR A 34 3.42 -9.60 -7.41
N SER A 35 4.71 -9.43 -7.68
CA SER A 35 5.20 -8.26 -8.38
C SER A 35 4.51 -8.12 -9.74
N ARG A 36 4.35 -9.23 -10.43
CA ARG A 36 3.71 -9.23 -11.75
C ARG A 36 2.23 -8.87 -11.62
N LYS A 37 1.59 -9.39 -10.58
CA LYS A 37 0.17 -9.12 -10.35
C LYS A 37 -0.08 -7.62 -10.17
N VAL A 38 0.63 -7.02 -9.23
CA VAL A 38 0.50 -5.60 -8.95
C VAL A 38 0.86 -4.76 -10.18
N LEU A 39 2.04 -5.00 -10.73
CA LEU A 39 2.50 -4.28 -11.90
C LEU A 39 1.51 -4.42 -13.05
N GLY A 40 0.87 -5.58 -13.14
CA GLY A 40 -0.09 -5.82 -14.19
C GLY A 40 -1.36 -5.01 -14.01
N MET A 41 -1.84 -4.94 -12.77
CA MET A 41 -3.05 -4.20 -12.47
C MET A 41 -2.87 -2.71 -12.77
N ILE A 42 -1.76 -2.15 -12.31
CA ILE A 42 -1.47 -0.75 -12.55
C ILE A 42 -1.24 -0.46 -14.03
N ARG A 43 -0.33 -1.21 -14.64
CA ARG A 43 -0.02 -1.04 -16.05
C ARG A 43 -1.29 -1.06 -16.89
N GLU A 44 -2.15 -2.03 -16.63
CA GLU A 44 -3.41 -2.16 -17.36
C GLU A 44 -4.42 -1.12 -16.90
N ALA A 45 -4.24 -0.64 -15.68
CA ALA A 45 -5.14 0.37 -15.12
C ALA A 45 -4.97 1.71 -15.81
N GLY A 46 -3.77 1.94 -16.36
CA GLY A 46 -3.49 3.19 -17.05
C GLY A 46 -2.41 4.00 -16.37
N ILE A 47 -1.46 3.30 -15.74
CA ILE A 47 -0.35 3.97 -15.06
C ILE A 47 0.92 3.13 -15.14
N GLU A 48 2.05 3.80 -15.31
CA GLU A 48 3.33 3.13 -15.41
C GLU A 48 4.27 3.59 -14.29
N PRO A 49 4.09 2.99 -13.10
CA PRO A 49 4.91 3.33 -11.93
C PRO A 49 6.35 2.83 -12.06
N HIS A 50 7.26 3.44 -11.31
CA HIS A 50 8.66 3.06 -11.34
C HIS A 50 9.03 2.22 -10.13
N VAL A 51 9.91 1.24 -10.34
CA VAL A 51 10.34 0.36 -9.27
C VAL A 51 11.71 0.77 -8.74
N ILE A 52 11.77 1.16 -7.47
CA ILE A 52 13.01 1.58 -6.85
C ILE A 52 13.68 0.41 -6.11
N GLU A 53 15.00 0.31 -6.27
CA GLU A 53 15.75 -0.76 -5.62
C GLU A 53 16.55 -0.22 -4.44
N TYR A 54 16.02 -0.39 -3.23
CA TYR A 54 16.69 0.09 -2.03
C TYR A 54 16.78 -1.02 -0.99
N MET A 55 18.00 -1.29 -0.52
CA MET A 55 18.22 -2.33 0.48
C MET A 55 19.21 -1.86 1.54
N LYS A 56 19.45 -2.70 2.54
CA LYS A 56 20.38 -2.37 3.61
C LYS A 56 19.89 -1.16 4.40
N THR A 57 18.64 -1.20 4.82
CA THR A 57 18.04 -0.11 5.59
C THR A 57 16.79 -0.57 6.31
N PRO A 58 16.96 -1.49 7.26
CA PRO A 58 15.84 -2.04 8.06
C PRO A 58 15.28 -1.01 9.02
N LEU A 59 14.00 -1.17 9.36
CA LEU A 59 13.33 -0.26 10.28
C LEU A 59 12.78 -1.00 11.50
N PRO A 60 12.91 -0.40 12.68
CA PRO A 60 12.43 -0.98 13.94
C PRO A 60 10.90 -1.03 14.00
N ARG A 61 10.38 -1.86 14.90
CA ARG A 61 8.93 -1.99 15.07
C ARG A 61 8.29 -0.63 15.31
N ASP A 62 8.87 0.14 16.23
CA ASP A 62 8.34 1.45 16.56
C ASP A 62 8.26 2.33 15.32
N MET A 63 9.23 2.16 14.41
CA MET A 63 9.26 2.94 13.18
C MET A 63 8.13 2.52 12.24
N LEU A 64 7.92 1.21 12.13
CA LEU A 64 6.88 0.68 11.25
C LEU A 64 5.51 1.18 11.70
N VAL A 65 5.25 1.11 13.00
CA VAL A 65 3.97 1.56 13.55
C VAL A 65 3.82 3.06 13.44
N GLU A 66 4.91 3.78 13.66
CA GLU A 66 4.90 5.23 13.58
C GLU A 66 4.55 5.70 12.17
N LEU A 67 5.02 4.95 11.17
CA LEU A 67 4.75 5.30 9.77
C LEU A 67 3.33 4.92 9.38
N LEU A 68 2.93 3.70 9.75
CA LEU A 68 1.59 3.22 9.43
C LEU A 68 0.53 4.01 10.18
N ARG A 69 0.86 4.42 11.41
CA ARG A 69 -0.07 5.19 12.23
C ARG A 69 -0.15 6.64 11.75
N GLN A 70 0.99 7.16 11.30
CA GLN A 70 1.03 8.54 10.80
C GLN A 70 0.45 8.64 9.40
N MET A 71 0.50 7.53 8.67
CA MET A 71 -0.03 7.49 7.31
C MET A 71 -1.51 7.87 7.29
N ALA A 72 -2.32 7.07 8.00
CA ALA A 72 -3.76 7.33 8.05
C ALA A 72 -4.24 7.37 9.50
N ILE A 73 -4.23 6.23 10.16
CA ILE A 73 -4.67 6.14 11.55
C ILE A 73 -3.89 5.08 12.31
N SER A 74 -4.06 5.06 13.63
CA SER A 74 -3.36 4.10 14.47
C SER A 74 -3.50 2.68 13.91
N PRO A 75 -2.65 1.77 14.40
CA PRO A 75 -2.66 0.37 13.96
C PRO A 75 -3.90 -0.38 14.44
N ARG A 76 -4.68 0.26 15.29
CA ARG A 76 -5.90 -0.35 15.82
C ARG A 76 -6.98 -0.41 14.74
N ALA A 77 -7.08 0.64 13.95
CA ALA A 77 -8.07 0.70 12.87
C ALA A 77 -7.40 0.73 11.51
N LEU A 78 -6.31 -0.02 11.37
CA LEU A 78 -5.57 -0.08 10.12
C LEU A 78 -5.62 -1.49 9.52
N LEU A 79 -5.62 -2.49 10.40
CA LEU A 79 -5.67 -3.89 9.97
C LEU A 79 -6.88 -4.13 9.07
N ARG A 80 -6.63 -4.27 7.76
CA ARG A 80 -7.70 -4.51 6.81
C ARG A 80 -8.55 -5.70 7.23
N ALA A 81 -9.68 -5.89 6.55
CA ALA A 81 -10.58 -7.00 6.86
C ALA A 81 -10.00 -8.32 6.38
N LYS A 82 -9.42 -8.32 5.18
CA LYS A 82 -8.83 -9.52 4.61
C LYS A 82 -7.96 -10.23 5.63
N GLU A 83 -7.41 -9.47 6.56
CA GLU A 83 -6.54 -10.04 7.60
C GLU A 83 -7.37 -10.67 8.71
N ALA A 84 -8.26 -11.58 8.33
CA ALA A 84 -9.11 -12.26 9.30
C ALA A 84 -8.38 -12.51 10.61
N ARG A 85 -7.10 -12.87 10.50
CA ARG A 85 -6.28 -13.14 11.68
C ARG A 85 -6.38 -11.99 12.68
N TYR A 86 -6.26 -10.76 12.18
CA TYR A 86 -6.34 -9.58 13.03
C TYR A 86 -7.56 -9.63 13.93
N ALA A 87 -8.73 -9.83 13.32
CA ALA A 87 -9.97 -9.90 14.08
C ALA A 87 -10.04 -11.18 14.91
N GLU A 88 -9.48 -12.25 14.38
CA GLU A 88 -9.47 -13.54 15.08
C GLU A 88 -8.84 -13.40 16.46
N LEU A 89 -7.74 -12.65 16.53
CA LEU A 89 -7.04 -12.44 17.80
C LEU A 89 -7.83 -11.51 18.71
N GLY A 90 -8.88 -10.91 18.16
CA GLY A 90 -9.71 -10.00 18.94
C GLY A 90 -9.11 -8.61 19.02
N LEU A 91 -8.20 -8.30 18.10
CA LEU A 91 -7.56 -6.99 18.07
C LEU A 91 -8.59 -5.88 17.96
N ASP A 92 -9.71 -6.19 17.30
CA ASP A 92 -10.78 -5.21 17.13
C ASP A 92 -11.16 -4.56 18.47
N ASP A 93 -10.97 -5.31 19.54
CA ASP A 93 -11.28 -4.81 20.88
C ASP A 93 -10.68 -3.43 21.11
N PRO A 94 -11.55 -2.42 21.27
CA PRO A 94 -11.12 -1.04 21.49
C PRO A 94 -10.48 -0.84 22.86
N ALA A 95 -10.57 -1.87 23.70
CA ALA A 95 -10.00 -1.82 25.04
C ALA A 95 -8.51 -2.13 25.02
N LEU A 96 -7.97 -2.36 23.83
CA LEU A 96 -6.57 -2.67 23.67
C LEU A 96 -5.73 -1.41 23.53
N SER A 97 -4.42 -1.57 23.32
CA SER A 97 -3.53 -0.43 23.18
C SER A 97 -2.53 -0.67 22.04
N ASP A 98 -1.82 0.38 21.66
CA ASP A 98 -0.84 0.29 20.59
C ASP A 98 0.20 -0.79 20.88
N GLU A 99 0.45 -1.02 22.18
CA GLU A 99 1.42 -2.02 22.59
C GLU A 99 1.08 -3.39 22.02
N VAL A 100 -0.08 -3.92 22.40
CA VAL A 100 -0.53 -5.22 21.91
C VAL A 100 -0.75 -5.20 20.40
N LEU A 101 -1.29 -4.08 19.91
CA LEU A 101 -1.55 -3.94 18.48
C LEU A 101 -0.27 -4.11 17.66
N ILE A 102 0.76 -3.36 18.04
CA ILE A 102 2.04 -3.44 17.34
C ILE A 102 2.66 -4.83 17.46
N ASP A 103 2.77 -5.31 18.70
CA ASP A 103 3.33 -6.64 18.94
C ASP A 103 2.66 -7.69 18.06
N ALA A 104 1.36 -7.53 17.87
CA ALA A 104 0.60 -8.47 17.05
C ALA A 104 0.97 -8.34 15.58
N MET A 105 1.00 -7.10 15.08
CA MET A 105 1.33 -6.84 13.69
C MET A 105 2.76 -7.30 13.39
N ILE A 106 3.71 -6.86 14.21
CA ILE A 106 5.11 -7.23 14.03
C ILE A 106 5.28 -8.74 13.95
N SER A 107 4.36 -9.47 14.57
CA SER A 107 4.40 -10.93 14.57
C SER A 107 3.80 -11.49 13.29
N ASN A 108 2.69 -10.90 12.85
CA ASN A 108 2.01 -11.34 11.63
C ASN A 108 2.80 -10.91 10.39
N PRO A 109 2.50 -11.57 9.26
CA PRO A 109 3.16 -11.28 7.99
C PRO A 109 2.77 -9.92 7.43
N VAL A 110 1.66 -9.37 7.91
CA VAL A 110 1.18 -8.07 7.47
C VAL A 110 2.19 -6.97 7.79
N LEU A 111 3.14 -7.29 8.66
CA LEU A 111 4.16 -6.32 9.05
C LEU A 111 5.02 -5.93 7.85
N MET A 112 4.92 -6.71 6.78
CA MET A 112 5.70 -6.43 5.57
C MET A 112 5.37 -5.05 5.01
N ASN A 113 6.14 -4.06 5.43
CA ASN A 113 5.93 -2.69 4.97
C ASN A 113 6.99 -2.28 3.95
N ARG A 114 7.88 -3.21 3.64
CA ARG A 114 8.96 -2.96 2.68
C ARG A 114 8.40 -2.34 1.40
N PRO A 115 7.51 -3.07 0.73
CA PRO A 115 6.88 -2.61 -0.52
C PRO A 115 5.91 -1.46 -0.29
N VAL A 116 6.35 -0.25 -0.62
CA VAL A 116 5.52 0.93 -0.46
C VAL A 116 5.31 1.65 -1.79
N VAL A 117 4.06 2.00 -2.08
CA VAL A 117 3.71 2.69 -3.31
C VAL A 117 3.35 4.14 -3.05
N VAL A 118 3.94 5.05 -3.81
CA VAL A 118 3.68 6.47 -3.66
C VAL A 118 2.98 7.04 -4.90
N THR A 119 1.69 7.32 -4.77
CA THR A 119 0.91 7.87 -5.88
C THR A 119 0.70 9.38 -5.71
N PRO A 120 0.37 10.05 -6.82
CA PRO A 120 0.13 11.49 -6.83
C PRO A 120 -1.16 11.87 -6.11
N LYS A 121 -1.92 10.86 -5.69
CA LYS A 121 -3.17 11.07 -4.98
C LYS A 121 -3.07 10.62 -3.54
N GLY A 122 -1.90 10.11 -3.16
CA GLY A 122 -1.69 9.64 -1.80
C GLY A 122 -0.68 8.51 -1.73
N VAL A 123 -0.28 8.17 -0.51
CA VAL A 123 0.69 7.10 -0.30
C VAL A 123 0.06 5.90 0.38
N ARG A 124 0.56 4.71 0.07
CA ARG A 124 0.04 3.48 0.66
C ARG A 124 0.97 2.30 0.39
N LEU A 125 0.69 1.17 1.03
CA LEU A 125 1.51 -0.02 0.85
C LEU A 125 1.35 -0.60 -0.55
N CYS A 126 2.48 -0.86 -1.20
CA CYS A 126 2.46 -1.41 -2.55
C CYS A 126 1.88 -2.83 -2.55
N ARG A 127 1.94 -3.48 -1.41
CA ARG A 127 1.42 -4.84 -1.28
C ARG A 127 0.64 -5.01 0.02
N PRO A 128 -0.22 -6.03 0.07
CA PRO A 128 -0.42 -6.96 -1.05
C PRO A 128 -1.12 -6.29 -2.23
N ALA A 129 -1.32 -7.06 -3.30
CA ALA A 129 -1.99 -6.55 -4.49
C ALA A 129 -3.35 -5.94 -4.15
N GLU A 130 -3.94 -6.40 -3.05
CA GLU A 130 -5.23 -5.91 -2.61
C GLU A 130 -5.14 -4.44 -2.17
N THR A 131 -4.16 -4.15 -1.32
CA THR A 131 -3.96 -2.80 -0.82
C THR A 131 -3.69 -1.83 -1.96
N VAL A 132 -2.76 -2.19 -2.84
CA VAL A 132 -2.41 -1.35 -3.97
C VAL A 132 -3.60 -1.19 -4.93
N GLN A 133 -4.39 -2.24 -5.05
CA GLN A 133 -5.56 -2.21 -5.92
C GLN A 133 -6.61 -1.24 -5.39
N GLU A 134 -6.65 -1.06 -4.09
CA GLU A 134 -7.60 -0.16 -3.45
C GLU A 134 -7.12 1.29 -3.53
N LEU A 135 -5.81 1.48 -3.39
CA LEU A 135 -5.22 2.80 -3.45
C LEU A 135 -5.29 3.38 -4.87
N LEU A 136 -5.08 2.51 -5.85
CA LEU A 136 -5.11 2.92 -7.24
C LEU A 136 -6.39 2.46 -7.92
N MET A 1 -39.38 35.94 -58.60
CA MET A 1 -39.95 34.96 -57.68
C MET A 1 -39.62 33.54 -58.10
N ALA A 2 -39.73 33.27 -59.40
CA ALA A 2 -39.44 31.94 -59.93
C ALA A 2 -38.01 31.54 -59.62
N HIS A 3 -37.14 32.53 -59.44
CA HIS A 3 -35.74 32.27 -59.13
C HIS A 3 -35.44 32.52 -57.66
N HIS A 4 -34.65 31.65 -57.05
CA HIS A 4 -34.28 31.77 -55.65
C HIS A 4 -32.83 31.40 -55.42
N HIS A 5 -32.28 31.83 -54.29
CA HIS A 5 -30.89 31.55 -53.95
C HIS A 5 -30.76 31.10 -52.49
N HIS A 6 -29.58 30.63 -52.12
CA HIS A 6 -29.33 30.18 -50.77
C HIS A 6 -27.86 30.37 -50.39
N HIS A 7 -27.54 30.10 -49.13
CA HIS A 7 -26.18 30.25 -48.64
C HIS A 7 -25.78 29.07 -47.76
N HIS A 8 -24.48 28.81 -47.67
CA HIS A 8 -23.97 27.71 -46.86
C HIS A 8 -23.09 28.23 -45.73
N MET A 9 -22.78 27.35 -44.78
CA MET A 9 -21.94 27.73 -43.64
C MET A 9 -21.16 26.52 -43.12
N GLY A 10 -20.09 26.79 -42.38
CA GLY A 10 -19.28 25.71 -41.84
C GLY A 10 -18.93 25.93 -40.38
N THR A 11 -18.10 25.05 -39.83
CA THR A 11 -17.69 25.16 -38.44
C THR A 11 -16.19 24.91 -38.28
N LEU A 12 -15.67 25.17 -37.08
CA LEU A 12 -14.25 24.98 -36.81
C LEU A 12 -14.04 24.47 -35.39
N GLU A 13 -13.34 23.34 -35.27
CA GLU A 13 -13.07 22.75 -33.97
C GLU A 13 -11.75 21.98 -33.98
N ALA A 14 -11.24 21.67 -32.80
CA ALA A 14 -9.99 20.93 -32.68
C ALA A 14 -9.74 20.50 -31.24
N GLN A 15 -8.62 19.83 -31.02
CA GLN A 15 -8.26 19.37 -29.68
C GLN A 15 -6.75 19.16 -29.56
N THR A 16 -6.28 19.09 -28.32
CA THR A 16 -4.85 18.90 -28.06
C THR A 16 -4.62 17.89 -26.94
N GLN A 17 -3.52 17.16 -27.03
CA GLN A 17 -3.17 16.16 -26.03
C GLN A 17 -1.69 16.19 -25.70
N GLY A 18 -1.25 15.25 -24.85
CA GLY A 18 0.14 15.20 -24.47
C GLY A 18 0.59 13.80 -24.13
N PRO A 19 1.90 13.63 -23.86
CA PRO A 19 2.48 12.33 -23.52
C PRO A 19 2.05 11.86 -22.12
N GLY A 20 2.56 10.70 -21.71
CA GLY A 20 2.21 10.16 -20.41
C GLY A 20 2.58 11.10 -19.28
N SER A 21 1.70 11.20 -18.29
CA SER A 21 1.94 12.07 -17.14
C SER A 21 1.83 11.29 -15.84
N MET A 22 1.83 9.96 -15.95
CA MET A 22 1.74 9.10 -14.77
C MET A 22 3.04 9.13 -13.98
N ASP A 23 3.21 10.17 -13.16
CA ASP A 23 4.41 10.31 -12.35
C ASP A 23 4.34 9.42 -11.11
N VAL A 24 4.22 8.11 -11.34
CA VAL A 24 4.14 7.16 -10.25
C VAL A 24 5.42 6.33 -10.14
N THR A 25 5.91 6.16 -8.91
CA THR A 25 7.13 5.39 -8.68
C THR A 25 6.92 4.37 -7.56
N ILE A 26 7.44 3.17 -7.77
CA ILE A 26 7.32 2.11 -6.79
C ILE A 26 8.70 1.67 -6.27
N TYR A 27 8.75 1.29 -5.00
CA TYR A 27 10.00 0.85 -4.39
C TYR A 27 9.84 -0.53 -3.75
N HIS A 28 10.45 -1.53 -4.38
CA HIS A 28 10.38 -2.89 -3.88
C HIS A 28 11.36 -3.80 -4.63
N ASN A 29 11.26 -5.11 -4.38
CA ASN A 29 12.14 -6.07 -5.04
C ASN A 29 11.34 -6.99 -5.97
N PRO A 30 12.05 -7.63 -6.91
CA PRO A 30 11.43 -8.54 -7.87
C PRO A 30 10.92 -9.83 -7.22
N VAL A 31 9.82 -9.73 -6.51
CA VAL A 31 9.22 -10.88 -5.83
C VAL A 31 8.20 -11.58 -6.73
N CYS A 32 8.46 -12.84 -7.05
CA CYS A 32 7.56 -13.62 -7.89
C CYS A 32 6.13 -13.55 -7.36
N GLY A 33 5.16 -13.69 -8.26
CA GLY A 33 3.78 -13.65 -7.86
C GLY A 33 3.31 -12.25 -7.51
N THR A 34 3.69 -11.79 -6.32
CA THR A 34 3.30 -10.46 -5.86
C THR A 34 3.62 -9.40 -6.91
N SER A 35 4.78 -9.54 -7.55
CA SER A 35 5.21 -8.60 -8.58
C SER A 35 4.21 -8.57 -9.73
N ARG A 36 4.02 -9.71 -10.38
CA ARG A 36 3.09 -9.82 -11.50
C ARG A 36 1.69 -9.37 -11.09
N LYS A 37 1.38 -9.50 -9.82
CA LYS A 37 0.08 -9.11 -9.29
C LYS A 37 -0.09 -7.59 -9.33
N VAL A 38 0.82 -6.89 -8.66
CA VAL A 38 0.78 -5.43 -8.61
C VAL A 38 0.97 -4.84 -10.01
N LEU A 39 1.89 -5.41 -10.77
CA LEU A 39 2.17 -4.93 -12.11
C LEU A 39 0.97 -5.16 -13.03
N GLY A 40 0.29 -6.28 -12.85
CA GLY A 40 -0.88 -6.59 -13.66
C GLY A 40 -2.01 -5.61 -13.44
N MET A 41 -2.33 -5.36 -12.17
CA MET A 41 -3.42 -4.44 -11.82
C MET A 41 -3.09 -3.02 -12.29
N ILE A 42 -1.83 -2.63 -12.16
CA ILE A 42 -1.39 -1.31 -12.58
C ILE A 42 -1.48 -1.14 -14.09
N ARG A 43 -0.80 -2.02 -14.81
CA ARG A 43 -0.80 -1.98 -16.27
C ARG A 43 -2.24 -2.04 -16.81
N GLU A 44 -3.09 -2.79 -16.12
CA GLU A 44 -4.48 -2.93 -16.53
C GLU A 44 -5.29 -1.68 -16.19
N ALA A 45 -4.92 -1.03 -15.10
CA ALA A 45 -5.61 0.18 -14.67
C ALA A 45 -5.30 1.35 -15.60
N GLY A 46 -4.14 1.29 -16.24
CA GLY A 46 -3.74 2.35 -17.15
C GLY A 46 -2.72 3.29 -16.54
N ILE A 47 -1.74 2.73 -15.84
CA ILE A 47 -0.70 3.53 -15.19
C ILE A 47 0.68 2.97 -15.49
N GLU A 48 1.63 3.86 -15.77
CA GLU A 48 3.00 3.45 -16.07
C GLU A 48 3.95 3.88 -14.95
N PRO A 49 3.96 3.11 -13.86
CA PRO A 49 4.82 3.38 -12.71
C PRO A 49 6.29 3.14 -13.00
N HIS A 50 7.16 3.60 -12.11
CA HIS A 50 8.60 3.43 -12.28
C HIS A 50 9.19 2.58 -11.17
N VAL A 51 9.61 1.37 -11.52
CA VAL A 51 10.19 0.46 -10.53
C VAL A 51 11.63 0.85 -10.20
N ILE A 52 11.88 1.17 -8.94
CA ILE A 52 13.21 1.56 -8.49
C ILE A 52 13.66 0.72 -7.31
N GLU A 53 14.63 -0.15 -7.55
CA GLU A 53 15.16 -1.03 -6.51
C GLU A 53 16.06 -0.24 -5.55
N TYR A 54 15.50 0.15 -4.40
CA TYR A 54 16.24 0.91 -3.41
C TYR A 54 15.61 0.75 -2.03
N MET A 55 16.28 0.02 -1.15
CA MET A 55 15.78 -0.21 0.21
C MET A 55 16.80 -0.98 1.03
N LYS A 56 17.01 -0.55 2.27
CA LYS A 56 17.95 -1.22 3.17
C LYS A 56 17.89 -0.60 4.56
N THR A 57 17.97 -1.46 5.57
CA THR A 57 17.93 -1.01 6.97
C THR A 57 16.60 -0.30 7.27
N PRO A 58 15.54 -1.09 7.43
CA PRO A 58 14.20 -0.56 7.72
C PRO A 58 14.11 0.02 9.13
N LEU A 59 12.92 0.51 9.49
CA LEU A 59 12.71 1.09 10.80
C LEU A 59 12.19 0.04 11.78
N PRO A 60 12.41 0.28 13.08
CA PRO A 60 11.97 -0.63 14.14
C PRO A 60 10.46 -0.64 14.30
N ARG A 61 9.96 -1.57 15.13
CA ARG A 61 8.53 -1.69 15.37
C ARG A 61 7.93 -0.33 15.73
N ASP A 62 8.55 0.36 16.68
CA ASP A 62 8.07 1.67 17.13
C ASP A 62 7.85 2.58 15.93
N MET A 63 8.89 2.80 15.13
CA MET A 63 8.80 3.65 13.96
C MET A 63 7.61 3.25 13.08
N LEU A 64 7.43 1.95 12.92
CA LEU A 64 6.33 1.42 12.10
C LEU A 64 4.98 1.79 12.70
N VAL A 65 4.92 1.81 14.03
CA VAL A 65 3.68 2.15 14.73
C VAL A 65 3.29 3.60 14.48
N GLU A 66 4.24 4.51 14.69
CA GLU A 66 3.99 5.94 14.49
C GLU A 66 3.74 6.23 13.01
N LEU A 67 4.36 5.46 12.15
CA LEU A 67 4.22 5.64 10.70
C LEU A 67 2.86 5.11 10.23
N LEU A 68 2.49 3.93 10.71
CA LEU A 68 1.22 3.31 10.33
C LEU A 68 0.05 4.06 10.95
N ARG A 69 0.26 4.57 12.17
CA ARG A 69 -0.78 5.30 12.87
C ARG A 69 -0.97 6.69 12.27
N GLN A 70 0.14 7.32 11.89
CA GLN A 70 0.11 8.65 11.30
C GLN A 70 -0.33 8.60 9.84
N MET A 71 -0.05 7.46 9.19
CA MET A 71 -0.41 7.29 7.79
C MET A 71 -1.91 7.49 7.58
N ALA A 72 -2.72 6.67 8.24
CA ALA A 72 -4.17 6.77 8.12
C ALA A 72 -4.82 6.84 9.51
N ILE A 73 -4.76 5.73 10.23
CA ILE A 73 -5.35 5.66 11.56
C ILE A 73 -4.56 4.74 12.48
N SER A 74 -4.85 4.77 13.77
CA SER A 74 -4.16 3.94 14.75
C SER A 74 -4.08 2.50 14.26
N PRO A 75 -3.18 1.71 14.88
CA PRO A 75 -2.98 0.31 14.52
C PRO A 75 -4.16 -0.57 14.92
N ARG A 76 -5.10 0.02 15.66
CA ARG A 76 -6.28 -0.70 16.11
C ARG A 76 -7.24 -0.97 14.95
N ALA A 77 -7.35 0.01 14.05
CA ALA A 77 -8.22 -0.11 12.91
C ALA A 77 -7.43 -0.14 11.60
N LEU A 78 -6.29 -0.83 11.62
CA LEU A 78 -5.44 -0.92 10.45
C LEU A 78 -5.56 -2.29 9.79
N LEU A 79 -5.59 -3.34 10.61
CA LEU A 79 -5.71 -4.71 10.12
C LEU A 79 -6.96 -4.85 9.25
N ARG A 80 -6.75 -4.95 7.94
CA ARG A 80 -7.85 -5.09 7.00
C ARG A 80 -8.68 -6.32 7.34
N ALA A 81 -9.82 -6.46 6.67
CA ALA A 81 -10.72 -7.60 6.89
C ALA A 81 -10.14 -8.88 6.30
N LYS A 82 -9.59 -8.77 5.08
CA LYS A 82 -9.01 -9.93 4.41
C LYS A 82 -8.09 -10.70 5.35
N GLU A 83 -7.51 -10.00 6.33
CA GLU A 83 -6.61 -10.62 7.29
C GLU A 83 -7.40 -11.34 8.38
N ALA A 84 -8.29 -12.24 7.96
CA ALA A 84 -9.10 -13.00 8.90
C ALA A 84 -8.32 -13.33 10.17
N ARG A 85 -7.05 -13.66 10.00
CA ARG A 85 -6.19 -13.99 11.13
C ARG A 85 -6.29 -12.92 12.23
N TYR A 86 -6.22 -11.66 11.82
CA TYR A 86 -6.29 -10.55 12.76
C TYR A 86 -7.49 -10.70 13.69
N ALA A 87 -8.66 -10.93 13.10
CA ALA A 87 -9.88 -11.10 13.88
C ALA A 87 -9.87 -12.42 14.64
N GLU A 88 -9.23 -13.43 14.06
CA GLU A 88 -9.15 -14.75 14.68
C GLU A 88 -8.45 -14.66 16.03
N LEU A 89 -7.40 -13.85 16.10
CA LEU A 89 -6.64 -13.68 17.34
C LEU A 89 -7.44 -12.86 18.35
N GLY A 90 -8.55 -12.30 17.91
CA GLY A 90 -9.38 -11.50 18.79
C GLY A 90 -8.88 -10.08 18.92
N LEU A 91 -8.04 -9.66 17.98
CA LEU A 91 -7.49 -8.31 18.00
C LEU A 91 -8.60 -7.26 17.96
N ASP A 92 -9.69 -7.60 17.29
CA ASP A 92 -10.83 -6.69 17.18
C ASP A 92 -11.27 -6.20 18.55
N ASP A 93 -10.99 -7.00 19.58
CA ASP A 93 -11.35 -6.64 20.95
C ASP A 93 -10.91 -5.21 21.27
N PRO A 94 -11.90 -4.33 21.52
CA PRO A 94 -11.64 -2.93 21.84
C PRO A 94 -11.01 -2.76 23.22
N ALA A 95 -10.96 -3.85 23.98
CA ALA A 95 -10.39 -3.82 25.32
C ALA A 95 -8.87 -3.91 25.27
N LEU A 96 -8.34 -4.36 24.14
CA LEU A 96 -6.90 -4.49 23.95
C LEU A 96 -6.23 -3.12 23.93
N SER A 97 -4.91 -3.12 23.70
CA SER A 97 -4.16 -1.87 23.66
C SER A 97 -3.17 -1.89 22.50
N ASP A 98 -2.60 -0.72 22.21
CA ASP A 98 -1.62 -0.60 21.12
C ASP A 98 -0.47 -1.58 21.31
N GLU A 99 -0.14 -1.87 22.56
CA GLU A 99 0.94 -2.79 22.88
C GLU A 99 0.75 -4.13 22.17
N VAL A 100 -0.34 -4.82 22.52
CA VAL A 100 -0.64 -6.12 21.91
C VAL A 100 -0.89 -5.98 20.42
N LEU A 101 -1.55 -4.89 20.03
CA LEU A 101 -1.85 -4.64 18.62
C LEU A 101 -0.58 -4.61 17.79
N ILE A 102 0.38 -3.79 18.22
CA ILE A 102 1.65 -3.68 17.51
C ILE A 102 2.40 -5.00 17.51
N ASP A 103 2.59 -5.57 18.70
CA ASP A 103 3.29 -6.85 18.83
C ASP A 103 2.73 -7.88 17.86
N ALA A 104 1.41 -7.87 17.69
CA ALA A 104 0.75 -8.81 16.79
C ALA A 104 1.05 -8.48 15.33
N MET A 105 1.04 -7.20 15.00
CA MET A 105 1.31 -6.76 13.64
C MET A 105 2.76 -7.07 13.25
N ILE A 106 3.68 -6.75 14.13
CA ILE A 106 5.10 -7.00 13.88
C ILE A 106 5.37 -8.49 13.69
N SER A 107 4.52 -9.32 14.28
CA SER A 107 4.67 -10.76 14.18
C SER A 107 4.01 -11.28 12.91
N ASN A 108 2.91 -10.65 12.52
CA ASN A 108 2.19 -11.05 11.32
C ASN A 108 2.92 -10.61 10.05
N PRO A 109 2.59 -11.24 8.92
CA PRO A 109 3.20 -10.91 7.63
C PRO A 109 2.79 -9.54 7.11
N VAL A 110 1.74 -8.98 7.70
CA VAL A 110 1.24 -7.68 7.29
C VAL A 110 2.28 -6.59 7.55
N LEU A 111 3.28 -6.92 8.36
CA LEU A 111 4.34 -5.97 8.69
C LEU A 111 5.20 -5.66 7.47
N MET A 112 5.02 -6.45 6.41
CA MET A 112 5.77 -6.26 5.18
C MET A 112 5.51 -4.88 4.59
N ASN A 113 6.37 -3.93 4.93
CA ASN A 113 6.24 -2.56 4.43
C ASN A 113 7.26 -2.28 3.32
N ARG A 114 8.19 -3.21 3.14
CA ARG A 114 9.23 -3.06 2.14
C ARG A 114 8.66 -2.44 0.85
N PRO A 115 7.68 -3.13 0.26
CA PRO A 115 7.04 -2.67 -0.97
C PRO A 115 6.15 -1.44 -0.74
N VAL A 116 6.62 -0.29 -1.22
CA VAL A 116 5.89 0.95 -1.07
C VAL A 116 5.64 1.62 -2.42
N VAL A 117 4.42 2.10 -2.62
CA VAL A 117 4.06 2.76 -3.87
C VAL A 117 3.89 4.26 -3.67
N VAL A 118 4.67 5.05 -4.42
CA VAL A 118 4.60 6.50 -4.31
C VAL A 118 3.84 7.09 -5.49
N THR A 119 2.91 8.00 -5.20
CA THR A 119 2.11 8.64 -6.23
C THR A 119 2.01 10.14 -5.99
N PRO A 120 1.71 10.89 -7.06
CA PRO A 120 1.58 12.35 -7.00
C PRO A 120 0.34 12.78 -6.23
N LYS A 121 -0.48 11.81 -5.83
CA LYS A 121 -1.70 12.09 -5.08
C LYS A 121 -1.60 11.55 -3.66
N GLY A 122 -0.44 10.99 -3.33
CA GLY A 122 -0.24 10.44 -2.00
C GLY A 122 0.74 9.28 -1.99
N VAL A 123 0.84 8.60 -0.86
CA VAL A 123 1.75 7.46 -0.72
C VAL A 123 1.11 6.35 0.10
N ARG A 124 1.45 5.10 -0.25
CA ARG A 124 0.91 3.95 0.46
C ARG A 124 1.70 2.69 0.12
N LEU A 125 1.41 1.60 0.82
CA LEU A 125 2.09 0.33 0.59
C LEU A 125 1.75 -0.23 -0.78
N CYS A 126 2.77 -0.64 -1.53
CA CYS A 126 2.57 -1.20 -2.86
C CYS A 126 1.80 -2.51 -2.79
N ARG A 127 1.86 -3.16 -1.63
CA ARG A 127 1.17 -4.43 -1.43
C ARG A 127 0.51 -4.48 -0.05
N PRO A 128 -0.52 -5.34 0.08
CA PRO A 128 -0.98 -6.19 -1.02
C PRO A 128 -1.67 -5.38 -2.12
N ALA A 129 -2.17 -6.08 -3.14
CA ALA A 129 -2.85 -5.43 -4.25
C ALA A 129 -4.04 -4.63 -3.77
N GLU A 130 -4.55 -4.98 -2.59
CA GLU A 130 -5.70 -4.30 -2.02
C GLU A 130 -5.33 -2.88 -1.59
N THR A 131 -4.12 -2.72 -1.08
CA THR A 131 -3.64 -1.41 -0.64
C THR A 131 -3.32 -0.52 -1.82
N VAL A 132 -2.56 -1.06 -2.77
CA VAL A 132 -2.17 -0.31 -3.96
C VAL A 132 -3.39 0.06 -4.80
N GLN A 133 -4.37 -0.83 -4.82
CA GLN A 133 -5.59 -0.60 -5.59
C GLN A 133 -6.43 0.53 -4.97
N GLU A 134 -6.40 0.61 -3.64
CA GLU A 134 -7.15 1.64 -2.93
C GLU A 134 -6.50 3.00 -3.10
N LEU A 135 -5.17 3.03 -3.03
CA LEU A 135 -4.41 4.27 -3.18
C LEU A 135 -4.49 4.78 -4.62
N LEU A 136 -4.44 3.86 -5.56
CA LEU A 136 -4.50 4.21 -6.98
C LEU A 136 -5.76 3.67 -7.63
N MET A 1 29.27 34.23 -39.46
CA MET A 1 29.78 35.22 -38.52
C MET A 1 28.73 35.55 -37.46
N ALA A 2 28.09 34.51 -36.93
CA ALA A 2 27.05 34.70 -35.91
C ALA A 2 26.91 33.44 -35.06
N HIS A 3 25.97 33.49 -34.10
CA HIS A 3 25.73 32.35 -33.22
C HIS A 3 24.50 32.61 -32.34
N HIS A 4 23.84 31.52 -31.94
CA HIS A 4 22.66 31.63 -31.10
C HIS A 4 22.45 30.34 -30.29
N HIS A 5 21.55 30.40 -29.32
CA HIS A 5 21.26 29.25 -28.48
C HIS A 5 19.81 28.81 -28.64
N HIS A 6 18.88 29.73 -28.34
CA HIS A 6 17.46 29.43 -28.45
C HIS A 6 17.06 28.29 -27.52
N HIS A 7 17.47 28.40 -26.26
CA HIS A 7 17.17 27.38 -25.27
C HIS A 7 16.04 27.84 -24.35
N HIS A 8 15.34 26.89 -23.74
CA HIS A 8 14.24 27.20 -22.84
C HIS A 8 13.83 25.97 -22.04
N MET A 9 13.14 26.19 -20.92
CA MET A 9 12.69 25.10 -20.07
C MET A 9 11.42 25.49 -19.31
N GLY A 10 10.48 24.55 -19.21
CA GLY A 10 9.23 24.81 -18.51
C GLY A 10 8.61 23.55 -17.97
N THR A 11 7.67 23.72 -17.03
CA THR A 11 6.99 22.59 -16.43
C THR A 11 5.89 23.04 -15.47
N LEU A 12 4.82 22.28 -15.40
CA LEU A 12 3.69 22.61 -14.53
C LEU A 12 2.78 21.40 -14.34
N GLU A 13 2.18 21.30 -13.16
CA GLU A 13 1.29 20.20 -12.85
C GLU A 13 -0.13 20.49 -13.33
N ALA A 14 -0.84 19.43 -13.72
CA ALA A 14 -2.20 19.58 -14.22
C ALA A 14 -2.88 18.22 -14.36
N GLN A 15 -4.16 18.15 -13.98
CA GLN A 15 -4.91 16.91 -14.07
C GLN A 15 -6.10 17.07 -15.01
N THR A 16 -5.82 17.17 -16.30
CA THR A 16 -6.87 17.33 -17.30
C THR A 16 -6.50 16.61 -18.60
N GLN A 17 -7.36 16.73 -19.60
CA GLN A 17 -7.12 16.10 -20.90
C GLN A 17 -5.74 16.46 -21.43
N GLY A 18 -4.86 15.46 -21.48
CA GLY A 18 -3.52 15.70 -21.98
C GLY A 18 -2.76 14.40 -22.21
N PRO A 19 -1.43 14.51 -22.37
CA PRO A 19 -0.57 13.35 -22.61
C PRO A 19 -0.43 12.47 -21.37
N GLY A 20 0.45 11.48 -21.45
CA GLY A 20 0.66 10.57 -20.34
C GLY A 20 0.93 11.31 -19.04
N SER A 21 0.37 10.81 -17.94
CA SER A 21 0.55 11.43 -16.64
C SER A 21 1.43 10.57 -15.75
N MET A 22 2.15 9.63 -16.36
CA MET A 22 3.03 8.73 -15.63
C MET A 22 4.02 9.53 -14.78
N ASP A 23 3.94 9.37 -13.47
CA ASP A 23 4.83 10.07 -12.55
C ASP A 23 4.84 9.40 -11.18
N VAL A 24 4.58 8.10 -11.17
CA VAL A 24 4.56 7.33 -9.93
C VAL A 24 5.78 6.42 -9.81
N THR A 25 6.42 6.42 -8.65
CA THR A 25 7.60 5.61 -8.41
C THR A 25 7.31 4.52 -7.37
N ILE A 26 7.72 3.30 -7.68
CA ILE A 26 7.53 2.18 -6.77
C ILE A 26 8.85 1.57 -6.34
N TYR A 27 8.87 0.98 -5.15
CA TYR A 27 10.07 0.36 -4.62
C TYR A 27 9.78 -1.03 -4.06
N HIS A 28 10.20 -2.05 -4.80
CA HIS A 28 9.98 -3.44 -4.38
C HIS A 28 10.66 -4.41 -5.33
N ASN A 29 11.23 -5.48 -4.77
CA ASN A 29 11.92 -6.48 -5.58
C ASN A 29 10.92 -7.31 -6.38
N PRO A 30 11.30 -7.65 -7.63
CA PRO A 30 10.45 -8.43 -8.53
C PRO A 30 10.32 -9.88 -8.07
N VAL A 31 9.09 -10.30 -7.80
CA VAL A 31 8.82 -11.67 -7.35
C VAL A 31 7.55 -12.22 -8.00
N CYS A 32 7.63 -13.45 -8.48
CA CYS A 32 6.48 -14.09 -9.12
C CYS A 32 5.24 -13.98 -8.24
N GLY A 33 4.07 -13.95 -8.88
CA GLY A 33 2.83 -13.85 -8.14
C GLY A 33 2.50 -12.43 -7.75
N THR A 34 3.06 -11.97 -6.63
CA THR A 34 2.82 -10.62 -6.15
C THR A 34 3.08 -9.59 -7.25
N SER A 35 4.24 -9.68 -7.88
CA SER A 35 4.61 -8.75 -8.94
C SER A 35 3.60 -8.82 -10.08
N ARG A 36 3.15 -10.03 -10.40
CA ARG A 36 2.19 -10.23 -11.47
C ARG A 36 0.86 -9.56 -11.14
N LYS A 37 0.50 -9.56 -9.87
CA LYS A 37 -0.74 -8.94 -9.41
C LYS A 37 -0.67 -7.42 -9.52
N VAL A 38 0.33 -6.83 -8.88
CA VAL A 38 0.51 -5.38 -8.91
C VAL A 38 0.58 -4.86 -10.33
N LEU A 39 1.35 -5.55 -11.17
CA LEU A 39 1.50 -5.17 -12.56
C LEU A 39 0.18 -5.28 -13.31
N GLY A 40 -0.58 -6.31 -13.01
CA GLY A 40 -1.87 -6.52 -13.66
C GLY A 40 -2.82 -5.36 -13.42
N MET A 41 -3.01 -5.01 -12.15
CA MET A 41 -3.91 -3.92 -11.78
C MET A 41 -3.42 -2.60 -12.37
N ILE A 42 -2.12 -2.35 -12.27
CA ILE A 42 -1.53 -1.13 -12.80
C ILE A 42 -1.70 -1.04 -14.31
N ARG A 43 -1.40 -2.14 -15.00
CA ARG A 43 -1.52 -2.18 -16.46
C ARG A 43 -2.95 -1.89 -16.89
N GLU A 44 -3.92 -2.44 -16.16
CA GLU A 44 -5.33 -2.23 -16.47
C GLU A 44 -5.73 -0.78 -16.22
N ALA A 45 -5.17 -0.19 -15.17
CA ALA A 45 -5.47 1.19 -14.82
C ALA A 45 -4.84 2.16 -15.81
N GLY A 46 -3.75 1.73 -16.46
CA GLY A 46 -3.07 2.56 -17.42
C GLY A 46 -2.04 3.47 -16.77
N ILE A 47 -1.21 2.90 -15.90
CA ILE A 47 -0.18 3.66 -15.22
C ILE A 47 1.21 3.12 -15.52
N GLU A 48 2.21 4.00 -15.52
CA GLU A 48 3.58 3.61 -15.80
C GLU A 48 4.44 3.74 -14.55
N PRO A 49 4.32 2.78 -13.63
CA PRO A 49 5.09 2.76 -12.38
C PRO A 49 6.56 2.48 -12.61
N HIS A 50 7.41 3.32 -12.02
CA HIS A 50 8.86 3.17 -12.17
C HIS A 50 9.43 2.29 -11.05
N VAL A 51 9.85 1.09 -11.41
CA VAL A 51 10.41 0.14 -10.45
C VAL A 51 11.84 0.52 -10.09
N ILE A 52 12.06 0.86 -8.82
CA ILE A 52 13.40 1.24 -8.35
C ILE A 52 13.80 0.41 -7.14
N GLU A 53 15.05 -0.05 -7.14
CA GLU A 53 15.56 -0.85 -6.04
C GLU A 53 16.52 -0.05 -5.17
N TYR A 54 16.03 0.40 -4.03
CA TYR A 54 16.84 1.18 -3.10
C TYR A 54 17.27 0.35 -1.90
N MET A 55 18.36 0.77 -1.26
CA MET A 55 18.88 0.06 -0.10
C MET A 55 17.80 -0.06 0.99
N LYS A 56 17.66 -1.26 1.54
CA LYS A 56 16.68 -1.50 2.59
C LYS A 56 16.84 -0.50 3.73
N THR A 57 15.83 -0.43 4.59
CA THR A 57 15.86 0.48 5.73
C THR A 57 14.78 0.13 6.75
N PRO A 58 15.01 -0.95 7.50
CA PRO A 58 14.07 -1.42 8.53
C PRO A 58 14.00 -0.48 9.72
N LEU A 59 12.82 -0.36 10.30
CA LEU A 59 12.62 0.51 11.46
C LEU A 59 12.05 -0.27 12.63
N PRO A 60 12.20 0.28 13.84
CA PRO A 60 11.71 -0.34 15.07
C PRO A 60 10.18 -0.33 15.16
N ARG A 61 9.63 -1.17 16.02
CA ARG A 61 8.19 -1.26 16.19
C ARG A 61 7.59 0.12 16.44
N ASP A 62 8.19 0.87 17.37
CA ASP A 62 7.72 2.21 17.70
C ASP A 62 7.60 3.06 16.44
N MET A 63 8.57 2.94 15.55
CA MET A 63 8.58 3.70 14.31
C MET A 63 7.49 3.22 13.37
N LEU A 64 7.23 1.91 13.39
CA LEU A 64 6.21 1.33 12.53
C LEU A 64 4.81 1.76 12.98
N VAL A 65 4.56 1.68 14.28
CA VAL A 65 3.27 2.06 14.83
C VAL A 65 3.01 3.55 14.66
N GLU A 66 4.06 4.35 14.85
CA GLU A 66 3.97 5.80 14.72
C GLU A 66 3.77 6.19 13.26
N LEU A 67 4.40 5.43 12.36
CA LEU A 67 4.30 5.71 10.93
C LEU A 67 2.95 5.24 10.38
N LEU A 68 2.53 4.06 10.79
CA LEU A 68 1.26 3.50 10.34
C LEU A 68 0.08 4.27 10.93
N ARG A 69 0.25 4.74 12.16
CA ARG A 69 -0.81 5.49 12.84
C ARG A 69 -0.90 6.91 12.27
N GLN A 70 0.24 7.49 11.95
CA GLN A 70 0.29 8.84 11.39
C GLN A 70 -0.11 8.85 9.93
N MET A 71 0.10 7.72 9.26
CA MET A 71 -0.25 7.60 7.85
C MET A 71 -1.74 7.86 7.63
N ALA A 72 -2.57 7.03 8.24
CA ALA A 72 -4.02 7.18 8.11
C ALA A 72 -4.70 7.19 9.47
N ILE A 73 -4.68 6.05 10.15
CA ILE A 73 -5.29 5.93 11.47
C ILE A 73 -4.54 4.94 12.34
N SER A 74 -4.87 4.91 13.62
CA SER A 74 -4.23 4.01 14.56
C SER A 74 -4.17 2.58 14.01
N PRO A 75 -3.32 1.74 14.61
CA PRO A 75 -3.15 0.35 14.19
C PRO A 75 -4.37 -0.50 14.51
N ARG A 76 -5.31 0.08 15.26
CA ARG A 76 -6.53 -0.63 15.63
C ARG A 76 -7.46 -0.81 14.43
N ALA A 77 -7.52 0.22 13.58
CA ALA A 77 -8.36 0.19 12.41
C ALA A 77 -7.52 0.22 11.13
N LEU A 78 -6.41 -0.49 11.14
CA LEU A 78 -5.52 -0.54 9.98
C LEU A 78 -5.52 -1.93 9.35
N LEU A 79 -5.54 -2.96 10.18
CA LEU A 79 -5.56 -4.34 9.70
C LEU A 79 -6.72 -4.57 8.75
N ARG A 80 -6.43 -4.66 7.46
CA ARG A 80 -7.46 -4.88 6.45
C ARG A 80 -8.24 -6.16 6.75
N ALA A 81 -9.30 -6.38 5.98
CA ALA A 81 -10.13 -7.56 6.15
C ALA A 81 -9.43 -8.81 5.63
N LYS A 82 -8.80 -8.68 4.47
CA LYS A 82 -8.09 -9.81 3.86
C LYS A 82 -7.21 -10.51 4.89
N GLU A 83 -6.75 -9.76 5.89
CA GLU A 83 -5.90 -10.32 6.94
C GLU A 83 -6.73 -11.09 7.96
N ALA A 84 -7.51 -12.05 7.48
CA ALA A 84 -8.34 -12.87 8.35
C ALA A 84 -7.66 -13.13 9.69
N ARG A 85 -6.36 -13.37 9.63
CA ARG A 85 -5.58 -13.63 10.84
C ARG A 85 -5.84 -12.57 11.90
N TYR A 86 -5.80 -11.31 11.47
CA TYR A 86 -6.03 -10.19 12.38
C TYR A 86 -7.30 -10.40 13.22
N ALA A 87 -8.40 -10.66 12.52
CA ALA A 87 -9.67 -10.89 13.19
C ALA A 87 -9.68 -12.22 13.95
N GLU A 88 -8.96 -13.20 13.40
CA GLU A 88 -8.88 -14.52 14.04
C GLU A 88 -8.33 -14.40 15.45
N LEU A 89 -7.31 -13.56 15.62
CA LEU A 89 -6.69 -13.36 16.93
C LEU A 89 -7.61 -12.56 17.86
N GLY A 90 -8.69 -12.05 17.30
CA GLY A 90 -9.63 -11.27 18.08
C GLY A 90 -9.19 -9.83 18.26
N LEU A 91 -8.27 -9.38 17.41
CA LEU A 91 -7.76 -8.02 17.48
C LEU A 91 -8.90 -7.00 17.36
N ASP A 92 -9.94 -7.38 16.62
CA ASP A 92 -11.09 -6.50 16.43
C ASP A 92 -11.62 -5.99 17.77
N ASP A 93 -11.42 -6.79 18.82
CA ASP A 93 -11.88 -6.42 20.15
C ASP A 93 -11.43 -5.01 20.51
N PRO A 94 -12.41 -4.10 20.67
CA PRO A 94 -12.14 -2.70 21.00
C PRO A 94 -11.63 -2.55 22.43
N ALA A 95 -11.67 -3.63 23.20
CA ALA A 95 -11.20 -3.61 24.58
C ALA A 95 -9.67 -3.69 24.64
N LEU A 96 -9.06 -4.12 23.54
CA LEU A 96 -7.61 -4.25 23.48
C LEU A 96 -6.95 -2.88 23.52
N SER A 97 -5.62 -2.87 23.40
CA SER A 97 -4.86 -1.63 23.42
C SER A 97 -3.79 -1.63 22.33
N ASP A 98 -3.19 -0.47 22.09
CA ASP A 98 -2.16 -0.32 21.09
C ASP A 98 -1.01 -1.30 21.34
N GLU A 99 -0.77 -1.61 22.61
CA GLU A 99 0.29 -2.53 22.99
C GLU A 99 0.14 -3.86 22.25
N VAL A 100 -0.95 -4.57 22.52
CA VAL A 100 -1.22 -5.84 21.88
C VAL A 100 -1.35 -5.70 20.36
N LEU A 101 -1.99 -4.62 19.94
CA LEU A 101 -2.19 -4.35 18.52
C LEU A 101 -0.84 -4.30 17.79
N ILE A 102 0.06 -3.47 18.29
CA ILE A 102 1.38 -3.34 17.68
C ILE A 102 2.14 -4.66 17.70
N ASP A 103 2.24 -5.26 18.88
CA ASP A 103 2.94 -6.53 19.03
C ASP A 103 2.44 -7.55 18.01
N ALA A 104 1.14 -7.52 17.74
CA ALA A 104 0.53 -8.43 16.78
C ALA A 104 0.98 -8.11 15.36
N MET A 105 0.96 -6.82 15.02
CA MET A 105 1.36 -6.38 13.69
C MET A 105 2.83 -6.67 13.43
N ILE A 106 3.67 -6.30 14.39
CA ILE A 106 5.11 -6.52 14.26
C ILE A 106 5.42 -8.01 14.11
N SER A 107 4.49 -8.85 14.53
CA SER A 107 4.66 -10.29 14.45
C SER A 107 4.07 -10.83 13.15
N ASN A 108 3.02 -10.17 12.66
CA ASN A 108 2.36 -10.58 11.43
C ASN A 108 3.17 -10.15 10.21
N PRO A 109 2.90 -10.79 9.06
CA PRO A 109 3.58 -10.49 7.80
C PRO A 109 3.19 -9.12 7.24
N VAL A 110 2.09 -8.58 7.75
CA VAL A 110 1.61 -7.27 7.30
C VAL A 110 2.62 -6.17 7.63
N LEU A 111 3.56 -6.48 8.52
CA LEU A 111 4.57 -5.53 8.92
C LEU A 111 5.52 -5.21 7.76
N MET A 112 5.46 -6.04 6.72
CA MET A 112 6.30 -5.86 5.55
C MET A 112 6.20 -4.44 5.02
N ASN A 113 7.21 -3.62 5.32
CA ASN A 113 7.23 -2.24 4.87
C ASN A 113 8.19 -2.06 3.70
N ARG A 114 8.82 -3.15 3.28
CA ARG A 114 9.76 -3.11 2.17
C ARG A 114 9.12 -2.51 0.93
N PRO A 115 8.04 -3.14 0.45
CA PRO A 115 7.31 -2.68 -0.73
C PRO A 115 6.56 -1.37 -0.48
N VAL A 116 6.99 -0.30 -1.13
CA VAL A 116 6.36 1.00 -0.97
C VAL A 116 5.95 1.57 -2.32
N VAL A 117 4.83 2.28 -2.34
CA VAL A 117 4.32 2.89 -3.58
C VAL A 117 4.22 4.41 -3.44
N VAL A 118 4.89 5.13 -4.34
CA VAL A 118 4.87 6.58 -4.32
C VAL A 118 4.11 7.14 -5.52
N THR A 119 3.01 7.84 -5.23
CA THR A 119 2.19 8.44 -6.29
C THR A 119 1.97 9.92 -6.04
N PRO A 120 1.68 10.66 -7.13
CA PRO A 120 1.44 12.11 -7.05
C PRO A 120 0.13 12.43 -6.35
N LYS A 121 -0.65 11.41 -6.04
CA LYS A 121 -1.92 11.59 -5.37
C LYS A 121 -1.89 11.00 -3.96
N GLY A 122 -0.74 10.48 -3.57
CA GLY A 122 -0.58 9.90 -2.25
C GLY A 122 0.51 8.86 -2.19
N VAL A 123 0.69 8.26 -1.02
CA VAL A 123 1.72 7.23 -0.85
C VAL A 123 1.23 6.13 0.09
N ARG A 124 1.58 4.90 -0.23
CA ARG A 124 1.17 3.75 0.58
C ARG A 124 1.99 2.51 0.22
N LEU A 125 1.98 1.53 1.11
CA LEU A 125 2.72 0.29 0.88
C LEU A 125 2.37 -0.32 -0.48
N CYS A 126 3.39 -0.68 -1.25
CA CYS A 126 3.19 -1.26 -2.56
C CYS A 126 2.50 -2.62 -2.46
N ARG A 127 2.59 -3.24 -1.28
CA ARG A 127 1.98 -4.55 -1.05
C ARG A 127 1.35 -4.60 0.33
N PRO A 128 0.41 -5.55 0.52
CA PRO A 128 0.03 -6.49 -0.54
C PRO A 128 -0.75 -5.81 -1.67
N ALA A 129 -1.20 -6.61 -2.64
CA ALA A 129 -1.96 -6.08 -3.76
C ALA A 129 -3.22 -5.36 -3.29
N GLU A 130 -3.66 -5.69 -2.08
CA GLU A 130 -4.86 -5.07 -1.52
C GLU A 130 -4.60 -3.62 -1.15
N THR A 131 -3.39 -3.34 -0.68
CA THR A 131 -3.01 -1.98 -0.29
C THR A 131 -2.77 -1.11 -1.52
N VAL A 132 -2.03 -1.63 -2.48
CA VAL A 132 -1.73 -0.90 -3.71
C VAL A 132 -2.99 -0.66 -4.52
N GLN A 133 -3.87 -1.65 -4.56
CA GLN A 133 -5.12 -1.54 -5.30
C GLN A 133 -6.08 -0.58 -4.62
N GLU A 134 -5.89 -0.39 -3.32
CA GLU A 134 -6.75 0.51 -2.54
C GLU A 134 -6.33 1.97 -2.74
N LEU A 135 -5.03 2.21 -2.67
CA LEU A 135 -4.50 3.56 -2.84
C LEU A 135 -4.60 4.00 -4.30
N LEU A 136 -4.35 3.08 -5.22
CA LEU A 136 -4.41 3.38 -6.64
C LEU A 136 -5.73 2.90 -7.24
N MET A 1 17.90 -0.45 13.15
CA MET A 1 18.39 0.68 13.93
C MET A 1 19.75 1.15 13.43
N ALA A 2 19.86 1.28 12.11
CA ALA A 2 21.10 1.72 11.49
C ALA A 2 20.92 1.97 10.00
N HIS A 3 22.01 2.35 9.33
CA HIS A 3 21.96 2.62 7.89
C HIS A 3 22.73 1.56 7.11
N HIS A 4 22.67 1.64 5.80
CA HIS A 4 23.36 0.68 4.94
C HIS A 4 24.16 1.40 3.86
N HIS A 5 24.83 0.62 3.02
CA HIS A 5 25.64 1.18 1.94
C HIS A 5 24.83 2.17 1.10
N HIS A 6 25.50 2.90 0.23
CA HIS A 6 24.84 3.88 -0.62
C HIS A 6 24.75 3.37 -2.06
N HIS A 7 23.53 3.26 -2.57
CA HIS A 7 23.30 2.79 -3.92
C HIS A 7 21.82 2.85 -4.29
N HIS A 8 21.43 3.95 -4.92
CA HIS A 8 20.04 4.14 -5.33
C HIS A 8 19.94 4.44 -6.81
N MET A 9 18.72 4.72 -7.28
CA MET A 9 18.49 5.03 -8.68
C MET A 9 17.45 6.13 -8.83
N GLY A 10 17.01 6.36 -10.07
CA GLY A 10 16.02 7.39 -10.33
C GLY A 10 15.78 7.61 -11.80
N THR A 11 14.52 7.83 -12.18
CA THR A 11 14.16 8.06 -13.57
C THR A 11 13.03 9.08 -13.69
N LEU A 12 12.54 9.26 -14.91
CA LEU A 12 11.45 10.20 -15.16
C LEU A 12 10.14 9.46 -15.43
N GLU A 13 9.14 10.20 -15.87
CA GLU A 13 7.83 9.61 -16.17
C GLU A 13 7.60 9.53 -17.68
N ALA A 14 6.40 9.09 -18.07
CA ALA A 14 6.07 8.96 -19.48
C ALA A 14 4.63 9.41 -19.73
N GLN A 15 4.17 9.25 -20.97
CA GLN A 15 2.82 9.65 -21.34
C GLN A 15 2.21 8.64 -22.30
N THR A 16 0.88 8.54 -22.28
CA THR A 16 0.16 7.61 -23.15
C THR A 16 -1.13 8.22 -23.66
N GLN A 17 -1.84 7.48 -24.50
CA GLN A 17 -3.10 7.96 -25.06
C GLN A 17 -4.10 8.30 -23.97
N GLY A 18 -5.16 9.00 -24.34
CA GLY A 18 -6.17 9.39 -23.38
C GLY A 18 -5.59 10.11 -22.18
N PRO A 19 -6.44 10.41 -21.19
CA PRO A 19 -6.03 11.11 -19.97
C PRO A 19 -5.15 10.25 -19.08
N GLY A 20 -3.87 10.16 -19.44
CA GLY A 20 -2.93 9.36 -18.66
C GLY A 20 -2.29 10.15 -17.54
N SER A 21 -1.18 10.82 -17.85
CA SER A 21 -0.48 11.62 -16.85
C SER A 21 0.11 10.73 -15.76
N MET A 22 0.51 9.52 -16.15
CA MET A 22 1.10 8.58 -15.21
C MET A 22 2.22 9.22 -14.40
N ASP A 23 2.23 8.98 -13.09
CA ASP A 23 3.26 9.54 -12.22
C ASP A 23 3.23 8.87 -10.85
N VAL A 24 3.42 7.55 -10.85
CA VAL A 24 3.42 6.78 -9.61
C VAL A 24 4.67 5.92 -9.50
N THR A 25 5.26 5.89 -8.30
CA THR A 25 6.47 5.12 -8.06
C THR A 25 6.27 4.13 -6.92
N ILE A 26 6.82 2.94 -7.06
CA ILE A 26 6.70 1.90 -6.04
C ILE A 26 8.07 1.55 -5.46
N TYR A 27 8.12 1.36 -4.14
CA TYR A 27 9.36 1.02 -3.45
C TYR A 27 9.33 -0.42 -2.97
N HIS A 28 10.11 -1.28 -3.62
CA HIS A 28 10.18 -2.69 -3.25
C HIS A 28 11.27 -3.40 -4.04
N ASN A 29 11.28 -4.74 -3.96
CA ASN A 29 12.27 -5.53 -4.66
C ASN A 29 11.62 -6.33 -5.79
N PRO A 30 12.45 -6.78 -6.75
CA PRO A 30 11.98 -7.57 -7.90
C PRO A 30 11.53 -8.97 -7.50
N VAL A 31 10.34 -9.05 -6.90
CA VAL A 31 9.80 -10.33 -6.48
C VAL A 31 8.74 -10.83 -7.45
N CYS A 32 9.01 -11.98 -8.07
CA CYS A 32 8.08 -12.57 -9.03
C CYS A 32 6.71 -12.76 -8.40
N GLY A 33 5.68 -12.92 -9.24
CA GLY A 33 4.33 -13.12 -8.75
C GLY A 33 3.71 -11.83 -8.24
N THR A 34 4.21 -11.34 -7.11
CA THR A 34 3.71 -10.12 -6.51
C THR A 34 3.92 -8.93 -7.43
N SER A 35 5.16 -8.69 -7.81
CA SER A 35 5.50 -7.57 -8.69
C SER A 35 4.68 -7.63 -9.97
N ARG A 36 4.51 -8.83 -10.50
CA ARG A 36 3.74 -9.03 -11.73
C ARG A 36 2.26 -8.72 -11.50
N LYS A 37 1.76 -9.09 -10.32
CA LYS A 37 0.36 -8.85 -9.99
C LYS A 37 0.06 -7.35 -9.95
N VAL A 38 0.82 -6.62 -9.13
CA VAL A 38 0.63 -5.17 -9.00
C VAL A 38 0.86 -4.47 -10.34
N LEU A 39 1.93 -4.88 -11.04
CA LEU A 39 2.25 -4.28 -12.32
C LEU A 39 1.16 -4.54 -13.35
N GLY A 40 0.63 -5.76 -13.34
CA GLY A 40 -0.43 -6.12 -14.27
C GLY A 40 -1.70 -5.31 -14.04
N MET A 41 -2.08 -5.15 -12.79
CA MET A 41 -3.28 -4.40 -12.44
C MET A 41 -3.14 -2.94 -12.87
N ILE A 42 -2.03 -2.31 -12.46
CA ILE A 42 -1.79 -0.91 -12.80
C ILE A 42 -1.64 -0.73 -14.31
N ARG A 43 -0.73 -1.50 -14.90
CA ARG A 43 -0.49 -1.43 -16.34
C ARG A 43 -1.79 -1.57 -17.12
N GLU A 44 -2.63 -2.50 -16.69
CA GLU A 44 -3.92 -2.73 -17.35
C GLU A 44 -4.91 -1.64 -16.99
N ALA A 45 -4.72 -1.04 -15.82
CA ALA A 45 -5.61 0.02 -15.35
C ALA A 45 -5.44 1.29 -16.18
N GLY A 46 -4.25 1.46 -16.75
CA GLY A 46 -3.98 2.63 -17.56
C GLY A 46 -2.90 3.51 -16.97
N ILE A 47 -1.90 2.87 -16.35
CA ILE A 47 -0.79 3.60 -15.74
C ILE A 47 0.48 2.76 -15.76
N GLU A 48 1.62 3.44 -15.95
CA GLU A 48 2.90 2.76 -15.98
C GLU A 48 3.86 3.36 -14.96
N PRO A 49 3.72 2.92 -13.70
CA PRO A 49 4.57 3.40 -12.60
C PRO A 49 6.01 2.90 -12.72
N HIS A 50 6.90 3.49 -11.91
CA HIS A 50 8.31 3.11 -11.93
C HIS A 50 8.67 2.34 -10.66
N VAL A 51 9.48 1.30 -10.82
CA VAL A 51 9.90 0.49 -9.69
C VAL A 51 11.30 0.89 -9.21
N ILE A 52 11.39 1.30 -7.95
CA ILE A 52 12.66 1.71 -7.37
C ILE A 52 13.03 0.84 -6.18
N GLU A 53 14.24 0.29 -6.20
CA GLU A 53 14.71 -0.56 -5.11
C GLU A 53 15.63 0.22 -4.18
N TYR A 54 15.07 0.68 -3.07
CA TYR A 54 15.85 1.45 -2.09
C TYR A 54 16.67 0.52 -1.20
N MET A 55 17.83 1.00 -0.78
CA MET A 55 18.72 0.22 0.08
C MET A 55 17.97 -0.32 1.29
N LYS A 56 18.29 -1.55 1.67
CA LYS A 56 17.65 -2.19 2.82
C LYS A 56 17.80 -1.33 4.07
N THR A 57 16.68 -0.88 4.62
CA THR A 57 16.70 -0.05 5.82
C THR A 57 15.71 -0.58 6.86
N PRO A 58 16.09 -1.67 7.53
CA PRO A 58 15.26 -2.29 8.57
C PRO A 58 15.16 -1.43 9.82
N LEU A 59 13.93 -1.07 10.19
CA LEU A 59 13.69 -0.26 11.37
C LEU A 59 12.96 -1.05 12.45
N PRO A 60 13.06 -0.58 13.69
CA PRO A 60 12.41 -1.23 14.85
C PRO A 60 10.89 -1.10 14.80
N ARG A 61 10.22 -1.88 15.65
CA ARG A 61 8.77 -1.86 15.71
C ARG A 61 8.26 -0.44 15.96
N ASP A 62 8.84 0.22 16.93
CA ASP A 62 8.45 1.58 17.28
C ASP A 62 8.44 2.48 16.04
N MET A 63 9.45 2.31 15.19
CA MET A 63 9.57 3.09 13.96
C MET A 63 8.48 2.69 12.96
N LEU A 64 8.21 1.39 12.88
CA LEU A 64 7.21 0.89 11.96
C LEU A 64 5.82 1.41 12.32
N VAL A 65 5.50 1.39 13.61
CA VAL A 65 4.21 1.87 14.08
C VAL A 65 4.10 3.38 13.98
N GLU A 66 5.22 4.07 14.22
CA GLU A 66 5.26 5.52 14.15
C GLU A 66 5.05 5.99 12.71
N LEU A 67 5.57 5.24 11.76
CA LEU A 67 5.44 5.59 10.35
C LEU A 67 4.06 5.22 9.82
N LEU A 68 3.56 4.06 10.24
CA LEU A 68 2.25 3.60 9.81
C LEU A 68 1.14 4.43 10.46
N ARG A 69 1.37 4.84 11.69
CA ARG A 69 0.40 5.65 12.43
C ARG A 69 0.38 7.09 11.91
N GLN A 70 1.56 7.62 11.62
CA GLN A 70 1.68 8.98 11.12
C GLN A 70 1.34 9.04 9.63
N MET A 71 1.52 7.93 8.94
CA MET A 71 1.23 7.86 7.51
C MET A 71 -0.24 8.13 7.24
N ALA A 72 -1.10 7.29 7.81
CA ALA A 72 -2.55 7.44 7.64
C ALA A 72 -3.26 7.48 8.98
N ILE A 73 -3.30 6.34 9.66
CA ILE A 73 -3.95 6.25 10.97
C ILE A 73 -3.26 5.22 11.86
N SER A 74 -3.58 5.26 13.15
CA SER A 74 -2.99 4.34 14.11
C SER A 74 -3.04 2.91 13.59
N PRO A 75 -2.26 2.01 14.21
CA PRO A 75 -2.22 0.60 13.84
C PRO A 75 -3.50 -0.15 14.20
N ARG A 76 -4.38 0.54 14.93
CA ARG A 76 -5.65 -0.07 15.32
C ARG A 76 -6.60 -0.18 14.14
N ALA A 77 -6.56 0.82 13.26
CA ALA A 77 -7.41 0.83 12.07
C ALA A 77 -6.59 0.71 10.80
N LEU A 78 -5.59 -0.17 10.82
CA LEU A 78 -4.73 -0.37 9.66
C LEU A 78 -4.84 -1.80 9.15
N LEU A 79 -4.97 -2.75 10.07
CA LEU A 79 -5.08 -4.16 9.70
C LEU A 79 -6.25 -4.38 8.74
N ARG A 80 -5.92 -4.61 7.48
CA ARG A 80 -6.94 -4.84 6.46
C ARG A 80 -7.87 -5.97 6.87
N ALA A 81 -8.96 -6.14 6.12
CA ALA A 81 -9.93 -7.19 6.40
C ALA A 81 -9.38 -8.56 6.02
N LYS A 82 -8.73 -8.63 4.86
CA LYS A 82 -8.17 -9.89 4.37
C LYS A 82 -7.38 -10.58 5.48
N GLU A 83 -6.85 -9.80 6.41
CA GLU A 83 -6.07 -10.34 7.52
C GLU A 83 -6.99 -10.90 8.60
N ALA A 84 -7.89 -11.80 8.20
CA ALA A 84 -8.83 -12.41 9.15
C ALA A 84 -8.18 -12.62 10.50
N ARG A 85 -6.92 -13.03 10.50
CA ARG A 85 -6.19 -13.27 11.74
C ARG A 85 -6.31 -12.08 12.68
N TYR A 86 -6.11 -10.88 12.14
CA TYR A 86 -6.19 -9.66 12.94
C TYR A 86 -7.48 -9.64 13.76
N ALA A 87 -8.61 -9.83 13.09
CA ALA A 87 -9.90 -9.82 13.76
C ALA A 87 -10.06 -11.05 14.64
N GLU A 88 -9.50 -12.18 14.20
CA GLU A 88 -9.59 -13.42 14.96
C GLU A 88 -9.02 -13.24 16.36
N LEU A 89 -7.91 -12.52 16.46
CA LEU A 89 -7.26 -12.29 17.75
C LEU A 89 -8.08 -11.28 18.57
N GLY A 90 -9.07 -10.68 17.95
CA GLY A 90 -9.90 -9.71 18.64
C GLY A 90 -9.27 -8.34 18.69
N LEU A 91 -8.30 -8.09 17.82
CA LEU A 91 -7.62 -6.81 17.77
C LEU A 91 -8.60 -5.67 17.55
N ASP A 92 -9.68 -5.97 16.85
CA ASP A 92 -10.71 -4.97 16.56
C ASP A 92 -11.15 -4.26 17.84
N ASP A 93 -11.06 -4.97 18.96
CA ASP A 93 -11.45 -4.42 20.25
C ASP A 93 -10.79 -3.06 20.48
N PRO A 94 -11.61 -2.00 20.54
CA PRO A 94 -11.12 -0.64 20.77
C PRO A 94 -10.57 -0.43 22.17
N ALA A 95 -10.78 -1.43 23.03
CA ALA A 95 -10.31 -1.34 24.41
C ALA A 95 -8.81 -1.62 24.49
N LEU A 96 -8.27 -2.27 23.46
CA LEU A 96 -6.85 -2.58 23.42
C LEU A 96 -6.01 -1.31 23.34
N SER A 97 -4.69 -1.48 23.23
CA SER A 97 -3.78 -0.35 23.14
C SER A 97 -2.74 -0.56 22.05
N ASP A 98 -2.00 0.49 21.73
CA ASP A 98 -0.98 0.42 20.70
C ASP A 98 0.04 -0.67 21.02
N GLU A 99 0.27 -0.89 22.32
CA GLU A 99 1.22 -1.90 22.76
C GLU A 99 0.90 -3.26 22.15
N VAL A 100 -0.27 -3.80 22.49
CA VAL A 100 -0.70 -5.09 21.97
C VAL A 100 -0.86 -5.05 20.46
N LEU A 101 -1.36 -3.93 19.95
CA LEU A 101 -1.57 -3.77 18.52
C LEU A 101 -0.26 -3.95 17.75
N ILE A 102 0.76 -3.21 18.18
CA ILE A 102 2.07 -3.28 17.53
C ILE A 102 2.67 -4.68 17.66
N ASP A 103 2.74 -5.18 18.90
CA ASP A 103 3.29 -6.50 19.16
C ASP A 103 2.62 -7.55 18.25
N ALA A 104 1.33 -7.38 18.03
CA ALA A 104 0.58 -8.31 17.20
C ALA A 104 0.97 -8.17 15.72
N MET A 105 1.10 -6.92 15.27
CA MET A 105 1.47 -6.66 13.89
C MET A 105 2.88 -7.15 13.59
N ILE A 106 3.82 -6.76 14.45
CA ILE A 106 5.21 -7.18 14.29
C ILE A 106 5.33 -8.69 14.19
N SER A 107 4.57 -9.40 15.01
CA SER A 107 4.59 -10.86 15.02
C SER A 107 3.84 -11.42 13.82
N ASN A 108 2.83 -10.69 13.37
CA ASN A 108 2.02 -11.11 12.23
C ASN A 108 2.73 -10.79 10.92
N PRO A 109 2.30 -11.45 9.83
CA PRO A 109 2.88 -11.25 8.50
C PRO A 109 2.54 -9.87 7.92
N VAL A 110 1.53 -9.23 8.49
CA VAL A 110 1.11 -7.92 8.03
C VAL A 110 2.22 -6.89 8.21
N LEU A 111 3.21 -7.24 9.02
CA LEU A 111 4.34 -6.35 9.28
C LEU A 111 5.11 -6.06 8.00
N MET A 112 4.87 -6.87 6.97
CA MET A 112 5.55 -6.69 5.69
C MET A 112 5.11 -5.41 5.01
N ASN A 113 5.76 -4.31 5.37
CA ASN A 113 5.43 -3.01 4.80
C ASN A 113 6.48 -2.57 3.80
N ARG A 114 7.46 -3.44 3.56
CA ARG A 114 8.53 -3.15 2.62
C ARG A 114 7.98 -2.53 1.34
N PRO A 115 7.13 -3.30 0.64
CA PRO A 115 6.51 -2.84 -0.62
C PRO A 115 5.50 -1.73 -0.40
N VAL A 116 5.90 -0.50 -0.72
CA VAL A 116 5.02 0.64 -0.57
C VAL A 116 4.86 1.41 -1.88
N VAL A 117 3.62 1.65 -2.28
CA VAL A 117 3.35 2.37 -3.51
C VAL A 117 3.08 3.84 -3.25
N VAL A 118 3.79 4.72 -3.95
CA VAL A 118 3.62 6.15 -3.78
C VAL A 118 2.92 6.76 -4.99
N THR A 119 1.70 7.24 -4.78
CA THR A 119 0.93 7.86 -5.86
C THR A 119 0.74 9.35 -5.61
N PRO A 120 0.40 10.09 -6.68
CA PRO A 120 0.19 11.54 -6.61
C PRO A 120 -1.09 11.89 -5.85
N LYS A 121 -1.86 10.86 -5.49
CA LYS A 121 -3.11 11.07 -4.76
C LYS A 121 -3.00 10.53 -3.34
N GLY A 122 -1.83 10.01 -3.00
CA GLY A 122 -1.62 9.47 -1.65
C GLY A 122 -0.63 8.33 -1.64
N VAL A 123 -0.30 7.85 -0.45
CA VAL A 123 0.65 6.76 -0.30
C VAL A 123 0.01 5.58 0.43
N ARG A 124 0.41 4.37 0.05
CA ARG A 124 -0.12 3.16 0.68
C ARG A 124 0.71 1.94 0.29
N LEU A 125 0.44 0.81 0.94
CA LEU A 125 1.15 -0.42 0.66
C LEU A 125 0.95 -0.86 -0.79
N CYS A 126 2.06 -1.16 -1.46
CA CYS A 126 2.00 -1.59 -2.85
C CYS A 126 1.31 -2.96 -2.98
N ARG A 127 1.35 -3.72 -1.89
CA ARG A 127 0.74 -5.04 -1.88
C ARG A 127 0.00 -5.29 -0.57
N PRO A 128 -0.91 -6.27 -0.57
CA PRO A 128 -1.20 -7.07 -1.76
C PRO A 128 -1.91 -6.28 -2.86
N ALA A 129 -2.18 -6.93 -3.98
CA ALA A 129 -2.86 -6.28 -5.09
C ALA A 129 -4.16 -5.63 -4.64
N GLU A 130 -4.74 -6.17 -3.57
CA GLU A 130 -6.00 -5.64 -3.05
C GLU A 130 -5.80 -4.23 -2.50
N THR A 131 -4.79 -4.07 -1.64
CA THR A 131 -4.50 -2.78 -1.04
C THR A 131 -4.21 -1.72 -2.11
N VAL A 132 -3.31 -2.04 -3.03
CA VAL A 132 -2.95 -1.14 -4.10
C VAL A 132 -4.14 -0.84 -4.99
N GLN A 133 -4.99 -1.84 -5.18
CA GLN A 133 -6.18 -1.69 -6.03
C GLN A 133 -7.15 -0.68 -5.41
N GLU A 134 -7.24 -0.69 -4.08
CA GLU A 134 -8.13 0.23 -3.38
C GLU A 134 -7.57 1.64 -3.36
N LEU A 135 -6.25 1.74 -3.24
CA LEU A 135 -5.58 3.04 -3.22
C LEU A 135 -5.66 3.71 -4.58
N LEU A 136 -5.51 2.92 -5.63
CA LEU A 136 -5.56 3.44 -7.00
C LEU A 136 -6.89 3.11 -7.66
N MET A 1 -25.39 -31.09 3.61
CA MET A 1 -26.43 -30.14 3.23
C MET A 1 -25.83 -28.88 2.64
N ALA A 2 -25.21 -29.02 1.47
CA ALA A 2 -24.60 -27.89 0.78
C ALA A 2 -25.35 -27.54 -0.50
N HIS A 3 -25.61 -26.26 -0.70
CA HIS A 3 -26.33 -25.80 -1.89
C HIS A 3 -25.38 -25.06 -2.84
N HIS A 4 -25.30 -25.53 -4.07
CA HIS A 4 -24.44 -24.92 -5.07
C HIS A 4 -25.24 -24.48 -6.28
N HIS A 5 -24.67 -23.58 -7.08
CA HIS A 5 -25.33 -23.08 -8.28
C HIS A 5 -24.37 -22.25 -9.12
N HIS A 6 -24.45 -22.40 -10.44
CA HIS A 6 -23.59 -21.66 -11.35
C HIS A 6 -24.33 -20.45 -11.93
N HIS A 7 -23.59 -19.57 -12.59
CA HIS A 7 -24.16 -18.36 -13.18
C HIS A 7 -23.80 -18.26 -14.66
N HIS A 8 -24.69 -17.65 -15.43
CA HIS A 8 -24.46 -17.48 -16.86
C HIS A 8 -24.43 -16.01 -17.24
N MET A 9 -23.29 -15.37 -17.01
CA MET A 9 -23.13 -13.95 -17.33
C MET A 9 -21.67 -13.54 -17.23
N GLY A 10 -21.29 -12.50 -17.98
CA GLY A 10 -19.93 -12.03 -17.97
C GLY A 10 -19.57 -11.27 -19.22
N THR A 11 -19.06 -10.05 -19.05
CA THR A 11 -18.68 -9.20 -20.19
C THR A 11 -17.92 -7.96 -19.71
N LEU A 12 -17.01 -7.48 -20.54
CA LEU A 12 -16.22 -6.29 -20.22
C LEU A 12 -15.81 -5.55 -21.48
N GLU A 13 -15.14 -4.42 -21.30
CA GLU A 13 -14.70 -3.61 -22.43
C GLU A 13 -13.42 -2.84 -22.07
N ALA A 14 -12.93 -2.05 -23.02
CA ALA A 14 -11.73 -1.26 -22.80
C ALA A 14 -11.55 -0.21 -23.90
N GLN A 15 -11.35 1.03 -23.49
CA GLN A 15 -11.17 2.12 -24.45
C GLN A 15 -10.45 3.30 -23.79
N THR A 16 -9.25 3.60 -24.28
CA THR A 16 -8.46 4.70 -23.75
C THR A 16 -7.73 5.44 -24.85
N GLN A 17 -7.63 6.76 -24.71
CA GLN A 17 -6.96 7.59 -25.71
C GLN A 17 -6.82 9.02 -25.22
N GLY A 18 -5.57 9.46 -25.00
CA GLY A 18 -5.33 10.81 -24.53
C GLY A 18 -3.92 10.99 -23.99
N PRO A 19 -3.69 12.15 -23.36
CA PRO A 19 -2.37 12.47 -22.79
C PRO A 19 -2.05 11.62 -21.57
N GLY A 20 -0.88 10.99 -21.58
CA GLY A 20 -0.46 10.16 -20.46
C GLY A 20 0.25 10.94 -19.38
N SER A 21 -0.14 10.71 -18.13
CA SER A 21 0.46 11.41 -17.00
C SER A 21 1.06 10.41 -16.01
N MET A 22 1.45 9.25 -16.51
CA MET A 22 2.05 8.22 -15.67
C MET A 22 3.17 8.79 -14.83
N ASP A 23 2.91 9.01 -13.54
CA ASP A 23 3.91 9.55 -12.64
C ASP A 23 3.85 8.85 -11.29
N VAL A 24 4.03 7.53 -11.30
CA VAL A 24 3.99 6.74 -10.08
C VAL A 24 5.23 5.87 -9.95
N THR A 25 5.84 5.89 -8.77
CA THR A 25 7.05 5.10 -8.52
C THR A 25 6.81 4.07 -7.42
N ILE A 26 7.33 2.86 -7.62
CA ILE A 26 7.18 1.79 -6.65
C ILE A 26 8.53 1.35 -6.10
N TYR A 27 8.54 0.94 -4.83
CA TYR A 27 9.77 0.50 -4.18
C TYR A 27 9.62 -0.92 -3.63
N HIS A 28 10.24 -1.87 -4.31
CA HIS A 28 10.17 -3.27 -3.89
C HIS A 28 11.08 -4.14 -4.75
N ASN A 29 11.36 -5.36 -4.28
CA ASN A 29 12.21 -6.28 -5.01
C ASN A 29 11.41 -7.03 -6.08
N PRO A 30 12.12 -7.52 -7.11
CA PRO A 30 11.51 -8.26 -8.21
C PRO A 30 11.00 -9.63 -7.78
N VAL A 31 9.87 -9.65 -7.08
CA VAL A 31 9.28 -10.90 -6.60
C VAL A 31 8.05 -11.27 -7.42
N CYS A 32 8.07 -12.47 -8.00
CA CYS A 32 6.95 -12.94 -8.80
C CYS A 32 5.65 -12.87 -8.02
N GLY A 33 4.53 -12.86 -8.74
CA GLY A 33 3.23 -12.78 -8.10
C GLY A 33 2.89 -11.38 -7.63
N THR A 34 3.74 -10.84 -6.76
CA THR A 34 3.53 -9.49 -6.21
C THR A 34 3.75 -8.44 -7.29
N SER A 35 4.96 -8.41 -7.84
CA SER A 35 5.31 -7.44 -8.88
C SER A 35 4.40 -7.60 -10.10
N ARG A 36 4.08 -8.85 -10.43
CA ARG A 36 3.21 -9.14 -11.57
C ARG A 36 1.80 -8.66 -11.32
N LYS A 37 1.26 -9.00 -10.15
CA LYS A 37 -0.09 -8.60 -9.78
C LYS A 37 -0.24 -7.08 -9.80
N VAL A 38 0.62 -6.40 -9.04
CA VAL A 38 0.59 -4.95 -8.97
C VAL A 38 0.75 -4.32 -10.35
N LEU A 39 1.81 -4.71 -11.04
CA LEU A 39 2.08 -4.19 -12.39
C LEU A 39 0.90 -4.44 -13.31
N GLY A 40 0.28 -5.61 -13.17
CA GLY A 40 -0.86 -5.95 -14.00
C GLY A 40 -2.04 -5.02 -13.79
N MET A 41 -2.35 -4.74 -12.52
CA MET A 41 -3.46 -3.85 -12.20
C MET A 41 -3.20 -2.44 -12.71
N ILE A 42 -2.02 -1.92 -12.42
CA ILE A 42 -1.66 -0.58 -12.87
C ILE A 42 -1.58 -0.50 -14.39
N ARG A 43 -0.75 -1.36 -14.98
CA ARG A 43 -0.59 -1.39 -16.42
C ARG A 43 -1.94 -1.49 -17.12
N GLU A 44 -2.82 -2.32 -16.57
CA GLU A 44 -4.15 -2.51 -17.15
C GLU A 44 -5.05 -1.32 -16.83
N ALA A 45 -4.77 -0.64 -15.72
CA ALA A 45 -5.56 0.52 -15.32
C ALA A 45 -5.31 1.70 -16.25
N GLY A 46 -4.12 1.72 -16.86
CA GLY A 46 -3.77 2.81 -17.76
C GLY A 46 -2.63 3.66 -17.25
N ILE A 47 -1.66 3.00 -16.61
CA ILE A 47 -0.51 3.70 -16.05
C ILE A 47 0.74 2.82 -16.10
N GLU A 48 1.89 3.45 -16.35
CA GLU A 48 3.15 2.72 -16.43
C GLU A 48 4.17 3.30 -15.44
N PRO A 49 4.06 2.89 -14.17
CA PRO A 49 4.95 3.35 -13.11
C PRO A 49 6.37 2.81 -13.27
N HIS A 50 7.29 3.31 -12.46
CA HIS A 50 8.68 2.87 -12.51
C HIS A 50 9.05 2.10 -11.25
N VAL A 51 9.72 0.96 -11.43
CA VAL A 51 10.13 0.12 -10.31
C VAL A 51 11.57 0.44 -9.90
N ILE A 52 11.74 0.81 -8.64
CA ILE A 52 13.07 1.12 -8.12
C ILE A 52 13.39 0.30 -6.88
N GLU A 53 14.36 -0.60 -7.02
CA GLU A 53 14.76 -1.47 -5.91
C GLU A 53 16.01 -0.93 -5.23
N TYR A 54 15.88 -0.55 -3.96
CA TYR A 54 17.01 -0.02 -3.21
C TYR A 54 17.01 -0.57 -1.78
N MET A 55 17.86 0.01 -0.94
CA MET A 55 17.96 -0.42 0.46
C MET A 55 16.59 -0.47 1.11
N LYS A 56 16.13 -1.67 1.44
CA LYS A 56 14.83 -1.86 2.09
C LYS A 56 14.70 -0.96 3.31
N THR A 57 15.79 -0.78 4.02
CA THR A 57 15.80 0.06 5.23
C THR A 57 14.79 -0.44 6.25
N PRO A 58 15.13 -1.55 6.93
CA PRO A 58 14.27 -2.15 7.95
C PRO A 58 14.17 -1.30 9.21
N LEU A 59 12.99 -0.73 9.44
CA LEU A 59 12.77 0.10 10.61
C LEU A 59 12.20 -0.71 11.77
N PRO A 60 12.42 -0.22 13.00
CA PRO A 60 11.93 -0.89 14.21
C PRO A 60 10.41 -0.82 14.35
N ARG A 61 9.87 -1.57 15.30
CA ARG A 61 8.43 -1.59 15.53
C ARG A 61 7.89 -0.18 15.68
N ASP A 62 8.53 0.61 16.52
CA ASP A 62 8.12 2.00 16.75
C ASP A 62 7.95 2.73 15.44
N MET A 63 8.88 2.51 14.51
CA MET A 63 8.83 3.17 13.20
C MET A 63 7.66 2.63 12.37
N LEU A 64 7.43 1.33 12.45
CA LEU A 64 6.35 0.70 11.71
C LEU A 64 4.99 1.20 12.19
N VAL A 65 4.81 1.26 13.50
CA VAL A 65 3.56 1.73 14.08
C VAL A 65 3.37 3.22 13.84
N GLU A 66 4.46 3.97 13.88
CA GLU A 66 4.42 5.42 13.66
C GLU A 66 4.03 5.73 12.22
N LEU A 67 4.51 4.92 11.29
CA LEU A 67 4.21 5.11 9.87
C LEU A 67 2.80 4.63 9.54
N LEU A 68 2.41 3.51 10.14
CA LEU A 68 1.08 2.95 9.92
C LEU A 68 0.01 3.79 10.60
N ARG A 69 0.34 4.34 11.76
CA ARG A 69 -0.59 5.17 12.51
C ARG A 69 -0.74 6.54 11.88
N GLN A 70 0.38 7.09 11.40
CA GLN A 70 0.37 8.41 10.77
C GLN A 70 -0.15 8.32 9.34
N MET A 71 0.02 7.16 8.73
CA MET A 71 -0.43 6.95 7.36
C MET A 71 -1.92 7.23 7.22
N ALA A 72 -2.73 6.48 7.95
CA ALA A 72 -4.18 6.64 7.93
C ALA A 72 -4.75 6.78 9.33
N ILE A 73 -4.73 5.69 10.09
CA ILE A 73 -5.24 5.69 11.45
C ILE A 73 -4.45 4.73 12.33
N SER A 74 -4.76 4.74 13.63
CA SER A 74 -4.09 3.87 14.58
C SER A 74 -4.05 2.43 14.06
N PRO A 75 -3.15 1.62 14.65
CA PRO A 75 -3.00 0.21 14.27
C PRO A 75 -4.19 -0.63 14.70
N ARG A 76 -5.03 -0.09 15.57
CA ARG A 76 -6.20 -0.79 16.05
C ARG A 76 -7.25 -0.91 14.96
N ALA A 77 -7.30 0.09 14.08
CA ALA A 77 -8.27 0.10 12.98
C ALA A 77 -7.56 0.00 11.64
N LEU A 78 -6.38 -0.62 11.63
CA LEU A 78 -5.61 -0.77 10.41
C LEU A 78 -5.77 -2.17 9.83
N LEU A 79 -5.70 -3.17 10.70
CA LEU A 79 -5.85 -4.56 10.28
C LEU A 79 -7.16 -4.77 9.54
N ARG A 80 -7.07 -4.92 8.22
CA ARG A 80 -8.26 -5.12 7.39
C ARG A 80 -8.98 -6.41 7.79
N ALA A 81 -10.11 -6.66 7.16
CA ALA A 81 -10.90 -7.85 7.44
C ALA A 81 -10.24 -9.10 6.87
N LYS A 82 -9.73 -8.99 5.65
CA LYS A 82 -9.06 -10.10 4.99
C LYS A 82 -8.08 -10.78 5.93
N GLU A 83 -7.54 -10.01 6.88
CA GLU A 83 -6.58 -10.55 7.84
C GLU A 83 -7.29 -11.33 8.93
N ALA A 84 -8.08 -12.31 8.53
CA ALA A 84 -8.81 -13.14 9.48
C ALA A 84 -8.02 -13.35 10.75
N ARG A 85 -6.71 -13.58 10.60
CA ARG A 85 -5.84 -13.79 11.75
C ARG A 85 -6.03 -12.70 12.79
N TYR A 86 -6.03 -11.45 12.34
CA TYR A 86 -6.19 -10.31 13.24
C TYR A 86 -7.40 -10.51 14.16
N ALA A 87 -8.53 -10.86 13.56
CA ALA A 87 -9.76 -11.08 14.32
C ALA A 87 -9.67 -12.37 15.13
N GLU A 88 -9.04 -13.39 14.55
CA GLU A 88 -8.89 -14.68 15.22
C GLU A 88 -8.21 -14.51 16.58
N LEU A 89 -7.24 -13.60 16.64
CA LEU A 89 -6.50 -13.34 17.86
C LEU A 89 -7.33 -12.49 18.82
N GLY A 90 -8.44 -11.95 18.33
CA GLY A 90 -9.29 -11.13 19.16
C GLY A 90 -8.80 -9.70 19.26
N LEU A 91 -7.97 -9.29 18.32
CA LEU A 91 -7.43 -7.94 18.31
C LEU A 91 -8.54 -6.90 18.20
N ASP A 92 -9.71 -7.34 17.78
CA ASP A 92 -10.86 -6.45 17.64
C ASP A 92 -11.27 -5.88 18.99
N ASP A 93 -10.89 -6.56 20.05
CA ASP A 93 -11.22 -6.13 21.41
C ASP A 93 -10.82 -4.67 21.61
N PRO A 94 -11.79 -3.83 21.96
CA PRO A 94 -11.57 -2.40 22.20
C PRO A 94 -10.77 -2.15 23.47
N ALA A 95 -10.96 -3.01 24.46
CA ALA A 95 -10.25 -2.88 25.74
C ALA A 95 -8.74 -2.95 25.54
N LEU A 96 -8.33 -3.58 24.44
CA LEU A 96 -6.91 -3.73 24.13
C LEU A 96 -6.24 -2.36 24.01
N SER A 97 -4.96 -2.36 23.66
CA SER A 97 -4.21 -1.12 23.51
C SER A 97 -3.17 -1.25 22.39
N ASP A 98 -2.59 -0.13 22.00
CA ASP A 98 -1.58 -0.10 20.94
C ASP A 98 -0.45 -1.09 21.26
N GLU A 99 -0.22 -1.33 22.54
CA GLU A 99 0.82 -2.25 22.97
C GLU A 99 0.64 -3.63 22.34
N VAL A 100 -0.48 -4.28 22.65
CA VAL A 100 -0.77 -5.60 22.10
C VAL A 100 -0.98 -5.53 20.60
N LEU A 101 -1.63 -4.46 20.15
CA LEU A 101 -1.90 -4.28 18.72
C LEU A 101 -0.61 -4.29 17.92
N ILE A 102 0.35 -3.46 18.32
CA ILE A 102 1.64 -3.38 17.64
C ILE A 102 2.39 -4.70 17.75
N ASP A 103 2.56 -5.18 18.98
CA ASP A 103 3.27 -6.44 19.21
C ASP A 103 2.73 -7.55 18.31
N ALA A 104 1.42 -7.54 18.09
CA ALA A 104 0.78 -8.55 17.25
C ALA A 104 1.10 -8.31 15.77
N MET A 105 1.04 -7.04 15.36
CA MET A 105 1.32 -6.68 13.98
C MET A 105 2.76 -7.03 13.61
N ILE A 106 3.70 -6.62 14.46
CA ILE A 106 5.11 -6.89 14.22
C ILE A 106 5.38 -8.39 14.09
N SER A 107 4.49 -9.19 14.67
CA SER A 107 4.63 -10.65 14.63
C SER A 107 3.92 -11.21 13.40
N ASN A 108 2.85 -10.55 12.99
CA ASN A 108 2.08 -10.99 11.82
C ASN A 108 2.77 -10.59 10.53
N PRO A 109 2.40 -11.26 9.43
CA PRO A 109 2.97 -10.99 8.10
C PRO A 109 2.53 -9.63 7.56
N VAL A 110 1.50 -9.06 8.15
CA VAL A 110 0.98 -7.76 7.73
C VAL A 110 2.03 -6.67 7.94
N LEU A 111 3.06 -6.97 8.71
CA LEU A 111 4.12 -6.01 8.99
C LEU A 111 4.98 -5.77 7.75
N MET A 112 4.75 -6.58 6.71
CA MET A 112 5.51 -6.45 5.47
C MET A 112 5.34 -5.05 4.88
N ASN A 113 6.29 -4.17 5.16
CA ASN A 113 6.26 -2.81 4.65
C ASN A 113 7.24 -2.62 3.51
N ARG A 114 7.94 -3.70 3.15
CA ARG A 114 8.92 -3.65 2.07
C ARG A 114 8.31 -3.01 0.82
N PRO A 115 7.24 -3.63 0.30
CA PRO A 115 6.55 -3.13 -0.89
C PRO A 115 5.79 -1.84 -0.64
N VAL A 116 6.36 -0.73 -1.11
CA VAL A 116 5.74 0.58 -0.94
C VAL A 116 5.52 1.27 -2.28
N VAL A 117 4.30 1.75 -2.49
CA VAL A 117 3.96 2.44 -3.74
C VAL A 117 3.80 3.94 -3.51
N VAL A 118 4.54 4.73 -4.28
CA VAL A 118 4.49 6.18 -4.17
C VAL A 118 3.70 6.79 -5.34
N THR A 119 2.56 7.39 -5.02
CA THR A 119 1.72 8.02 -6.04
C THR A 119 1.68 9.53 -5.87
N PRO A 120 1.35 10.24 -6.95
CA PRO A 120 1.27 11.70 -6.95
C PRO A 120 0.08 12.21 -6.14
N LYS A 121 -0.74 11.28 -5.66
CA LYS A 121 -1.91 11.63 -4.86
C LYS A 121 -1.73 11.22 -3.41
N GLY A 122 -0.57 10.62 -3.11
CA GLY A 122 -0.29 10.20 -1.75
C GLY A 122 0.63 8.99 -1.70
N VAL A 123 0.86 8.47 -0.50
CA VAL A 123 1.72 7.32 -0.32
C VAL A 123 0.95 6.14 0.27
N ARG A 124 1.30 4.93 -0.17
CA ARG A 124 0.63 3.73 0.31
C ARG A 124 1.50 2.49 0.05
N LEU A 125 1.16 1.39 0.72
CA LEU A 125 1.90 0.15 0.56
C LEU A 125 1.57 -0.53 -0.77
N CYS A 126 2.60 -0.92 -1.50
CA CYS A 126 2.42 -1.58 -2.79
C CYS A 126 1.69 -2.91 -2.63
N ARG A 127 1.76 -3.47 -1.42
CA ARG A 127 1.12 -4.75 -1.14
C ARG A 127 0.44 -4.71 0.23
N PRO A 128 -0.57 -5.57 0.40
CA PRO A 128 -1.02 -6.50 -0.64
C PRO A 128 -1.70 -5.79 -1.80
N ALA A 129 -2.16 -6.56 -2.78
CA ALA A 129 -2.83 -5.99 -3.95
C ALA A 129 -4.05 -5.18 -3.53
N GLU A 130 -4.55 -5.43 -2.32
CA GLU A 130 -5.72 -4.72 -1.81
C GLU A 130 -5.37 -3.27 -1.49
N THR A 131 -4.19 -3.07 -0.93
CA THR A 131 -3.73 -1.72 -0.57
C THR A 131 -3.40 -0.90 -1.81
N VAL A 132 -2.65 -1.50 -2.72
CA VAL A 132 -2.26 -0.81 -3.96
C VAL A 132 -3.48 -0.51 -4.82
N GLN A 133 -4.40 -1.47 -4.90
CA GLN A 133 -5.61 -1.29 -5.70
C GLN A 133 -6.56 -0.30 -5.03
N GLU A 134 -6.43 -0.15 -3.71
CA GLU A 134 -7.27 0.77 -2.96
C GLU A 134 -6.86 2.21 -3.20
N LEU A 135 -5.56 2.45 -3.16
CA LEU A 135 -5.01 3.80 -3.37
C LEU A 135 -5.13 4.20 -4.83
N LEU A 136 -4.88 3.25 -5.73
CA LEU A 136 -4.96 3.51 -7.15
C LEU A 136 -6.12 2.74 -7.79
N MET A 1 11.78 68.44 -41.89
CA MET A 1 11.77 67.13 -41.25
C MET A 1 11.04 66.11 -42.13
N ALA A 2 11.41 64.85 -41.97
CA ALA A 2 10.80 63.77 -42.74
C ALA A 2 10.95 62.43 -42.04
N HIS A 3 9.83 61.75 -41.81
CA HIS A 3 9.84 60.45 -41.15
C HIS A 3 9.42 59.35 -42.12
N HIS A 4 10.34 58.96 -43.00
CA HIS A 4 10.08 57.90 -43.97
C HIS A 4 10.16 56.53 -43.32
N HIS A 5 11.19 56.33 -42.50
CA HIS A 5 11.38 55.05 -41.82
C HIS A 5 10.16 54.68 -40.99
N HIS A 6 9.99 53.39 -40.74
CA HIS A 6 8.85 52.91 -39.96
C HIS A 6 8.97 51.41 -39.69
N HIS A 7 8.50 50.98 -38.52
CA HIS A 7 8.55 49.57 -38.16
C HIS A 7 7.19 49.08 -37.67
N HIS A 8 7.03 47.76 -37.61
CA HIS A 8 5.78 47.17 -37.16
C HIS A 8 5.90 45.65 -37.03
N MET A 9 5.32 45.09 -35.98
CA MET A 9 5.37 43.66 -35.75
C MET A 9 4.53 43.27 -34.54
N GLY A 10 4.08 42.02 -34.50
CA GLY A 10 3.28 41.55 -33.39
C GLY A 10 2.68 40.18 -33.64
N THR A 11 2.88 39.26 -32.71
CA THR A 11 2.35 37.91 -32.85
C THR A 11 2.30 37.20 -31.49
N LEU A 12 1.39 36.25 -31.36
CA LEU A 12 1.25 35.49 -30.12
C LEU A 12 0.66 34.12 -30.38
N GLU A 13 0.61 33.29 -29.34
CA GLU A 13 0.07 31.94 -29.47
C GLU A 13 0.03 31.24 -28.12
N ALA A 14 -0.56 30.05 -28.08
CA ALA A 14 -0.67 29.28 -26.85
C ALA A 14 -1.29 27.91 -27.11
N GLN A 15 -1.02 26.97 -26.22
CA GLN A 15 -1.54 25.61 -26.35
C GLN A 15 -1.17 24.76 -25.14
N THR A 16 -1.91 23.67 -24.95
CA THR A 16 -1.66 22.78 -23.82
C THR A 16 -2.28 21.41 -24.05
N GLN A 17 -1.45 20.38 -24.11
CA GLN A 17 -1.92 19.02 -24.34
C GLN A 17 -0.76 18.03 -24.24
N GLY A 18 -1.09 16.78 -23.92
CA GLY A 18 -0.07 15.75 -23.80
C GLY A 18 -0.64 14.43 -23.31
N PRO A 19 0.25 13.51 -22.92
CA PRO A 19 -0.14 12.18 -22.43
C PRO A 19 -0.82 12.25 -21.06
N GLY A 20 -1.03 11.09 -20.46
CA GLY A 20 -1.68 11.03 -19.16
C GLY A 20 -0.84 11.67 -18.07
N SER A 21 -0.34 10.84 -17.16
CA SER A 21 0.48 11.33 -16.05
C SER A 21 1.23 10.19 -15.38
N MET A 22 2.31 9.75 -16.01
CA MET A 22 3.12 8.66 -15.48
C MET A 22 4.19 9.18 -14.53
N ASP A 23 3.85 9.23 -13.24
CA ASP A 23 4.79 9.72 -12.23
C ASP A 23 4.64 8.95 -10.93
N VAL A 24 4.77 7.63 -11.01
CA VAL A 24 4.65 6.77 -9.83
C VAL A 24 5.85 5.85 -9.69
N THR A 25 6.27 5.61 -8.45
CA THR A 25 7.41 4.75 -8.17
C THR A 25 7.11 3.79 -7.03
N ILE A 26 7.53 2.54 -7.19
CA ILE A 26 7.30 1.53 -6.17
C ILE A 26 8.63 1.01 -5.61
N TYR A 27 8.67 0.81 -4.29
CA TYR A 27 9.88 0.32 -3.63
C TYR A 27 9.69 -1.12 -3.15
N HIS A 28 10.32 -2.06 -3.85
CA HIS A 28 10.22 -3.46 -3.49
C HIS A 28 11.19 -4.29 -4.32
N ASN A 29 11.04 -5.62 -4.26
CA ASN A 29 11.90 -6.53 -5.00
C ASN A 29 11.11 -7.26 -6.08
N PRO A 30 11.83 -7.80 -7.08
CA PRO A 30 11.22 -8.53 -8.19
C PRO A 30 10.65 -9.87 -7.75
N VAL A 31 9.50 -9.83 -7.08
CA VAL A 31 8.84 -11.05 -6.60
C VAL A 31 7.74 -11.50 -7.56
N CYS A 32 7.95 -12.63 -8.20
CA CYS A 32 6.98 -13.18 -9.15
C CYS A 32 5.60 -13.25 -8.52
N GLY A 33 4.58 -13.35 -9.37
CA GLY A 33 3.21 -13.43 -8.87
C GLY A 33 2.70 -12.09 -8.37
N THR A 34 3.19 -11.68 -7.21
CA THR A 34 2.78 -10.41 -6.62
C THR A 34 3.05 -9.24 -7.55
N SER A 35 4.30 -9.13 -7.99
CA SER A 35 4.69 -8.04 -8.89
C SER A 35 3.80 -8.02 -10.12
N ARG A 36 3.40 -9.20 -10.59
CA ARG A 36 2.54 -9.31 -11.76
C ARG A 36 1.14 -8.76 -11.47
N LYS A 37 0.61 -9.13 -10.31
CA LYS A 37 -0.73 -8.67 -9.90
C LYS A 37 -0.78 -7.15 -9.81
N VAL A 38 0.13 -6.58 -9.02
CA VAL A 38 0.19 -5.13 -8.85
C VAL A 38 0.40 -4.43 -10.19
N LEU A 39 1.43 -4.84 -10.91
CA LEU A 39 1.73 -4.25 -12.21
C LEU A 39 0.55 -4.39 -13.17
N GLY A 40 -0.19 -5.49 -13.03
CA GLY A 40 -1.33 -5.72 -13.88
C GLY A 40 -2.45 -4.71 -13.65
N MET A 41 -2.83 -4.54 -12.39
CA MET A 41 -3.88 -3.59 -12.03
C MET A 41 -3.50 -2.17 -12.44
N ILE A 42 -2.28 -1.77 -12.10
CA ILE A 42 -1.79 -0.44 -12.43
C ILE A 42 -1.72 -0.24 -13.94
N ARG A 43 -0.97 -1.10 -14.62
CA ARG A 43 -0.83 -1.01 -16.06
C ARG A 43 -2.19 -0.94 -16.75
N GLU A 44 -3.14 -1.73 -16.26
CA GLU A 44 -4.48 -1.74 -16.82
C GLU A 44 -5.26 -0.51 -16.39
N ALA A 45 -4.89 0.06 -15.25
CA ALA A 45 -5.56 1.24 -14.72
C ALA A 45 -5.24 2.47 -15.57
N GLY A 46 -4.09 2.45 -16.23
CA GLY A 46 -3.69 3.57 -17.06
C GLY A 46 -2.46 4.27 -16.52
N ILE A 47 -1.69 3.58 -15.69
CA ILE A 47 -0.48 4.15 -15.13
C ILE A 47 0.72 3.23 -15.33
N GLU A 48 1.89 3.82 -15.52
CA GLU A 48 3.11 3.06 -15.73
C GLU A 48 4.20 3.48 -14.75
N PRO A 49 4.13 2.97 -13.51
CA PRO A 49 5.10 3.28 -12.46
C PRO A 49 6.48 2.68 -12.75
N HIS A 50 7.44 3.00 -11.89
CA HIS A 50 8.80 2.49 -12.05
C HIS A 50 9.17 1.56 -10.90
N VAL A 51 9.71 0.39 -11.24
CA VAL A 51 10.11 -0.58 -10.23
C VAL A 51 11.45 -0.22 -9.60
N ILE A 52 11.46 -0.05 -8.29
CA ILE A 52 12.69 0.30 -7.58
C ILE A 52 13.06 -0.78 -6.58
N GLU A 53 14.36 -1.11 -6.52
CA GLU A 53 14.84 -2.14 -5.60
C GLU A 53 15.90 -1.56 -4.66
N TYR A 54 15.55 -1.47 -3.38
CA TYR A 54 16.46 -0.93 -2.38
C TYR A 54 16.12 -1.45 -0.99
N MET A 55 16.94 -2.34 -0.46
CA MET A 55 16.72 -2.90 0.86
C MET A 55 18.04 -3.33 1.50
N LYS A 56 18.17 -3.05 2.80
CA LYS A 56 19.38 -3.39 3.53
C LYS A 56 19.12 -3.44 5.03
N THR A 57 18.37 -2.46 5.53
CA THR A 57 18.05 -2.38 6.94
C THR A 57 16.73 -1.64 7.17
N PRO A 58 15.68 -2.39 7.51
CA PRO A 58 14.35 -1.82 7.75
C PRO A 58 14.30 -1.00 9.03
N LEU A 59 13.09 -0.63 9.45
CA LEU A 59 12.91 0.15 10.66
C LEU A 59 12.26 -0.69 11.75
N PRO A 60 12.44 -0.26 13.02
CA PRO A 60 11.88 -0.95 14.17
C PRO A 60 10.36 -0.82 14.25
N ARG A 61 9.75 -1.63 15.10
CA ARG A 61 8.30 -1.60 15.27
C ARG A 61 7.81 -0.19 15.51
N ASP A 62 8.48 0.51 16.43
CA ASP A 62 8.11 1.90 16.75
C ASP A 62 7.93 2.72 15.49
N MET A 63 8.98 2.82 14.69
CA MET A 63 8.95 3.59 13.45
C MET A 63 7.77 3.15 12.58
N LEU A 64 7.52 1.83 12.56
CA LEU A 64 6.44 1.28 11.76
C LEU A 64 5.08 1.71 12.32
N VAL A 65 5.00 1.86 13.63
CA VAL A 65 3.77 2.28 14.28
C VAL A 65 3.40 3.71 13.91
N GLU A 66 4.37 4.61 14.02
CA GLU A 66 4.15 6.01 13.70
C GLU A 66 3.98 6.20 12.19
N LEU A 67 4.64 5.34 11.42
CA LEU A 67 4.56 5.41 9.96
C LEU A 67 3.24 4.86 9.46
N LEU A 68 2.82 3.73 10.01
CA LEU A 68 1.56 3.10 9.61
C LEU A 68 0.36 3.92 10.11
N ARG A 69 0.50 4.51 11.29
CA ARG A 69 -0.55 5.32 11.87
C ARG A 69 -0.68 6.66 11.14
N GLN A 70 0.46 7.24 10.78
CA GLN A 70 0.48 8.52 10.08
C GLN A 70 0.16 8.33 8.60
N MET A 71 0.44 7.14 8.08
CA MET A 71 0.18 6.84 6.68
C MET A 71 -1.30 7.00 6.36
N ALA A 72 -2.13 6.20 7.04
CA ALA A 72 -3.57 6.25 6.83
C ALA A 72 -4.32 6.42 8.14
N ILE A 73 -4.29 5.38 8.98
CA ILE A 73 -4.96 5.41 10.27
C ILE A 73 -4.21 4.57 11.30
N SER A 74 -4.58 4.72 12.56
CA SER A 74 -3.95 3.96 13.64
C SER A 74 -3.85 2.48 13.29
N PRO A 75 -3.01 1.75 14.03
CA PRO A 75 -2.80 0.32 13.82
C PRO A 75 -4.02 -0.51 14.21
N ARG A 76 -4.99 0.15 14.84
CA ARG A 76 -6.21 -0.53 15.28
C ARG A 76 -7.08 -0.91 14.09
N ALA A 77 -7.11 -0.04 13.08
CA ALA A 77 -7.90 -0.28 11.88
C ALA A 77 -7.01 -0.44 10.66
N LEU A 78 -5.79 -0.93 10.88
CA LEU A 78 -4.84 -1.12 9.79
C LEU A 78 -4.91 -2.55 9.25
N LEU A 79 -4.97 -3.51 10.16
CA LEU A 79 -5.05 -4.92 9.78
C LEU A 79 -6.24 -5.17 8.86
N ARG A 80 -5.95 -5.36 7.57
CA ARG A 80 -7.00 -5.61 6.58
C ARG A 80 -7.81 -6.85 6.96
N ALA A 81 -8.86 -7.12 6.19
CA ALA A 81 -9.72 -8.27 6.43
C ALA A 81 -9.02 -9.56 6.01
N LYS A 82 -8.37 -9.52 4.86
CA LYS A 82 -7.67 -10.69 4.34
C LYS A 82 -6.81 -11.34 5.42
N GLU A 83 -6.37 -10.53 6.38
CA GLU A 83 -5.54 -11.02 7.48
C GLU A 83 -6.41 -11.71 8.53
N ALA A 84 -7.21 -12.68 8.11
CA ALA A 84 -8.08 -13.42 9.02
C ALA A 84 -7.41 -13.59 10.39
N ARG A 85 -6.11 -13.87 10.37
CA ARG A 85 -5.37 -14.07 11.61
C ARG A 85 -5.61 -12.92 12.58
N TYR A 86 -5.54 -11.70 12.08
CA TYR A 86 -5.75 -10.52 12.91
C TYR A 86 -7.03 -10.64 13.72
N ALA A 87 -8.13 -10.95 13.05
CA ALA A 87 -9.42 -11.10 13.71
C ALA A 87 -9.44 -12.36 14.57
N GLU A 88 -8.76 -13.40 14.11
CA GLU A 88 -8.71 -14.67 14.85
C GLU A 88 -8.17 -14.45 16.25
N LEU A 89 -7.15 -13.61 16.37
CA LEU A 89 -6.54 -13.32 17.67
C LEU A 89 -7.46 -12.44 18.51
N GLY A 90 -8.53 -11.94 17.89
CA GLY A 90 -9.47 -11.09 18.60
C GLY A 90 -9.00 -9.65 18.69
N LEU A 91 -8.06 -9.28 17.81
CA LEU A 91 -7.53 -7.93 17.80
C LEU A 91 -8.64 -6.91 17.58
N ASP A 92 -9.68 -7.32 16.86
CA ASP A 92 -10.81 -6.44 16.58
C ASP A 92 -11.34 -5.81 17.87
N ASP A 93 -11.14 -6.50 18.99
CA ASP A 93 -11.59 -6.00 20.28
C ASP A 93 -11.17 -4.56 20.49
N PRO A 94 -12.16 -3.66 20.58
CA PRO A 94 -11.90 -2.23 20.78
C PRO A 94 -11.37 -1.92 22.17
N ALA A 95 -11.38 -2.92 23.04
CA ALA A 95 -10.90 -2.77 24.40
C ALA A 95 -9.37 -2.83 24.46
N LEU A 96 -8.78 -3.53 23.51
CA LEU A 96 -7.33 -3.67 23.44
C LEU A 96 -6.66 -2.31 23.34
N SER A 97 -5.34 -2.31 23.21
CA SER A 97 -4.57 -1.08 23.10
C SER A 97 -3.52 -1.19 22.01
N ASP A 98 -2.95 -0.04 21.63
CA ASP A 98 -1.92 -0.01 20.60
C ASP A 98 -0.77 -0.94 20.94
N GLU A 99 -0.51 -1.10 22.24
CA GLU A 99 0.57 -1.97 22.70
C GLU A 99 0.42 -3.38 22.11
N VAL A 100 -0.67 -4.05 22.46
CA VAL A 100 -0.92 -5.40 21.97
C VAL A 100 -1.10 -5.41 20.45
N LEU A 101 -1.72 -4.36 19.93
CA LEU A 101 -1.95 -4.24 18.49
C LEU A 101 -0.63 -4.29 17.73
N ILE A 102 0.31 -3.42 18.14
CA ILE A 102 1.61 -3.36 17.48
C ILE A 102 2.38 -4.67 17.66
N ASP A 103 2.51 -5.10 18.92
CA ASP A 103 3.22 -6.34 19.23
C ASP A 103 2.70 -7.50 18.38
N ALA A 104 1.39 -7.51 18.14
CA ALA A 104 0.77 -8.55 17.34
C ALA A 104 1.13 -8.40 15.86
N MET A 105 1.05 -7.17 15.37
CA MET A 105 1.37 -6.88 13.96
C MET A 105 2.80 -7.28 13.64
N ILE A 106 3.74 -6.83 14.48
CA ILE A 106 5.15 -7.14 14.29
C ILE A 106 5.38 -8.65 14.22
N SER A 107 4.48 -9.41 14.85
CA SER A 107 4.60 -10.86 14.87
C SER A 107 3.96 -11.46 13.62
N ASN A 108 2.88 -10.84 13.15
CA ASN A 108 2.17 -11.32 11.97
C ASN A 108 2.91 -10.92 10.69
N PRO A 109 2.59 -11.60 9.58
CA PRO A 109 3.21 -11.34 8.29
C PRO A 109 2.78 -10.00 7.69
N VAL A 110 1.70 -9.44 8.24
CA VAL A 110 1.19 -8.16 7.77
C VAL A 110 2.19 -7.04 8.01
N LEU A 111 3.18 -7.32 8.86
CA LEU A 111 4.21 -6.33 9.18
C LEU A 111 5.09 -6.04 7.95
N MET A 112 4.96 -6.88 6.94
CA MET A 112 5.73 -6.71 5.70
C MET A 112 5.40 -5.39 5.04
N ASN A 113 6.18 -4.35 5.35
CA ASN A 113 5.97 -3.03 4.78
C ASN A 113 7.00 -2.73 3.70
N ARG A 114 7.87 -3.71 3.42
CA ARG A 114 8.91 -3.55 2.42
C ARG A 114 8.35 -2.93 1.14
N PRO A 115 7.38 -3.62 0.52
CA PRO A 115 6.74 -3.16 -0.71
C PRO A 115 5.85 -1.94 -0.48
N VAL A 116 6.36 -0.77 -0.83
CA VAL A 116 5.61 0.47 -0.66
C VAL A 116 5.51 1.24 -1.97
N VAL A 117 4.29 1.59 -2.36
CA VAL A 117 4.06 2.33 -3.59
C VAL A 117 3.94 3.83 -3.32
N VAL A 118 4.67 4.62 -4.09
CA VAL A 118 4.65 6.07 -3.94
C VAL A 118 4.00 6.74 -5.14
N THR A 119 2.85 7.36 -4.91
CA THR A 119 2.11 8.04 -5.97
C THR A 119 2.00 9.53 -5.70
N PRO A 120 1.72 10.31 -6.75
CA PRO A 120 1.58 11.76 -6.65
C PRO A 120 0.31 12.17 -5.89
N LYS A 121 -0.50 11.19 -5.53
CA LYS A 121 -1.73 11.44 -4.80
C LYS A 121 -1.65 10.90 -3.38
N GLY A 122 -0.50 10.29 -3.05
CA GLY A 122 -0.31 9.74 -1.72
C GLY A 122 0.60 8.54 -1.72
N VAL A 123 0.97 8.07 -0.53
CA VAL A 123 1.85 6.91 -0.40
C VAL A 123 1.21 5.83 0.45
N ARG A 124 1.44 4.58 0.07
CA ARG A 124 0.88 3.44 0.80
C ARG A 124 1.53 2.14 0.36
N LEU A 125 1.21 1.06 1.07
CA LEU A 125 1.78 -0.25 0.75
C LEU A 125 1.44 -0.65 -0.68
N CYS A 126 2.47 -1.04 -1.44
CA CYS A 126 2.29 -1.45 -2.83
C CYS A 126 1.51 -2.76 -2.91
N ARG A 127 1.57 -3.55 -1.84
CA ARG A 127 0.88 -4.83 -1.80
C ARG A 127 0.28 -5.07 -0.42
N PRO A 128 -0.70 -5.99 -0.35
CA PRO A 128 -1.16 -6.74 -1.52
C PRO A 128 -1.93 -5.87 -2.51
N ALA A 129 -2.40 -6.47 -3.59
CA ALA A 129 -3.15 -5.75 -4.60
C ALA A 129 -4.33 -4.99 -3.98
N GLU A 130 -4.83 -5.51 -2.87
CA GLU A 130 -5.96 -4.89 -2.17
C GLU A 130 -5.57 -3.51 -1.64
N THR A 131 -4.44 -3.46 -0.92
CA THR A 131 -3.96 -2.21 -0.34
C THR A 131 -3.73 -1.17 -1.42
N VAL A 132 -2.95 -1.54 -2.44
CA VAL A 132 -2.65 -0.63 -3.55
C VAL A 132 -3.92 -0.20 -4.26
N GLN A 133 -4.88 -1.11 -4.36
CA GLN A 133 -6.15 -0.82 -5.03
C GLN A 133 -6.93 0.25 -4.28
N GLU A 134 -6.79 0.25 -2.96
CA GLU A 134 -7.48 1.22 -2.12
C GLU A 134 -6.80 2.58 -2.17
N LEU A 135 -5.47 2.55 -2.25
CA LEU A 135 -4.70 3.79 -2.32
C LEU A 135 -4.90 4.50 -3.64
N LEU A 136 -5.00 3.72 -4.71
CA LEU A 136 -5.20 4.28 -6.05
C LEU A 136 -6.67 4.26 -6.43
N MET A 1 -22.67 -34.47 -22.60
CA MET A 1 -23.19 -34.03 -23.89
C MET A 1 -23.28 -32.51 -23.96
N ALA A 2 -23.26 -31.97 -25.17
CA ALA A 2 -23.34 -30.52 -25.37
C ALA A 2 -22.21 -29.80 -24.63
N HIS A 3 -20.99 -30.28 -24.84
CA HIS A 3 -19.82 -29.68 -24.19
C HIS A 3 -18.94 -28.98 -25.22
N HIS A 4 -18.91 -29.52 -26.44
CA HIS A 4 -18.10 -28.95 -27.50
C HIS A 4 -18.92 -27.98 -28.36
N HIS A 5 -18.28 -26.92 -28.83
CA HIS A 5 -18.95 -25.93 -29.66
C HIS A 5 -18.04 -25.45 -30.78
N HIS A 6 -18.52 -24.48 -31.56
CA HIS A 6 -17.75 -23.93 -32.67
C HIS A 6 -18.13 -22.49 -32.94
N HIS A 7 -17.24 -21.76 -33.60
CA HIS A 7 -17.49 -20.36 -33.93
C HIS A 7 -16.84 -19.99 -35.26
N HIS A 8 -17.00 -18.72 -35.66
CA HIS A 8 -16.43 -18.24 -36.91
C HIS A 8 -15.33 -17.22 -36.65
N MET A 9 -14.81 -16.64 -37.73
CA MET A 9 -13.74 -15.65 -37.62
C MET A 9 -14.32 -14.23 -37.65
N GLY A 10 -13.43 -13.24 -37.64
CA GLY A 10 -13.86 -11.86 -37.67
C GLY A 10 -12.83 -10.94 -38.30
N THR A 11 -12.78 -9.69 -37.84
CA THR A 11 -11.84 -8.71 -38.36
C THR A 11 -11.18 -7.93 -37.23
N LEU A 12 -10.20 -7.11 -37.58
CA LEU A 12 -9.50 -6.29 -36.60
C LEU A 12 -9.52 -4.82 -37.00
N GLU A 13 -8.95 -3.97 -36.14
CA GLU A 13 -8.91 -2.53 -36.40
C GLU A 13 -7.67 -1.90 -35.77
N ALA A 14 -7.40 -0.66 -36.13
CA ALA A 14 -6.25 0.06 -35.59
C ALA A 14 -6.60 0.76 -34.28
N GLN A 15 -5.62 1.45 -33.71
CA GLN A 15 -5.82 2.16 -32.45
C GLN A 15 -5.26 3.58 -32.53
N THR A 16 -5.36 4.31 -31.42
CA THR A 16 -4.87 5.68 -31.36
C THR A 16 -4.22 5.97 -30.02
N GLN A 17 -3.41 7.03 -29.96
CA GLN A 17 -2.73 7.42 -28.73
C GLN A 17 -3.59 8.35 -27.91
N GLY A 18 -3.05 8.80 -26.77
CA GLY A 18 -3.80 9.70 -25.91
C GLY A 18 -2.90 10.41 -24.92
N PRO A 19 -3.51 11.01 -23.89
CA PRO A 19 -2.78 11.75 -22.85
C PRO A 19 -1.97 10.82 -21.95
N GLY A 20 -1.41 11.38 -20.89
CA GLY A 20 -0.60 10.60 -19.96
C GLY A 20 -0.88 10.94 -18.51
N SER A 21 -1.22 9.94 -17.72
CA SER A 21 -1.51 10.14 -16.31
C SER A 21 -0.84 9.06 -15.45
N MET A 22 0.18 8.43 -16.01
CA MET A 22 0.91 7.38 -15.29
C MET A 22 2.21 7.93 -14.71
N ASP A 23 2.12 8.46 -13.49
CA ASP A 23 3.29 9.02 -12.81
C ASP A 23 3.40 8.49 -11.40
N VAL A 24 3.54 7.17 -11.26
CA VAL A 24 3.66 6.54 -9.96
C VAL A 24 4.89 5.64 -9.89
N THR A 25 5.61 5.71 -8.77
CA THR A 25 6.80 4.91 -8.57
C THR A 25 6.67 3.99 -7.37
N ILE A 26 7.08 2.74 -7.53
CA ILE A 26 7.01 1.76 -6.45
C ILE A 26 8.40 1.30 -6.04
N TYR A 27 8.58 1.12 -4.73
CA TYR A 27 9.86 0.69 -4.18
C TYR A 27 9.76 -0.72 -3.61
N HIS A 28 10.39 -1.67 -4.30
CA HIS A 28 10.37 -3.07 -3.87
C HIS A 28 11.28 -3.92 -4.74
N ASN A 29 11.59 -5.13 -4.27
CA ASN A 29 12.46 -6.03 -5.00
C ASN A 29 11.65 -6.89 -5.98
N PRO A 30 12.34 -7.46 -6.97
CA PRO A 30 11.69 -8.32 -7.98
C PRO A 30 11.22 -9.65 -7.40
N VAL A 31 10.11 -9.61 -6.68
CA VAL A 31 9.55 -10.81 -6.07
C VAL A 31 8.31 -11.28 -6.82
N CYS A 32 8.43 -12.41 -7.52
CA CYS A 32 7.32 -12.96 -8.28
C CYS A 32 6.08 -13.10 -7.40
N GLY A 33 4.93 -13.33 -8.04
CA GLY A 33 3.70 -13.47 -7.31
C GLY A 33 3.16 -12.15 -6.78
N THR A 34 3.82 -11.61 -5.77
CA THR A 34 3.42 -10.35 -5.18
C THR A 34 3.63 -9.19 -6.14
N SER A 35 4.88 -8.98 -6.54
CA SER A 35 5.23 -7.91 -7.47
C SER A 35 4.44 -8.03 -8.77
N ARG A 36 4.27 -9.27 -9.22
CA ARG A 36 3.53 -9.54 -10.46
C ARG A 36 2.06 -9.21 -10.30
N LYS A 37 1.50 -9.56 -9.14
CA LYS A 37 0.09 -9.30 -8.85
C LYS A 37 -0.20 -7.80 -8.89
N VAL A 38 0.54 -7.04 -8.08
CA VAL A 38 0.36 -5.59 -8.03
C VAL A 38 0.61 -4.96 -9.39
N LEU A 39 1.68 -5.38 -10.06
CA LEU A 39 2.02 -4.85 -11.37
C LEU A 39 0.89 -5.08 -12.37
N GLY A 40 0.30 -6.27 -12.32
CA GLY A 40 -0.79 -6.59 -13.22
C GLY A 40 -2.03 -5.76 -12.95
N MET A 41 -2.32 -5.53 -11.68
CA MET A 41 -3.49 -4.74 -11.30
C MET A 41 -3.38 -3.32 -11.83
N ILE A 42 -2.25 -2.68 -11.57
CA ILE A 42 -2.03 -1.31 -12.03
C ILE A 42 -2.02 -1.23 -13.56
N ARG A 43 -1.17 -2.06 -14.18
CA ARG A 43 -1.08 -2.09 -15.63
C ARG A 43 -2.45 -2.25 -16.27
N GLU A 44 -3.27 -3.13 -15.69
CA GLU A 44 -4.61 -3.37 -16.21
C GLU A 44 -5.56 -2.22 -15.84
N ALA A 45 -5.24 -1.54 -14.75
CA ALA A 45 -6.07 -0.42 -14.29
C ALA A 45 -5.94 0.78 -15.23
N GLY A 46 -4.79 0.86 -15.92
CA GLY A 46 -4.57 1.96 -16.83
C GLY A 46 -3.41 2.84 -16.42
N ILE A 47 -2.38 2.23 -15.83
CA ILE A 47 -1.21 2.96 -15.38
C ILE A 47 0.04 2.09 -15.44
N GLU A 48 1.17 2.71 -15.80
CA GLU A 48 2.44 1.99 -15.90
C GLU A 48 3.49 2.61 -14.99
N PRO A 49 3.43 2.28 -13.71
CA PRO A 49 4.38 2.79 -12.71
C PRO A 49 5.78 2.23 -12.90
N HIS A 50 6.74 2.82 -12.19
CA HIS A 50 8.13 2.37 -12.28
C HIS A 50 8.54 1.61 -11.02
N VAL A 51 9.06 0.40 -11.20
CA VAL A 51 9.49 -0.42 -10.08
C VAL A 51 11.00 -0.33 -9.89
N ILE A 52 11.41 0.21 -8.74
CA ILE A 52 12.83 0.34 -8.43
C ILE A 52 13.16 -0.29 -7.08
N GLU A 53 14.24 -1.06 -7.04
CA GLU A 53 14.67 -1.72 -5.82
C GLU A 53 15.94 -1.07 -5.26
N TYR A 54 15.77 -0.20 -4.29
CA TYR A 54 16.90 0.49 -3.66
C TYR A 54 16.53 1.01 -2.28
N MET A 55 17.41 1.81 -1.70
CA MET A 55 17.19 2.36 -0.37
C MET A 55 16.98 1.26 0.66
N LYS A 56 18.06 0.55 0.97
CA LYS A 56 18.00 -0.54 1.95
C LYS A 56 18.24 -0.02 3.36
N THR A 57 17.18 0.36 4.04
CA THR A 57 17.27 0.87 5.40
C THR A 57 15.97 0.67 6.17
N PRO A 58 15.81 -0.53 6.75
CA PRO A 58 14.60 -0.87 7.52
C PRO A 58 14.53 -0.11 8.84
N LEU A 59 13.39 -0.24 9.51
CA LEU A 59 13.19 0.43 10.79
C LEU A 59 12.57 -0.52 11.82
N PRO A 60 12.73 -0.18 13.11
CA PRO A 60 12.18 -0.99 14.21
C PRO A 60 10.66 -0.93 14.27
N ARG A 61 10.08 -1.77 15.13
CA ARG A 61 8.63 -1.81 15.29
C ARG A 61 8.07 -0.43 15.59
N ASP A 62 8.66 0.23 16.58
CA ASP A 62 8.23 1.57 16.97
C ASP A 62 8.10 2.48 15.75
N MET A 63 9.21 2.67 15.04
CA MET A 63 9.21 3.52 13.86
C MET A 63 8.10 3.12 12.89
N LEU A 64 7.89 1.82 12.75
CA LEU A 64 6.86 1.30 11.86
C LEU A 64 5.47 1.70 12.34
N VAL A 65 5.30 1.78 13.66
CA VAL A 65 4.02 2.17 14.23
C VAL A 65 3.68 3.62 13.91
N GLU A 66 4.61 4.53 14.24
CA GLU A 66 4.40 5.95 13.98
C GLU A 66 4.32 6.22 12.49
N LEU A 67 5.01 5.41 11.70
CA LEU A 67 5.03 5.56 10.26
C LEU A 67 3.72 5.06 9.64
N LEU A 68 3.28 3.89 10.09
CA LEU A 68 2.04 3.30 9.59
C LEU A 68 0.82 4.07 10.10
N ARG A 69 0.93 4.60 11.31
CA ARG A 69 -0.16 5.36 11.91
C ARG A 69 -0.27 6.74 11.27
N GLN A 70 0.88 7.33 10.95
CA GLN A 70 0.91 8.65 10.34
C GLN A 70 0.58 8.57 8.85
N MET A 71 0.87 7.43 8.25
CA MET A 71 0.60 7.23 6.83
C MET A 71 -0.87 7.49 6.51
N ALA A 72 -1.75 6.71 7.13
CA ALA A 72 -3.19 6.87 6.91
C ALA A 72 -3.93 6.99 8.24
N ILE A 73 -3.97 5.90 8.99
CA ILE A 73 -4.64 5.87 10.28
C ILE A 73 -3.93 4.96 11.26
N SER A 74 -4.32 5.04 12.54
CA SER A 74 -3.72 4.22 13.57
C SER A 74 -3.64 2.76 13.13
N PRO A 75 -2.80 1.96 13.83
CA PRO A 75 -2.62 0.54 13.52
C PRO A 75 -3.85 -0.29 13.87
N ARG A 76 -4.81 0.34 14.54
CA ARG A 76 -6.04 -0.35 14.93
C ARG A 76 -6.92 -0.62 13.71
N ALA A 77 -6.94 0.32 12.78
CA ALA A 77 -7.73 0.17 11.57
C ALA A 77 -6.85 0.08 10.33
N LEU A 78 -5.67 -0.52 10.50
CA LEU A 78 -4.73 -0.68 9.40
C LEU A 78 -4.84 -2.08 8.78
N LEU A 79 -4.92 -3.09 9.64
CA LEU A 79 -5.03 -4.46 9.19
C LEU A 79 -6.23 -4.64 8.24
N ARG A 80 -5.93 -4.77 6.95
CA ARG A 80 -6.98 -4.95 5.95
C ARG A 80 -7.83 -6.18 6.25
N ALA A 81 -8.89 -6.37 5.47
CA ALA A 81 -9.78 -7.51 5.65
C ALA A 81 -9.11 -8.80 5.18
N LYS A 82 -8.43 -8.73 4.03
CA LYS A 82 -7.76 -9.89 3.47
C LYS A 82 -6.94 -10.61 4.54
N GLU A 83 -6.50 -9.87 5.54
CA GLU A 83 -5.70 -10.45 6.63
C GLU A 83 -6.60 -11.18 7.62
N ALA A 84 -7.40 -12.11 7.11
CA ALA A 84 -8.30 -12.88 7.96
C ALA A 84 -7.69 -13.14 9.34
N ARG A 85 -6.39 -13.45 9.35
CA ARG A 85 -5.69 -13.71 10.60
C ARG A 85 -5.95 -12.60 11.62
N TYR A 86 -5.80 -11.35 11.17
CA TYR A 86 -6.02 -10.21 12.04
C TYR A 86 -7.34 -10.33 12.79
N ALA A 87 -8.41 -10.59 12.05
CA ALA A 87 -9.73 -10.74 12.64
C ALA A 87 -9.83 -12.03 13.45
N GLU A 88 -9.20 -13.08 12.96
CA GLU A 88 -9.21 -14.37 13.64
C GLU A 88 -8.70 -14.24 15.07
N LEU A 89 -7.70 -13.40 15.26
CA LEU A 89 -7.11 -13.18 16.59
C LEU A 89 -8.01 -12.28 17.43
N GLY A 90 -9.01 -11.68 16.79
CA GLY A 90 -9.92 -10.80 17.50
C GLY A 90 -9.36 -9.40 17.68
N LEU A 91 -8.37 -9.05 16.85
CA LEU A 91 -7.75 -7.73 16.92
C LEU A 91 -8.77 -6.62 16.67
N ASP A 92 -9.90 -6.99 16.08
CA ASP A 92 -10.97 -6.04 15.79
C ASP A 92 -11.52 -5.44 17.07
N ASP A 93 -11.37 -6.17 18.17
CA ASP A 93 -11.85 -5.72 19.48
C ASP A 93 -11.34 -4.31 19.78
N PRO A 94 -12.28 -3.37 20.00
CA PRO A 94 -11.93 -1.97 20.30
C PRO A 94 -11.31 -1.82 21.68
N ALA A 95 -11.64 -2.74 22.59
CA ALA A 95 -11.11 -2.71 23.94
C ALA A 95 -9.59 -2.81 23.94
N LEU A 96 -9.05 -3.44 22.90
CA LEU A 96 -7.60 -3.61 22.78
C LEU A 96 -6.90 -2.25 22.73
N SER A 97 -5.58 -2.29 22.54
CA SER A 97 -4.79 -1.06 22.48
C SER A 97 -3.68 -1.20 21.44
N ASP A 98 -3.05 -0.07 21.12
CA ASP A 98 -1.96 -0.05 20.14
C ASP A 98 -0.87 -1.06 20.51
N GLU A 99 -0.70 -1.27 21.82
CA GLU A 99 0.31 -2.20 22.31
C GLU A 99 0.15 -3.57 21.65
N VAL A 100 -0.99 -4.21 21.91
CA VAL A 100 -1.27 -5.52 21.34
C VAL A 100 -1.38 -5.46 19.82
N LEU A 101 -1.93 -4.37 19.31
CA LEU A 101 -2.08 -4.18 17.88
C LEU A 101 -0.72 -4.26 17.17
N ILE A 102 0.23 -3.48 17.65
CA ILE A 102 1.58 -3.47 17.08
C ILE A 102 2.27 -4.81 17.26
N ASP A 103 2.32 -5.27 18.51
CA ASP A 103 2.96 -6.55 18.82
C ASP A 103 2.44 -7.65 17.90
N ALA A 104 1.15 -7.61 17.59
CA ALA A 104 0.54 -8.60 16.73
C ALA A 104 0.98 -8.41 15.27
N MET A 105 0.97 -7.15 14.82
CA MET A 105 1.36 -6.83 13.45
C MET A 105 2.82 -7.23 13.20
N ILE A 106 3.71 -6.79 14.08
CA ILE A 106 5.12 -7.10 13.95
C ILE A 106 5.35 -8.60 13.81
N SER A 107 4.44 -9.39 14.38
CA SER A 107 4.54 -10.84 14.33
C SER A 107 3.92 -11.37 13.04
N ASN A 108 2.85 -10.71 12.58
CA ASN A 108 2.17 -11.12 11.36
C ASN A 108 2.94 -10.66 10.13
N PRO A 109 2.63 -11.30 8.98
CA PRO A 109 3.28 -10.97 7.71
C PRO A 109 2.86 -9.60 7.18
N VAL A 110 1.78 -9.07 7.73
CA VAL A 110 1.28 -7.77 7.30
C VAL A 110 2.28 -6.67 7.60
N LEU A 111 3.26 -6.97 8.46
CA LEU A 111 4.29 -6.01 8.83
C LEU A 111 5.19 -5.69 7.65
N MET A 112 5.08 -6.49 6.59
CA MET A 112 5.88 -6.29 5.38
C MET A 112 5.68 -4.88 4.83
N ASN A 113 6.62 -3.99 5.13
CA ASN A 113 6.55 -2.62 4.68
C ASN A 113 7.52 -2.38 3.52
N ARG A 114 8.23 -3.44 3.13
CA ARG A 114 9.20 -3.33 2.04
C ARG A 114 8.56 -2.69 0.81
N PRO A 115 7.51 -3.32 0.29
CA PRO A 115 6.79 -2.82 -0.90
C PRO A 115 6.02 -1.55 -0.61
N VAL A 116 6.56 -0.41 -1.03
CA VAL A 116 5.92 0.88 -0.82
C VAL A 116 5.66 1.59 -2.15
N VAL A 117 4.41 1.95 -2.39
CA VAL A 117 4.02 2.64 -3.62
C VAL A 117 3.90 4.14 -3.39
N VAL A 118 4.47 4.92 -4.31
CA VAL A 118 4.42 6.38 -4.21
C VAL A 118 3.65 6.98 -5.37
N THR A 119 2.46 7.51 -5.08
CA THR A 119 1.63 8.12 -6.09
C THR A 119 1.61 9.64 -5.96
N PRO A 120 1.24 10.33 -7.05
CA PRO A 120 1.18 11.79 -7.09
C PRO A 120 0.05 12.35 -6.23
N LYS A 121 -0.76 11.45 -5.68
CA LYS A 121 -1.89 11.85 -4.83
C LYS A 121 -1.65 11.43 -3.38
N GLY A 122 -0.51 10.79 -3.14
CA GLY A 122 -0.19 10.35 -1.79
C GLY A 122 0.72 9.12 -1.78
N VAL A 123 1.19 8.75 -0.60
CA VAL A 123 2.07 7.59 -0.46
C VAL A 123 1.42 6.51 0.39
N ARG A 124 1.68 5.25 0.06
CA ARG A 124 1.12 4.13 0.79
C ARG A 124 1.82 2.83 0.42
N LEU A 125 1.51 1.76 1.14
CA LEU A 125 2.11 0.46 0.89
C LEU A 125 1.67 -0.08 -0.48
N CYS A 126 2.65 -0.50 -1.28
CA CYS A 126 2.37 -1.04 -2.61
C CYS A 126 1.62 -2.35 -2.52
N ARG A 127 1.76 -3.03 -1.38
CA ARG A 127 1.09 -4.31 -1.18
C ARG A 127 0.46 -4.37 0.22
N PRO A 128 -0.49 -5.30 0.39
CA PRO A 128 -0.92 -6.22 -0.67
C PRO A 128 -1.70 -5.50 -1.77
N ALA A 129 -2.10 -6.25 -2.79
CA ALA A 129 -2.85 -5.68 -3.90
C ALA A 129 -4.07 -4.93 -3.40
N GLU A 130 -4.56 -5.29 -2.23
CA GLU A 130 -5.74 -4.65 -1.65
C GLU A 130 -5.43 -3.21 -1.27
N THR A 131 -4.33 -3.01 -0.54
CA THR A 131 -3.93 -1.68 -0.11
C THR A 131 -3.71 -0.76 -1.30
N VAL A 132 -2.96 -1.24 -2.29
CA VAL A 132 -2.68 -0.46 -3.48
C VAL A 132 -3.95 -0.20 -4.28
N GLN A 133 -4.86 -1.17 -4.27
CA GLN A 133 -6.13 -1.05 -4.99
C GLN A 133 -6.98 0.06 -4.40
N GLU A 134 -6.78 0.34 -3.12
CA GLU A 134 -7.53 1.38 -2.43
C GLU A 134 -6.88 2.75 -2.61
N LEU A 135 -5.55 2.76 -2.57
CA LEU A 135 -4.79 4.00 -2.72
C LEU A 135 -4.90 4.52 -4.15
N LEU A 136 -4.95 3.61 -5.10
CA LEU A 136 -5.06 3.99 -6.52
C LEU A 136 -6.44 3.64 -7.07
N MET A 1 -5.61 45.31 15.14
CA MET A 1 -6.55 45.95 14.22
C MET A 1 -5.83 46.43 12.96
N ALA A 2 -6.62 46.76 11.94
CA ALA A 2 -6.05 47.24 10.68
C ALA A 2 -5.07 46.22 10.09
N HIS A 3 -5.40 44.94 10.24
CA HIS A 3 -4.55 43.88 9.72
C HIS A 3 -5.18 43.21 8.50
N HIS A 4 -4.34 42.58 7.68
CA HIS A 4 -4.82 41.91 6.48
C HIS A 4 -3.84 40.83 6.04
N HIS A 5 -4.21 40.09 4.99
CA HIS A 5 -3.37 39.02 4.47
C HIS A 5 -3.52 38.89 2.97
N HIS A 6 -2.72 38.00 2.37
CA HIS A 6 -2.76 37.79 0.92
C HIS A 6 -2.70 36.30 0.60
N HIS A 7 -3.17 35.93 -0.59
CA HIS A 7 -3.16 34.54 -1.02
C HIS A 7 -2.78 34.43 -2.50
N HIS A 8 -2.48 33.22 -2.93
CA HIS A 8 -2.09 32.98 -4.32
C HIS A 8 -2.44 31.56 -4.75
N MET A 9 -2.60 31.35 -6.05
CA MET A 9 -2.94 30.04 -6.59
C MET A 9 -2.38 29.86 -7.99
N GLY A 10 -2.49 28.65 -8.53
CA GLY A 10 -1.99 28.38 -9.86
C GLY A 10 -2.93 27.49 -10.66
N THR A 11 -2.79 27.52 -11.98
CA THR A 11 -3.62 26.72 -12.86
C THR A 11 -2.83 26.20 -14.06
N LEU A 12 -3.23 25.03 -14.56
CA LEU A 12 -2.56 24.43 -15.71
C LEU A 12 -3.46 23.40 -16.38
N GLU A 13 -3.08 22.98 -17.59
CA GLU A 13 -3.84 22.01 -18.34
C GLU A 13 -3.05 21.49 -19.54
N ALA A 14 -3.69 20.65 -20.35
CA ALA A 14 -3.04 20.09 -21.52
C ALA A 14 -4.07 19.71 -22.58
N GLN A 15 -3.58 19.24 -23.73
CA GLN A 15 -4.46 18.84 -24.82
C GLN A 15 -4.15 17.43 -25.29
N THR A 16 -4.00 16.51 -24.32
CA THR A 16 -3.70 15.12 -24.62
C THR A 16 -4.83 14.20 -24.17
N GLN A 17 -4.99 13.09 -24.86
CA GLN A 17 -6.03 12.12 -24.53
C GLN A 17 -5.65 11.31 -23.28
N GLY A 18 -6.64 11.04 -22.45
CA GLY A 18 -6.39 10.28 -21.23
C GLY A 18 -5.49 11.01 -20.26
N PRO A 19 -5.42 10.52 -19.02
CA PRO A 19 -4.59 11.12 -17.97
C PRO A 19 -3.11 10.93 -18.22
N GLY A 20 -2.53 11.81 -19.03
CA GLY A 20 -1.12 11.71 -19.34
C GLY A 20 -0.24 12.27 -18.24
N SER A 21 1.08 12.27 -18.46
CA SER A 21 2.02 12.78 -17.48
C SER A 21 2.02 11.90 -16.23
N MET A 22 2.11 10.58 -16.45
CA MET A 22 2.12 9.63 -15.34
C MET A 22 3.48 9.61 -14.65
N ASP A 23 3.47 9.52 -13.33
CA ASP A 23 4.70 9.48 -12.55
C ASP A 23 4.56 8.60 -11.32
N VAL A 24 4.43 7.29 -11.55
CA VAL A 24 4.27 6.33 -10.47
C VAL A 24 5.56 5.52 -10.26
N THR A 25 6.08 5.56 -9.05
CA THR A 25 7.30 4.83 -8.71
C THR A 25 7.07 3.84 -7.59
N ILE A 26 7.51 2.60 -7.79
CA ILE A 26 7.34 1.56 -6.78
C ILE A 26 8.69 1.05 -6.31
N TYR A 27 8.79 0.79 -5.01
CA TYR A 27 10.03 0.29 -4.41
C TYR A 27 9.80 -1.06 -3.74
N HIS A 28 10.31 -2.12 -4.38
CA HIS A 28 10.17 -3.47 -3.85
C HIS A 28 11.12 -4.43 -4.57
N ASN A 29 10.95 -5.73 -4.30
CA ASN A 29 11.79 -6.74 -4.92
C ASN A 29 10.96 -7.64 -5.83
N PRO A 30 11.65 -8.34 -6.75
CA PRO A 30 11.01 -9.25 -7.70
C PRO A 30 10.45 -10.50 -7.03
N VAL A 31 9.32 -10.34 -6.34
CA VAL A 31 8.69 -11.45 -5.65
C VAL A 31 7.43 -11.91 -6.39
N CYS A 32 7.45 -13.15 -6.85
CA CYS A 32 6.33 -13.71 -7.58
C CYS A 32 5.03 -13.55 -6.79
N GLY A 33 3.90 -13.67 -7.49
CA GLY A 33 2.61 -13.52 -6.85
C GLY A 33 2.27 -12.07 -6.55
N THR A 34 2.99 -11.47 -5.61
CA THR A 34 2.75 -10.08 -5.24
C THR A 34 3.07 -9.15 -6.40
N SER A 35 4.31 -9.21 -6.88
CA SER A 35 4.73 -8.36 -7.98
C SER A 35 3.78 -8.48 -9.17
N ARG A 36 3.28 -9.69 -9.38
CA ARG A 36 2.35 -9.95 -10.49
C ARG A 36 1.03 -9.22 -10.26
N LYS A 37 0.44 -9.42 -9.07
CA LYS A 37 -0.82 -8.78 -8.74
C LYS A 37 -0.75 -7.28 -8.91
N VAL A 38 0.23 -6.66 -8.26
CA VAL A 38 0.42 -5.21 -8.35
C VAL A 38 0.59 -4.77 -9.79
N LEU A 39 1.53 -5.40 -10.49
CA LEU A 39 1.79 -5.06 -11.89
C LEU A 39 0.51 -5.18 -12.72
N GLY A 40 -0.28 -6.20 -12.44
CA GLY A 40 -1.52 -6.42 -13.16
C GLY A 40 -2.49 -5.26 -13.00
N MET A 41 -2.73 -4.87 -11.75
CA MET A 41 -3.65 -3.77 -11.46
C MET A 41 -3.18 -2.48 -12.12
N ILE A 42 -1.91 -2.15 -11.93
CA ILE A 42 -1.34 -0.94 -12.51
C ILE A 42 -1.38 -0.99 -14.04
N ARG A 43 -0.84 -2.07 -14.59
CA ARG A 43 -0.80 -2.24 -16.04
C ARG A 43 -2.21 -2.19 -16.62
N GLU A 44 -3.18 -2.71 -15.86
CA GLU A 44 -4.56 -2.73 -16.31
C GLU A 44 -5.18 -1.33 -16.23
N ALA A 45 -4.76 -0.56 -15.23
CA ALA A 45 -5.28 0.79 -15.05
C ALA A 45 -4.74 1.73 -16.14
N GLY A 46 -3.58 1.38 -16.69
CA GLY A 46 -2.99 2.20 -17.72
C GLY A 46 -1.92 3.14 -17.18
N ILE A 47 -1.08 2.62 -16.28
CA ILE A 47 -0.02 3.42 -15.69
C ILE A 47 1.33 2.73 -15.86
N GLU A 48 2.39 3.54 -15.95
CA GLU A 48 3.74 3.01 -16.12
C GLU A 48 4.55 3.19 -14.83
N PRO A 49 4.51 2.17 -13.97
CA PRO A 49 5.23 2.18 -12.69
C PRO A 49 6.74 2.08 -12.88
N HIS A 50 7.49 2.68 -11.96
CA HIS A 50 8.95 2.65 -12.03
C HIS A 50 9.54 1.82 -10.89
N VAL A 51 10.12 0.68 -11.23
CA VAL A 51 10.72 -0.20 -10.24
C VAL A 51 12.09 0.31 -9.80
N ILE A 52 12.19 0.68 -8.53
CA ILE A 52 13.45 1.19 -7.98
C ILE A 52 13.86 0.40 -6.74
N GLU A 53 15.11 -0.02 -6.71
CA GLU A 53 15.65 -0.77 -5.58
C GLU A 53 16.40 0.12 -4.62
N TYR A 54 15.85 0.33 -3.43
CA TYR A 54 16.48 1.18 -2.42
C TYR A 54 17.03 0.35 -1.27
N MET A 55 18.11 0.81 -0.67
CA MET A 55 18.73 0.12 0.44
C MET A 55 17.71 -0.19 1.53
N LYS A 56 18.00 -1.19 2.36
CA LYS A 56 17.12 -1.57 3.44
C LYS A 56 17.26 -0.63 4.63
N THR A 57 16.20 -0.52 5.44
CA THR A 57 16.20 0.34 6.60
C THR A 57 15.05 0.01 7.54
N PRO A 58 15.20 -1.11 8.28
CA PRO A 58 14.19 -1.56 9.24
C PRO A 58 14.08 -0.65 10.46
N LEU A 59 12.87 -0.49 10.97
CA LEU A 59 12.63 0.34 12.14
C LEU A 59 11.88 -0.42 13.22
N PRO A 60 11.98 0.07 14.46
CA PRO A 60 11.32 -0.56 15.61
C PRO A 60 9.80 -0.40 15.56
N ARG A 61 9.10 -1.20 16.35
CA ARG A 61 7.65 -1.16 16.40
C ARG A 61 7.15 0.26 16.64
N ASP A 62 7.95 1.04 17.37
CA ASP A 62 7.59 2.42 17.67
C ASP A 62 7.48 3.25 16.39
N MET A 63 8.60 3.37 15.69
CA MET A 63 8.62 4.14 14.44
C MET A 63 7.61 3.59 13.44
N LEU A 64 7.50 2.28 13.39
CA LEU A 64 6.56 1.62 12.48
C LEU A 64 5.13 2.06 12.76
N VAL A 65 4.78 2.13 14.04
CA VAL A 65 3.44 2.53 14.44
C VAL A 65 3.20 4.01 14.15
N GLU A 66 4.23 4.82 14.37
CA GLU A 66 4.13 6.26 14.15
C GLU A 66 3.90 6.55 12.66
N LEU A 67 4.53 5.76 11.80
CA LEU A 67 4.39 5.92 10.36
C LEU A 67 3.06 5.37 9.86
N LEU A 68 2.68 4.21 10.39
CA LEU A 68 1.42 3.58 10.00
C LEU A 68 0.23 4.35 10.55
N ARG A 69 0.40 4.92 11.74
CA ARG A 69 -0.67 5.69 12.37
C ARG A 69 -0.82 7.06 11.70
N GLN A 70 0.31 7.67 11.34
CA GLN A 70 0.31 8.97 10.70
C GLN A 70 -0.06 8.86 9.23
N MET A 71 0.21 7.68 8.64
CA MET A 71 -0.09 7.45 7.24
C MET A 71 -1.59 7.49 6.99
N ALA A 72 -2.32 6.61 7.66
CA ALA A 72 -3.77 6.54 7.52
C ALA A 72 -4.46 6.60 8.87
N ILE A 73 -4.35 5.53 9.63
CA ILE A 73 -4.97 5.46 10.95
C ILE A 73 -4.14 4.59 11.90
N SER A 74 -4.45 4.68 13.19
CA SER A 74 -3.74 3.91 14.21
C SER A 74 -3.65 2.44 13.80
N PRO A 75 -2.78 1.68 14.49
CA PRO A 75 -2.58 0.26 14.23
C PRO A 75 -3.79 -0.58 14.64
N ARG A 76 -4.74 0.05 15.31
CA ARG A 76 -5.95 -0.64 15.76
C ARG A 76 -6.87 -0.94 14.58
N ALA A 77 -6.96 0.01 13.65
CA ALA A 77 -7.81 -0.15 12.48
C ALA A 77 -6.97 -0.21 11.20
N LEU A 78 -5.79 -0.81 11.29
CA LEU A 78 -4.90 -0.92 10.15
C LEU A 78 -5.05 -2.28 9.47
N LEU A 79 -5.09 -3.33 10.28
CA LEU A 79 -5.24 -4.69 9.77
C LEU A 79 -6.48 -4.81 8.89
N ARG A 80 -6.28 -4.88 7.59
CA ARG A 80 -7.39 -5.00 6.65
C ARG A 80 -8.16 -6.29 6.88
N ALA A 81 -9.26 -6.46 6.15
CA ALA A 81 -10.09 -7.65 6.28
C ALA A 81 -9.42 -8.87 5.66
N LYS A 82 -8.83 -8.67 4.48
CA LYS A 82 -8.15 -9.76 3.77
C LYS A 82 -7.22 -10.52 4.72
N GLU A 83 -6.73 -9.83 5.74
CA GLU A 83 -5.83 -10.44 6.72
C GLU A 83 -6.62 -11.27 7.73
N ALA A 84 -7.43 -12.19 7.23
CA ALA A 84 -8.23 -13.06 8.09
C ALA A 84 -7.48 -13.39 9.38
N ARG A 85 -6.19 -13.64 9.26
CA ARG A 85 -5.36 -13.98 10.41
C ARG A 85 -5.57 -12.97 11.54
N TYR A 86 -5.55 -11.69 11.19
CA TYR A 86 -5.73 -10.63 12.18
C TYR A 86 -6.96 -10.89 13.04
N ALA A 87 -8.10 -11.10 12.38
CA ALA A 87 -9.34 -11.38 13.10
C ALA A 87 -9.32 -12.74 13.75
N GLU A 88 -8.58 -13.67 13.15
CA GLU A 88 -8.48 -15.03 13.68
C GLU A 88 -7.84 -15.02 15.06
N LEU A 89 -6.83 -14.17 15.23
CA LEU A 89 -6.13 -14.06 16.51
C LEU A 89 -6.99 -13.34 17.55
N GLY A 90 -8.11 -12.80 17.10
CA GLY A 90 -9.01 -12.08 18.00
C GLY A 90 -8.57 -10.65 18.23
N LEU A 91 -7.71 -10.14 17.34
CA LEU A 91 -7.22 -8.77 17.45
C LEU A 91 -8.37 -7.77 17.41
N ASP A 92 -9.42 -8.12 16.69
CA ASP A 92 -10.59 -7.25 16.57
C ASP A 92 -11.20 -6.96 17.94
N ASP A 93 -10.88 -7.81 18.90
CA ASP A 93 -11.40 -7.65 20.27
C ASP A 93 -11.18 -6.22 20.76
N PRO A 94 -12.27 -5.54 21.12
CA PRO A 94 -12.23 -4.17 21.62
C PRO A 94 -11.59 -4.07 23.00
N ALA A 95 -11.53 -5.21 23.69
CA ALA A 95 -10.95 -5.24 25.04
C ALA A 95 -9.43 -5.11 24.97
N LEU A 96 -8.83 -5.60 23.88
CA LEU A 96 -7.39 -5.53 23.70
C LEU A 96 -6.90 -4.10 23.75
N SER A 97 -5.60 -3.91 23.54
CA SER A 97 -5.00 -2.58 23.57
C SER A 97 -3.93 -2.45 22.48
N ASP A 98 -3.49 -1.21 22.25
CA ASP A 98 -2.46 -0.95 21.25
C ASP A 98 -1.24 -1.83 21.47
N GLU A 99 -0.95 -2.13 22.74
CA GLU A 99 0.19 -2.96 23.08
C GLU A 99 0.19 -4.25 22.28
N VAL A 100 -0.83 -5.06 22.47
CA VAL A 100 -0.96 -6.32 21.75
C VAL A 100 -1.13 -6.10 20.26
N LEU A 101 -1.83 -5.03 19.90
CA LEU A 101 -2.06 -4.70 18.49
C LEU A 101 -0.74 -4.53 17.75
N ILE A 102 0.13 -3.68 18.29
CA ILE A 102 1.42 -3.42 17.67
C ILE A 102 2.30 -4.68 17.69
N ASP A 103 2.45 -5.27 18.87
CA ASP A 103 3.26 -6.47 19.03
C ASP A 103 2.84 -7.53 18.02
N ALA A 104 1.54 -7.59 17.73
CA ALA A 104 1.01 -8.56 16.78
C ALA A 104 1.38 -8.18 15.35
N MET A 105 1.21 -6.91 15.01
CA MET A 105 1.53 -6.43 13.67
C MET A 105 2.98 -6.72 13.32
N ILE A 106 3.89 -6.38 14.22
CA ILE A 106 5.31 -6.60 14.02
C ILE A 106 5.61 -8.09 13.82
N SER A 107 4.68 -8.93 14.25
CA SER A 107 4.84 -10.37 14.13
C SER A 107 4.15 -10.90 12.88
N ASN A 108 3.14 -10.18 12.43
CA ASN A 108 2.39 -10.56 11.24
C ASN A 108 3.09 -10.11 9.97
N PRO A 109 2.73 -10.71 8.84
CA PRO A 109 3.33 -10.39 7.54
C PRO A 109 2.91 -9.01 7.04
N VAL A 110 1.86 -8.45 7.65
CA VAL A 110 1.36 -7.14 7.27
C VAL A 110 2.39 -6.06 7.56
N LEU A 111 3.39 -6.41 8.36
CA LEU A 111 4.45 -5.47 8.72
C LEU A 111 5.34 -5.16 7.51
N MET A 112 5.22 -5.98 6.48
CA MET A 112 6.01 -5.80 5.27
C MET A 112 5.90 -4.38 4.75
N ASN A 113 6.92 -3.57 5.02
CA ASN A 113 6.94 -2.19 4.58
C ASN A 113 7.87 -2.00 3.39
N ARG A 114 8.58 -3.06 3.03
CA ARG A 114 9.51 -3.03 1.90
C ARG A 114 8.83 -2.46 0.65
N PRO A 115 7.75 -3.13 0.22
CA PRO A 115 6.99 -2.71 -0.97
C PRO A 115 6.21 -1.43 -0.72
N VAL A 116 6.68 -0.33 -1.32
CA VAL A 116 6.02 0.96 -1.17
C VAL A 116 5.68 1.56 -2.53
N VAL A 117 4.49 2.15 -2.63
CA VAL A 117 4.05 2.77 -3.87
C VAL A 117 4.00 4.29 -3.74
N VAL A 118 4.67 4.97 -4.66
CA VAL A 118 4.71 6.43 -4.66
C VAL A 118 4.02 7.00 -5.89
N THR A 119 2.83 7.56 -5.70
CA THR A 119 2.07 8.13 -6.80
C THR A 119 1.88 9.64 -6.60
N PRO A 120 1.60 10.34 -7.71
CA PRO A 120 1.39 11.80 -7.68
C PRO A 120 0.08 12.18 -6.99
N LYS A 121 -0.71 11.18 -6.65
CA LYS A 121 -1.99 11.41 -5.98
C LYS A 121 -1.96 10.87 -4.55
N GLY A 122 -0.80 10.38 -4.14
CA GLY A 122 -0.65 9.84 -2.80
C GLY A 122 0.40 8.75 -2.71
N VAL A 123 0.78 8.39 -1.48
CA VAL A 123 1.77 7.36 -1.27
C VAL A 123 1.33 6.37 -0.19
N ARG A 124 1.57 5.09 -0.44
CA ARG A 124 1.20 4.05 0.52
C ARG A 124 1.86 2.72 0.17
N LEU A 125 1.80 1.78 1.10
CA LEU A 125 2.40 0.46 0.89
C LEU A 125 1.93 -0.14 -0.43
N CYS A 126 2.88 -0.62 -1.23
CA CYS A 126 2.57 -1.23 -2.51
C CYS A 126 1.79 -2.54 -2.32
N ARG A 127 1.95 -3.14 -1.15
CA ARG A 127 1.27 -4.39 -0.84
C ARG A 127 0.69 -4.36 0.58
N PRO A 128 -0.31 -5.22 0.81
CA PRO A 128 -0.82 -6.15 -0.20
C PRO A 128 -1.58 -5.43 -1.31
N ALA A 129 -2.08 -6.20 -2.27
CA ALA A 129 -2.84 -5.64 -3.38
C ALA A 129 -4.05 -4.86 -2.89
N GLU A 130 -4.48 -5.15 -1.66
CA GLU A 130 -5.63 -4.48 -1.07
C GLU A 130 -5.29 -3.03 -0.72
N THR A 131 -4.06 -2.81 -0.28
CA THR A 131 -3.61 -1.47 0.09
C THR A 131 -3.35 -0.61 -1.14
N VAL A 132 -2.65 -1.18 -2.12
CA VAL A 132 -2.33 -0.47 -3.35
C VAL A 132 -3.60 -0.17 -4.15
N GLN A 133 -4.53 -1.12 -4.16
CA GLN A 133 -5.78 -0.95 -4.90
C GLN A 133 -6.69 0.06 -4.20
N GLU A 134 -6.46 0.25 -2.90
CA GLU A 134 -7.25 1.19 -2.11
C GLU A 134 -6.76 2.62 -2.33
N LEU A 135 -5.44 2.80 -2.33
CA LEU A 135 -4.84 4.12 -2.52
C LEU A 135 -4.98 4.57 -3.96
N LEU A 136 -4.84 3.63 -4.89
CA LEU A 136 -4.94 3.94 -6.31
C LEU A 136 -6.33 3.61 -6.83
N MET A 1 -23.79 -12.08 -81.09
CA MET A 1 -22.71 -11.46 -80.33
C MET A 1 -23.08 -11.39 -78.85
N ALA A 2 -22.07 -11.55 -77.99
CA ALA A 2 -22.28 -11.48 -76.55
C ALA A 2 -21.15 -10.72 -75.86
N HIS A 3 -21.20 -10.68 -74.54
CA HIS A 3 -20.18 -9.99 -73.76
C HIS A 3 -20.39 -10.21 -72.27
N HIS A 4 -19.35 -9.92 -71.48
CA HIS A 4 -19.42 -10.10 -70.03
C HIS A 4 -18.23 -9.42 -69.34
N HIS A 5 -18.23 -9.45 -68.01
CA HIS A 5 -17.16 -8.84 -67.24
C HIS A 5 -17.29 -9.18 -65.76
N HIS A 6 -16.28 -8.80 -64.98
CA HIS A 6 -16.30 -9.07 -63.54
C HIS A 6 -15.86 -7.83 -62.76
N HIS A 7 -15.97 -7.91 -61.44
CA HIS A 7 -15.59 -6.80 -60.57
C HIS A 7 -14.49 -7.22 -59.60
N HIS A 8 -14.10 -6.31 -58.72
CA HIS A 8 -13.06 -6.60 -57.73
C HIS A 8 -13.08 -5.57 -56.61
N MET A 9 -12.52 -5.93 -55.46
CA MET A 9 -12.48 -5.03 -54.32
C MET A 9 -11.13 -5.12 -53.60
N GLY A 10 -10.98 -4.35 -52.53
CA GLY A 10 -9.73 -4.36 -51.77
C GLY A 10 -9.55 -3.11 -50.94
N THR A 11 -8.74 -3.22 -49.89
CA THR A 11 -8.48 -2.09 -49.01
C THR A 11 -7.40 -2.41 -47.99
N LEU A 12 -7.00 -1.41 -47.22
CA LEU A 12 -5.96 -1.60 -46.20
C LEU A 12 -6.20 -0.66 -45.02
N GLU A 13 -5.39 -0.83 -43.97
CA GLU A 13 -5.51 0.01 -42.79
C GLU A 13 -4.13 0.25 -42.15
N ALA A 14 -4.12 0.93 -41.01
CA ALA A 14 -2.88 1.22 -40.31
C ALA A 14 -3.13 1.39 -38.81
N GLN A 15 -2.05 1.65 -38.08
CA GLN A 15 -2.15 1.83 -36.63
C GLN A 15 -1.23 2.95 -36.15
N THR A 16 -1.24 3.20 -34.85
CA THR A 16 -0.40 4.24 -34.26
C THR A 16 -0.21 4.02 -32.77
N GLN A 17 0.77 4.71 -32.18
CA GLN A 17 1.04 4.59 -30.76
C GLN A 17 1.63 5.89 -30.21
N GLY A 18 1.21 6.24 -28.99
CA GLY A 18 1.69 7.46 -28.37
C GLY A 18 2.04 7.27 -26.91
N PRO A 19 2.76 8.24 -26.33
CA PRO A 19 3.17 8.20 -24.92
C PRO A 19 1.99 8.36 -23.97
N GLY A 20 2.30 8.53 -22.68
CA GLY A 20 1.25 8.71 -21.69
C GLY A 20 1.63 9.71 -20.64
N SER A 21 1.00 9.60 -19.47
CA SER A 21 1.27 10.52 -18.36
C SER A 21 1.73 9.76 -17.12
N MET A 22 2.10 8.50 -17.31
CA MET A 22 2.57 7.67 -16.22
C MET A 22 3.67 8.37 -15.41
N ASP A 23 3.51 8.39 -14.10
CA ASP A 23 4.49 9.02 -13.23
C ASP A 23 4.43 8.44 -11.82
N VAL A 24 4.42 7.11 -11.73
CA VAL A 24 4.36 6.44 -10.44
C VAL A 24 5.51 5.45 -10.29
N THR A 25 6.20 5.52 -9.16
CA THR A 25 7.32 4.63 -8.89
C THR A 25 7.03 3.74 -7.68
N ILE A 26 7.38 2.45 -7.81
CA ILE A 26 7.16 1.50 -6.73
C ILE A 26 8.48 0.92 -6.24
N TYR A 27 8.69 0.98 -4.93
CA TYR A 27 9.92 0.46 -4.33
C TYR A 27 9.73 -0.98 -3.85
N HIS A 28 10.29 -1.93 -4.58
CA HIS A 28 10.17 -3.34 -4.23
C HIS A 28 11.00 -4.20 -5.18
N ASN A 29 11.43 -5.36 -4.70
CA ASN A 29 12.24 -6.28 -5.50
C ASN A 29 11.39 -6.93 -6.58
N PRO A 30 11.97 -7.09 -7.78
CA PRO A 30 11.29 -7.70 -8.92
C PRO A 30 11.05 -9.20 -8.73
N VAL A 31 10.05 -9.53 -7.91
CA VAL A 31 9.73 -10.92 -7.64
C VAL A 31 8.30 -11.24 -8.07
N CYS A 32 8.12 -12.38 -8.74
CA CYS A 32 6.81 -12.80 -9.20
C CYS A 32 5.79 -12.77 -8.07
N GLY A 33 4.52 -12.93 -8.42
CA GLY A 33 3.47 -12.91 -7.41
C GLY A 33 3.17 -11.51 -6.91
N THR A 34 4.10 -10.95 -6.14
CA THR A 34 3.93 -9.60 -5.60
C THR A 34 4.01 -8.55 -6.70
N SER A 35 5.14 -8.51 -7.39
CA SER A 35 5.34 -7.54 -8.46
C SER A 35 4.37 -7.78 -9.61
N ARG A 36 4.06 -9.05 -9.86
CA ARG A 36 3.15 -9.43 -10.93
C ARG A 36 1.72 -8.98 -10.59
N LYS A 37 1.32 -9.20 -9.34
CA LYS A 37 -0.01 -8.82 -8.89
C LYS A 37 -0.22 -7.31 -8.99
N VAL A 38 0.66 -6.55 -8.34
CA VAL A 38 0.59 -5.10 -8.36
C VAL A 38 0.66 -4.56 -9.79
N LEU A 39 1.57 -5.11 -10.58
CA LEU A 39 1.74 -4.69 -11.97
C LEU A 39 0.48 -4.98 -12.78
N GLY A 40 -0.13 -6.14 -12.51
CA GLY A 40 -1.34 -6.52 -13.23
C GLY A 40 -2.48 -5.56 -13.00
N MET A 41 -2.77 -5.28 -11.73
CA MET A 41 -3.85 -4.37 -11.37
C MET A 41 -3.60 -2.98 -11.93
N ILE A 42 -2.39 -2.46 -11.69
CA ILE A 42 -2.02 -1.14 -12.17
C ILE A 42 -2.08 -1.07 -13.70
N ARG A 43 -1.33 -1.96 -14.35
CA ARG A 43 -1.30 -2.00 -15.81
C ARG A 43 -2.71 -2.05 -16.39
N GLU A 44 -3.58 -2.82 -15.74
CA GLU A 44 -4.96 -2.96 -16.20
C GLU A 44 -5.77 -1.73 -15.83
N ALA A 45 -5.35 -1.03 -14.78
CA ALA A 45 -6.03 0.17 -14.33
C ALA A 45 -5.85 1.32 -15.33
N GLY A 46 -4.74 1.29 -16.05
CA GLY A 46 -4.46 2.32 -17.02
C GLY A 46 -3.20 3.11 -16.70
N ILE A 47 -2.34 2.53 -15.86
CA ILE A 47 -1.10 3.18 -15.47
C ILE A 47 0.10 2.25 -15.69
N GLU A 48 1.26 2.85 -15.91
CA GLU A 48 2.49 2.08 -16.13
C GLU A 48 3.63 2.64 -15.30
N PRO A 49 3.64 2.29 -14.00
CA PRO A 49 4.68 2.74 -13.08
C PRO A 49 6.04 2.10 -13.35
N HIS A 50 7.03 2.43 -12.53
CA HIS A 50 8.36 1.89 -12.69
C HIS A 50 8.76 1.05 -11.48
N VAL A 51 9.19 -0.18 -11.72
CA VAL A 51 9.60 -1.07 -10.64
C VAL A 51 11.07 -0.84 -10.26
N ILE A 52 11.29 -0.44 -9.02
CA ILE A 52 12.63 -0.18 -8.53
C ILE A 52 12.92 -0.97 -7.25
N GLU A 53 13.94 -1.81 -7.29
CA GLU A 53 14.31 -2.63 -6.15
C GLU A 53 14.99 -1.78 -5.07
N TYR A 54 14.35 -1.66 -3.92
CA TYR A 54 14.88 -0.88 -2.82
C TYR A 54 14.33 -1.38 -1.48
N MET A 55 15.19 -2.02 -0.70
CA MET A 55 14.80 -2.54 0.60
C MET A 55 15.98 -2.59 1.56
N LYS A 56 16.64 -1.44 1.72
CA LYS A 56 17.80 -1.35 2.61
C LYS A 56 17.63 -0.22 3.61
N THR A 57 16.50 -0.20 4.30
CA THR A 57 16.21 0.83 5.29
C THR A 57 15.15 0.37 6.28
N PRO A 58 15.49 -0.64 7.10
CA PRO A 58 14.59 -1.19 8.11
C PRO A 58 14.32 -0.21 9.25
N LEU A 59 13.14 -0.31 9.85
CA LEU A 59 12.77 0.56 10.95
C LEU A 59 12.23 -0.25 12.13
N PRO A 60 12.37 0.30 13.34
CA PRO A 60 11.90 -0.36 14.57
C PRO A 60 10.37 -0.40 14.66
N ARG A 61 9.86 -1.27 15.51
CA ARG A 61 8.42 -1.41 15.69
C ARG A 61 7.76 -0.04 15.92
N ASP A 62 8.34 0.72 16.85
CA ASP A 62 7.81 2.04 17.17
C ASP A 62 7.63 2.88 15.90
N MET A 63 8.73 3.06 15.16
CA MET A 63 8.70 3.83 13.93
C MET A 63 7.57 3.36 13.01
N LEU A 64 7.39 2.04 12.93
CA LEU A 64 6.36 1.45 12.09
C LEU A 64 4.97 1.82 12.62
N VAL A 65 4.83 1.91 13.93
CA VAL A 65 3.56 2.26 14.55
C VAL A 65 3.15 3.69 14.19
N GLU A 66 4.10 4.61 14.30
CA GLU A 66 3.83 6.01 14.00
C GLU A 66 3.67 6.22 12.49
N LEU A 67 4.38 5.41 11.71
CA LEU A 67 4.31 5.50 10.26
C LEU A 67 3.01 4.90 9.73
N LEU A 68 2.60 3.78 10.31
CA LEU A 68 1.37 3.11 9.91
C LEU A 68 0.14 3.88 10.39
N ARG A 69 0.25 4.47 11.58
CA ARG A 69 -0.84 5.23 12.16
C ARG A 69 -1.00 6.57 11.45
N GLN A 70 0.13 7.20 11.12
CA GLN A 70 0.12 8.48 10.44
C GLN A 70 -0.18 8.32 8.95
N MET A 71 0.18 7.16 8.41
CA MET A 71 -0.05 6.88 6.99
C MET A 71 -1.52 7.03 6.64
N ALA A 72 -2.37 6.22 7.28
CA ALA A 72 -3.81 6.27 7.03
C ALA A 72 -4.57 6.42 8.34
N ILE A 73 -4.56 5.37 9.16
CA ILE A 73 -5.26 5.38 10.43
C ILE A 73 -4.53 4.54 11.47
N SER A 74 -4.94 4.68 12.74
CA SER A 74 -4.31 3.94 13.83
C SER A 74 -4.18 2.46 13.46
N PRO A 75 -3.33 1.74 14.22
CA PRO A 75 -3.08 0.32 14.00
C PRO A 75 -4.29 -0.54 14.37
N ARG A 76 -5.29 0.09 14.99
CA ARG A 76 -6.49 -0.62 15.41
C ARG A 76 -7.35 -0.98 14.21
N ALA A 77 -7.40 -0.08 13.23
CA ALA A 77 -8.18 -0.31 12.02
C ALA A 77 -7.28 -0.43 10.79
N LEU A 78 -6.07 -0.92 11.01
CA LEU A 78 -5.11 -1.08 9.91
C LEU A 78 -5.22 -2.47 9.30
N LEU A 79 -5.24 -3.49 10.14
CA LEU A 79 -5.34 -4.86 9.68
C LEU A 79 -6.59 -5.06 8.82
N ARG A 80 -6.38 -5.17 7.51
CA ARG A 80 -7.48 -5.35 6.58
C ARG A 80 -8.26 -6.64 6.90
N ALA A 81 -9.35 -6.85 6.18
CA ALA A 81 -10.17 -8.04 6.38
C ALA A 81 -9.48 -9.29 5.84
N LYS A 82 -8.87 -9.16 4.66
CA LYS A 82 -8.17 -10.27 4.04
C LYS A 82 -7.26 -10.98 5.04
N GLU A 83 -6.80 -10.24 6.03
CA GLU A 83 -5.92 -10.79 7.06
C GLU A 83 -6.71 -11.59 8.09
N ALA A 84 -7.49 -12.57 7.61
CA ALA A 84 -8.30 -13.40 8.48
C ALA A 84 -7.60 -13.64 9.82
N ARG A 85 -6.29 -13.88 9.75
CA ARG A 85 -5.51 -14.13 10.95
C ARG A 85 -5.77 -13.04 12.01
N TYR A 86 -5.72 -11.78 11.58
CA TYR A 86 -5.95 -10.67 12.49
C TYR A 86 -7.22 -10.87 13.30
N ALA A 87 -8.31 -11.20 12.61
CA ALA A 87 -9.60 -11.42 13.26
C ALA A 87 -9.58 -12.73 14.06
N GLU A 88 -8.92 -13.74 13.52
CA GLU A 88 -8.83 -15.03 14.18
C GLU A 88 -8.24 -14.90 15.59
N LEU A 89 -7.27 -14.00 15.73
CA LEU A 89 -6.64 -13.76 17.02
C LEU A 89 -7.54 -12.93 17.94
N GLY A 90 -8.59 -12.37 17.35
CA GLY A 90 -9.52 -11.56 18.13
C GLY A 90 -9.03 -10.14 18.30
N LEU A 91 -8.13 -9.71 17.42
CA LEU A 91 -7.57 -8.36 17.49
C LEU A 91 -8.67 -7.31 17.31
N ASP A 92 -9.81 -7.74 16.78
CA ASP A 92 -10.94 -6.85 16.57
C ASP A 92 -11.47 -6.32 17.89
N ASP A 93 -11.24 -7.07 18.96
CA ASP A 93 -11.70 -6.67 20.29
C ASP A 93 -11.26 -5.23 20.61
N PRO A 94 -12.24 -4.37 20.89
CA PRO A 94 -11.99 -2.96 21.22
C PRO A 94 -11.31 -2.79 22.57
N ALA A 95 -11.55 -3.74 23.48
CA ALA A 95 -10.96 -3.70 24.81
C ALA A 95 -9.44 -3.71 24.73
N LEU A 96 -8.91 -4.30 23.67
CA LEU A 96 -7.46 -4.37 23.48
C LEU A 96 -6.85 -2.98 23.45
N SER A 97 -5.54 -2.94 23.20
CA SER A 97 -4.83 -1.66 23.15
C SER A 97 -3.76 -1.68 22.05
N ASP A 98 -3.21 -0.52 21.74
CA ASP A 98 -2.18 -0.41 20.72
C ASP A 98 -1.01 -1.33 21.02
N GLU A 99 -0.75 -1.56 22.31
CA GLU A 99 0.34 -2.43 22.73
C GLU A 99 0.24 -3.80 22.07
N VAL A 100 -0.84 -4.52 22.35
CA VAL A 100 -1.06 -5.84 21.78
C VAL A 100 -1.23 -5.76 20.27
N LEU A 101 -1.89 -4.71 19.80
CA LEU A 101 -2.12 -4.51 18.38
C LEU A 101 -0.79 -4.47 17.61
N ILE A 102 0.12 -3.62 18.06
CA ILE A 102 1.42 -3.48 17.43
C ILE A 102 2.22 -4.78 17.53
N ASP A 103 2.36 -5.28 18.76
CA ASP A 103 3.10 -6.51 19.00
C ASP A 103 2.63 -7.62 18.05
N ALA A 104 1.33 -7.66 17.81
CA ALA A 104 0.75 -8.67 16.92
C ALA A 104 1.12 -8.41 15.47
N MET A 105 1.05 -7.14 15.08
CA MET A 105 1.38 -6.75 13.71
C MET A 105 2.86 -7.02 13.41
N ILE A 106 3.72 -6.60 14.32
CA ILE A 106 5.16 -6.80 14.14
C ILE A 106 5.51 -8.27 14.05
N SER A 107 4.64 -9.11 14.62
CA SER A 107 4.85 -10.56 14.60
C SER A 107 4.28 -11.18 13.33
N ASN A 108 3.18 -10.60 12.85
CA ASN A 108 2.52 -11.10 11.65
C ASN A 108 3.27 -10.65 10.39
N PRO A 109 3.02 -11.35 9.28
CA PRO A 109 3.66 -11.05 8.00
C PRO A 109 3.17 -9.73 7.39
N VAL A 110 2.06 -9.24 7.92
CA VAL A 110 1.48 -7.98 7.44
C VAL A 110 2.41 -6.81 7.71
N LEU A 111 3.41 -7.04 8.56
CA LEU A 111 4.37 -6.00 8.89
C LEU A 111 5.28 -5.69 7.70
N MET A 112 5.19 -6.52 6.67
CA MET A 112 6.00 -6.34 5.47
C MET A 112 5.74 -4.96 4.85
N ASN A 113 6.61 -4.00 5.18
CA ASN A 113 6.47 -2.65 4.65
C ASN A 113 7.50 -2.39 3.55
N ARG A 114 8.32 -3.39 3.25
CA ARG A 114 9.34 -3.27 2.24
C ARG A 114 8.77 -2.68 0.95
N PRO A 115 7.79 -3.39 0.37
CA PRO A 115 7.13 -2.96 -0.87
C PRO A 115 6.26 -1.73 -0.67
N VAL A 116 6.75 -0.57 -1.09
CA VAL A 116 6.01 0.67 -0.96
C VAL A 116 5.67 1.27 -2.32
N VAL A 117 4.54 1.97 -2.40
CA VAL A 117 4.10 2.59 -3.64
C VAL A 117 4.19 4.11 -3.56
N VAL A 118 4.87 4.70 -4.53
CA VAL A 118 5.04 6.16 -4.57
C VAL A 118 4.32 6.76 -5.77
N THR A 119 3.18 7.40 -5.51
CA THR A 119 2.39 8.02 -6.56
C THR A 119 2.41 9.54 -6.44
N PRO A 120 2.11 10.22 -7.55
CA PRO A 120 2.08 11.68 -7.61
C PRO A 120 0.92 12.27 -6.82
N LYS A 121 0.03 11.40 -6.36
CA LYS A 121 -1.13 11.84 -5.58
C LYS A 121 -1.04 11.36 -4.13
N GLY A 122 0.07 10.69 -3.81
CA GLY A 122 0.26 10.19 -2.46
C GLY A 122 1.10 8.93 -2.43
N VAL A 123 1.48 8.51 -1.23
CA VAL A 123 2.29 7.31 -1.06
C VAL A 123 1.69 6.37 -0.02
N ARG A 124 1.84 5.07 -0.24
CA ARG A 124 1.31 4.07 0.67
C ARG A 124 1.90 2.69 0.38
N LEU A 125 1.70 1.75 1.30
CA LEU A 125 2.22 0.40 1.14
C LEU A 125 1.80 -0.18 -0.21
N CYS A 126 2.76 -0.73 -0.93
CA CYS A 126 2.49 -1.33 -2.24
C CYS A 126 1.62 -2.57 -2.10
N ARG A 127 1.64 -3.17 -0.91
CA ARG A 127 0.86 -4.37 -0.64
C ARG A 127 0.13 -4.27 0.68
N PRO A 128 -0.95 -5.06 0.84
CA PRO A 128 -1.40 -5.98 -0.20
C PRO A 128 -2.00 -5.25 -1.41
N ALA A 129 -2.42 -6.01 -2.40
CA ALA A 129 -3.00 -5.44 -3.61
C ALA A 129 -4.20 -4.55 -3.26
N GLU A 130 -4.79 -4.80 -2.10
CA GLU A 130 -5.94 -4.02 -1.66
C GLU A 130 -5.54 -2.58 -1.32
N THR A 131 -4.40 -2.44 -0.66
CA THR A 131 -3.91 -1.12 -0.27
C THR A 131 -3.49 -0.31 -1.49
N VAL A 132 -2.74 -0.95 -2.38
CA VAL A 132 -2.27 -0.29 -3.60
C VAL A 132 -3.43 0.05 -4.53
N GLN A 133 -4.43 -0.84 -4.55
CA GLN A 133 -5.60 -0.63 -5.39
C GLN A 133 -6.46 0.51 -4.87
N GLU A 134 -6.40 0.75 -3.57
CA GLU A 134 -7.18 1.81 -2.94
C GLU A 134 -6.50 3.17 -3.14
N LEU A 135 -5.18 3.19 -2.97
CA LEU A 135 -4.42 4.42 -3.12
C LEU A 135 -4.37 4.84 -4.60
N LEU A 136 -4.25 3.87 -5.48
CA LEU A 136 -4.19 4.14 -6.92
C LEU A 136 -5.48 3.70 -7.60
N MET A 1 -0.42 32.72 -52.55
CA MET A 1 0.18 31.60 -53.30
C MET A 1 1.70 31.65 -53.18
N ALA A 2 2.28 30.57 -52.67
CA ALA A 2 3.73 30.48 -52.50
C ALA A 2 4.14 29.10 -52.00
N HIS A 3 5.43 28.94 -51.74
CA HIS A 3 5.96 27.68 -51.25
C HIS A 3 6.00 27.66 -49.72
N HIS A 4 4.97 27.08 -49.12
CA HIS A 4 4.90 26.99 -47.66
C HIS A 4 4.93 25.53 -47.19
N HIS A 5 4.49 24.63 -48.06
CA HIS A 5 4.47 23.20 -47.74
C HIS A 5 5.83 22.74 -47.24
N HIS A 6 5.84 22.00 -46.14
CA HIS A 6 7.07 21.49 -45.57
C HIS A 6 6.90 20.06 -45.07
N HIS A 7 8.00 19.45 -44.66
CA HIS A 7 7.97 18.07 -44.17
C HIS A 7 8.11 18.03 -42.65
N HIS A 8 8.76 19.05 -42.09
CA HIS A 8 8.97 19.13 -40.65
C HIS A 8 7.65 19.40 -39.93
N MET A 9 7.60 19.02 -38.65
CA MET A 9 6.40 19.23 -37.85
C MET A 9 6.64 18.85 -36.40
N GLY A 10 5.94 19.50 -35.49
CA GLY A 10 6.08 19.21 -34.08
C GLY A 10 5.07 19.94 -33.22
N THR A 11 4.25 19.18 -32.50
CA THR A 11 3.23 19.76 -31.64
C THR A 11 2.53 18.68 -30.82
N LEU A 12 2.06 19.06 -29.63
CA LEU A 12 1.37 18.12 -28.75
C LEU A 12 -0.14 18.17 -28.99
N GLU A 13 -0.85 17.21 -28.41
CA GLU A 13 -2.30 17.14 -28.56
C GLU A 13 -2.96 16.55 -27.31
N ALA A 14 -4.27 16.34 -27.38
CA ALA A 14 -5.00 15.77 -26.26
C ALA A 14 -4.51 14.38 -25.92
N GLN A 15 -5.22 13.69 -25.04
CA GLN A 15 -4.85 12.34 -24.63
C GLN A 15 -4.67 11.44 -25.85
N THR A 16 -3.42 11.07 -26.13
CA THR A 16 -3.11 10.21 -27.26
C THR A 16 -1.81 9.45 -27.03
N GLN A 17 -1.56 8.46 -27.87
CA GLN A 17 -0.36 7.64 -27.76
C GLN A 17 0.90 8.52 -27.69
N GLY A 18 1.44 8.67 -26.48
CA GLY A 18 2.63 9.48 -26.30
C GLY A 18 3.55 8.93 -25.23
N PRO A 19 4.51 9.76 -24.80
CA PRO A 19 5.48 9.36 -23.77
C PRO A 19 4.84 9.22 -22.39
N GLY A 20 5.64 8.82 -21.41
CA GLY A 20 5.14 8.64 -20.07
C GLY A 20 4.55 9.92 -19.50
N SER A 21 3.29 9.86 -19.08
CA SER A 21 2.61 11.02 -18.53
C SER A 21 2.21 10.77 -17.07
N MET A 22 2.92 9.86 -16.42
CA MET A 22 2.64 9.53 -15.03
C MET A 22 3.80 9.93 -14.13
N ASP A 23 3.64 9.70 -12.82
CA ASP A 23 4.68 10.03 -11.86
C ASP A 23 4.53 9.20 -10.59
N VAL A 24 4.65 7.89 -10.74
CA VAL A 24 4.53 6.98 -9.60
C VAL A 24 5.72 6.04 -9.51
N THR A 25 6.32 5.95 -8.33
CA THR A 25 7.47 5.09 -8.11
C THR A 25 7.16 4.00 -7.11
N ILE A 26 7.58 2.77 -7.42
CA ILE A 26 7.34 1.63 -6.54
C ILE A 26 8.65 1.04 -6.06
N TYR A 27 8.64 0.47 -4.86
CA TYR A 27 9.83 -0.14 -4.28
C TYR A 27 9.54 -1.56 -3.80
N HIS A 28 10.06 -2.54 -4.52
CA HIS A 28 9.86 -3.94 -4.17
C HIS A 28 10.68 -4.85 -5.09
N ASN A 29 10.80 -6.12 -4.70
CA ASN A 29 11.56 -7.09 -5.48
C ASN A 29 10.65 -7.88 -6.39
N PRO A 30 11.24 -8.50 -7.44
CA PRO A 30 10.49 -9.31 -8.40
C PRO A 30 9.96 -10.61 -7.80
N VAL A 31 8.91 -10.50 -7.00
CA VAL A 31 8.32 -11.67 -6.36
C VAL A 31 7.09 -12.15 -7.13
N CYS A 32 7.09 -13.42 -7.50
CA CYS A 32 5.98 -14.01 -8.24
C CYS A 32 4.66 -13.73 -7.54
N GLY A 33 3.61 -13.54 -8.33
CA GLY A 33 2.30 -13.26 -7.77
C GLY A 33 2.15 -11.82 -7.31
N THR A 34 3.02 -11.40 -6.40
CA THR A 34 2.98 -10.05 -5.87
C THR A 34 3.26 -9.02 -6.97
N SER A 35 4.48 -9.02 -7.48
CA SER A 35 4.87 -8.09 -8.54
C SER A 35 3.95 -8.23 -9.75
N ARG A 36 3.52 -9.46 -10.02
CA ARG A 36 2.63 -9.73 -11.15
C ARG A 36 1.26 -9.09 -10.93
N LYS A 37 0.72 -9.25 -9.73
CA LYS A 37 -0.58 -8.70 -9.38
C LYS A 37 -0.57 -7.18 -9.50
N VAL A 38 0.36 -6.55 -8.78
CA VAL A 38 0.47 -5.09 -8.80
C VAL A 38 0.71 -4.58 -10.22
N LEU A 39 1.58 -5.27 -10.96
CA LEU A 39 1.89 -4.89 -12.33
C LEU A 39 0.66 -5.02 -13.23
N GLY A 40 -0.12 -6.07 -13.01
CA GLY A 40 -1.31 -6.30 -13.81
C GLY A 40 -2.33 -5.18 -13.63
N MET A 41 -2.62 -4.83 -12.38
CA MET A 41 -3.58 -3.78 -12.09
C MET A 41 -3.11 -2.44 -12.64
N ILE A 42 -1.87 -2.09 -12.31
CA ILE A 42 -1.29 -0.82 -12.77
C ILE A 42 -1.24 -0.76 -14.29
N ARG A 43 -0.68 -1.80 -14.91
CA ARG A 43 -0.58 -1.87 -16.36
C ARG A 43 -1.96 -1.78 -17.00
N GLU A 44 -2.95 -2.40 -16.37
CA GLU A 44 -4.31 -2.38 -16.88
C GLU A 44 -4.93 -1.00 -16.78
N ALA A 45 -4.60 -0.29 -15.71
CA ALA A 45 -5.11 1.06 -15.50
C ALA A 45 -4.50 2.05 -16.48
N GLY A 46 -3.29 1.74 -16.94
CA GLY A 46 -2.61 2.61 -17.89
C GLY A 46 -1.61 3.53 -17.21
N ILE A 47 -0.80 2.95 -16.32
CA ILE A 47 0.22 3.72 -15.61
C ILE A 47 1.59 3.06 -15.71
N GLU A 48 2.63 3.89 -15.84
CA GLU A 48 3.99 3.38 -15.94
C GLU A 48 4.78 3.68 -14.67
N PRO A 49 4.70 2.76 -13.69
CA PRO A 49 5.39 2.90 -12.41
C PRO A 49 6.91 2.75 -12.56
N HIS A 50 7.65 3.29 -11.59
CA HIS A 50 9.11 3.21 -11.61
C HIS A 50 9.61 2.23 -10.56
N VAL A 51 10.10 1.08 -11.02
CA VAL A 51 10.62 0.06 -10.12
C VAL A 51 12.01 0.42 -9.61
N ILE A 52 12.13 0.61 -8.30
CA ILE A 52 13.41 0.96 -7.70
C ILE A 52 13.77 0.00 -6.58
N GLU A 53 14.78 -0.83 -6.81
CA GLU A 53 15.21 -1.80 -5.81
C GLU A 53 16.03 -1.12 -4.71
N TYR A 54 15.38 -0.86 -3.58
CA TYR A 54 16.04 -0.21 -2.45
C TYR A 54 15.31 -0.53 -1.14
N MET A 55 16.05 -0.50 -0.04
CA MET A 55 15.48 -0.77 1.27
C MET A 55 14.41 0.25 1.62
N LYS A 56 14.45 1.39 0.96
CA LYS A 56 13.48 2.45 1.19
C LYS A 56 13.61 3.00 2.62
N THR A 57 14.78 2.78 3.23
CA THR A 57 15.03 3.25 4.58
C THR A 57 14.06 2.63 5.57
N PRO A 58 14.35 1.39 5.98
CA PRO A 58 13.51 0.65 6.93
C PRO A 58 13.57 1.24 8.35
N LEU A 59 12.52 1.01 9.12
CA LEU A 59 12.45 1.52 10.49
C LEU A 59 11.99 0.44 11.45
N PRO A 60 12.26 0.64 12.75
CA PRO A 60 11.88 -0.31 13.80
C PRO A 60 10.37 -0.34 14.03
N ARG A 61 9.92 -1.26 14.88
CA ARG A 61 8.51 -1.39 15.18
C ARG A 61 7.91 -0.05 15.59
N ASP A 62 8.57 0.62 16.54
CA ASP A 62 8.11 1.92 17.02
C ASP A 62 7.84 2.87 15.86
N MET A 63 8.89 3.13 15.07
CA MET A 63 8.77 4.03 13.93
C MET A 63 7.60 3.63 13.04
N LEU A 64 7.40 2.33 12.89
CA LEU A 64 6.31 1.81 12.07
C LEU A 64 4.96 2.17 12.67
N VAL A 65 4.88 2.17 14.00
CA VAL A 65 3.64 2.50 14.69
C VAL A 65 3.26 3.95 14.46
N GLU A 66 4.23 4.85 14.62
CA GLU A 66 3.99 6.27 14.44
C GLU A 66 3.76 6.60 12.97
N LEU A 67 4.37 5.82 12.09
CA LEU A 67 4.24 6.03 10.65
C LEU A 67 2.89 5.51 10.16
N LEU A 68 2.52 4.32 10.60
CA LEU A 68 1.25 3.72 10.22
C LEU A 68 0.07 4.47 10.82
N ARG A 69 0.26 4.97 12.03
CA ARG A 69 -0.79 5.72 12.73
C ARG A 69 -0.95 7.11 12.12
N GLN A 70 0.18 7.74 11.80
CA GLN A 70 0.16 9.07 11.22
C GLN A 70 -0.18 9.02 9.73
N MET A 71 0.12 7.89 9.10
CA MET A 71 -0.15 7.71 7.69
C MET A 71 -1.65 7.85 7.40
N ALA A 72 -2.44 6.98 8.01
CA ALA A 72 -3.88 7.01 7.83
C ALA A 72 -4.61 7.06 9.16
N ILE A 73 -4.56 5.96 9.90
CA ILE A 73 -5.21 5.87 11.21
C ILE A 73 -4.44 4.96 12.15
N SER A 74 -4.79 5.01 13.43
CA SER A 74 -4.13 4.19 14.43
C SER A 74 -4.04 2.74 13.97
N PRO A 75 -3.16 1.96 14.63
CA PRO A 75 -2.94 0.55 14.30
C PRO A 75 -4.15 -0.32 14.67
N ARG A 76 -5.11 0.28 15.38
CA ARG A 76 -6.30 -0.44 15.80
C ARG A 76 -7.22 -0.71 14.62
N ALA A 77 -7.30 0.24 13.69
CA ALA A 77 -8.13 0.11 12.51
C ALA A 77 -7.28 0.05 11.24
N LEU A 78 -6.19 -0.68 11.30
CA LEU A 78 -5.29 -0.82 10.16
C LEU A 78 -5.41 -2.21 9.54
N LEU A 79 -5.54 -3.22 10.37
CA LEU A 79 -5.66 -4.59 9.91
C LEU A 79 -6.95 -4.79 9.13
N ARG A 80 -6.84 -4.89 7.81
CA ARG A 80 -8.00 -5.08 6.95
C ARG A 80 -8.70 -6.41 7.25
N ALA A 81 -9.80 -6.66 6.56
CA ALA A 81 -10.56 -7.89 6.76
C ALA A 81 -9.83 -9.08 6.14
N LYS A 82 -9.29 -8.89 4.94
CA LYS A 82 -8.57 -9.95 4.24
C LYS A 82 -7.58 -10.64 5.18
N GLU A 83 -7.10 -9.90 6.17
CA GLU A 83 -6.15 -10.45 7.13
C GLU A 83 -6.85 -11.33 8.17
N ALA A 84 -7.59 -12.32 7.68
CA ALA A 84 -8.32 -13.23 8.57
C ALA A 84 -7.55 -13.47 9.85
N ARG A 85 -6.23 -13.63 9.73
CA ARG A 85 -5.38 -13.87 10.89
C ARG A 85 -5.65 -12.86 11.99
N TYR A 86 -5.72 -11.59 11.62
CA TYR A 86 -5.98 -10.51 12.57
C TYR A 86 -7.19 -10.84 13.44
N ALA A 87 -8.26 -11.30 12.80
CA ALA A 87 -9.48 -11.65 13.51
C ALA A 87 -9.30 -12.94 14.31
N GLU A 88 -8.50 -13.85 13.78
CA GLU A 88 -8.24 -15.12 14.44
C GLU A 88 -7.55 -14.91 15.78
N LEU A 89 -6.68 -13.91 15.84
CA LEU A 89 -5.95 -13.60 17.07
C LEU A 89 -6.84 -12.88 18.07
N GLY A 90 -8.02 -12.46 17.61
CA GLY A 90 -8.95 -11.76 18.47
C GLY A 90 -8.63 -10.29 18.59
N LEU A 91 -7.86 -9.77 17.64
CA LEU A 91 -7.47 -8.36 17.64
C LEU A 91 -8.70 -7.47 17.51
N ASP A 92 -9.81 -8.06 17.08
CA ASP A 92 -11.07 -7.32 16.91
C ASP A 92 -11.59 -6.82 18.26
N ASP A 93 -10.97 -7.28 19.34
CA ASP A 93 -11.37 -6.89 20.68
C ASP A 93 -11.70 -5.40 20.74
N PRO A 94 -12.91 -5.07 21.20
CA PRO A 94 -13.36 -3.68 21.33
C PRO A 94 -12.62 -2.92 22.42
N ALA A 95 -11.82 -3.64 23.20
CA ALA A 95 -11.06 -3.03 24.28
C ALA A 95 -9.58 -3.37 24.17
N LEU A 96 -9.14 -3.65 22.95
CA LEU A 96 -7.74 -4.00 22.70
C LEU A 96 -6.82 -2.89 23.17
N SER A 97 -5.52 -3.07 22.97
CA SER A 97 -4.52 -2.08 23.39
C SER A 97 -3.50 -1.85 22.29
N ASP A 98 -2.95 -0.64 22.25
CA ASP A 98 -1.96 -0.29 21.24
C ASP A 98 -0.76 -1.22 21.32
N GLU A 99 -0.43 -1.67 22.53
CA GLU A 99 0.70 -2.57 22.74
C GLU A 99 0.49 -3.88 21.99
N VAL A 100 -0.56 -4.60 22.35
CA VAL A 100 -0.88 -5.88 21.72
C VAL A 100 -1.06 -5.70 20.21
N LEU A 101 -1.62 -4.57 19.82
CA LEU A 101 -1.86 -4.29 18.41
C LEU A 101 -0.55 -4.27 17.63
N ILE A 102 0.41 -3.48 18.11
CA ILE A 102 1.71 -3.39 17.45
C ILE A 102 2.47 -4.71 17.54
N ASP A 103 2.61 -5.23 18.75
CA ASP A 103 3.30 -6.49 18.95
C ASP A 103 2.78 -7.57 18.03
N ALA A 104 1.46 -7.56 17.81
CA ALA A 104 0.81 -8.54 16.94
C ALA A 104 1.16 -8.28 15.48
N MET A 105 1.12 -7.02 15.08
CA MET A 105 1.43 -6.64 13.70
C MET A 105 2.88 -6.97 13.37
N ILE A 106 3.80 -6.58 14.24
CA ILE A 106 5.21 -6.82 14.03
C ILE A 106 5.49 -8.31 13.90
N SER A 107 4.68 -9.13 14.58
CA SER A 107 4.85 -10.58 14.55
C SER A 107 4.13 -11.17 13.35
N ASN A 108 3.09 -10.48 12.88
CA ASN A 108 2.31 -10.94 11.73
C ASN A 108 2.99 -10.53 10.42
N PRO A 109 2.61 -11.22 9.33
CA PRO A 109 3.17 -10.95 8.00
C PRO A 109 2.70 -9.61 7.44
N VAL A 110 1.67 -9.03 8.06
CA VAL A 110 1.13 -7.76 7.63
C VAL A 110 2.14 -6.64 7.79
N LEU A 111 3.20 -6.92 8.56
CA LEU A 111 4.25 -5.92 8.79
C LEU A 111 5.08 -5.73 7.54
N MET A 112 4.88 -6.59 6.54
CA MET A 112 5.62 -6.49 5.29
C MET A 112 5.51 -5.10 4.69
N ASN A 113 6.54 -4.30 4.87
CA ASN A 113 6.57 -2.93 4.35
C ASN A 113 7.46 -2.83 3.11
N ARG A 114 8.02 -3.96 2.71
CA ARG A 114 8.90 -4.01 1.54
C ARG A 114 8.24 -3.32 0.35
N PRO A 115 7.08 -3.85 -0.06
CA PRO A 115 6.33 -3.30 -1.20
C PRO A 115 5.72 -1.95 -0.89
N VAL A 116 6.31 -0.89 -1.46
CA VAL A 116 5.83 0.47 -1.24
C VAL A 116 5.54 1.17 -2.56
N VAL A 117 4.42 1.88 -2.63
CA VAL A 117 4.04 2.60 -3.83
C VAL A 117 3.87 4.10 -3.56
N VAL A 118 4.55 4.92 -4.34
CA VAL A 118 4.47 6.37 -4.17
C VAL A 118 3.78 7.01 -5.37
N THR A 119 2.63 7.64 -5.10
CA THR A 119 1.86 8.29 -6.16
C THR A 119 1.78 9.79 -5.92
N PRO A 120 1.47 10.55 -6.98
CA PRO A 120 1.35 12.01 -6.92
C PRO A 120 0.13 12.45 -6.12
N LYS A 121 -0.70 11.49 -5.72
CA LYS A 121 -1.91 11.78 -4.95
C LYS A 121 -1.79 11.24 -3.53
N GLY A 122 -0.64 10.62 -3.22
CA GLY A 122 -0.43 10.07 -1.90
C GLY A 122 0.49 8.87 -1.92
N VAL A 123 0.96 8.47 -0.74
CA VAL A 123 1.85 7.32 -0.62
C VAL A 123 1.21 6.21 0.20
N ARG A 124 1.54 4.96 -0.14
CA ARG A 124 0.98 3.81 0.57
C ARG A 124 1.73 2.54 0.19
N LEU A 125 1.44 1.46 0.88
CA LEU A 125 2.09 0.17 0.62
C LEU A 125 1.63 -0.40 -0.72
N CYS A 126 2.59 -0.84 -1.53
CA CYS A 126 2.28 -1.41 -2.83
C CYS A 126 1.49 -2.70 -2.70
N ARG A 127 1.58 -3.32 -1.52
CA ARG A 127 0.86 -4.56 -1.26
C ARG A 127 0.24 -4.55 0.13
N PRO A 128 -0.76 -5.41 0.34
CA PRO A 128 -1.25 -6.33 -0.70
C PRO A 128 -1.98 -5.59 -1.82
N ALA A 129 -2.45 -6.35 -2.80
CA ALA A 129 -3.17 -5.78 -3.94
C ALA A 129 -4.40 -5.00 -3.46
N GLU A 130 -4.86 -5.30 -2.26
CA GLU A 130 -6.02 -4.63 -1.69
C GLU A 130 -5.68 -3.19 -1.32
N THR A 131 -4.46 -2.98 -0.84
CA THR A 131 -4.02 -1.65 -0.45
C THR A 131 -3.72 -0.78 -1.66
N VAL A 132 -3.00 -1.34 -2.62
CA VAL A 132 -2.65 -0.62 -3.84
C VAL A 132 -3.89 -0.30 -4.67
N GLN A 133 -4.82 -1.25 -4.72
CA GLN A 133 -6.05 -1.07 -5.47
C GLN A 133 -6.97 -0.05 -4.79
N GLU A 134 -6.78 0.12 -3.49
CA GLU A 134 -7.59 1.06 -2.72
C GLU A 134 -7.05 2.48 -2.86
N LEU A 135 -5.74 2.60 -2.90
CA LEU A 135 -5.09 3.92 -3.03
C LEU A 135 -5.21 4.44 -4.46
N LEU A 136 -5.07 3.53 -5.42
CA LEU A 136 -5.16 3.89 -6.83
C LEU A 136 -6.61 3.88 -7.31
N MET A 1 -40.13 -32.04 -7.58
CA MET A 1 -38.95 -31.17 -7.61
C MET A 1 -38.77 -30.56 -9.00
N ALA A 2 -38.54 -29.26 -9.04
CA ALA A 2 -38.35 -28.55 -10.30
C ALA A 2 -37.90 -27.11 -10.08
N HIS A 3 -37.33 -26.50 -11.11
CA HIS A 3 -36.86 -25.13 -11.02
C HIS A 3 -36.85 -24.46 -12.39
N HIS A 4 -36.37 -23.22 -12.44
CA HIS A 4 -36.30 -22.48 -13.70
C HIS A 4 -34.90 -21.93 -13.93
N HIS A 5 -34.74 -21.15 -14.99
CA HIS A 5 -33.45 -20.56 -15.32
C HIS A 5 -33.63 -19.30 -16.18
N HIS A 6 -32.59 -18.47 -16.22
CA HIS A 6 -32.63 -17.24 -17.00
C HIS A 6 -31.27 -16.56 -17.01
N HIS A 7 -31.08 -15.63 -17.93
CA HIS A 7 -29.82 -14.90 -18.04
C HIS A 7 -29.93 -13.78 -19.09
N HIS A 8 -29.28 -12.66 -18.80
CA HIS A 8 -29.30 -11.52 -19.71
C HIS A 8 -28.13 -10.58 -19.44
N MET A 9 -27.63 -9.95 -20.49
CA MET A 9 -26.51 -9.02 -20.37
C MET A 9 -26.47 -8.05 -21.54
N GLY A 10 -25.50 -7.15 -21.53
CA GLY A 10 -25.37 -6.17 -22.59
C GLY A 10 -25.06 -4.78 -22.07
N THR A 11 -23.99 -4.18 -22.59
CA THR A 11 -23.58 -2.84 -22.17
C THR A 11 -22.41 -2.34 -23.00
N LEU A 12 -22.05 -1.08 -22.80
CA LEU A 12 -20.93 -0.48 -23.53
C LEU A 12 -20.32 0.68 -22.74
N GLU A 13 -19.18 1.17 -23.21
CA GLU A 13 -18.50 2.27 -22.54
C GLU A 13 -17.32 2.76 -23.38
N ALA A 14 -16.68 3.84 -22.93
CA ALA A 14 -15.54 4.41 -23.63
C ALA A 14 -14.43 4.78 -22.65
N GLN A 15 -13.36 5.37 -23.18
CA GLN A 15 -12.23 5.78 -22.35
C GLN A 15 -11.28 6.68 -23.13
N THR A 16 -10.43 7.40 -22.41
CA THR A 16 -9.47 8.30 -23.04
C THR A 16 -8.06 8.07 -22.50
N GLN A 17 -7.12 8.91 -22.93
CA GLN A 17 -5.74 8.80 -22.49
C GLN A 17 -5.10 10.17 -22.37
N GLY A 18 -3.80 10.19 -22.03
CA GLY A 18 -3.10 11.44 -21.88
C GLY A 18 -1.73 11.42 -22.52
N PRO A 19 -1.08 12.59 -22.61
CA PRO A 19 0.25 12.72 -23.22
C PRO A 19 1.34 12.08 -22.36
N GLY A 20 1.24 12.25 -21.05
CA GLY A 20 2.23 11.68 -20.15
C GLY A 20 1.87 11.91 -18.69
N SER A 21 1.08 11.00 -18.13
CA SER A 21 0.66 11.11 -16.73
C SER A 21 1.28 9.99 -15.89
N MET A 22 2.55 9.70 -16.16
CA MET A 22 3.25 8.66 -15.43
C MET A 22 4.21 9.26 -14.41
N ASP A 23 3.70 9.47 -13.19
CA ASP A 23 4.51 10.05 -12.13
C ASP A 23 4.41 9.20 -10.86
N VAL A 24 4.70 7.91 -10.99
CA VAL A 24 4.64 6.99 -9.85
C VAL A 24 5.94 6.21 -9.71
N THR A 25 6.39 6.04 -8.47
CA THR A 25 7.62 5.30 -8.20
C THR A 25 7.39 4.21 -7.16
N ILE A 26 7.87 3.01 -7.45
CA ILE A 26 7.73 1.88 -6.54
C ILE A 26 9.08 1.39 -6.07
N TYR A 27 9.10 0.81 -4.86
CA TYR A 27 10.33 0.28 -4.29
C TYR A 27 10.11 -1.09 -3.67
N HIS A 28 10.66 -2.11 -4.31
CA HIS A 28 10.51 -3.49 -3.82
C HIS A 28 11.44 -4.44 -4.59
N ASN A 29 11.23 -5.73 -4.39
CA ASN A 29 12.03 -6.74 -5.07
C ASN A 29 11.19 -7.54 -6.06
N PRO A 30 11.86 -8.20 -7.01
CA PRO A 30 11.19 -9.01 -8.04
C PRO A 30 10.57 -10.27 -7.47
N VAL A 31 9.45 -10.11 -6.77
CA VAL A 31 8.74 -11.24 -6.17
C VAL A 31 7.48 -11.58 -6.95
N CYS A 32 7.44 -12.79 -7.52
CA CYS A 32 6.29 -13.23 -8.29
C CYS A 32 4.99 -13.04 -7.49
N GLY A 33 3.87 -13.17 -8.18
CA GLY A 33 2.58 -13.01 -7.52
C GLY A 33 2.26 -11.56 -7.24
N THR A 34 2.90 -11.00 -6.22
CA THR A 34 2.69 -9.61 -5.84
C THR A 34 3.14 -8.66 -6.94
N SER A 35 4.35 -8.89 -7.45
CA SER A 35 4.91 -8.05 -8.50
C SER A 35 4.02 -8.07 -9.74
N ARG A 36 3.60 -9.27 -10.15
CA ARG A 36 2.74 -9.41 -11.31
C ARG A 36 1.35 -8.86 -11.04
N LYS A 37 0.93 -8.92 -9.78
CA LYS A 37 -0.38 -8.42 -9.39
C LYS A 37 -0.43 -6.90 -9.44
N VAL A 38 0.49 -6.26 -8.73
CA VAL A 38 0.55 -4.80 -8.70
C VAL A 38 0.85 -4.24 -10.08
N LEU A 39 1.78 -4.86 -10.79
CA LEU A 39 2.15 -4.42 -12.13
C LEU A 39 0.98 -4.58 -13.09
N GLY A 40 0.16 -5.59 -12.86
CA GLY A 40 -0.99 -5.84 -13.71
C GLY A 40 -2.08 -4.80 -13.54
N MET A 41 -2.44 -4.52 -12.29
CA MET A 41 -3.48 -3.54 -11.99
C MET A 41 -3.05 -2.15 -12.45
N ILE A 42 -1.79 -1.80 -12.19
CA ILE A 42 -1.27 -0.50 -12.59
C ILE A 42 -1.20 -0.37 -14.10
N ARG A 43 -0.48 -1.29 -14.73
CA ARG A 43 -0.34 -1.28 -16.18
C ARG A 43 -1.71 -1.31 -16.87
N GLU A 44 -2.66 -1.98 -16.24
CA GLU A 44 -4.01 -2.08 -16.79
C GLU A 44 -4.78 -0.77 -16.58
N ALA A 45 -4.51 -0.10 -15.47
CA ALA A 45 -5.17 1.15 -15.14
C ALA A 45 -4.71 2.27 -16.08
N GLY A 46 -3.49 2.14 -16.61
CA GLY A 46 -2.96 3.14 -17.51
C GLY A 46 -1.90 4.00 -16.85
N ILE A 47 -1.06 3.37 -16.03
CA ILE A 47 0.01 4.09 -15.35
C ILE A 47 1.35 3.37 -15.51
N GLU A 48 2.41 4.14 -15.74
CA GLU A 48 3.74 3.58 -15.91
C GLU A 48 4.65 3.98 -14.75
N PRO A 49 4.63 3.18 -13.68
CA PRO A 49 5.45 3.44 -12.48
C PRO A 49 6.93 3.21 -12.74
N HIS A 50 7.77 3.58 -11.77
CA HIS A 50 9.20 3.41 -11.88
C HIS A 50 9.74 2.44 -10.83
N VAL A 51 10.19 1.27 -11.27
CA VAL A 51 10.71 0.26 -10.36
C VAL A 51 12.13 0.61 -9.92
N ILE A 52 12.29 0.89 -8.62
CA ILE A 52 13.58 1.24 -8.07
C ILE A 52 14.02 0.22 -7.02
N GLU A 53 15.27 -0.21 -7.11
CA GLU A 53 15.81 -1.18 -6.17
C GLU A 53 16.08 -0.55 -4.81
N TYR A 54 15.29 -0.93 -3.82
CA TYR A 54 15.42 -0.39 -2.48
C TYR A 54 14.99 -1.42 -1.43
N MET A 55 15.96 -1.95 -0.71
CA MET A 55 15.67 -2.95 0.33
C MET A 55 16.80 -2.99 1.36
N LYS A 56 16.74 -3.97 2.26
CA LYS A 56 17.75 -4.13 3.30
C LYS A 56 17.82 -2.89 4.18
N THR A 57 16.67 -2.49 4.71
CA THR A 57 16.60 -1.31 5.58
C THR A 57 15.33 -1.33 6.42
N PRO A 58 15.25 -2.29 7.35
CA PRO A 58 14.10 -2.44 8.24
C PRO A 58 14.00 -1.30 9.26
N LEU A 59 12.82 -1.14 9.85
CA LEU A 59 12.60 -0.10 10.84
C LEU A 59 12.04 -0.69 12.14
N PRO A 60 12.20 0.05 13.25
CA PRO A 60 11.70 -0.38 14.56
C PRO A 60 10.19 -0.36 14.65
N ARG A 61 9.63 -1.16 15.55
CA ARG A 61 8.19 -1.23 15.73
C ARG A 61 7.59 0.17 15.90
N ASP A 62 8.19 0.95 16.78
CA ASP A 62 7.73 2.32 17.04
C ASP A 62 7.57 3.09 15.74
N MET A 63 8.66 3.20 14.99
CA MET A 63 8.64 3.92 13.71
C MET A 63 7.50 3.42 12.83
N LEU A 64 7.31 2.11 12.80
CA LEU A 64 6.25 1.50 11.99
C LEU A 64 4.88 1.91 12.50
N VAL A 65 4.76 2.09 13.81
CA VAL A 65 3.50 2.48 14.43
C VAL A 65 3.11 3.89 14.00
N GLU A 66 4.04 4.82 14.12
CA GLU A 66 3.79 6.21 13.75
C GLU A 66 3.65 6.36 12.24
N LEU A 67 4.35 5.50 11.50
CA LEU A 67 4.31 5.53 10.04
C LEU A 67 3.01 4.94 9.52
N LEU A 68 2.62 3.80 10.09
CA LEU A 68 1.39 3.13 9.68
C LEU A 68 0.17 3.92 10.12
N ARG A 69 0.26 4.55 11.28
CA ARG A 69 -0.85 5.35 11.81
C ARG A 69 -0.98 6.66 11.05
N GLN A 70 0.15 7.25 10.69
CA GLN A 70 0.17 8.51 9.96
C GLN A 70 -0.15 8.29 8.49
N MET A 71 0.18 7.09 7.99
CA MET A 71 -0.07 6.76 6.59
C MET A 71 -1.55 6.90 6.25
N ALA A 72 -2.38 6.11 6.93
CA ALA A 72 -3.83 6.15 6.70
C ALA A 72 -4.59 6.34 8.01
N ILE A 73 -4.56 5.31 8.85
CA ILE A 73 -5.25 5.36 10.13
C ILE A 73 -4.51 4.54 11.18
N SER A 74 -4.92 4.70 12.44
CA SER A 74 -4.30 3.97 13.54
C SER A 74 -4.15 2.48 13.21
N PRO A 75 -3.30 1.79 13.97
CA PRO A 75 -3.04 0.36 13.77
C PRO A 75 -4.24 -0.50 14.16
N ARG A 76 -5.23 0.13 14.77
CA ARG A 76 -6.44 -0.57 15.20
C ARG A 76 -7.31 -0.95 14.00
N ALA A 77 -7.38 -0.04 13.03
CA ALA A 77 -8.17 -0.26 11.82
C ALA A 77 -7.28 -0.35 10.59
N LEU A 78 -6.09 -0.91 10.76
CA LEU A 78 -5.14 -1.05 9.66
C LEU A 78 -5.19 -2.46 9.08
N LEU A 79 -5.24 -3.45 9.96
CA LEU A 79 -5.29 -4.85 9.54
C LEU A 79 -6.47 -5.09 8.60
N ARG A 80 -6.18 -5.24 7.32
CA ARG A 80 -7.21 -5.48 6.32
C ARG A 80 -8.04 -6.72 6.68
N ALA A 81 -9.12 -6.93 5.94
CA ALA A 81 -9.99 -8.08 6.18
C ALA A 81 -9.33 -9.37 5.71
N LYS A 82 -8.70 -9.33 4.54
CA LYS A 82 -8.04 -10.50 3.98
C LYS A 82 -7.17 -11.18 5.02
N GLU A 83 -6.69 -10.41 5.99
CA GLU A 83 -5.85 -10.94 7.05
C GLU A 83 -6.70 -11.63 8.12
N ALA A 84 -7.51 -12.58 7.69
CA ALA A 84 -8.38 -13.31 8.61
C ALA A 84 -7.70 -13.54 9.96
N ARG A 85 -6.39 -13.84 9.90
CA ARG A 85 -5.62 -14.09 11.11
C ARG A 85 -5.83 -12.96 12.13
N TYR A 86 -5.75 -11.72 11.64
CA TYR A 86 -5.92 -10.56 12.51
C TYR A 86 -7.19 -10.69 13.35
N ALA A 87 -8.31 -10.93 12.69
CA ALA A 87 -9.59 -11.08 13.38
C ALA A 87 -9.62 -12.37 14.19
N GLU A 88 -8.95 -13.40 13.68
CA GLU A 88 -8.91 -14.69 14.36
C GLU A 88 -8.34 -14.55 15.77
N LEU A 89 -7.29 -13.74 15.89
CA LEU A 89 -6.66 -13.52 17.19
C LEU A 89 -7.53 -12.65 18.08
N GLY A 90 -8.60 -12.10 17.51
CA GLY A 90 -9.49 -11.27 18.29
C GLY A 90 -9.00 -9.84 18.40
N LEU A 91 -8.08 -9.46 17.52
CA LEU A 91 -7.52 -8.11 17.52
C LEU A 91 -8.62 -7.07 17.35
N ASP A 92 -9.65 -7.41 16.59
CA ASP A 92 -10.76 -6.51 16.35
C ASP A 92 -11.36 -6.02 17.68
N ASP A 93 -11.20 -6.82 18.71
CA ASP A 93 -11.73 -6.48 20.03
C ASP A 93 -11.28 -5.08 20.44
N PRO A 94 -12.27 -4.20 20.73
CA PRO A 94 -12.01 -2.82 21.14
C PRO A 94 -11.37 -2.74 22.52
N ALA A 95 -11.62 -3.74 23.35
CA ALA A 95 -11.09 -3.79 24.70
C ALA A 95 -9.56 -3.78 24.68
N LEU A 96 -8.99 -4.18 23.56
CA LEU A 96 -7.54 -4.22 23.41
C LEU A 96 -6.95 -2.82 23.33
N SER A 97 -5.64 -2.73 23.13
CA SER A 97 -4.96 -1.45 23.04
C SER A 97 -3.89 -1.47 21.95
N ASP A 98 -3.38 -0.30 21.62
CA ASP A 98 -2.35 -0.18 20.59
C ASP A 98 -1.16 -1.08 20.91
N GLU A 99 -0.92 -1.29 22.20
CA GLU A 99 0.19 -2.13 22.64
C GLU A 99 0.13 -3.51 22.00
N VAL A 100 -0.93 -4.24 22.30
CA VAL A 100 -1.12 -5.58 21.74
C VAL A 100 -1.29 -5.53 20.22
N LEU A 101 -1.97 -4.49 19.75
CA LEU A 101 -2.20 -4.33 18.32
C LEU A 101 -0.88 -4.27 17.55
N ILE A 102 0.01 -3.38 18.01
CA ILE A 102 1.31 -3.23 17.37
C ILE A 102 2.15 -4.51 17.49
N ASP A 103 2.29 -4.99 18.72
CA ASP A 103 3.05 -6.21 18.98
C ASP A 103 2.61 -7.34 18.05
N ALA A 104 1.30 -7.41 17.80
CA ALA A 104 0.76 -8.44 16.93
C ALA A 104 1.13 -8.19 15.47
N MET A 105 1.00 -6.93 15.05
CA MET A 105 1.33 -6.55 13.68
C MET A 105 2.79 -6.83 13.37
N ILE A 106 3.68 -6.36 14.24
CA ILE A 106 5.11 -6.56 14.05
C ILE A 106 5.44 -8.04 13.91
N SER A 107 4.72 -8.88 14.64
CA SER A 107 4.93 -10.32 14.60
C SER A 107 4.28 -10.93 13.36
N ASN A 108 3.21 -10.30 12.90
CA ASN A 108 2.49 -10.78 11.73
C ASN A 108 3.24 -10.44 10.44
N PRO A 109 2.91 -11.15 9.35
CA PRO A 109 3.55 -10.94 8.05
C PRO A 109 3.15 -9.60 7.42
N VAL A 110 2.03 -9.05 7.88
CA VAL A 110 1.54 -7.78 7.37
C VAL A 110 2.54 -6.65 7.63
N LEU A 111 3.46 -6.90 8.56
CA LEU A 111 4.47 -5.91 8.90
C LEU A 111 5.39 -5.62 7.71
N MET A 112 5.30 -6.47 6.69
CA MET A 112 6.11 -6.31 5.50
C MET A 112 5.95 -4.91 4.91
N ASN A 113 6.92 -4.04 5.18
CA ASN A 113 6.88 -2.67 4.69
C ASN A 113 7.86 -2.48 3.54
N ARG A 114 8.55 -3.56 3.18
CA ARG A 114 9.52 -3.51 2.09
C ARG A 114 8.91 -2.86 0.84
N PRO A 115 7.85 -3.48 0.31
CA PRO A 115 7.16 -3.00 -0.88
C PRO A 115 6.40 -1.70 -0.62
N VAL A 116 6.91 -0.60 -1.15
CA VAL A 116 6.27 0.71 -0.98
C VAL A 116 6.01 1.37 -2.32
N VAL A 117 4.81 1.94 -2.47
CA VAL A 117 4.44 2.61 -3.71
C VAL A 117 4.20 4.10 -3.47
N VAL A 118 4.81 4.93 -4.31
CA VAL A 118 4.67 6.37 -4.19
C VAL A 118 3.87 6.95 -5.36
N THR A 119 2.72 7.54 -5.05
CA THR A 119 1.85 8.12 -6.07
C THR A 119 1.69 9.62 -5.85
N PRO A 120 1.28 10.33 -6.92
CA PRO A 120 1.07 11.78 -6.87
C PRO A 120 -0.15 12.16 -6.03
N LYS A 121 -0.89 11.15 -5.57
CA LYS A 121 -2.07 11.38 -4.75
C LYS A 121 -1.86 10.86 -3.33
N GLY A 122 -0.67 10.33 -3.08
CA GLY A 122 -0.36 9.80 -1.76
C GLY A 122 0.62 8.65 -1.80
N VAL A 123 1.10 8.24 -0.64
CA VAL A 123 2.05 7.13 -0.56
C VAL A 123 1.52 6.03 0.36
N ARG A 124 1.84 4.79 0.01
CA ARG A 124 1.40 3.64 0.80
C ARG A 124 2.14 2.37 0.38
N LEU A 125 1.94 1.29 1.13
CA LEU A 125 2.59 0.02 0.83
C LEU A 125 2.18 -0.49 -0.54
N CYS A 126 3.16 -0.88 -1.34
CA CYS A 126 2.91 -1.39 -2.68
C CYS A 126 2.14 -2.71 -2.62
N ARG A 127 2.24 -3.39 -1.50
CA ARG A 127 1.56 -4.67 -1.31
C ARG A 127 1.00 -4.79 0.11
N PRO A 128 0.04 -5.71 0.28
CA PRO A 128 -0.46 -6.55 -0.80
C PRO A 128 -1.27 -5.77 -1.83
N ALA A 129 -1.75 -6.46 -2.86
CA ALA A 129 -2.55 -5.83 -3.90
C ALA A 129 -3.76 -5.12 -3.32
N GLU A 130 -4.17 -5.54 -2.11
CA GLU A 130 -5.32 -4.95 -1.45
C GLU A 130 -5.02 -3.53 -0.99
N THR A 131 -3.78 -3.31 -0.56
CA THR A 131 -3.35 -2.00 -0.08
C THR A 131 -3.13 -1.04 -1.24
N VAL A 132 -2.41 -1.51 -2.26
CA VAL A 132 -2.12 -0.70 -3.43
C VAL A 132 -3.40 -0.35 -4.19
N GLN A 133 -4.31 -1.32 -4.26
CA GLN A 133 -5.58 -1.11 -4.96
C GLN A 133 -6.49 -0.17 -4.18
N GLU A 134 -6.26 -0.10 -2.87
CA GLU A 134 -7.06 0.76 -2.01
C GLU A 134 -6.60 2.22 -2.11
N LEU A 135 -5.29 2.42 -2.15
CA LEU A 135 -4.72 3.75 -2.25
C LEU A 135 -4.91 4.33 -3.65
N LEU A 136 -4.77 3.47 -4.66
CA LEU A 136 -4.93 3.90 -6.05
C LEU A 136 -6.27 3.42 -6.61
N MET A 1 -22.42 5.61 -24.28
CA MET A 1 -22.05 5.24 -22.92
C MET A 1 -21.69 6.49 -22.10
N ALA A 2 -22.00 6.45 -20.81
CA ALA A 2 -21.71 7.57 -19.93
C ALA A 2 -20.25 7.57 -19.49
N HIS A 3 -19.85 8.59 -18.74
CA HIS A 3 -18.48 8.70 -18.26
C HIS A 3 -18.40 8.39 -16.77
N HIS A 4 -17.59 7.40 -16.42
CA HIS A 4 -17.41 7.01 -15.02
C HIS A 4 -16.19 7.66 -14.42
N HIS A 5 -16.22 7.88 -13.11
CA HIS A 5 -15.10 8.51 -12.41
C HIS A 5 -15.12 8.16 -10.92
N HIS A 6 -14.18 8.70 -10.18
CA HIS A 6 -14.08 8.44 -8.75
C HIS A 6 -13.97 9.74 -7.96
N HIS A 7 -13.03 10.58 -8.36
CA HIS A 7 -12.82 11.87 -7.70
C HIS A 7 -13.78 12.92 -8.23
N HIS A 8 -14.51 13.56 -7.32
CA HIS A 8 -15.48 14.60 -7.69
C HIS A 8 -14.77 15.88 -8.11
N MET A 9 -15.50 16.78 -8.76
CA MET A 9 -14.94 18.04 -9.21
C MET A 9 -16.04 19.07 -9.43
N GLY A 10 -15.65 20.35 -9.41
CA GLY A 10 -16.63 21.41 -9.61
C GLY A 10 -16.48 22.09 -10.96
N THR A 11 -15.49 22.98 -11.07
CA THR A 11 -15.24 23.69 -12.31
C THR A 11 -14.52 22.80 -13.32
N LEU A 12 -15.26 22.30 -14.30
CA LEU A 12 -14.69 21.43 -15.33
C LEU A 12 -13.58 22.15 -16.08
N GLU A 13 -12.82 21.40 -16.87
CA GLU A 13 -11.73 21.97 -17.65
C GLU A 13 -11.44 21.12 -18.88
N ALA A 14 -11.38 21.78 -20.04
CA ALA A 14 -11.12 21.08 -21.30
C ALA A 14 -9.83 20.27 -21.21
N GLN A 15 -9.80 19.15 -21.93
CA GLN A 15 -8.62 18.28 -21.93
C GLN A 15 -7.95 18.27 -23.31
N THR A 16 -6.64 18.47 -23.33
CA THR A 16 -5.88 18.48 -24.57
C THR A 16 -4.58 17.70 -24.43
N GLN A 17 -3.95 17.40 -25.56
CA GLN A 17 -2.70 16.66 -25.56
C GLN A 17 -1.67 17.35 -24.67
N GLY A 18 -1.28 16.68 -23.60
CA GLY A 18 -0.30 17.23 -22.68
C GLY A 18 0.85 16.27 -22.40
N PRO A 19 1.65 16.61 -21.38
CA PRO A 19 2.80 15.77 -20.98
C PRO A 19 2.37 14.46 -20.35
N GLY A 20 3.34 13.71 -19.82
CA GLY A 20 3.04 12.44 -19.21
C GLY A 20 2.56 12.59 -17.77
N SER A 21 1.76 11.64 -17.31
CA SER A 21 1.22 11.67 -15.96
C SER A 21 1.70 10.47 -15.15
N MET A 22 2.84 9.92 -15.55
CA MET A 22 3.40 8.77 -14.87
C MET A 22 4.49 9.20 -13.88
N ASP A 23 4.09 9.46 -12.64
CA ASP A 23 5.03 9.88 -11.60
C ASP A 23 4.81 9.09 -10.32
N VAL A 24 4.97 7.78 -10.41
CA VAL A 24 4.78 6.92 -9.25
C VAL A 24 5.99 6.00 -9.04
N THR A 25 6.50 5.99 -7.82
CA THR A 25 7.66 5.17 -7.49
C THR A 25 7.28 4.00 -6.59
N ILE A 26 7.71 2.80 -6.96
CA ILE A 26 7.40 1.60 -6.19
C ILE A 26 8.68 0.96 -5.65
N TYR A 27 8.64 0.56 -4.38
CA TYR A 27 9.79 -0.07 -3.75
C TYR A 27 9.48 -1.52 -3.36
N HIS A 28 10.04 -2.45 -4.12
CA HIS A 28 9.82 -3.87 -3.85
C HIS A 28 10.75 -4.73 -4.70
N ASN A 29 10.84 -6.02 -4.37
CA ASN A 29 11.69 -6.94 -5.10
C ASN A 29 10.90 -7.66 -6.19
N PRO A 30 11.63 -8.22 -7.17
CA PRO A 30 11.01 -8.95 -8.29
C PRO A 30 10.39 -10.27 -7.85
N VAL A 31 9.23 -10.20 -7.22
CA VAL A 31 8.54 -11.39 -6.76
C VAL A 31 7.28 -11.66 -7.58
N CYS A 32 7.30 -12.74 -8.34
CA CYS A 32 6.17 -13.12 -9.18
C CYS A 32 4.87 -13.13 -8.37
N GLY A 33 3.75 -13.26 -9.07
CA GLY A 33 2.46 -13.28 -8.39
C GLY A 33 2.04 -11.92 -7.88
N THR A 34 2.64 -11.50 -6.76
CA THR A 34 2.33 -10.20 -6.17
C THR A 34 2.74 -9.06 -7.09
N SER A 35 4.02 -9.06 -7.49
CA SER A 35 4.53 -8.01 -8.37
C SER A 35 3.79 -8.00 -9.69
N ARG A 36 3.45 -9.18 -10.19
CA ARG A 36 2.73 -9.31 -11.46
C ARG A 36 1.32 -8.75 -11.34
N LYS A 37 0.68 -8.99 -10.20
CA LYS A 37 -0.67 -8.50 -9.96
C LYS A 37 -0.70 -6.98 -9.90
N VAL A 38 0.12 -6.41 -9.03
CA VAL A 38 0.19 -4.96 -8.87
C VAL A 38 0.57 -4.29 -10.18
N LEU A 39 1.55 -4.87 -10.88
CA LEU A 39 2.00 -4.32 -12.15
C LEU A 39 0.88 -4.31 -13.18
N GLY A 40 0.03 -5.34 -13.13
CA GLY A 40 -1.08 -5.42 -14.05
C GLY A 40 -2.15 -4.38 -13.79
N MET A 41 -2.52 -4.23 -12.53
CA MET A 41 -3.54 -3.25 -12.14
C MET A 41 -3.10 -1.84 -12.50
N ILE A 42 -1.87 -1.50 -12.15
CA ILE A 42 -1.34 -0.17 -12.44
C ILE A 42 -1.20 0.05 -13.94
N ARG A 43 -0.45 -0.84 -14.59
CA ARG A 43 -0.24 -0.75 -16.03
C ARG A 43 -1.57 -0.65 -16.77
N GLU A 44 -2.55 -1.43 -16.32
CA GLU A 44 -3.87 -1.44 -16.94
C GLU A 44 -4.66 -0.20 -16.55
N ALA A 45 -4.34 0.36 -15.38
CA ALA A 45 -5.03 1.55 -14.90
C ALA A 45 -4.64 2.78 -15.72
N GLY A 46 -3.45 2.74 -16.31
CA GLY A 46 -2.97 3.86 -17.11
C GLY A 46 -1.86 4.63 -16.43
N ILE A 47 -1.07 3.94 -15.63
CA ILE A 47 0.04 4.57 -14.92
C ILE A 47 1.34 3.80 -15.13
N GLU A 48 2.42 4.54 -15.37
CA GLU A 48 3.72 3.91 -15.58
C GLU A 48 4.66 4.18 -14.40
N PRO A 49 4.56 3.33 -13.37
CA PRO A 49 5.39 3.45 -12.17
C PRO A 49 6.85 3.12 -12.43
N HIS A 50 7.69 3.34 -11.43
CA HIS A 50 9.12 3.07 -11.55
C HIS A 50 9.55 1.99 -10.56
N VAL A 51 10.17 0.93 -11.08
CA VAL A 51 10.65 -0.16 -10.24
C VAL A 51 11.93 0.20 -9.52
N ILE A 52 11.85 0.35 -8.20
CA ILE A 52 13.01 0.70 -7.39
C ILE A 52 13.56 -0.53 -6.66
N GLU A 53 14.88 -0.66 -6.65
CA GLU A 53 15.52 -1.78 -5.97
C GLU A 53 16.41 -1.30 -4.83
N TYR A 54 15.89 -1.37 -3.61
CA TYR A 54 16.63 -0.94 -2.43
C TYR A 54 16.82 -2.09 -1.46
N MET A 55 18.02 -2.21 -0.90
CA MET A 55 18.32 -3.26 0.05
C MET A 55 17.30 -3.28 1.19
N LYS A 56 17.16 -4.43 1.84
CA LYS A 56 16.22 -4.59 2.94
C LYS A 56 16.41 -3.48 3.98
N THR A 57 15.33 -2.76 4.27
CA THR A 57 15.37 -1.68 5.24
C THR A 57 14.39 -1.91 6.37
N PRO A 58 14.71 -2.87 7.25
CA PRO A 58 13.87 -3.22 8.40
C PRO A 58 13.83 -2.11 9.46
N LEU A 59 12.72 -1.40 9.54
CA LEU A 59 12.56 -0.32 10.50
C LEU A 59 12.02 -0.85 11.82
N PRO A 60 12.24 -0.08 12.90
CA PRO A 60 11.77 -0.45 14.25
C PRO A 60 10.26 -0.36 14.38
N ARG A 61 9.71 -1.09 15.36
CA ARG A 61 8.28 -1.10 15.59
C ARG A 61 7.74 0.32 15.69
N ASP A 62 8.38 1.15 16.50
CA ASP A 62 7.97 2.53 16.69
C ASP A 62 7.85 3.24 15.34
N MET A 63 8.79 2.97 14.43
CA MET A 63 8.79 3.58 13.13
C MET A 63 7.65 3.03 12.27
N LEU A 64 7.32 1.76 12.47
CA LEU A 64 6.26 1.11 11.72
C LEU A 64 4.89 1.60 12.18
N VAL A 65 4.71 1.70 13.49
CA VAL A 65 3.45 2.16 14.06
C VAL A 65 3.20 3.63 13.72
N GLU A 66 4.25 4.43 13.79
CA GLU A 66 4.16 5.85 13.49
C GLU A 66 3.96 6.08 12.00
N LEU A 67 4.56 5.22 11.18
CA LEU A 67 4.46 5.33 9.73
C LEU A 67 3.10 4.83 9.25
N LEU A 68 2.65 3.71 9.82
CA LEU A 68 1.36 3.13 9.45
C LEU A 68 0.20 3.99 9.94
N ARG A 69 0.39 4.58 11.12
CA ARG A 69 -0.65 5.43 11.72
C ARG A 69 -0.70 6.78 11.00
N GLN A 70 0.46 7.31 10.65
CA GLN A 70 0.54 8.59 9.97
C GLN A 70 0.21 8.45 8.48
N MET A 71 0.44 7.26 7.95
CA MET A 71 0.17 6.98 6.55
C MET A 71 -1.30 7.22 6.23
N ALA A 72 -2.17 6.46 6.89
CA ALA A 72 -3.61 6.58 6.67
C ALA A 72 -4.35 6.78 8.00
N ILE A 73 -4.38 5.72 8.82
CA ILE A 73 -5.06 5.78 10.10
C ILE A 73 -4.35 4.90 11.12
N SER A 74 -4.73 5.07 12.40
CA SER A 74 -4.13 4.28 13.47
C SER A 74 -4.10 2.79 13.11
N PRO A 75 -3.28 2.02 13.85
CA PRO A 75 -3.14 0.58 13.63
C PRO A 75 -4.40 -0.18 14.02
N ARG A 76 -5.35 0.50 14.65
CA ARG A 76 -6.59 -0.12 15.08
C ARG A 76 -7.47 -0.45 13.88
N ALA A 77 -7.45 0.43 12.88
CA ALA A 77 -8.25 0.22 11.67
C ALA A 77 -7.36 0.02 10.45
N LEU A 78 -6.29 -0.76 10.63
CA LEU A 78 -5.35 -1.03 9.54
C LEU A 78 -5.48 -2.47 9.06
N LEU A 79 -5.56 -3.39 10.01
CA LEU A 79 -5.68 -4.81 9.69
C LEU A 79 -6.96 -5.08 8.91
N ARG A 80 -6.82 -5.33 7.61
CA ARG A 80 -7.97 -5.61 6.75
C ARG A 80 -8.65 -6.90 7.17
N ALA A 81 -9.75 -7.22 6.49
CA ALA A 81 -10.51 -8.43 6.80
C ALA A 81 -9.76 -9.68 6.30
N LYS A 82 -9.22 -9.60 5.10
CA LYS A 82 -8.47 -10.71 4.52
C LYS A 82 -7.49 -11.29 5.53
N GLU A 83 -7.03 -10.45 6.45
CA GLU A 83 -6.09 -10.89 7.47
C GLU A 83 -6.78 -11.67 8.57
N ALA A 84 -7.50 -12.72 8.18
CA ALA A 84 -8.22 -13.56 9.14
C ALA A 84 -7.46 -13.66 10.45
N ARG A 85 -6.14 -13.81 10.37
CA ARG A 85 -5.30 -13.92 11.55
C ARG A 85 -5.62 -12.81 12.55
N TYR A 86 -5.69 -11.58 12.05
CA TYR A 86 -5.98 -10.42 12.89
C TYR A 86 -7.19 -10.68 13.77
N ALA A 87 -8.26 -11.19 13.16
CA ALA A 87 -9.49 -11.49 13.89
C ALA A 87 -9.31 -12.71 14.78
N GLU A 88 -8.45 -13.63 14.36
CA GLU A 88 -8.20 -14.84 15.12
C GLU A 88 -7.55 -14.52 16.46
N LEU A 89 -6.67 -13.53 16.47
CA LEU A 89 -5.99 -13.11 17.69
C LEU A 89 -6.91 -12.31 18.59
N GLY A 90 -8.09 -11.96 18.07
CA GLY A 90 -9.05 -11.20 18.85
C GLY A 90 -8.75 -9.71 18.84
N LEU A 91 -7.97 -9.27 17.86
CA LEU A 91 -7.60 -7.87 17.74
C LEU A 91 -8.84 -7.01 17.51
N ASP A 92 -9.94 -7.65 17.11
CA ASP A 92 -11.19 -6.95 16.85
C ASP A 92 -11.73 -6.33 18.13
N ASP A 93 -11.13 -6.68 19.26
CA ASP A 93 -11.56 -6.17 20.55
C ASP A 93 -11.87 -4.67 20.46
N PRO A 94 -13.09 -4.29 20.87
CA PRO A 94 -13.54 -2.90 20.85
C PRO A 94 -12.81 -2.04 21.88
N ALA A 95 -12.05 -2.69 22.74
CA ALA A 95 -11.30 -1.98 23.78
C ALA A 95 -9.82 -2.33 23.73
N LEU A 96 -9.35 -2.74 22.55
CA LEU A 96 -7.95 -3.11 22.36
C LEU A 96 -7.03 -1.97 22.77
N SER A 97 -5.73 -2.21 22.67
CA SER A 97 -4.74 -1.20 23.04
C SER A 97 -3.68 -1.06 21.95
N ASP A 98 -3.16 0.15 21.80
CA ASP A 98 -2.13 0.42 20.79
C ASP A 98 -0.93 -0.51 20.97
N GLU A 99 -0.64 -0.84 22.22
CA GLU A 99 0.49 -1.72 22.53
C GLU A 99 0.30 -3.10 21.89
N VAL A 100 -0.76 -3.79 22.29
CA VAL A 100 -1.05 -5.11 21.76
C VAL A 100 -1.20 -5.07 20.24
N LEU A 101 -1.76 -3.97 19.74
CA LEU A 101 -1.97 -3.81 18.30
C LEU A 101 -0.64 -3.85 17.56
N ILE A 102 0.31 -3.02 17.99
CA ILE A 102 1.63 -2.97 17.36
C ILE A 102 2.38 -4.28 17.55
N ASP A 103 2.50 -4.72 18.79
CA ASP A 103 3.19 -5.95 19.11
C ASP A 103 2.64 -7.11 18.29
N ALA A 104 1.34 -7.08 18.02
CA ALA A 104 0.70 -8.12 17.23
C ALA A 104 1.09 -8.03 15.77
N MET A 105 1.07 -6.82 15.22
CA MET A 105 1.43 -6.60 13.83
C MET A 105 2.91 -6.91 13.60
N ILE A 106 3.76 -6.35 14.44
CA ILE A 106 5.20 -6.57 14.32
C ILE A 106 5.54 -8.06 14.32
N SER A 107 4.74 -8.83 15.05
CA SER A 107 4.95 -10.28 15.13
C SER A 107 4.35 -10.98 13.92
N ASN A 108 3.23 -10.46 13.43
CA ASN A 108 2.55 -11.04 12.28
C ASN A 108 3.28 -10.69 10.98
N PRO A 109 3.01 -11.46 9.92
CA PRO A 109 3.63 -11.24 8.61
C PRO A 109 3.13 -9.97 7.93
N VAL A 110 2.03 -9.43 8.43
CA VAL A 110 1.45 -8.22 7.88
C VAL A 110 2.40 -7.03 8.04
N LEU A 111 3.40 -7.19 8.91
CA LEU A 111 4.38 -6.14 9.15
C LEU A 111 5.22 -5.89 7.90
N MET A 112 5.15 -6.81 6.95
CA MET A 112 5.91 -6.68 5.71
C MET A 112 5.59 -5.36 5.02
N ASN A 113 6.46 -4.38 5.18
CA ASN A 113 6.28 -3.06 4.58
C ASN A 113 7.20 -2.89 3.37
N ARG A 114 7.95 -3.93 3.05
CA ARG A 114 8.88 -3.89 1.93
C ARG A 114 8.22 -3.23 0.72
N PRO A 115 7.13 -3.83 0.23
CA PRO A 115 6.39 -3.32 -0.94
C PRO A 115 5.66 -2.01 -0.63
N VAL A 116 6.19 -0.90 -1.13
CA VAL A 116 5.60 0.41 -0.90
C VAL A 116 5.33 1.12 -2.23
N VAL A 117 4.19 1.81 -2.30
CA VAL A 117 3.82 2.54 -3.51
C VAL A 117 3.70 4.03 -3.24
N VAL A 118 4.51 4.82 -3.93
CA VAL A 118 4.50 6.27 -3.77
C VAL A 118 3.87 6.96 -4.98
N THR A 119 2.64 7.44 -4.81
CA THR A 119 1.94 8.12 -5.89
C THR A 119 1.69 9.59 -5.56
N PRO A 120 1.45 10.41 -6.59
CA PRO A 120 1.20 11.84 -6.43
C PRO A 120 -0.14 12.13 -5.77
N LYS A 121 -0.93 11.07 -5.56
CA LYS A 121 -2.24 11.20 -4.93
C LYS A 121 -2.26 10.53 -3.57
N GLY A 122 -1.11 10.00 -3.16
CA GLY A 122 -1.00 9.33 -1.87
C GLY A 122 0.03 8.23 -1.86
N VAL A 123 0.35 7.72 -0.68
CA VAL A 123 1.33 6.66 -0.54
C VAL A 123 0.83 5.56 0.38
N ARG A 124 1.08 4.31 0.00
CA ARG A 124 0.65 3.16 0.79
C ARG A 124 1.34 1.89 0.32
N LEU A 125 1.19 0.82 1.10
CA LEU A 125 1.80 -0.47 0.75
C LEU A 125 1.45 -0.87 -0.67
N CYS A 126 2.47 -1.25 -1.44
CA CYS A 126 2.28 -1.66 -2.82
C CYS A 126 1.47 -2.95 -2.90
N ARG A 127 1.52 -3.74 -1.82
CA ARG A 127 0.80 -5.00 -1.77
C ARG A 127 0.17 -5.21 -0.39
N PRO A 128 -0.81 -6.12 -0.32
CA PRO A 128 -1.27 -6.88 -1.49
C PRO A 128 -2.02 -6.01 -2.49
N ALA A 129 -2.45 -6.62 -3.59
CA ALA A 129 -3.18 -5.90 -4.63
C ALA A 129 -4.37 -5.15 -4.04
N GLU A 130 -4.90 -5.65 -2.93
CA GLU A 130 -6.04 -5.04 -2.28
C GLU A 130 -5.67 -3.66 -1.73
N THR A 131 -4.57 -3.60 -0.99
CA THR A 131 -4.11 -2.34 -0.39
C THR A 131 -3.84 -1.31 -1.48
N VAL A 132 -3.04 -1.69 -2.47
CA VAL A 132 -2.70 -0.79 -3.57
C VAL A 132 -3.95 -0.35 -4.32
N GLN A 133 -4.91 -1.25 -4.44
CA GLN A 133 -6.16 -0.96 -5.15
C GLN A 133 -6.99 0.05 -4.36
N GLU A 134 -6.91 -0.02 -3.03
CA GLU A 134 -7.66 0.88 -2.18
C GLU A 134 -7.07 2.28 -2.20
N LEU A 135 -5.74 2.35 -2.26
CA LEU A 135 -5.04 3.63 -2.29
C LEU A 135 -5.20 4.31 -3.66
N LEU A 136 -5.16 3.50 -4.72
CA LEU A 136 -5.30 4.02 -6.07
C LEU A 136 -6.76 4.17 -6.45
#